data_8V86
#
_entry.id   8V86
#
_cell.length_a   1.00
_cell.length_b   1.00
_cell.length_c   1.00
_cell.angle_alpha   90.00
_cell.angle_beta   90.00
_cell.angle_gamma   90.00
#
_symmetry.space_group_name_H-M   'P 1'
#
loop_
_entity.id
_entity.type
_entity.pdbx_description
1 polymer 'Neuronal acetylcholine receptor subunit alpha-7,Soluble cytochrome b562'
2 branched 2-acetamido-2-deoxy-beta-D-glucopyranose-(1-4)-2-acetamido-2-deoxy-beta-D-glucopyranose
3 branched beta-D-mannopyranose-(1-4)-2-acetamido-2-deoxy-beta-D-glucopyranose-(1-4)-2-acetamido-2-deoxy-beta-D-glucopyranose
4 non-polymer '(2S)-3-(hexadecanoyloxy)-2-[(9Z)-octadec-9-enoyloxy]propyl 2-(trimethylammonio)ethyl phosphate'
5 non-polymer (3beta,14beta,17beta,25R)-3-[4-methoxy-3-(methoxymethyl)butoxy]spirost-5-en
6 non-polymer 2-acetamido-2-deoxy-beta-D-glucopyranose
7 non-polymer (3aR,4S,9bS)-4-(4-bromophenyl)-3a,4,5,9b-tetrahydro-3H-cyclopenta[c]quinoline-8-sulfonamide
8 water water
#
_entity_poly.entity_id   1
_entity_poly.type   'polypeptide(L)'
_entity_poly.pdbx_seq_one_letter_code
;EFQRKLYKELVKNYNPLERPVANDSQPLTVYFSLSLLQIMDVDEKNQVLTTNIWLQMSWTDHYLQWNVSEYPGVKTVRFP
DGQIWKPDILLYNSADERFDATFHTNVLVNSSGHCQYLPPGIFKSSCYIDVRWFPFDVQHCKLKFGSWSYGGWSLDLQMQ
EADISGYIPNGEWDLVGIPGKRSERFYECCKEPYPDVTFTVTMRRRTLYYGLNLLIPCVLISALALLVFLLPADSGEKIS
LGITVLLSLTVFMLLVAEIMPATSDSVPLIAQYFASTMIIVGLSVVVTVIVLQYHHHDPDGGKMPKWTRVILLNWCAWFL
RMKRPGEDKVRPACQHKQRRCSLACGRMACAGAMADLEDNWETLNDNLKVIEKADNAAQVKDALTKMRAAALDAQKATPP
KLEDKSPDSPEMKDFRHGFDILVGQIDDALKLANEGKVKEAQAAAEQLKTTRNAYIQKYLSPTHDEHLLHGGQPPEGDPD
LAKILEEVRYIANRFRCQDESEAVCSEWKFAACVVDRLCLMAFSVFTIICTIGILMSAPNFVEAVSKDFAWSHPQFEKGG
GSGGGSGGSSAWSHPQFEKGSGEGRGSLLTCGDVEENPG
;
_entity_poly.pdbx_strand_id   A,B,C,D,E
#
loop_
_chem_comp.id
_chem_comp.type
_chem_comp.name
_chem_comp.formula
9Z9 non-polymer (3beta,14beta,17beta,25R)-3-[4-methoxy-3-(methoxymethyl)butoxy]spirost-5-en 'C34 H56 O5'
BMA D-saccharide, beta linking beta-D-mannopyranose 'C6 H12 O6'
NAG D-saccharide, beta linking 2-acetamido-2-deoxy-beta-D-glucopyranose 'C8 H15 N O6'
POV non-polymer '(2S)-3-(hexadecanoyloxy)-2-[(9Z)-octadec-9-enoyloxy]propyl 2-(trimethylammonio)ethyl phosphate' 'C42 H82 N O8 P'
YLI non-polymer (3aR,4S,9bS)-4-(4-bromophenyl)-3a,4,5,9b-tetrahydro-3H-cyclopenta[c]quinoline-8-sulfonamide 'C18 H17 Br N2 O2 S'
#
# COMPACT_ATOMS: atom_id res chain seq x y z
N GLU A 1 16.27 56.73 -9.28
CA GLU A 1 17.23 57.48 -10.15
C GLU A 1 18.66 56.99 -9.96
N PHE A 2 19.06 56.83 -8.70
CA PHE A 2 20.44 56.43 -8.43
C PHE A 2 20.63 54.92 -8.61
N GLN A 3 19.65 54.11 -8.19
CA GLN A 3 19.79 52.68 -8.41
C GLN A 3 19.62 52.33 -9.88
N ARG A 4 18.85 53.12 -10.62
CA ARG A 4 18.79 52.92 -12.07
C ARG A 4 20.16 53.14 -12.69
N LYS A 5 20.81 54.25 -12.35
CA LYS A 5 22.16 54.52 -12.82
C LYS A 5 23.11 53.43 -12.39
N LEU A 6 23.03 53.01 -11.13
CA LEU A 6 23.96 52.02 -10.59
C LEU A 6 23.81 50.66 -11.28
N TYR A 7 22.56 50.19 -11.42
CA TYR A 7 22.36 48.90 -12.06
C TYR A 7 22.85 48.89 -13.49
N LYS A 8 22.65 50.00 -14.20
CA LYS A 8 23.20 50.11 -15.55
C LYS A 8 24.72 50.05 -15.52
N GLU A 9 25.33 50.70 -14.53
CA GLU A 9 26.78 50.79 -14.48
C GLU A 9 27.41 49.46 -14.08
N LEU A 10 26.75 48.70 -13.21
CA LEU A 10 27.39 47.50 -12.66
C LEU A 10 27.50 46.38 -13.68
N VAL A 11 26.62 46.34 -14.68
CA VAL A 11 26.60 45.24 -15.63
C VAL A 11 27.25 45.60 -16.96
N LYS A 12 27.89 46.77 -17.04
CA LYS A 12 28.62 47.16 -18.23
C LYS A 12 29.90 46.35 -18.32
N ASN A 13 29.98 45.46 -19.31
CA ASN A 13 31.13 44.62 -19.61
C ASN A 13 31.27 43.47 -18.62
N TYR A 14 30.34 43.30 -17.69
CA TYR A 14 30.40 42.21 -16.75
C TYR A 14 30.15 40.88 -17.45
N ASN A 15 31.00 39.90 -17.17
CA ASN A 15 30.86 38.56 -17.73
C ASN A 15 30.62 37.56 -16.60
N PRO A 16 29.44 36.96 -16.49
CA PRO A 16 29.20 36.00 -15.39
C PRO A 16 30.01 34.72 -15.50
N LEU A 17 30.78 34.52 -16.58
CA LEU A 17 31.68 33.38 -16.65
C LEU A 17 32.98 33.62 -15.92
N GLU A 18 33.30 34.87 -15.60
CA GLU A 18 34.59 35.24 -15.06
C GLU A 18 34.57 35.16 -13.54
N ARG A 19 35.48 34.38 -12.98
CA ARG A 19 35.76 34.41 -11.54
C ARG A 19 36.22 35.81 -11.16
N PRO A 20 35.53 36.50 -10.24
CA PRO A 20 35.75 37.96 -10.06
C PRO A 20 36.86 38.34 -9.09
N VAL A 21 38.10 38.14 -9.53
CA VAL A 21 39.29 38.50 -8.75
C VAL A 21 40.07 39.55 -9.53
N ALA A 22 40.67 40.50 -8.80
CA ALA A 22 41.50 41.51 -9.45
C ALA A 22 42.73 40.87 -10.08
N ASN A 23 43.27 39.83 -9.43
CA ASN A 23 44.41 39.05 -9.89
C ASN A 23 43.97 37.63 -10.19
N ASP A 24 44.06 37.24 -11.47
CA ASP A 24 43.62 35.92 -11.87
C ASP A 24 44.50 34.82 -11.28
N SER A 25 45.69 35.18 -10.81
CA SER A 25 46.58 34.23 -10.15
C SER A 25 46.22 34.00 -8.70
N GLN A 26 45.52 34.92 -8.08
CA GLN A 26 45.15 34.81 -6.68
C GLN A 26 43.84 34.02 -6.53
N PRO A 27 43.69 33.25 -5.46
CA PRO A 27 42.42 32.55 -5.24
C PRO A 27 41.32 33.47 -4.71
N LEU A 28 40.09 33.05 -4.92
CA LEU A 28 38.90 33.74 -4.44
C LEU A 28 38.35 32.97 -3.25
N THR A 29 38.45 33.55 -2.06
CA THR A 29 37.94 32.90 -0.86
C THR A 29 36.42 32.89 -0.85
N VAL A 30 35.83 31.71 -0.65
CA VAL A 30 34.40 31.55 -0.49
C VAL A 30 34.14 30.94 0.87
N TYR A 31 33.28 31.59 1.65
CA TYR A 31 32.89 31.07 2.96
C TYR A 31 31.61 30.27 2.80
N PHE A 32 31.66 29.00 3.18
CA PHE A 32 30.54 28.09 3.03
C PHE A 32 30.07 27.62 4.39
N SER A 33 28.76 27.72 4.61
CA SER A 33 28.11 27.21 5.80
C SER A 33 26.74 26.70 5.38
N LEU A 34 26.05 26.04 6.30
CA LEU A 34 24.68 25.62 6.05
C LEU A 34 23.87 25.80 7.32
N SER A 35 22.56 25.68 7.17
CA SER A 35 21.60 25.81 8.25
C SER A 35 20.62 24.66 8.12
N LEU A 36 20.61 23.76 9.10
CA LEU A 36 19.74 22.59 9.06
C LEU A 36 18.41 22.90 9.73
N LEU A 37 17.34 22.83 8.96
CA LEU A 37 16.00 23.10 9.45
C LEU A 37 15.20 21.85 9.77
N GLN A 38 15.43 20.76 9.06
CA GLN A 38 14.62 19.58 9.26
C GLN A 38 15.31 18.35 8.72
N ILE A 39 15.18 17.25 9.43
CA ILE A 39 15.47 15.93 8.88
C ILE A 39 14.13 15.40 8.38
N MET A 40 14.05 15.08 7.10
CA MET A 40 12.77 14.72 6.50
C MET A 40 12.58 13.21 6.42
N ASP A 41 13.61 12.47 6.02
CA ASP A 41 13.47 11.03 5.90
C ASP A 41 14.84 10.39 5.93
N VAL A 42 14.89 9.16 6.41
CA VAL A 42 16.10 8.34 6.42
C VAL A 42 15.71 7.03 5.74
N ASP A 43 15.89 6.97 4.43
CA ASP A 43 15.51 5.82 3.61
C ASP A 43 16.61 4.77 3.69
N GLU A 44 16.37 3.71 4.47
CA GLU A 44 17.42 2.71 4.67
C GLU A 44 17.45 1.69 3.54
N LYS A 45 16.40 1.65 2.72
CA LYS A 45 16.38 0.74 1.58
C LYS A 45 17.12 1.36 0.42
N ASN A 46 16.82 2.63 0.12
CA ASN A 46 17.47 3.36 -0.95
C ASN A 46 18.76 4.02 -0.47
N GLN A 47 19.05 3.97 0.82
CA GLN A 47 20.25 4.55 1.40
C GLN A 47 20.37 6.05 1.08
N VAL A 48 19.32 6.80 1.41
CA VAL A 48 19.25 8.22 1.09
C VAL A 48 18.70 8.99 2.28
N LEU A 49 19.37 10.08 2.62
CA LEU A 49 18.91 11.01 3.65
C LEU A 49 18.30 12.24 2.97
N THR A 50 17.09 12.60 3.36
CA THR A 50 16.41 13.81 2.88
C THR A 50 16.36 14.85 4.00
N THR A 51 16.86 16.05 3.71
CA THR A 51 16.99 17.10 4.70
C THR A 51 16.55 18.45 4.11
N ASN A 52 16.01 19.30 4.97
CA ASN A 52 15.68 20.68 4.64
C ASN A 52 16.85 21.54 5.08
N ILE A 53 17.50 22.22 4.15
CA ILE A 53 18.75 22.92 4.43
C ILE A 53 18.82 24.22 3.64
N TRP A 54 19.21 25.30 4.33
CA TRP A 54 19.52 26.57 3.70
C TRP A 54 21.04 26.72 3.63
N LEU A 55 21.60 26.62 2.44
CA LEU A 55 23.04 26.82 2.28
C LEU A 55 23.37 28.30 2.41
N GLN A 56 24.57 28.60 2.90
CA GLN A 56 25.04 29.96 3.10
C GLN A 56 26.42 30.15 2.49
N MET A 57 26.50 30.87 1.37
CA MET A 57 27.76 31.19 0.71
C MET A 57 28.03 32.69 0.76
N SER A 58 29.32 33.04 0.88
CA SER A 58 29.75 34.43 0.90
C SER A 58 31.08 34.55 0.17
N TRP A 59 31.24 35.62 -0.60
CA TRP A 59 32.50 35.90 -1.28
C TRP A 59 32.57 37.39 -1.56
N THR A 60 33.60 37.79 -2.30
CA THR A 60 33.80 39.19 -2.68
C THR A 60 33.95 39.28 -4.19
N ASP A 61 33.09 40.09 -4.81
CA ASP A 61 33.13 40.33 -6.23
C ASP A 61 33.88 41.64 -6.47
N HIS A 62 35.02 41.54 -7.16
CA HIS A 62 35.86 42.72 -7.36
C HIS A 62 35.17 43.78 -8.21
N TYR A 63 34.17 43.41 -9.00
CA TYR A 63 33.57 44.32 -9.95
C TYR A 63 32.33 45.02 -9.42
N LEU A 64 31.67 44.46 -8.41
CA LEU A 64 30.41 45.02 -7.92
C LEU A 64 30.66 45.91 -6.70
N GLN A 65 31.42 46.98 -6.91
CA GLN A 65 31.77 47.94 -5.88
C GLN A 65 31.42 49.35 -6.34
N TRP A 66 30.92 50.18 -5.44
CA TRP A 66 30.51 51.57 -5.81
C TRP A 66 30.68 52.49 -4.60
N ASN A 67 30.86 53.79 -4.85
CA ASN A 67 30.97 54.79 -3.77
C ASN A 67 29.54 55.13 -3.36
N VAL A 68 29.18 54.92 -2.08
CA VAL A 68 27.78 55.14 -1.61
C VAL A 68 27.51 56.64 -1.54
N SER A 69 28.53 57.49 -1.75
CA SER A 69 28.31 58.93 -1.75
C SER A 69 27.80 59.40 -3.09
N GLU A 70 28.13 58.68 -4.16
CA GLU A 70 27.71 59.03 -5.51
C GLU A 70 26.37 58.41 -5.87
N TYR A 71 25.84 57.53 -5.03
CA TYR A 71 24.54 56.91 -5.25
C TYR A 71 23.80 56.88 -3.90
N PRO A 72 23.47 58.05 -3.36
CA PRO A 72 22.89 58.09 -2.02
C PRO A 72 21.60 57.27 -1.94
N GLY A 73 21.46 56.52 -0.85
CA GLY A 73 20.33 55.67 -0.64
C GLY A 73 20.47 54.26 -1.13
N VAL A 74 21.45 53.98 -2.00
CA VAL A 74 21.60 52.67 -2.62
C VAL A 74 22.73 51.97 -1.89
N LYS A 75 22.38 51.17 -0.87
CA LYS A 75 23.37 50.46 -0.07
C LYS A 75 23.61 49.03 -0.55
N THR A 76 22.62 48.42 -1.18
CA THR A 76 22.74 47.03 -1.63
C THR A 76 22.07 46.89 -3.00
N VAL A 77 22.42 45.81 -3.69
CA VAL A 77 21.78 45.44 -4.96
C VAL A 77 21.53 43.94 -4.94
N ARG A 78 20.60 43.51 -5.79
CA ARG A 78 20.22 42.12 -5.94
C ARG A 78 20.36 41.71 -7.40
N PHE A 79 20.91 40.51 -7.64
CA PHE A 79 21.06 39.99 -8.98
C PHE A 79 20.46 38.60 -9.08
N PRO A 80 19.60 38.33 -10.06
CA PRO A 80 19.02 36.99 -10.19
C PRO A 80 19.98 36.02 -10.87
N ASP A 81 19.59 34.75 -10.86
CA ASP A 81 20.43 33.69 -11.38
C ASP A 81 20.86 33.97 -12.82
N GLY A 82 22.15 33.78 -13.09
CA GLY A 82 22.69 33.91 -14.42
C GLY A 82 23.22 35.28 -14.78
N GLN A 83 23.01 36.28 -13.93
CA GLN A 83 23.44 37.64 -14.26
C GLN A 83 24.83 37.95 -13.73
N ILE A 84 25.24 37.35 -12.62
CA ILE A 84 26.59 37.55 -12.11
C ILE A 84 27.20 36.20 -11.73
N TRP A 85 28.51 36.21 -11.55
CA TRP A 85 29.24 35.00 -11.20
C TRP A 85 28.79 34.48 -9.84
N LYS A 86 28.68 33.16 -9.74
CA LYS A 86 28.38 32.52 -8.48
C LYS A 86 29.33 31.35 -8.27
N PRO A 87 29.63 31.00 -7.03
CA PRO A 87 30.43 29.79 -6.78
C PRO A 87 29.66 28.54 -7.18
N ASP A 88 30.34 27.61 -7.81
CA ASP A 88 29.68 26.39 -8.30
C ASP A 88 29.79 25.27 -7.26
N ILE A 89 29.44 25.58 -6.01
CA ILE A 89 29.49 24.60 -4.94
C ILE A 89 28.27 23.69 -5.06
N LEU A 90 28.52 22.39 -5.17
CA LEU A 90 27.47 21.40 -5.27
C LEU A 90 27.65 20.33 -4.21
N LEU A 91 26.55 19.69 -3.88
CA LEU A 91 26.59 18.50 -3.04
C LEU A 91 27.16 17.35 -3.86
N TYR A 92 28.35 16.87 -3.49
CA TYR A 92 28.99 15.81 -4.26
C TYR A 92 28.18 14.52 -4.22
N ASN A 93 27.78 14.09 -3.03
CA ASN A 93 27.07 12.81 -2.92
C ASN A 93 25.56 13.02 -2.96
N SER A 94 25.12 13.77 -3.96
CA SER A 94 23.70 14.01 -4.17
C SER A 94 23.04 12.77 -4.75
N ALA A 95 21.86 12.44 -4.23
CA ALA A 95 21.06 11.30 -4.71
C ALA A 95 19.74 11.77 -5.29
N ASP A 96 19.68 13.01 -5.75
CA ASP A 96 18.47 13.61 -6.30
C ASP A 96 18.46 13.45 -7.82
N GLU A 97 17.26 13.27 -8.38
CA GLU A 97 17.16 13.15 -9.83
C GLU A 97 17.57 14.45 -10.51
N ARG A 98 17.40 15.59 -9.83
CA ARG A 98 17.81 16.87 -10.37
C ARG A 98 19.28 17.14 -10.10
N PHE A 99 19.88 16.37 -9.19
CA PHE A 99 21.25 16.49 -8.71
C PHE A 99 21.44 17.78 -7.92
N ASP A 100 21.03 18.90 -8.50
CA ASP A 100 21.07 20.20 -7.82
C ASP A 100 19.69 20.46 -7.22
N ALA A 101 19.59 20.40 -5.90
CA ALA A 101 18.31 20.59 -5.25
C ALA A 101 18.04 22.03 -4.82
N THR A 102 19.01 22.92 -4.96
CA THR A 102 18.84 24.29 -4.46
C THR A 102 17.88 25.10 -5.31
N PHE A 103 17.15 26.00 -4.64
CA PHE A 103 16.35 27.00 -5.30
C PHE A 103 17.20 28.25 -5.42
N HIS A 104 17.45 28.67 -6.66
CA HIS A 104 18.37 29.77 -6.93
C HIS A 104 17.77 31.13 -6.60
N THR A 105 18.05 31.62 -5.40
CA THR A 105 17.59 32.93 -4.98
C THR A 105 18.55 34.01 -5.46
N ASN A 106 18.20 35.26 -5.18
CA ASN A 106 19.01 36.40 -5.63
C ASN A 106 20.28 36.51 -4.80
N VAL A 107 21.33 37.01 -5.44
CA VAL A 107 22.59 37.31 -4.76
C VAL A 107 22.54 38.76 -4.27
N LEU A 108 22.67 38.93 -2.97
CA LEU A 108 22.72 40.25 -2.35
C LEU A 108 24.16 40.73 -2.23
N VAL A 109 24.43 41.93 -2.74
CA VAL A 109 25.75 42.53 -2.69
C VAL A 109 25.65 43.90 -2.03
N ASN A 110 26.71 44.31 -1.32
CA ASN A 110 26.73 45.67 -0.80
C ASN A 110 27.81 46.47 -1.52
N SER A 111 27.93 47.74 -1.16
CA SER A 111 28.78 48.67 -1.90
C SER A 111 30.23 48.22 -1.97
N SER A 112 30.70 47.43 -1.02
CA SER A 112 32.09 47.01 -1.00
C SER A 112 32.32 45.74 -1.81
N GLY A 113 31.27 45.14 -2.35
CA GLY A 113 31.38 43.97 -3.20
C GLY A 113 31.23 42.65 -2.50
N HIS A 114 30.79 42.64 -1.24
CA HIS A 114 30.59 41.39 -0.52
CA HIS A 114 30.59 41.39 -0.52
C HIS A 114 29.23 40.79 -0.90
N CYS A 115 29.27 39.59 -1.49
CA CYS A 115 28.09 38.90 -1.99
C CYS A 115 27.63 37.83 -1.01
N GLN A 116 26.33 37.79 -0.75
CA GLN A 116 25.72 36.77 0.09
C GLN A 116 24.70 36.00 -0.73
N TYR A 117 24.83 34.67 -0.76
CA TYR A 117 23.92 33.80 -1.49
C TYR A 117 23.33 32.78 -0.53
N LEU A 118 22.01 32.84 -0.33
CA LEU A 118 21.30 31.98 0.61
C LEU A 118 20.33 31.02 -0.07
N PRO A 119 20.80 30.06 -0.87
CA PRO A 119 19.88 29.16 -1.59
C PRO A 119 19.23 28.13 -0.69
N PRO A 120 17.90 28.06 -0.62
CA PRO A 120 17.24 27.00 0.15
C PRO A 120 17.19 25.72 -0.68
N GLY A 121 16.88 24.61 -0.01
CA GLY A 121 16.71 23.38 -0.74
C GLY A 121 16.28 22.21 0.13
N ILE A 122 15.69 21.23 -0.53
CA ILE A 122 15.40 19.93 0.06
C ILE A 122 16.41 18.97 -0.56
N PHE A 123 17.43 18.61 0.20
CA PHE A 123 18.53 17.81 -0.33
C PHE A 123 18.33 16.32 -0.07
N LYS A 124 18.78 15.52 -1.03
CA LYS A 124 18.79 14.06 -0.91
C LYS A 124 20.22 13.61 -1.11
N SER A 125 20.82 13.05 -0.05
CA SER A 125 22.20 12.58 -0.10
C SER A 125 22.26 11.09 0.19
N SER A 126 23.21 10.43 -0.48
CA SER A 126 23.40 9.00 -0.30
C SER A 126 24.13 8.74 1.01
N CYS A 127 23.48 8.00 1.91
CA CYS A 127 24.03 7.68 3.22
C CYS A 127 23.86 6.19 3.48
N TYR A 128 24.97 5.52 3.82
CA TYR A 128 24.87 4.12 4.22
C TYR A 128 24.22 4.04 5.60
N ILE A 129 23.06 3.38 5.66
CA ILE A 129 22.30 3.25 6.89
C ILE A 129 22.46 1.83 7.41
N ASP A 130 23.15 1.69 8.54
CA ASP A 130 23.42 0.40 9.17
C ASP A 130 22.31 0.10 10.19
N VAL A 131 21.47 -0.88 9.87
CA VAL A 131 20.35 -1.24 10.72
C VAL A 131 20.65 -2.49 11.57
N ARG A 132 21.91 -2.75 11.86
CA ARG A 132 22.27 -3.90 12.69
C ARG A 132 21.60 -3.82 14.05
N TRP A 133 21.54 -2.64 14.66
CA TRP A 133 21.02 -2.46 16.00
C TRP A 133 19.61 -1.87 16.02
N PHE A 134 18.91 -1.91 14.90
CA PHE A 134 17.56 -1.39 14.84
C PHE A 134 16.71 -1.96 15.98
N PRO A 135 16.03 -1.12 16.78
CA PRO A 135 15.77 0.31 16.62
C PRO A 135 16.65 1.17 17.52
N PHE A 136 17.77 0.64 18.01
CA PHE A 136 18.65 1.40 18.88
C PHE A 136 19.90 1.80 18.12
N ASP A 137 19.72 2.27 16.89
CA ASP A 137 20.83 2.51 15.98
C ASP A 137 21.09 4.01 15.86
N VAL A 138 22.35 4.32 15.79
CA VAL A 138 22.81 5.69 15.57
C VAL A 138 23.39 5.76 14.16
N GLN A 139 23.00 6.77 13.40
CA GLN A 139 23.42 6.92 12.02
C GLN A 139 24.30 8.14 11.86
N HIS A 140 25.31 8.02 11.00
CA HIS A 140 26.21 9.12 10.66
C HIS A 140 26.15 9.32 9.16
N CYS A 141 25.54 10.43 8.73
CA CYS A 141 25.36 10.72 7.32
C CYS A 141 26.16 11.94 6.93
N LYS A 142 26.98 11.80 5.91
CA LYS A 142 27.87 12.86 5.47
C LYS A 142 27.21 13.69 4.38
N LEU A 143 27.49 14.99 4.40
CA LEU A 143 27.07 15.93 3.37
C LEU A 143 28.35 16.60 2.87
N LYS A 144 28.83 16.18 1.71
CA LYS A 144 30.10 16.64 1.17
C LYS A 144 29.84 17.68 0.08
N PHE A 145 30.32 18.89 0.31
CA PHE A 145 30.13 20.02 -0.59
C PHE A 145 31.46 20.46 -1.17
N GLY A 146 31.46 20.82 -2.45
CA GLY A 146 32.67 21.33 -3.04
C GLY A 146 32.43 21.93 -4.41
N SER A 147 33.42 22.68 -4.85
CA SER A 147 33.38 23.26 -6.19
C SER A 147 33.49 22.15 -7.24
N TRP A 148 32.62 22.20 -8.25
CA TRP A 148 32.62 21.15 -9.25
C TRP A 148 33.87 21.17 -10.11
N SER A 149 34.43 22.35 -10.38
CA SER A 149 35.50 22.47 -11.37
C SER A 149 36.71 23.28 -10.93
N TYR A 150 36.61 24.09 -9.89
CA TYR A 150 37.71 24.96 -9.48
C TYR A 150 38.60 24.24 -8.48
N GLY A 151 39.91 24.39 -8.64
CA GLY A 151 40.85 23.90 -7.67
C GLY A 151 41.10 24.91 -6.56
N GLY A 152 41.83 24.47 -5.53
CA GLY A 152 42.01 25.28 -4.34
C GLY A 152 42.81 26.54 -4.56
N TRP A 153 43.58 26.62 -5.64
CA TRP A 153 44.32 27.83 -5.96
C TRP A 153 43.48 28.86 -6.69
N SER A 154 42.29 28.49 -7.14
CA SER A 154 41.34 29.39 -7.77
C SER A 154 40.14 29.70 -6.89
N LEU A 155 39.64 28.71 -6.16
CA LEU A 155 38.51 28.88 -5.27
C LEU A 155 38.90 28.32 -3.91
N ASP A 156 39.19 29.21 -2.97
CA ASP A 156 39.67 28.84 -1.63
C ASP A 156 38.45 28.65 -0.73
N LEU A 157 37.92 27.43 -0.71
CA LEU A 157 36.74 27.14 0.09
C LEU A 157 37.09 27.14 1.58
N GLN A 158 36.32 27.89 2.36
CA GLN A 158 36.48 27.95 3.80
C GLN A 158 35.16 27.61 4.46
N MET A 159 35.23 27.01 5.65
CA MET A 159 34.07 26.51 6.34
C MET A 159 33.72 27.39 7.53
N GLN A 160 32.44 27.41 7.86
CA GLN A 160 31.93 28.02 9.08
C GLN A 160 30.98 27.03 9.74
N GLU A 161 30.84 27.14 11.06
CA GLU A 161 30.03 26.20 11.83
C GLU A 161 28.57 26.23 11.39
N ALA A 162 28.00 25.04 11.22
CA ALA A 162 26.61 24.92 10.81
C ALA A 162 25.67 25.54 11.84
N ASP A 163 24.61 26.17 11.35
CA ASP A 163 23.58 26.78 12.18
C ASP A 163 22.43 25.80 12.40
N ILE A 164 22.11 25.52 13.67
CA ILE A 164 21.00 24.67 14.05
C ILE A 164 19.99 25.41 14.93
N SER A 165 20.04 26.74 14.93
CA SER A 165 19.09 27.51 15.74
C SER A 165 17.65 27.31 15.26
N GLY A 166 17.45 27.15 13.96
CA GLY A 166 16.13 26.96 13.39
C GLY A 166 15.70 25.52 13.22
N TYR A 167 16.42 24.57 13.81
CA TYR A 167 16.10 23.16 13.63
C TYR A 167 14.78 22.81 14.29
N ILE A 168 13.93 22.11 13.56
CA ILE A 168 12.64 21.64 14.05
C ILE A 168 12.81 20.18 14.46
N PRO A 169 12.67 19.84 15.74
CA PRO A 169 12.91 18.45 16.15
C PRO A 169 12.03 17.45 15.41
N ASN A 170 12.65 16.35 15.00
CA ASN A 170 11.96 15.28 14.30
C ASN A 170 11.29 14.36 15.30
N GLY A 171 10.18 13.75 14.87
CA GLY A 171 9.48 12.83 15.73
C GLY A 171 10.08 11.43 15.78
N GLU A 172 10.92 11.11 14.80
CA GLU A 172 11.51 9.78 14.70
C GLU A 172 13.02 9.75 14.92
N TRP A 173 13.70 10.89 14.81
CA TRP A 173 15.15 10.94 14.87
C TRP A 173 15.60 12.06 15.80
N ASP A 174 16.54 11.76 16.69
CA ASP A 174 17.12 12.74 17.60
C ASP A 174 18.46 13.20 17.02
N LEU A 175 18.58 14.51 16.81
CA LEU A 175 19.79 15.10 16.23
C LEU A 175 20.89 15.16 17.30
N VAL A 176 21.89 14.28 17.19
CA VAL A 176 23.04 14.37 18.08
C VAL A 176 23.91 15.58 17.75
N GLY A 177 24.18 15.83 16.47
CA GLY A 177 24.93 17.00 16.07
C GLY A 177 25.19 17.10 14.60
N ILE A 178 25.70 18.23 14.14
CA ILE A 178 26.08 18.43 12.74
C ILE A 178 27.49 19.03 12.62
N PRO A 179 28.50 18.34 13.13
CA PRO A 179 29.90 18.78 13.02
C PRO A 179 30.46 18.88 11.57
N GLY A 180 31.24 19.88 11.24
CA GLY A 180 31.83 20.04 9.95
C GLY A 180 33.35 20.01 9.87
N LYS A 181 33.91 19.70 8.71
CA LYS A 181 35.36 19.56 8.59
C LYS A 181 35.79 19.89 7.17
N ARG A 182 36.85 20.68 7.05
CA ARG A 182 37.44 21.01 5.76
C ARG A 182 38.61 20.08 5.48
N SER A 183 38.64 19.51 4.28
CA SER A 183 39.69 18.60 3.88
C SER A 183 40.23 18.99 2.51
N GLU A 184 41.44 18.54 2.22
CA GLU A 184 42.08 18.76 0.92
C GLU A 184 42.52 17.42 0.34
N ARG A 185 42.16 17.20 -0.92
CA ARG A 185 42.61 16.04 -1.68
C ARG A 185 43.62 16.46 -2.73
N PHE A 186 44.65 15.65 -2.93
CA PHE A 186 45.72 15.94 -3.87
C PHE A 186 45.79 14.88 -4.96
N TYR A 187 46.01 15.32 -6.19
CA TYR A 187 46.28 14.42 -7.29
C TYR A 187 47.79 14.27 -7.46
N GLU A 188 48.24 13.03 -7.72
CA GLU A 188 49.67 12.78 -7.82
C GLU A 188 50.31 13.58 -8.96
N CYS A 189 49.51 14.06 -9.91
CA CYS A 189 50.05 14.90 -10.97
C CYS A 189 50.63 16.19 -10.41
N CYS A 190 49.94 16.81 -9.47
CA CYS A 190 50.03 18.24 -9.26
C CYS A 190 50.04 18.54 -7.76
N LYS A 191 50.40 19.78 -7.43
CA LYS A 191 50.52 20.21 -6.04
C LYS A 191 49.42 21.18 -5.63
N GLU A 192 48.32 21.24 -6.40
CA GLU A 192 47.19 22.08 -6.03
C GLU A 192 46.21 21.32 -5.15
N PRO A 193 45.90 21.79 -3.95
CA PRO A 193 44.86 21.14 -3.16
C PRO A 193 43.49 21.28 -3.81
N TYR A 194 42.65 20.29 -3.55
CA TYR A 194 41.24 20.37 -3.96
C TYR A 194 40.40 20.28 -2.70
N PRO A 195 39.88 21.40 -2.21
CA PRO A 195 39.19 21.38 -0.91
C PRO A 195 37.72 21.02 -1.01
N ASP A 196 37.21 20.50 0.09
CA ASP A 196 35.80 20.18 0.24
C ASP A 196 35.42 20.40 1.69
N VAL A 197 34.13 20.60 1.93
CA VAL A 197 33.59 20.79 3.26
C VAL A 197 32.55 19.70 3.48
N THR A 198 32.76 18.87 4.50
CA THR A 198 31.88 17.76 4.83
C THR A 198 31.22 18.02 6.17
N PHE A 199 29.89 17.94 6.19
CA PHE A 199 29.10 18.04 7.41
C PHE A 199 28.57 16.65 7.73
N THR A 200 28.88 16.14 8.92
CA THR A 200 28.47 14.82 9.34
C THR A 200 27.28 14.94 10.29
N VAL A 201 26.10 14.56 9.81
CA VAL A 201 24.89 14.56 10.62
C VAL A 201 24.83 13.25 11.41
N THR A 202 24.92 13.36 12.73
CA THR A 202 24.74 12.23 13.62
C THR A 202 23.36 12.30 14.25
N MET A 203 22.57 11.25 14.10
CA MET A 203 21.19 11.24 14.55
C MET A 203 20.88 9.91 15.19
N ARG A 204 20.16 9.95 16.30
CA ARG A 204 19.79 8.77 17.08
C ARG A 204 18.32 8.47 16.90
N ARG A 205 18.00 7.21 16.67
CA ARG A 205 16.62 6.80 16.50
C ARG A 205 15.88 6.84 17.83
N ARG A 206 14.77 7.57 17.87
CA ARG A 206 13.88 7.50 19.02
C ARG A 206 13.17 6.16 19.04
N THR A 207 13.05 5.57 20.23
CA THR A 207 12.61 4.20 20.36
C THR A 207 11.28 4.03 21.10
N LEU A 208 10.62 5.13 21.50
CA LEU A 208 9.35 4.98 22.20
C LEU A 208 8.31 4.31 21.32
N TYR A 209 8.16 4.77 20.08
CA TYR A 209 7.19 4.16 19.19
C TYR A 209 7.44 2.66 19.04
N TYR A 210 8.71 2.27 18.88
CA TYR A 210 9.02 0.87 18.68
C TYR A 210 8.83 0.08 19.98
N GLY A 211 8.98 0.74 21.12
CA GLY A 211 8.74 0.08 22.39
C GLY A 211 7.31 -0.39 22.56
N LEU A 212 6.35 0.34 22.00
CA LEU A 212 4.93 0.04 22.20
C LEU A 212 4.31 -0.73 21.04
N ASN A 213 5.01 -0.86 19.91
CA ASN A 213 4.45 -1.50 18.74
C ASN A 213 5.15 -2.79 18.37
N LEU A 214 6.30 -3.08 18.96
CA LEU A 214 7.07 -4.26 18.59
C LEU A 214 7.57 -5.00 19.82
N LEU A 215 8.20 -4.25 20.74
CA LEU A 215 8.81 -4.90 21.88
C LEU A 215 7.74 -5.42 22.83
N ILE A 216 6.77 -4.59 23.20
CA ILE A 216 5.75 -4.97 24.18
C ILE A 216 4.84 -6.03 23.58
N PRO A 217 4.20 -5.80 22.43
CA PRO A 217 3.31 -6.84 21.88
C PRO A 217 3.95 -8.21 21.80
N CYS A 218 5.25 -8.25 21.57
CA CYS A 218 5.94 -9.53 21.44
C CYS A 218 6.14 -10.18 22.80
N VAL A 219 6.41 -9.37 23.83
CA VAL A 219 6.49 -9.90 25.19
C VAL A 219 5.15 -10.44 25.63
N LEU A 220 4.08 -9.66 25.45
CA LEU A 220 2.78 -10.06 25.98
C LEU A 220 2.19 -11.25 25.23
N ILE A 221 2.42 -11.36 23.93
CA ILE A 221 1.93 -12.52 23.20
C ILE A 221 2.74 -13.76 23.57
N SER A 222 4.05 -13.57 23.77
CA SER A 222 4.90 -14.64 24.25
C SER A 222 4.41 -15.17 25.60
N ALA A 223 3.97 -14.27 26.48
CA ALA A 223 3.41 -14.67 27.76
C ALA A 223 2.16 -15.53 27.58
N LEU A 224 1.27 -15.13 26.67
CA LEU A 224 0.05 -15.90 26.46
C LEU A 224 0.35 -17.29 25.91
N ALA A 225 1.46 -17.45 25.19
CA ALA A 225 1.85 -18.76 24.73
C ALA A 225 2.27 -19.64 25.90
N LEU A 226 2.82 -19.06 26.95
CA LEU A 226 3.22 -19.82 28.12
C LEU A 226 2.01 -20.30 28.91
N LEU A 227 0.86 -19.67 28.68
CA LEU A 227 -0.36 -19.99 29.41
C LEU A 227 -0.90 -21.37 29.06
N VAL A 228 -0.45 -21.97 27.96
CA VAL A 228 -0.89 -23.31 27.59
C VAL A 228 -0.47 -24.32 28.65
N PHE A 229 0.70 -24.11 29.27
CA PHE A 229 1.20 -25.03 30.27
C PHE A 229 0.42 -24.98 31.57
N LEU A 230 -0.45 -23.99 31.75
CA LEU A 230 -1.31 -23.91 32.92
C LEU A 230 -2.72 -24.40 32.65
N LEU A 231 -3.07 -24.66 31.39
CA LEU A 231 -4.42 -25.06 31.03
C LEU A 231 -4.56 -26.56 31.23
N PRO A 232 -5.54 -27.03 32.02
CA PRO A 232 -5.71 -28.47 32.20
C PRO A 232 -6.05 -29.18 30.90
N ALA A 233 -5.52 -30.39 30.75
CA ALA A 233 -5.73 -31.15 29.52
C ALA A 233 -7.19 -31.51 29.30
N ASP A 234 -7.95 -31.69 30.38
CA ASP A 234 -9.34 -32.08 30.24
C ASP A 234 -10.17 -31.03 29.51
N SER A 235 -9.73 -29.78 29.49
CA SER A 235 -10.46 -28.74 28.78
C SER A 235 -10.63 -29.10 27.30
N GLY A 236 -9.63 -29.77 26.73
CA GLY A 236 -9.61 -30.00 25.29
C GLY A 236 -9.39 -28.73 24.50
N GLU A 237 -8.58 -27.81 25.02
CA GLU A 237 -8.37 -26.54 24.36
C GLU A 237 -6.90 -26.12 24.37
N LYS A 238 -5.97 -26.98 24.78
CA LYS A 238 -4.56 -26.61 24.81
C LYS A 238 -4.05 -26.32 23.41
N ILE A 239 -4.34 -27.20 22.45
CA ILE A 239 -3.89 -26.98 21.08
C ILE A 239 -4.56 -25.73 20.51
N SER A 240 -5.86 -25.57 20.74
CA SER A 240 -6.56 -24.39 20.26
C SER A 240 -5.89 -23.12 20.75
N LEU A 241 -5.60 -23.03 22.05
CA LEU A 241 -4.94 -21.86 22.60
C LEU A 241 -3.58 -21.64 21.96
N GLY A 242 -2.73 -22.67 21.96
CA GLY A 242 -1.37 -22.50 21.47
C GLY A 242 -1.30 -22.19 19.99
N ILE A 243 -2.08 -22.90 19.18
CA ILE A 243 -2.03 -22.70 17.73
C ILE A 243 -2.61 -21.34 17.35
N THR A 244 -3.63 -20.89 18.06
CA THR A 244 -4.20 -19.57 17.77
C THR A 244 -3.26 -18.46 18.20
N VAL A 245 -2.45 -18.67 19.23
CA VAL A 245 -1.44 -17.68 19.59
C VAL A 245 -0.41 -17.54 18.48
N LEU A 246 0.03 -18.65 17.89
CA LEU A 246 0.97 -18.60 16.77
C LEU A 246 0.36 -17.84 15.59
N LEU A 247 -0.91 -18.09 15.30
CA LEU A 247 -1.58 -17.35 14.23
C LEU A 247 -1.56 -15.86 14.51
N SER A 248 -1.94 -15.45 15.73
CA SER A 248 -1.88 -14.05 16.12
C SER A 248 -0.51 -13.44 15.90
N LEU A 249 0.56 -14.23 16.07
CA LEU A 249 1.90 -13.71 15.81
C LEU A 249 2.15 -13.54 14.32
N THR A 250 1.63 -14.45 13.50
CA THR A 250 1.72 -14.27 12.05
C THR A 250 1.00 -12.99 11.64
N VAL A 251 -0.24 -12.80 12.10
CA VAL A 251 -0.96 -11.57 11.79
C VAL A 251 -0.18 -10.38 12.33
N PHE A 252 0.47 -10.54 13.48
CA PHE A 252 1.29 -9.48 14.03
C PHE A 252 2.45 -9.16 13.09
N MET A 253 3.15 -10.17 12.61
CA MET A 253 4.25 -9.99 11.67
C MET A 253 3.86 -9.01 10.56
N LEU A 254 2.59 -9.02 10.14
CA LEU A 254 2.17 -8.12 9.08
C LEU A 254 2.40 -6.67 9.48
N LEU A 255 1.97 -6.30 10.69
CA LEU A 255 2.20 -4.94 11.16
C LEU A 255 3.68 -4.66 11.29
N VAL A 256 4.44 -5.65 11.77
CA VAL A 256 5.86 -5.47 11.98
C VAL A 256 6.58 -5.31 10.66
N ALA A 257 6.07 -5.91 9.59
CA ALA A 257 6.77 -5.87 8.31
C ALA A 257 6.83 -4.46 7.74
N GLU A 258 5.80 -3.65 7.96
CA GLU A 258 5.78 -2.29 7.42
C GLU A 258 6.88 -1.41 8.00
N ILE A 259 7.38 -1.71 9.20
CA ILE A 259 8.36 -0.87 9.88
C ILE A 259 9.73 -1.52 10.02
N MET A 260 9.88 -2.80 9.74
CA MET A 260 11.17 -3.47 9.82
C MET A 260 12.00 -3.19 8.57
N PRO A 261 13.33 -3.11 8.65
CA PRO A 261 14.17 -2.83 7.49
C PRO A 261 14.36 -4.10 6.67
N ALA A 262 14.53 -3.92 5.37
CA ALA A 262 14.74 -5.03 4.45
C ALA A 262 16.14 -4.96 3.87
N THR A 263 17.08 -5.64 4.54
CA THR A 263 18.48 -5.63 4.12
C THR A 263 19.03 -7.05 4.24
N SER A 264 20.16 -7.28 3.57
CA SER A 264 20.87 -8.55 3.68
C SER A 264 22.29 -8.38 4.21
N ASP A 265 22.63 -7.22 4.76
CA ASP A 265 23.96 -7.01 5.30
C ASP A 265 24.10 -7.52 6.72
N SER A 266 22.99 -7.76 7.40
CA SER A 266 23.00 -8.23 8.77
C SER A 266 21.56 -8.50 9.19
N VAL A 267 21.43 -9.29 10.25
CA VAL A 267 20.13 -9.55 10.86
C VAL A 267 19.93 -8.48 11.92
N PRO A 268 18.98 -7.54 11.75
CA PRO A 268 18.75 -6.55 12.80
C PRO A 268 18.47 -7.14 14.17
N LEU A 269 18.61 -6.32 15.20
CA LEU A 269 18.38 -6.77 16.56
C LEU A 269 16.94 -7.20 16.76
N ILE A 270 15.99 -6.43 16.28
CA ILE A 270 14.58 -6.71 16.42
C ILE A 270 14.14 -7.90 15.60
N ALA A 271 14.92 -8.28 14.61
CA ALA A 271 14.60 -9.46 13.83
C ALA A 271 15.02 -10.70 14.59
N GLN A 272 16.07 -10.57 15.40
CA GLN A 272 16.51 -11.66 16.25
C GLN A 272 15.54 -11.85 17.40
N TYR A 273 14.99 -10.74 17.91
CA TYR A 273 14.01 -10.81 18.98
C TYR A 273 12.70 -11.41 18.49
N PHE A 274 12.21 -10.97 17.33
CA PHE A 274 10.94 -11.50 16.83
C PHE A 274 11.08 -12.96 16.45
N ALA A 275 12.16 -13.33 15.79
CA ALA A 275 12.37 -14.73 15.47
C ALA A 275 12.45 -15.56 16.75
N SER A 276 13.23 -15.11 17.74
CA SER A 276 13.35 -15.84 19.00
C SER A 276 11.98 -16.07 19.63
N THR A 277 11.21 -15.02 19.72
CA THR A 277 9.90 -15.19 20.36
C THR A 277 9.08 -16.24 19.62
N MET A 278 9.12 -16.29 18.30
CA MET A 278 8.28 -17.21 17.56
C MET A 278 8.80 -18.63 17.57
N ILE A 279 10.08 -18.84 17.78
CA ILE A 279 10.53 -20.23 17.94
C ILE A 279 10.04 -20.77 19.27
N ILE A 280 9.99 -19.92 20.30
CA ILE A 280 9.53 -20.38 21.62
C ILE A 280 8.03 -20.66 21.61
N VAL A 281 7.24 -19.88 20.87
CA VAL A 281 5.83 -20.19 20.74
C VAL A 281 5.64 -21.47 19.92
N GLY A 282 6.43 -21.64 18.87
CA GLY A 282 6.35 -22.87 18.10
C GLY A 282 6.72 -24.09 18.91
N LEU A 283 7.77 -23.97 19.74
CA LEU A 283 8.20 -25.10 20.55
C LEU A 283 7.21 -25.41 21.67
N SER A 284 6.46 -24.41 22.11
CA SER A 284 5.43 -24.67 23.12
C SER A 284 4.31 -25.53 22.55
N VAL A 285 3.95 -25.28 21.28
CA VAL A 285 2.97 -26.15 20.62
C VAL A 285 3.52 -27.57 20.50
N VAL A 286 4.82 -27.70 20.24
CA VAL A 286 5.44 -29.02 20.12
C VAL A 286 5.39 -29.74 21.46
N VAL A 287 5.76 -29.03 22.53
CA VAL A 287 5.73 -29.62 23.87
C VAL A 287 4.32 -29.97 24.30
N THR A 288 3.34 -29.17 23.88
CA THR A 288 1.94 -29.47 24.18
C THR A 288 1.50 -30.78 23.53
N VAL A 289 1.95 -31.04 22.31
CA VAL A 289 1.61 -32.30 21.66
C VAL A 289 2.16 -33.47 22.45
N ILE A 290 3.40 -33.36 22.94
CA ILE A 290 3.97 -34.42 23.76
C ILE A 290 3.18 -34.60 25.05
N VAL A 291 2.77 -33.50 25.68
CA VAL A 291 2.00 -33.56 26.91
C VAL A 291 0.68 -34.29 26.67
N LEU A 292 0.01 -33.99 25.56
CA LEU A 292 -1.25 -34.66 25.26
C LEU A 292 -1.04 -36.14 24.99
N GLN A 293 0.09 -36.49 24.37
CA GLN A 293 0.44 -37.90 24.19
C GLN A 293 0.47 -38.63 25.53
N TYR A 294 1.05 -38.02 26.56
CA TYR A 294 1.06 -38.64 27.88
C TYR A 294 -0.34 -38.70 28.47
N HIS A 295 -1.12 -37.62 28.33
CA HIS A 295 -2.40 -37.55 29.03
C HIS A 295 -3.39 -38.54 28.46
N HIS A 296 -3.37 -38.76 27.15
CA HIS A 296 -4.30 -39.67 26.49
C HIS A 296 -3.69 -41.04 26.25
N HIS A 297 -2.62 -41.38 26.96
CA HIS A 297 -1.97 -42.66 26.76
C HIS A 297 -2.95 -43.80 27.02
N ASP A 298 -3.01 -44.73 26.08
CA ASP A 298 -3.92 -45.87 26.20
C ASP A 298 -3.50 -46.75 27.37
N PRO A 299 -4.42 -47.10 28.28
CA PRO A 299 -4.02 -47.85 29.47
C PRO A 299 -3.51 -49.24 29.16
N ASP A 300 -3.87 -49.80 28.00
CA ASP A 300 -3.46 -51.14 27.60
C ASP A 300 -2.28 -51.11 26.65
N GLY A 301 -1.51 -50.03 26.64
CA GLY A 301 -0.38 -49.89 25.76
C GLY A 301 0.91 -50.28 26.46
N GLY A 302 1.96 -49.47 26.30
CA GLY A 302 3.25 -49.77 26.88
C GLY A 302 3.37 -49.26 28.30
N LYS A 303 3.81 -50.14 29.19
CA LYS A 303 3.98 -49.77 30.59
C LYS A 303 4.98 -48.64 30.74
N MET A 304 4.64 -47.66 31.59
CA MET A 304 5.50 -46.51 31.84
C MET A 304 6.94 -46.99 31.98
N PRO A 305 7.82 -46.57 31.07
CA PRO A 305 9.21 -46.95 31.23
C PRO A 305 9.69 -46.72 32.67
N LYS A 306 10.69 -47.48 33.10
CA LYS A 306 11.22 -47.31 34.45
C LYS A 306 11.85 -45.95 34.59
N TRP A 307 12.46 -45.48 33.52
CA TRP A 307 13.10 -44.19 33.56
C TRP A 307 12.08 -43.08 33.59
N THR A 308 10.94 -43.28 32.95
CA THR A 308 9.92 -42.26 32.92
C THR A 308 9.38 -42.14 34.30
N ARG A 309 9.20 -43.24 34.99
CA ARG A 309 8.59 -43.19 36.29
C ARG A 309 9.55 -42.62 37.33
N VAL A 310 10.85 -42.61 37.04
CA VAL A 310 11.81 -42.05 38.00
C VAL A 310 12.11 -40.60 37.68
N ILE A 311 12.51 -40.31 36.44
CA ILE A 311 12.88 -38.94 36.09
C ILE A 311 11.71 -37.99 36.28
N LEU A 312 10.48 -38.49 36.20
CA LEU A 312 9.30 -37.63 36.30
C LEU A 312 8.51 -37.83 37.57
N LEU A 313 8.02 -39.04 37.84
CA LEU A 313 7.15 -39.23 39.00
C LEU A 313 7.85 -39.10 40.34
N ASN A 314 9.19 -39.17 40.37
CA ASN A 314 9.93 -39.07 41.63
C ASN A 314 10.79 -37.81 41.71
N TRP A 315 11.75 -37.63 40.79
CA TRP A 315 12.68 -36.51 40.95
C TRP A 315 11.98 -35.20 40.62
N CYS A 316 11.60 -35.01 39.36
CA CYS A 316 10.94 -33.77 38.97
C CYS A 316 9.66 -33.55 39.76
N ALA A 317 8.94 -34.61 40.11
CA ALA A 317 7.71 -34.47 40.86
C ALA A 317 7.97 -34.11 42.32
N TRP A 318 9.19 -34.28 42.80
CA TRP A 318 9.57 -33.85 44.13
C TRP A 318 10.13 -32.43 44.11
N PHE A 319 11.02 -32.15 43.16
CA PHE A 319 11.60 -30.82 43.06
C PHE A 319 10.51 -29.76 42.95
N LEU A 320 9.49 -30.02 42.13
CA LEU A 320 8.42 -29.07 41.91
C LEU A 320 7.35 -29.14 43.00
N ARG A 321 7.58 -29.89 44.07
CA ARG A 321 6.61 -30.03 45.15
C ARG A 321 5.20 -30.21 44.58
N MET A 322 4.93 -31.39 44.01
CA MET A 322 3.65 -31.65 43.38
C MET A 322 2.87 -32.76 44.06
N LYS A 323 3.39 -33.98 44.08
CA LYS A 323 2.69 -35.12 44.69
C LYS A 323 1.62 -35.67 43.76
N PRO A 479 -28.46 -74.54 42.89
CA PRO A 479 -28.31 -74.46 41.43
C PRO A 479 -28.48 -73.05 40.90
N ASP A 480 -29.71 -72.53 40.94
CA ASP A 480 -29.94 -71.16 40.51
C ASP A 480 -29.11 -70.19 41.33
N LEU A 481 -29.03 -70.39 42.64
CA LEU A 481 -28.28 -69.48 43.49
C LEU A 481 -26.82 -69.43 43.05
N ALA A 482 -26.22 -70.59 42.76
CA ALA A 482 -24.83 -70.60 42.31
C ALA A 482 -24.68 -69.91 40.96
N LYS A 483 -25.67 -70.09 40.08
CA LYS A 483 -25.65 -69.40 38.79
C LYS A 483 -25.69 -67.90 38.98
N ILE A 484 -26.44 -67.43 39.98
CA ILE A 484 -26.53 -65.99 40.21
C ILE A 484 -25.20 -65.49 40.74
N LEU A 485 -24.51 -66.31 41.53
CA LEU A 485 -23.19 -65.93 42.04
C LEU A 485 -22.23 -65.69 40.89
N GLU A 486 -22.21 -66.58 39.91
CA GLU A 486 -21.32 -66.43 38.77
C GLU A 486 -21.64 -65.15 38.00
N GLU A 487 -22.92 -64.90 37.73
CA GLU A 487 -23.30 -63.71 36.99
C GLU A 487 -22.89 -62.45 37.75
N VAL A 488 -23.00 -62.47 39.07
CA VAL A 488 -22.71 -61.29 39.87
C VAL A 488 -21.21 -61.16 40.09
N ARG A 489 -20.50 -62.29 40.16
CA ARG A 489 -19.05 -62.25 40.30
C ARG A 489 -18.39 -61.70 39.05
N TYR A 490 -18.99 -61.92 37.88
CA TYR A 490 -18.47 -61.34 36.65
C TYR A 490 -18.67 -59.82 36.64
N ILE A 491 -19.84 -59.35 37.05
CA ILE A 491 -20.09 -57.91 37.10
C ILE A 491 -19.09 -57.23 38.02
N ALA A 492 -18.89 -57.79 39.20
CA ALA A 492 -17.97 -57.18 40.16
C ALA A 492 -16.54 -57.19 39.64
N ASN A 493 -16.10 -58.30 39.03
CA ASN A 493 -14.74 -58.37 38.51
C ASN A 493 -14.53 -57.45 37.33
N ARG A 494 -15.56 -57.27 36.50
CA ARG A 494 -15.48 -56.29 35.43
C ARG A 494 -15.21 -54.89 35.99
N PHE A 495 -15.93 -54.51 37.04
CA PHE A 495 -15.71 -53.21 37.64
C PHE A 495 -14.30 -53.09 38.22
N ARG A 496 -13.80 -54.16 38.83
CA ARG A 496 -12.46 -54.12 39.39
C ARG A 496 -11.40 -53.92 38.31
N CYS A 497 -11.57 -54.60 37.17
CA CYS A 497 -10.66 -54.38 36.05
C CYS A 497 -10.71 -52.93 35.57
N GLN A 498 -11.91 -52.35 35.51
CA GLN A 498 -12.02 -50.95 35.15
C GLN A 498 -11.23 -50.07 36.10
N ASP A 499 -11.31 -50.36 37.41
CA ASP A 499 -10.60 -49.53 38.39
C ASP A 499 -9.09 -49.63 38.20
N GLU A 500 -8.57 -50.83 37.95
CA GLU A 500 -7.14 -50.96 37.72
C GLU A 500 -6.71 -50.18 36.47
N SER A 501 -7.49 -50.30 35.39
CA SER A 501 -7.16 -49.55 34.19
C SER A 501 -7.19 -48.05 34.45
N GLU A 502 -8.17 -47.58 35.21
CA GLU A 502 -8.26 -46.15 35.51
C GLU A 502 -7.10 -45.69 36.38
N ALA A 503 -6.62 -46.55 37.29
CA ALA A 503 -5.46 -46.19 38.10
C ALA A 503 -4.21 -46.03 37.24
N VAL A 504 -4.02 -46.92 36.27
CA VAL A 504 -2.88 -46.79 35.36
C VAL A 504 -2.97 -45.47 34.60
N CYS A 505 -4.16 -45.15 34.09
CA CYS A 505 -4.34 -43.91 33.35
C CYS A 505 -4.05 -42.70 34.23
N SER A 506 -4.39 -42.77 35.52
CA SER A 506 -4.13 -41.64 36.40
C SER A 506 -2.64 -41.38 36.55
N GLU A 507 -1.82 -42.43 36.57
CA GLU A 507 -0.38 -42.22 36.61
C GLU A 507 0.11 -41.51 35.35
N TRP A 508 -0.39 -41.92 34.18
CA TRP A 508 0.01 -41.27 32.94
C TRP A 508 -0.47 -39.83 32.90
N LYS A 509 -1.63 -39.56 33.49
CA LYS A 509 -2.15 -38.20 33.49
C LYS A 509 -1.35 -37.31 34.44
N PHE A 510 -0.92 -37.88 35.57
CA PHE A 510 -0.10 -37.11 36.51
C PHE A 510 1.27 -36.82 35.91
N ALA A 511 1.83 -37.78 35.15
CA ALA A 511 3.08 -37.52 34.46
C ALA A 511 2.93 -36.37 33.47
N ALA A 512 1.80 -36.31 32.77
CA ALA A 512 1.53 -35.19 31.87
C ALA A 512 1.53 -33.87 32.64
N CYS A 513 0.91 -33.85 33.81
CA CYS A 513 0.91 -32.65 34.64
C CYS A 513 2.33 -32.22 34.99
N VAL A 514 3.18 -33.17 35.35
CA VAL A 514 4.55 -32.85 35.75
C VAL A 514 5.32 -32.25 34.58
N VAL A 515 5.09 -32.75 33.37
CA VAL A 515 5.80 -32.21 32.22
C VAL A 515 5.34 -30.80 31.90
N ASP A 516 4.08 -30.47 32.18
CA ASP A 516 3.62 -29.11 31.95
C ASP A 516 4.27 -28.12 32.90
N ARG A 517 4.55 -28.54 34.13
CA ARG A 517 5.20 -27.64 35.07
C ARG A 517 6.68 -27.48 34.76
N LEU A 518 7.37 -28.56 34.41
CA LEU A 518 8.75 -28.43 33.95
C LEU A 518 8.83 -27.47 32.77
N CYS A 519 7.97 -27.66 31.78
CA CYS A 519 8.01 -26.82 30.59
C CYS A 519 7.60 -25.39 30.91
N LEU A 520 6.60 -25.22 31.78
CA LEU A 520 6.25 -23.88 32.22
C LEU A 520 7.49 -23.19 32.78
N MET A 521 8.17 -23.85 33.72
CA MET A 521 9.34 -23.25 34.35
C MET A 521 10.45 -23.00 33.33
N ALA A 522 10.77 -24.02 32.53
CA ALA A 522 11.86 -23.89 31.57
C ALA A 522 11.57 -22.84 30.52
N PHE A 523 10.37 -22.85 29.96
CA PHE A 523 10.04 -21.87 28.91
C PHE A 523 9.99 -20.46 29.47
N SER A 524 9.49 -20.30 30.70
CA SER A 524 9.50 -18.98 31.32
C SER A 524 10.91 -18.45 31.45
N VAL A 525 11.82 -19.28 31.96
CA VAL A 525 13.21 -18.85 32.10
C VAL A 525 13.81 -18.50 30.74
N PHE A 526 13.58 -19.37 29.76
CA PHE A 526 14.20 -19.18 28.45
C PHE A 526 13.66 -17.95 27.73
N THR A 527 12.39 -17.63 27.91
CA THR A 527 11.86 -16.41 27.30
C THR A 527 12.48 -15.17 27.95
N ILE A 528 12.57 -15.15 29.27
CA ILE A 528 13.16 -13.99 29.96
C ILE A 528 14.61 -13.80 29.55
N ILE A 529 15.39 -14.87 29.50
CA ILE A 529 16.80 -14.75 29.17
C ILE A 529 16.99 -14.21 27.76
N CYS A 530 16.22 -14.73 26.80
CA CYS A 530 16.36 -14.26 25.43
C CYS A 530 15.93 -12.79 25.30
N THR A 531 14.80 -12.44 25.90
CA THR A 531 14.34 -11.05 25.82
C THR A 531 15.39 -10.11 26.39
N ILE A 532 15.85 -10.39 27.62
CA ILE A 532 16.80 -9.48 28.25
C ILE A 532 18.11 -9.48 27.47
N GLY A 533 18.59 -10.65 27.07
CA GLY A 533 19.85 -10.73 26.39
C GLY A 533 19.86 -10.09 25.01
N ILE A 534 18.80 -10.31 24.22
CA ILE A 534 18.75 -9.73 22.88
C ILE A 534 18.63 -8.19 22.95
N LEU A 535 17.75 -7.68 23.79
CA LEU A 535 17.57 -6.22 23.82
C LEU A 535 18.76 -5.51 24.44
N MET A 536 19.34 -6.06 25.50
CA MET A 536 20.44 -5.36 26.15
C MET A 536 21.76 -5.56 25.44
N SER A 537 21.81 -6.37 24.39
CA SER A 537 23.01 -6.48 23.56
C SER A 537 23.25 -5.24 22.73
N ALA A 538 22.29 -4.32 22.67
CA ALA A 538 22.45 -3.07 21.94
C ALA A 538 23.33 -2.10 22.73
N PRO A 539 24.39 -1.55 22.13
CA PRO A 539 25.23 -0.59 22.86
C PRO A 539 24.48 0.65 23.31
N ASN A 540 23.35 1.04 22.62
CA ASN A 540 22.61 2.24 22.96
C ASN A 540 21.31 1.93 23.70
N PHE A 541 21.21 0.76 24.32
CA PHE A 541 19.97 0.38 24.99
C PHE A 541 19.72 1.25 26.21
N VAL A 542 20.67 1.28 27.13
CA VAL A 542 20.47 2.01 28.39
C VAL A 542 20.13 3.46 28.08
N GLU A 543 20.99 4.13 27.31
CA GLU A 543 20.75 5.53 26.96
C GLU A 543 19.38 5.70 26.32
N ALA A 544 19.05 4.83 25.36
CA ALA A 544 17.77 4.95 24.67
C ALA A 544 16.60 4.90 25.65
N VAL A 545 16.55 3.85 26.48
CA VAL A 545 15.44 3.70 27.40
C VAL A 545 15.37 4.88 28.37
N SER A 546 16.53 5.41 28.76
CA SER A 546 16.55 6.50 29.73
C SER A 546 16.00 7.78 29.13
N LYS A 547 16.26 8.03 27.84
CA LYS A 547 15.86 9.27 27.20
C LYS A 547 14.45 9.19 26.63
N ASP A 548 14.01 8.00 26.20
CA ASP A 548 12.74 7.86 25.52
C ASP A 548 11.62 7.35 26.41
N PHE A 549 11.94 6.70 27.53
CA PHE A 549 10.92 6.18 28.44
C PHE A 549 11.09 6.79 29.83
N GLU B 1 41.20 40.48 -15.27
CA GLU B 1 41.60 41.24 -16.50
C GLU B 1 41.93 40.31 -17.64
N PHE B 2 42.72 39.27 -17.35
CA PHE B 2 43.14 38.37 -18.42
C PHE B 2 42.06 37.36 -18.76
N GLN B 3 41.34 36.84 -17.76
CA GLN B 3 40.25 35.92 -18.08
C GLN B 3 39.08 36.66 -18.71
N ARG B 4 38.90 37.94 -18.39
CA ARG B 4 37.89 38.72 -19.09
C ARG B 4 38.23 38.82 -20.57
N LYS B 5 39.47 39.18 -20.87
CA LYS B 5 39.92 39.22 -22.26
C LYS B 5 39.79 37.86 -22.93
N LEU B 6 40.20 36.80 -22.22
CA LEU B 6 40.19 35.47 -22.82
C LEU B 6 38.76 34.99 -23.11
N TYR B 7 37.84 35.15 -22.15
CA TYR B 7 36.47 34.71 -22.38
C TYR B 7 35.83 35.45 -23.53
N LYS B 8 36.12 36.74 -23.66
CA LYS B 8 35.63 37.49 -24.82
C LYS B 8 36.22 36.93 -26.11
N GLU B 9 37.49 36.57 -26.08
CA GLU B 9 38.17 36.12 -27.29
C GLU B 9 37.72 34.72 -27.70
N LEU B 10 37.42 33.85 -26.75
CA LEU B 10 37.15 32.45 -27.09
C LEU B 10 35.80 32.28 -27.77
N VAL B 11 34.85 33.16 -27.53
CA VAL B 11 33.50 33.00 -28.06
C VAL B 11 33.25 33.86 -29.28
N LYS B 12 34.28 34.54 -29.79
CA LYS B 12 34.16 35.33 -31.01
C LYS B 12 34.04 34.38 -32.21
N ASN B 13 32.86 34.36 -32.82
CA ASN B 13 32.55 33.58 -34.02
C ASN B 13 32.38 32.10 -33.71
N TYR B 14 32.43 31.71 -32.44
CA TYR B 14 32.22 30.31 -32.08
C TYR B 14 30.78 29.90 -32.31
N ASN B 15 30.59 28.75 -32.95
CA ASN B 15 29.27 28.21 -33.19
C ASN B 15 29.12 26.87 -32.47
N PRO B 16 28.29 26.77 -31.43
CA PRO B 16 28.15 25.48 -30.73
C PRO B 16 27.51 24.39 -31.55
N LEU B 17 27.04 24.67 -32.78
CA LEU B 17 26.55 23.62 -33.65
C LEU B 17 27.68 22.89 -34.38
N GLU B 18 28.87 23.48 -34.41
CA GLU B 18 29.97 22.96 -35.22
C GLU B 18 30.79 21.95 -34.42
N ARG B 19 30.93 20.75 -34.96
CA ARG B 19 31.89 19.79 -34.46
C ARG B 19 33.29 20.38 -34.57
N PRO B 20 34.04 20.52 -33.46
CA PRO B 20 35.27 21.36 -33.47
C PRO B 20 36.54 20.65 -33.91
N VAL B 21 36.64 20.38 -35.21
CA VAL B 21 37.82 19.76 -35.80
C VAL B 21 38.43 20.72 -36.81
N ALA B 22 39.76 20.74 -36.89
CA ALA B 22 40.43 21.59 -37.88
C ALA B 22 40.10 21.13 -39.29
N ASN B 23 39.96 19.82 -39.47
CA ASN B 23 39.60 19.18 -40.74
C ASN B 23 38.23 18.51 -40.60
N ASP B 24 37.26 19.02 -41.36
CA ASP B 24 35.90 18.48 -41.26
C ASP B 24 35.83 17.05 -41.78
N SER B 25 36.84 16.61 -42.54
CA SER B 25 36.90 15.23 -43.02
C SER B 25 37.45 14.28 -41.98
N GLN B 26 38.18 14.76 -41.01
CA GLN B 26 38.76 13.93 -39.97
C GLN B 26 37.78 13.71 -38.83
N PRO B 27 37.79 12.54 -38.19
CA PRO B 27 36.92 12.33 -37.03
C PRO B 27 37.44 13.00 -35.77
N LEU B 28 36.52 13.24 -34.85
CA LEU B 28 36.82 13.81 -33.54
C LEU B 28 36.75 12.70 -32.51
N THR B 29 37.89 12.34 -31.94
CA THR B 29 37.92 11.29 -30.94
C THR B 29 37.32 11.77 -29.62
N VAL B 30 36.37 11.00 -29.09
CA VAL B 30 35.76 11.27 -27.79
C VAL B 30 36.04 10.06 -26.91
N TYR B 31 36.60 10.31 -25.74
CA TYR B 31 36.84 9.24 -24.76
C TYR B 31 35.68 9.20 -23.79
N PHE B 32 35.02 8.05 -23.72
CA PHE B 32 33.84 7.88 -22.89
C PHE B 32 34.10 6.84 -21.82
N SER B 33 33.78 7.20 -20.58
CA SER B 33 33.86 6.30 -19.44
C SER B 33 32.71 6.66 -18.51
N LEU B 34 32.50 5.84 -17.49
CA LEU B 34 31.51 6.15 -16.47
C LEU B 34 32.06 5.75 -15.12
N SER B 35 31.35 6.19 -14.08
CA SER B 35 31.70 5.91 -12.70
C SER B 35 30.41 5.51 -12.00
N LEU B 36 30.35 4.26 -11.54
CA LEU B 36 29.15 3.73 -10.89
C LEU B 36 29.23 3.98 -9.40
N LEU B 37 28.31 4.77 -8.87
CA LEU B 37 28.25 5.09 -7.45
C LEU B 37 27.24 4.27 -6.68
N GLN B 38 26.13 3.86 -7.30
CA GLN B 38 25.09 3.17 -6.57
C GLN B 38 24.17 2.42 -7.53
N ILE B 39 23.77 1.23 -7.12
CA ILE B 39 22.63 0.56 -7.72
C ILE B 39 21.43 0.95 -6.86
N MET B 40 20.42 1.55 -7.47
CA MET B 40 19.30 2.09 -6.71
C MET B 40 18.12 1.15 -6.68
N ASP B 41 17.78 0.53 -7.80
CA ASP B 41 16.62 -0.36 -7.84
C ASP B 41 16.74 -1.27 -9.04
N VAL B 42 16.17 -2.46 -8.90
CA VAL B 42 16.08 -3.44 -9.97
C VAL B 42 14.61 -3.81 -10.08
N ASP B 43 13.87 -3.09 -10.92
CA ASP B 43 12.43 -3.26 -11.07
C ASP B 43 12.16 -4.40 -12.03
N GLU B 44 11.78 -5.57 -11.50
CA GLU B 44 11.61 -6.73 -12.35
C GLU B 44 10.24 -6.76 -13.02
N LYS B 45 9.31 -5.93 -12.54
CA LYS B 45 8.00 -5.83 -13.16
C LYS B 45 8.06 -4.91 -14.35
N ASN B 46 8.66 -3.74 -14.17
CA ASN B 46 8.81 -2.76 -15.24
C ASN B 46 10.06 -3.02 -16.06
N GLN B 47 10.90 -3.96 -15.64
CA GLN B 47 12.14 -4.32 -16.34
C GLN B 47 13.05 -3.10 -16.51
N VAL B 48 13.36 -2.43 -15.40
CA VAL B 48 14.14 -1.21 -15.42
C VAL B 48 15.16 -1.23 -14.30
N LEU B 49 16.40 -0.90 -14.63
CA LEU B 49 17.48 -0.74 -13.65
C LEU B 49 17.70 0.75 -13.40
N THR B 50 17.70 1.16 -12.14
CA THR B 50 18.01 2.53 -11.74
C THR B 50 19.38 2.58 -11.06
N THR B 51 20.26 3.45 -11.56
CA THR B 51 21.63 3.53 -11.10
C THR B 51 22.06 4.98 -10.95
N ASN B 52 22.95 5.22 -9.98
CA ASN B 52 23.59 6.51 -9.80
C ASN B 52 24.93 6.45 -10.52
N ILE B 53 25.13 7.31 -11.51
CA ILE B 53 26.28 7.22 -12.39
C ILE B 53 26.78 8.60 -12.77
N TRP B 54 28.08 8.80 -12.70
CA TRP B 54 28.75 10.00 -13.21
C TRP B 54 29.42 9.65 -14.53
N LEU B 55 28.88 10.14 -15.64
CA LEU B 55 29.50 9.92 -16.94
C LEU B 55 30.77 10.76 -17.06
N GLN B 56 31.74 10.27 -17.82
CA GLN B 56 33.01 10.96 -18.04
C GLN B 56 33.34 11.03 -19.52
N MET B 57 33.22 12.20 -20.12
CA MET B 57 33.56 12.43 -21.52
C MET B 57 34.77 13.36 -21.63
N SER B 58 35.59 13.12 -22.64
CA SER B 58 36.76 13.94 -22.92
C SER B 58 36.95 14.05 -24.43
N TRP B 59 37.32 15.24 -24.90
CA TRP B 59 37.64 15.44 -26.31
C TRP B 59 38.55 16.65 -26.42
N THR B 60 38.80 17.06 -27.66
CA THR B 60 39.66 18.21 -27.94
C THR B 60 38.90 19.19 -28.83
N ASP B 61 38.77 20.42 -28.38
CA ASP B 61 38.12 21.48 -29.13
C ASP B 61 39.21 22.30 -29.81
N HIS B 62 39.20 22.29 -31.14
CA HIS B 62 40.24 22.98 -31.90
C HIS B 62 40.23 24.48 -31.67
N TYR B 63 39.11 25.04 -31.26
CA TYR B 63 38.96 26.49 -31.17
C TYR B 63 39.26 27.05 -29.79
N LEU B 64 39.18 26.24 -28.74
CA LEU B 64 39.37 26.74 -27.37
C LEU B 64 40.81 26.51 -26.91
N GLN B 65 41.75 27.14 -27.62
CA GLN B 65 43.17 27.06 -27.32
C GLN B 65 43.75 28.46 -27.18
N TRP B 66 44.66 28.65 -26.23
CA TRP B 66 45.27 29.99 -25.98
C TRP B 66 46.69 29.82 -25.45
N ASN B 67 47.54 30.83 -25.65
CA ASN B 67 48.93 30.83 -25.13
C ASN B 67 48.84 31.27 -23.68
N VAL B 68 49.29 30.45 -22.74
CA VAL B 68 49.15 30.76 -21.28
C VAL B 68 50.15 31.86 -20.91
N SER B 69 51.03 32.25 -21.85
CA SER B 69 51.96 33.34 -21.57
C SER B 69 51.32 34.70 -21.80
N GLU B 70 50.31 34.75 -22.68
CA GLU B 70 49.60 35.97 -22.99
C GLU B 70 48.41 36.21 -22.08
N TYR B 71 48.08 35.23 -21.23
CA TYR B 71 46.99 35.35 -20.26
C TYR B 71 47.46 34.73 -18.95
N PRO B 72 48.47 35.32 -18.31
CA PRO B 72 49.05 34.70 -17.12
C PRO B 72 48.00 34.50 -16.04
N GLY B 73 48.05 33.33 -15.40
CA GLY B 73 47.12 32.96 -14.36
C GLY B 73 45.88 32.23 -14.83
N VAL B 74 45.58 32.26 -16.13
CA VAL B 74 44.35 31.68 -16.66
C VAL B 74 44.73 30.35 -17.29
N LYS B 75 44.63 29.27 -16.52
CA LYS B 75 44.98 27.94 -17.00
C LYS B 75 43.79 27.15 -17.53
N THR B 76 42.58 27.44 -17.06
CA THR B 76 41.38 26.72 -17.47
C THR B 76 40.23 27.68 -17.60
N VAL B 77 39.20 27.26 -18.33
CA VAL B 77 37.95 28.00 -18.45
C VAL B 77 36.79 27.01 -18.32
N ARG B 78 35.62 27.55 -17.97
CA ARG B 78 34.39 26.78 -17.82
C ARG B 78 33.31 27.37 -18.72
N PHE B 79 32.55 26.49 -19.38
CA PHE B 79 31.46 26.93 -20.22
C PHE B 79 30.17 26.20 -19.85
N PRO B 80 29.07 26.91 -19.63
CA PRO B 80 27.82 26.24 -19.29
C PRO B 80 27.11 25.67 -20.51
N ASP B 81 26.06 24.91 -20.25
CA ASP B 81 25.35 24.20 -21.30
C ASP B 81 24.88 25.17 -22.39
N GLY B 82 25.10 24.78 -23.64
CA GLY B 82 24.63 25.53 -24.78
C GLY B 82 25.60 26.55 -25.33
N GLN B 83 26.73 26.79 -24.65
CA GLN B 83 27.66 27.81 -25.11
C GLN B 83 28.75 27.25 -26.01
N ILE B 84 29.14 25.99 -25.83
CA ILE B 84 30.12 25.36 -26.72
C ILE B 84 29.63 23.98 -27.13
N TRP B 85 30.26 23.43 -28.16
CA TRP B 85 29.90 22.13 -28.67
C TRP B 85 30.15 21.05 -27.62
N LYS B 86 29.23 20.09 -27.55
CA LYS B 86 29.39 18.94 -26.69
C LYS B 86 29.06 17.67 -27.47
N PRO B 87 29.67 16.54 -27.11
CA PRO B 87 29.27 15.28 -27.73
C PRO B 87 27.85 14.91 -27.35
N ASP B 88 27.09 14.42 -28.32
CA ASP B 88 25.69 14.07 -28.08
C ASP B 88 25.55 12.61 -27.70
N ILE B 89 26.35 12.15 -26.74
CA ILE B 89 26.30 10.77 -26.29
C ILE B 89 25.10 10.61 -25.37
N LEU B 90 24.22 9.68 -25.71
CA LEU B 90 23.04 9.40 -24.92
C LEU B 90 22.97 7.91 -24.61
N LEU B 91 22.27 7.61 -23.53
CA LEU B 91 21.94 6.23 -23.20
C LEU B 91 20.87 5.75 -24.18
N TYR B 92 21.23 4.79 -25.04
CA TYR B 92 20.28 4.32 -26.05
C TYR B 92 19.07 3.65 -25.41
N ASN B 93 19.30 2.72 -24.49
CA ASN B 93 18.18 1.99 -23.89
C ASN B 93 17.70 2.66 -22.61
N SER B 94 17.46 3.96 -22.71
CA SER B 94 16.95 4.73 -21.58
C SER B 94 15.47 4.44 -21.39
N ALA B 95 15.07 4.26 -20.14
CA ALA B 95 13.67 4.02 -19.76
C ALA B 95 13.13 5.15 -18.90
N ASP B 96 13.71 6.33 -19.00
CA ASP B 96 13.33 7.50 -18.23
C ASP B 96 12.33 8.34 -19.00
N GLU B 97 11.39 8.96 -18.29
CA GLU B 97 10.43 9.83 -18.94
C GLU B 97 11.12 11.04 -19.56
N ARG B 98 12.24 11.47 -19.00
CA ARG B 98 12.99 12.57 -19.56
C ARG B 98 13.94 12.11 -20.65
N PHE B 99 14.16 10.80 -20.74
CA PHE B 99 15.08 10.14 -21.66
C PHE B 99 16.53 10.49 -21.34
N ASP B 100 16.82 11.77 -21.22
CA ASP B 100 18.15 12.24 -20.84
C ASP B 100 18.12 12.50 -19.33
N ALA B 101 18.81 11.67 -18.57
CA ALA B 101 18.81 11.81 -17.12
C ALA B 101 19.98 12.64 -16.59
N THR B 102 20.92 13.05 -17.43
CA THR B 102 22.10 13.74 -16.95
C THR B 102 21.80 15.17 -16.51
N PHE B 103 22.53 15.61 -15.50
CA PHE B 103 22.54 17.00 -15.08
C PHE B 103 23.70 17.69 -15.80
N HIS B 104 23.37 18.67 -16.64
CA HIS B 104 24.35 19.32 -17.49
C HIS B 104 25.26 20.27 -16.72
N THR B 105 26.42 19.76 -16.32
CA THR B 105 27.42 20.57 -15.62
C THR B 105 28.28 21.32 -16.63
N ASN B 106 29.19 22.15 -16.11
CA ASN B 106 30.04 22.96 -16.96
C ASN B 106 31.12 22.10 -17.62
N VAL B 107 31.52 22.51 -18.81
CA VAL B 107 32.63 21.88 -19.52
C VAL B 107 33.92 22.61 -19.16
N LEU B 108 34.86 21.87 -18.57
CA LEU B 108 36.17 22.39 -18.22
C LEU B 108 37.15 22.18 -19.37
N VAL B 109 37.82 23.26 -19.78
CA VAL B 109 38.79 23.23 -20.86
C VAL B 109 40.11 23.79 -20.36
N ASN B 110 41.24 23.29 -20.87
CA ASN B 110 42.51 23.92 -20.54
C ASN B 110 43.09 24.58 -21.78
N SER B 111 44.24 25.21 -21.62
CA SER B 111 44.81 26.05 -22.67
C SER B 111 45.03 25.30 -23.98
N SER B 112 45.21 24.00 -23.93
CA SER B 112 45.48 23.24 -25.15
C SER B 112 44.21 22.77 -25.84
N GLY B 113 43.04 23.04 -25.24
CA GLY B 113 41.77 22.71 -25.85
C GLY B 113 41.19 21.38 -25.44
N HIS B 114 41.72 20.73 -24.42
CA HIS B 114 41.19 19.46 -23.95
CA HIS B 114 41.19 19.46 -23.95
C HIS B 114 40.00 19.73 -23.03
N CYS B 115 38.83 19.24 -23.44
CA CYS B 115 37.57 19.45 -22.72
C CYS B 115 37.21 18.24 -21.89
N GLN B 116 36.81 18.47 -20.65
CA GLN B 116 36.33 17.42 -19.75
C GLN B 116 34.90 17.73 -19.34
N TYR B 117 34.01 16.78 -19.55
CA TYR B 117 32.59 16.91 -19.21
C TYR B 117 32.20 15.78 -18.26
N LEU B 118 31.82 16.13 -17.03
CA LEU B 118 31.49 15.16 -15.99
C LEU B 118 30.02 15.23 -15.57
N PRO B 119 29.06 14.91 -16.44
CA PRO B 119 27.64 15.04 -16.07
C PRO B 119 27.18 13.94 -15.13
N PRO B 120 26.65 14.30 -13.95
CA PRO B 120 26.08 13.29 -13.05
C PRO B 120 24.67 12.92 -13.50
N GLY B 121 24.15 11.82 -12.98
CA GLY B 121 22.78 11.46 -13.27
C GLY B 121 22.30 10.23 -12.53
N ILE B 122 20.98 10.14 -12.42
CA ILE B 122 20.28 8.96 -11.95
C ILE B 122 19.65 8.34 -13.19
N PHE B 123 20.24 7.27 -13.70
CA PHE B 123 19.81 6.67 -14.96
C PHE B 123 18.82 5.54 -14.75
N LYS B 124 17.88 5.42 -15.68
CA LYS B 124 16.91 4.33 -15.70
C LYS B 124 17.06 3.65 -17.06
N SER B 125 17.53 2.40 -17.06
CA SER B 125 17.73 1.65 -18.28
C SER B 125 16.85 0.39 -18.29
N SER B 126 16.38 0.04 -19.48
CA SER B 126 15.54 -1.14 -19.65
C SER B 126 16.42 -2.39 -19.61
N CYS B 127 16.16 -3.26 -18.64
CA CYS B 127 16.92 -4.50 -18.45
C CYS B 127 15.96 -5.66 -18.26
N TYR B 128 16.11 -6.70 -19.07
CA TYR B 128 15.32 -7.91 -18.88
C TYR B 128 15.80 -8.62 -17.62
N ILE B 129 14.92 -8.74 -16.63
CA ILE B 129 15.24 -9.36 -15.35
C ILE B 129 14.60 -10.74 -15.30
N ASP B 130 15.44 -11.77 -15.34
CA ASP B 130 15.00 -13.17 -15.31
C ASP B 130 14.93 -13.66 -13.86
N VAL B 131 13.72 -13.87 -13.37
CA VAL B 131 13.51 -14.29 -11.98
C VAL B 131 13.25 -15.80 -11.88
N ARG B 132 13.73 -16.59 -12.83
CA ARG B 132 13.55 -18.04 -12.78
C ARG B 132 14.13 -18.62 -11.50
N TRP B 133 15.30 -18.14 -11.07
CA TRP B 133 16.00 -18.69 -9.92
C TRP B 133 15.87 -17.83 -8.67
N PHE B 134 14.91 -16.93 -8.65
CA PHE B 134 14.70 -16.07 -7.49
C PHE B 134 14.61 -16.92 -6.22
N PRO B 135 15.40 -16.61 -5.17
CA PRO B 135 16.22 -15.41 -4.95
C PRO B 135 17.71 -15.67 -5.19
N PHE B 136 18.07 -16.71 -5.93
CA PHE B 136 19.47 -17.01 -6.18
C PHE B 136 19.80 -16.66 -7.62
N ASP B 137 19.34 -15.49 -8.07
CA ASP B 137 19.43 -15.11 -9.47
C ASP B 137 20.52 -14.07 -9.67
N VAL B 138 21.21 -14.21 -10.76
CA VAL B 138 22.22 -13.26 -11.18
C VAL B 138 21.69 -12.53 -12.41
N GLN B 139 21.80 -11.21 -12.40
CA GLN B 139 21.26 -10.37 -13.45
C GLN B 139 22.39 -9.69 -14.22
N HIS B 140 22.21 -9.57 -15.53
CA HIS B 140 23.15 -8.88 -16.41
C HIS B 140 22.39 -7.77 -17.11
N CYS B 141 22.68 -6.52 -16.75
CA CYS B 141 21.98 -5.37 -17.30
C CYS B 141 22.95 -4.52 -18.11
N LYS B 142 22.57 -4.25 -19.36
CA LYS B 142 23.42 -3.52 -20.27
C LYS B 142 23.12 -2.02 -20.22
N LEU B 143 24.16 -1.22 -20.36
CA LEU B 143 24.06 0.23 -20.49
C LEU B 143 24.74 0.60 -21.79
N LYS B 144 23.96 0.87 -22.82
CA LYS B 144 24.48 1.12 -24.16
C LYS B 144 24.47 2.62 -24.43
N PHE B 145 25.66 3.18 -24.65
CA PHE B 145 25.85 4.61 -24.88
C PHE B 145 26.35 4.84 -26.29
N GLY B 146 25.86 5.89 -26.93
CA GLY B 146 26.38 6.23 -28.24
C GLY B 146 25.91 7.60 -28.69
N SER B 147 26.56 8.08 -29.73
CA SER B 147 26.18 9.34 -30.35
C SER B 147 24.83 9.18 -31.04
N TRP B 148 23.93 10.13 -30.82
CA TRP B 148 22.60 10.03 -31.39
C TRP B 148 22.61 10.17 -32.91
N SER B 149 23.51 10.99 -33.46
CA SER B 149 23.45 11.35 -34.87
C SER B 149 24.77 11.24 -35.63
N TYR B 150 25.91 11.19 -34.96
CA TYR B 150 27.19 11.18 -35.64
C TYR B 150 27.63 9.76 -35.93
N GLY B 151 28.16 9.54 -37.13
CA GLY B 151 28.77 8.27 -37.47
C GLY B 151 30.22 8.20 -37.05
N GLY B 152 30.79 7.01 -37.17
CA GLY B 152 32.13 6.77 -36.67
C GLY B 152 33.22 7.53 -37.39
N TRP B 153 32.95 8.02 -38.59
CA TRP B 153 33.93 8.83 -39.32
C TRP B 153 33.89 10.29 -38.91
N SER B 154 32.88 10.70 -38.15
CA SER B 154 32.78 12.05 -37.60
C SER B 154 33.03 12.10 -36.11
N LEU B 155 32.56 11.11 -35.37
CA LEU B 155 32.74 11.04 -33.92
C LEU B 155 33.30 9.66 -33.60
N ASP B 156 34.59 9.61 -33.30
CA ASP B 156 35.29 8.35 -33.05
C ASP B 156 35.20 8.04 -31.55
N LEU B 157 34.14 7.34 -31.17
CA LEU B 157 33.93 7.02 -29.76
C LEU B 157 34.93 5.98 -29.30
N GLN B 158 35.62 6.26 -28.19
CA GLN B 158 36.57 5.34 -27.59
C GLN B 158 36.19 5.12 -26.13
N MET B 159 36.48 3.93 -25.63
CA MET B 159 36.06 3.52 -24.31
C MET B 159 37.24 3.50 -23.34
N GLN B 160 36.93 3.73 -22.07
CA GLN B 160 37.87 3.55 -20.98
C GLN B 160 37.18 2.75 -19.88
N GLU B 161 37.97 2.05 -19.09
CA GLU B 161 37.44 1.18 -18.06
C GLU B 161 36.61 1.95 -17.03
N ALA B 162 35.45 1.41 -16.69
CA ALA B 162 34.56 2.03 -15.72
C ALA B 162 35.23 2.12 -14.35
N ASP B 163 34.96 3.23 -13.66
CA ASP B 163 35.47 3.46 -12.31
C ASP B 163 34.44 3.02 -11.26
N ILE B 164 34.87 2.14 -10.37
CA ILE B 164 34.03 1.66 -9.27
C ILE B 164 34.67 1.95 -7.91
N SER B 165 35.63 2.87 -7.87
CA SER B 165 36.25 3.22 -6.60
C SER B 165 35.28 3.85 -5.62
N GLY B 166 34.31 4.62 -6.13
CA GLY B 166 33.32 5.28 -5.31
C GLY B 166 32.04 4.51 -5.11
N TYR B 167 32.00 3.23 -5.48
CA TYR B 167 30.77 2.46 -5.39
C TYR B 167 30.37 2.23 -3.93
N ILE B 168 29.10 2.48 -3.63
CA ILE B 168 28.55 2.26 -2.30
C ILE B 168 27.82 0.93 -2.32
N PRO B 169 28.27 -0.08 -1.57
CA PRO B 169 27.63 -1.39 -1.65
C PRO B 169 26.14 -1.35 -1.33
N ASN B 170 25.37 -2.06 -2.14
CA ASN B 170 23.93 -2.15 -1.97
C ASN B 170 23.59 -3.21 -0.94
N GLY B 171 22.46 -3.01 -0.26
CA GLY B 171 22.03 -3.97 0.74
C GLY B 171 21.32 -5.17 0.17
N GLU B 172 20.85 -5.07 -1.08
CA GLU B 172 20.09 -6.13 -1.72
C GLU B 172 20.81 -6.79 -2.89
N TRP B 173 21.81 -6.13 -3.46
CA TRP B 173 22.47 -6.62 -4.68
C TRP B 173 23.98 -6.56 -4.51
N ASP B 174 24.66 -7.65 -4.88
CA ASP B 174 26.11 -7.71 -4.85
C ASP B 174 26.64 -7.46 -6.26
N LEU B 175 27.49 -6.44 -6.40
CA LEU B 175 28.07 -6.07 -7.69
C LEU B 175 29.17 -7.05 -8.08
N VAL B 176 28.88 -7.93 -9.05
CA VAL B 176 29.92 -8.81 -9.57
C VAL B 176 30.93 -8.04 -10.42
N GLY B 177 30.47 -7.15 -11.28
CA GLY B 177 31.36 -6.31 -12.07
C GLY B 177 30.68 -5.40 -13.03
N ILE B 178 31.42 -4.48 -13.64
CA ILE B 178 30.89 -3.58 -14.67
C ILE B 178 31.81 -3.55 -15.90
N PRO B 179 32.02 -4.69 -16.55
CA PRO B 179 32.83 -4.76 -17.77
C PRO B 179 32.27 -3.96 -18.98
N GLY B 180 33.10 -3.31 -19.76
CA GLY B 180 32.70 -2.57 -20.93
C GLY B 180 33.24 -3.05 -22.27
N LYS B 181 32.57 -2.72 -23.37
CA LYS B 181 32.98 -3.21 -24.68
C LYS B 181 32.55 -2.24 -25.76
N ARG B 182 33.46 -1.95 -26.68
CA ARG B 182 33.19 -1.09 -27.82
C ARG B 182 32.83 -1.96 -29.02
N SER B 183 31.75 -1.62 -29.70
CA SER B 183 31.28 -2.36 -30.86
C SER B 183 30.97 -1.38 -31.99
N GLU B 184 30.97 -1.92 -33.22
CA GLU B 184 30.62 -1.16 -34.42
C GLU B 184 29.51 -1.88 -35.17
N ARG B 185 28.48 -1.13 -35.53
CA ARG B 185 27.40 -1.61 -36.36
C ARG B 185 27.50 -0.98 -37.74
N PHE B 186 27.21 -1.77 -38.78
CA PHE B 186 27.29 -1.33 -40.16
C PHE B 186 25.94 -1.40 -40.84
N TYR B 187 25.61 -0.40 -41.64
CA TYR B 187 24.45 -0.43 -42.49
C TYR B 187 24.85 -0.93 -43.88
N GLU B 188 24.00 -1.77 -44.46
CA GLU B 188 24.33 -2.35 -45.76
C GLU B 188 24.50 -1.29 -46.84
N CYS B 189 23.96 -0.09 -46.62
CA CYS B 189 24.15 1.00 -47.57
C CYS B 189 25.61 1.36 -47.71
N CYS B 190 26.33 1.43 -46.58
CA CYS B 190 27.50 2.27 -46.48
C CYS B 190 28.59 1.53 -45.70
N LYS B 191 29.81 2.08 -45.76
CA LYS B 191 30.96 1.47 -45.12
C LYS B 191 31.45 2.27 -43.92
N GLU B 192 30.61 3.15 -43.36
CA GLU B 192 30.96 3.88 -42.16
C GLU B 192 30.55 3.11 -40.92
N PRO B 193 31.46 2.79 -40.00
CA PRO B 193 31.05 2.17 -38.75
C PRO B 193 30.22 3.12 -37.90
N TYR B 194 29.33 2.55 -37.10
CA TYR B 194 28.58 3.32 -36.11
C TYR B 194 28.91 2.75 -34.74
N PRO B 195 29.79 3.39 -33.98
CA PRO B 195 30.25 2.79 -32.72
C PRO B 195 29.35 3.09 -31.53
N ASP B 196 29.43 2.18 -30.57
CA ASP B 196 28.72 2.33 -29.31
C ASP B 196 29.58 1.70 -28.22
N VAL B 197 29.33 2.11 -26.98
CA VAL B 197 30.03 1.58 -25.82
C VAL B 197 28.98 1.01 -24.89
N THR B 198 29.07 -0.28 -24.59
CA THR B 198 28.13 -0.97 -23.74
C THR B 198 28.82 -1.42 -22.46
N PHE B 199 28.24 -1.06 -21.32
CA PHE B 199 28.71 -1.49 -20.02
C PHE B 199 27.70 -2.50 -19.48
N THR B 200 28.16 -3.70 -19.16
CA THR B 200 27.31 -4.77 -18.68
C THR B 200 27.48 -4.89 -17.17
N VAL B 201 26.46 -4.48 -16.43
CA VAL B 201 26.44 -4.58 -14.97
C VAL B 201 25.97 -5.98 -14.60
N THR B 202 26.85 -6.77 -13.99
CA THR B 202 26.48 -8.07 -13.45
C THR B 202 26.36 -7.96 -11.93
N MET B 203 25.20 -8.35 -11.40
CA MET B 203 24.91 -8.17 -9.99
C MET B 203 24.21 -9.42 -9.47
N ARG B 204 24.61 -9.86 -8.28
CA ARG B 204 24.08 -11.06 -7.64
C ARG B 204 23.17 -10.66 -6.50
N ARG B 205 22.02 -11.31 -6.41
CA ARG B 205 21.07 -11.04 -5.34
C ARG B 205 21.59 -11.61 -4.02
N ARG B 206 21.69 -10.76 -3.01
CA ARG B 206 21.96 -11.24 -1.66
C ARG B 206 20.73 -11.96 -1.13
N THR B 207 20.96 -13.09 -0.45
CA THR B 207 19.89 -13.99 -0.08
C THR B 207 19.68 -14.13 1.42
N LEU B 208 20.41 -13.40 2.26
CA LEU B 208 20.22 -13.53 3.69
C LEU B 208 18.81 -13.11 4.09
N TYR B 209 18.36 -11.95 3.62
CA TYR B 209 17.00 -11.51 3.95
C TYR B 209 15.97 -12.55 3.57
N TYR B 210 16.11 -13.14 2.38
CA TYR B 210 15.12 -14.10 1.93
C TYR B 210 15.24 -15.41 2.71
N GLY B 211 16.44 -15.72 3.21
CA GLY B 211 16.61 -16.90 4.03
C GLY B 211 15.81 -16.87 5.31
N LEU B 212 15.62 -15.68 5.89
CA LEU B 212 14.95 -15.56 7.18
C LEU B 212 13.48 -15.17 7.07
N ASN B 213 13.02 -14.78 5.89
CA ASN B 213 11.65 -14.31 5.73
C ASN B 213 10.80 -15.21 4.86
N LEU B 214 11.40 -16.17 4.15
CA LEU B 214 10.65 -17.02 3.24
C LEU B 214 11.06 -18.48 3.40
N LEU B 215 12.37 -18.74 3.37
CA LEU B 215 12.83 -20.11 3.40
C LEU B 215 12.59 -20.73 4.77
N ILE B 216 13.00 -20.06 5.84
CA ILE B 216 12.89 -20.61 7.18
C ILE B 216 11.42 -20.68 7.60
N PRO B 217 10.66 -19.58 7.57
CA PRO B 217 9.25 -19.67 7.99
C PRO B 217 8.50 -20.80 7.32
N CYS B 218 8.86 -21.12 6.09
CA CYS B 218 8.15 -22.15 5.35
C CYS B 218 8.56 -23.53 5.84
N VAL B 219 9.85 -23.70 6.19
CA VAL B 219 10.30 -24.96 6.78
C VAL B 219 9.63 -25.18 8.13
N LEU B 220 9.65 -24.15 8.99
CA LEU B 220 9.16 -24.35 10.36
C LEU B 220 7.65 -24.53 10.41
N ILE B 221 6.90 -23.86 9.53
CA ILE B 221 5.44 -24.05 9.50
C ILE B 221 5.13 -25.42 8.92
N SER B 222 5.90 -25.85 7.92
CA SER B 222 5.76 -27.19 7.38
C SER B 222 5.98 -28.24 8.45
N ALA B 223 6.95 -28.02 9.33
CA ALA B 223 7.18 -28.93 10.44
C ALA B 223 5.98 -29.01 11.37
N LEU B 224 5.37 -27.87 11.69
CA LEU B 224 4.22 -27.87 12.59
C LEU B 224 3.03 -28.60 11.96
N ALA B 225 2.95 -28.63 10.64
CA ALA B 225 1.90 -29.40 9.97
C ALA B 225 2.12 -30.89 10.16
N LEU B 226 3.38 -31.31 10.27
CA LEU B 226 3.69 -32.72 10.50
C LEU B 226 3.32 -33.15 11.90
N LEU B 227 3.17 -32.19 12.81
CA LEU B 227 2.88 -32.48 14.20
C LEU B 227 1.49 -33.05 14.40
N VAL B 228 0.60 -32.93 13.42
CA VAL B 228 -0.73 -33.50 13.52
C VAL B 228 -0.67 -35.01 13.64
N PHE B 229 0.31 -35.64 12.99
CA PHE B 229 0.44 -37.08 13.01
C PHE B 229 0.92 -37.61 14.34
N LEU B 230 1.38 -36.74 15.24
CA LEU B 230 1.78 -37.13 16.59
C LEU B 230 0.70 -36.85 17.62
N LEU B 231 -0.34 -36.12 17.26
CA LEU B 231 -1.38 -35.74 18.20
C LEU B 231 -2.39 -36.87 18.35
N PRO B 232 -2.65 -37.37 19.56
CA PRO B 232 -3.62 -38.46 19.70
C PRO B 232 -5.02 -38.02 19.28
N ALA B 233 -5.76 -38.96 18.68
CA ALA B 233 -7.09 -38.65 18.18
C ALA B 233 -8.06 -38.29 19.30
N ASP B 234 -7.86 -38.84 20.50
CA ASP B 234 -8.78 -38.56 21.59
C ASP B 234 -8.79 -37.10 21.99
N SER B 235 -7.74 -36.35 21.68
CA SER B 235 -7.72 -34.94 21.99
C SER B 235 -8.90 -34.21 21.36
N GLY B 236 -9.31 -34.63 20.17
CA GLY B 236 -10.30 -33.91 19.41
C GLY B 236 -9.78 -32.58 18.89
N GLU B 237 -8.50 -32.53 18.52
CA GLU B 237 -7.89 -31.29 18.06
C GLU B 237 -7.01 -31.48 16.83
N LYS B 238 -7.00 -32.66 16.21
CA LYS B 238 -6.17 -32.87 15.03
C LYS B 238 -6.57 -31.94 13.90
N ILE B 239 -7.87 -31.87 13.60
CA ILE B 239 -8.33 -30.99 12.53
C ILE B 239 -8.05 -29.54 12.87
N SER B 240 -8.31 -29.16 14.12
CA SER B 240 -8.04 -27.79 14.55
C SER B 240 -6.59 -27.42 14.30
N LEU B 241 -5.66 -28.28 14.72
CA LEU B 241 -4.24 -28.01 14.52
C LEU B 241 -3.92 -27.90 13.03
N GLY B 242 -4.31 -28.90 12.24
CA GLY B 242 -3.93 -28.92 10.84
C GLY B 242 -4.55 -27.79 10.04
N ILE B 243 -5.83 -27.53 10.25
CA ILE B 243 -6.51 -26.49 9.47
C ILE B 243 -6.01 -25.11 9.85
N THR B 244 -5.68 -24.89 11.13
CA THR B 244 -5.14 -23.60 11.54
C THR B 244 -3.73 -23.39 11.02
N VAL B 245 -2.96 -24.46 10.84
CA VAL B 245 -1.64 -24.32 10.22
C VAL B 245 -1.78 -23.86 8.78
N LEU B 246 -2.74 -24.41 8.04
CA LEU B 246 -2.98 -23.97 6.67
C LEU B 246 -3.37 -22.50 6.62
N LEU B 247 -4.23 -22.07 7.54
CA LEU B 247 -4.60 -20.67 7.62
C LEU B 247 -3.36 -19.79 7.83
N SER B 248 -2.52 -20.16 8.81
CA SER B 248 -1.28 -19.43 9.05
C SER B 248 -0.42 -19.32 7.79
N LEU B 249 -0.46 -20.33 6.91
CA LEU B 249 0.29 -20.24 5.66
C LEU B 249 -0.36 -19.26 4.69
N THR B 250 -1.69 -19.21 4.66
CA THR B 250 -2.36 -18.21 3.85
C THR B 250 -1.99 -16.81 4.34
N VAL B 251 -2.09 -16.56 5.64
CA VAL B 251 -1.68 -15.26 6.18
C VAL B 251 -0.21 -15.02 5.86
N PHE B 252 0.60 -16.06 5.88
CA PHE B 252 2.00 -15.94 5.52
C PHE B 252 2.14 -15.51 4.07
N MET B 253 1.42 -16.13 3.17
CA MET B 253 1.45 -15.78 1.76
C MET B 253 1.33 -14.26 1.58
N LEU B 254 0.58 -13.59 2.44
CA LEU B 254 0.42 -12.14 2.32
C LEU B 254 1.78 -11.46 2.41
N LEU B 255 2.57 -11.82 3.42
CA LEU B 255 3.90 -11.23 3.56
C LEU B 255 4.77 -11.60 2.37
N VAL B 256 4.65 -12.84 1.91
CA VAL B 256 5.46 -13.32 0.82
C VAL B 256 5.10 -12.61 -0.48
N ALA B 257 3.84 -12.18 -0.62
CA ALA B 257 3.41 -11.59 -1.88
C ALA B 257 4.09 -10.25 -2.15
N GLU B 258 4.38 -9.48 -1.09
CA GLU B 258 5.02 -8.19 -1.28
C GLU B 258 6.43 -8.29 -1.87
N ILE B 259 7.11 -9.42 -1.69
CA ILE B 259 8.49 -9.57 -2.14
C ILE B 259 8.66 -10.57 -3.28
N MET B 260 7.64 -11.34 -3.62
CA MET B 260 7.74 -12.28 -4.72
C MET B 260 7.54 -11.58 -6.07
N PRO B 261 8.18 -12.00 -7.15
CA PRO B 261 8.03 -11.36 -8.46
C PRO B 261 6.74 -11.80 -9.11
N ALA B 262 6.17 -10.90 -9.91
CA ALA B 262 4.94 -11.17 -10.64
C ALA B 262 5.20 -11.23 -12.13
N THR B 263 5.49 -12.43 -12.64
CA THR B 263 5.81 -12.61 -14.04
C THR B 263 5.10 -13.87 -14.53
N SER B 264 5.01 -13.99 -15.87
CA SER B 264 4.45 -15.19 -16.49
C SER B 264 5.44 -15.86 -17.42
N ASP B 265 6.72 -15.50 -17.36
CA ASP B 265 7.72 -16.13 -18.22
C ASP B 265 8.24 -17.43 -17.63
N SER B 266 8.02 -17.66 -16.35
CA SER B 266 8.50 -18.85 -15.67
C SER B 266 7.97 -18.85 -14.25
N VAL B 267 7.97 -20.02 -13.63
CA VAL B 267 7.63 -20.16 -12.22
C VAL B 267 8.93 -20.01 -11.44
N PRO B 268 9.11 -18.94 -10.67
CA PRO B 268 10.33 -18.81 -9.87
C PRO B 268 10.60 -20.01 -8.96
N LEU B 269 11.84 -20.11 -8.50
CA LEU B 269 12.22 -21.22 -7.63
C LEU B 269 11.46 -21.18 -6.32
N ILE B 270 11.34 -20.03 -5.72
CA ILE B 270 10.66 -19.85 -4.46
C ILE B 270 9.17 -20.02 -4.57
N ALA B 271 8.64 -19.92 -5.78
CA ALA B 271 7.22 -20.16 -5.97
C ALA B 271 6.96 -21.65 -6.01
N GLN B 272 7.94 -22.41 -6.49
CA GLN B 272 7.84 -23.86 -6.49
C GLN B 272 7.99 -24.39 -5.08
N TYR B 273 8.85 -23.75 -4.29
CA TYR B 273 9.03 -24.16 -2.89
C TYR B 273 7.80 -23.84 -2.06
N PHE B 274 7.24 -22.63 -2.21
CA PHE B 274 6.07 -22.28 -1.42
C PHE B 274 4.87 -23.11 -1.81
N ALA B 275 4.66 -23.32 -3.11
CA ALA B 275 3.56 -24.17 -3.54
C ALA B 275 3.75 -25.58 -2.99
N SER B 276 4.95 -26.15 -3.12
CA SER B 276 5.23 -27.49 -2.62
C SER B 276 4.88 -27.61 -1.15
N THR B 277 5.37 -26.67 -0.38
CA THR B 277 5.09 -26.76 1.06
C THR B 277 3.60 -26.76 1.32
N MET B 278 2.81 -25.99 0.61
CA MET B 278 1.39 -25.90 0.89
C MET B 278 0.60 -27.07 0.38
N ILE B 279 1.08 -27.77 -0.63
CA ILE B 279 0.37 -28.99 -1.02
C ILE B 279 0.58 -30.05 0.05
N ILE B 280 1.76 -30.10 0.67
CA ILE B 280 2.01 -31.09 1.71
C ILE B 280 1.21 -30.79 2.97
N VAL B 281 1.02 -29.52 3.31
CA VAL B 281 0.15 -29.19 4.44
C VAL B 281 -1.29 -29.52 4.11
N GLY B 282 -1.72 -29.23 2.87
CA GLY B 282 -3.07 -29.59 2.47
C GLY B 282 -3.31 -31.08 2.51
N LEU B 283 -2.33 -31.85 2.04
CA LEU B 283 -2.48 -33.31 2.02
C LEU B 283 -2.43 -33.91 3.42
N SER B 284 -1.77 -33.23 4.36
CA SER B 284 -1.78 -33.72 5.73
C SER B 284 -3.17 -33.59 6.35
N VAL B 285 -3.88 -32.51 6.02
CA VAL B 285 -5.27 -32.38 6.46
C VAL B 285 -6.12 -33.49 5.85
N VAL B 286 -5.84 -33.84 4.59
CA VAL B 286 -6.60 -34.89 3.94
C VAL B 286 -6.35 -36.22 4.60
N VAL B 287 -5.08 -36.52 4.89
CA VAL B 287 -4.72 -37.77 5.56
C VAL B 287 -5.29 -37.82 6.97
N THR B 288 -5.35 -36.67 7.65
CA THR B 288 -5.96 -36.61 8.98
C THR B 288 -7.43 -36.99 8.95
N VAL B 289 -8.15 -36.55 7.91
CA VAL B 289 -9.56 -36.92 7.79
C VAL B 289 -9.71 -38.42 7.66
N ILE B 290 -8.85 -39.06 6.85
CA ILE B 290 -8.88 -40.51 6.72
C ILE B 290 -8.58 -41.19 8.05
N VAL B 291 -7.60 -40.67 8.78
CA VAL B 291 -7.23 -41.24 10.07
C VAL B 291 -8.41 -41.17 11.04
N LEU B 292 -9.11 -40.04 11.07
CA LEU B 292 -10.27 -39.91 11.94
C LEU B 292 -11.39 -40.85 11.54
N GLN B 293 -11.55 -41.08 10.23
CA GLN B 293 -12.50 -42.08 9.75
C GLN B 293 -12.24 -43.45 10.38
N TYR B 294 -10.97 -43.85 10.44
CA TYR B 294 -10.62 -45.12 11.08
C TYR B 294 -10.89 -45.07 12.58
N HIS B 295 -10.52 -43.97 13.23
CA HIS B 295 -10.57 -43.95 14.69
C HIS B 295 -12.00 -43.96 15.19
N HIS B 296 -12.91 -43.29 14.48
CA HIS B 296 -14.31 -43.22 14.89
C HIS B 296 -15.17 -44.23 14.17
N HIS B 297 -14.57 -45.26 13.59
CA HIS B 297 -15.33 -46.26 12.86
C HIS B 297 -16.39 -46.89 13.76
N ASP B 298 -17.61 -46.95 13.27
CA ASP B 298 -18.70 -47.52 14.04
C ASP B 298 -18.48 -49.01 14.23
N PRO B 299 -18.57 -49.53 15.47
CA PRO B 299 -18.24 -50.95 15.68
C PRO B 299 -19.20 -51.90 15.00
N ASP B 300 -20.42 -51.44 14.68
CA ASP B 300 -21.44 -52.27 14.05
C ASP B 300 -21.51 -52.04 12.54
N GLY B 301 -20.44 -51.52 11.95
CA GLY B 301 -20.40 -51.25 10.54
C GLY B 301 -19.75 -52.38 9.77
N GLY B 302 -18.85 -52.05 8.85
CA GLY B 302 -18.21 -53.05 8.02
C GLY B 302 -16.97 -53.62 8.68
N LYS B 303 -16.89 -54.95 8.70
CA LYS B 303 -15.75 -55.64 9.30
C LYS B 303 -14.46 -55.25 8.58
N MET B 304 -13.41 -54.99 9.37
CA MET B 304 -12.11 -54.61 8.83
C MET B 304 -11.79 -55.52 7.64
N PRO B 305 -11.68 -54.93 6.45
CA PRO B 305 -11.29 -55.75 5.33
C PRO B 305 -10.10 -56.65 5.66
N LYS B 306 -9.99 -57.78 4.99
CA LYS B 306 -8.87 -58.69 5.23
C LYS B 306 -7.58 -58.04 4.84
N TRP B 307 -7.63 -57.23 3.80
CA TRP B 307 -6.43 -56.55 3.36
C TRP B 307 -6.04 -55.45 4.30
N THR B 308 -7.01 -54.82 4.94
CA THR B 308 -6.71 -53.75 5.85
C THR B 308 -6.03 -54.36 7.04
N ARG B 309 -6.49 -55.51 7.47
CA ARG B 309 -5.92 -56.09 8.67
C ARG B 309 -4.53 -56.65 8.42
N VAL B 310 -4.17 -56.89 7.16
CA VAL B 310 -2.84 -57.42 6.86
C VAL B 310 -1.88 -56.30 6.53
N ILE B 311 -2.24 -55.44 5.57
CA ILE B 311 -1.33 -54.37 5.16
C ILE B 311 -1.01 -53.44 6.32
N LEU B 312 -1.91 -53.34 7.30
CA LEU B 312 -1.71 -52.41 8.41
C LEU B 312 -1.42 -53.09 9.73
N LEU B 313 -2.32 -53.95 10.21
CA LEU B 313 -2.13 -54.52 11.55
C LEU B 313 -0.98 -55.52 11.63
N ASN B 314 -0.46 -56.02 10.50
CA ASN B 314 0.63 -56.98 10.52
C ASN B 314 1.91 -56.43 9.90
N TRP B 315 1.89 -56.04 8.62
CA TRP B 315 3.15 -55.65 7.97
C TRP B 315 3.61 -54.30 8.48
N CYS B 316 2.85 -53.25 8.17
CA CYS B 316 3.24 -51.91 8.61
C CYS B 316 3.34 -51.83 10.13
N ALA B 317 2.50 -52.57 10.84
CA ALA B 317 2.55 -52.53 12.31
C ALA B 317 3.76 -53.28 12.86
N TRP B 318 4.41 -54.11 12.04
CA TRP B 318 5.64 -54.76 12.43
C TRP B 318 6.86 -53.92 12.03
N PHE B 319 6.86 -53.43 10.79
CA PHE B 319 7.96 -52.61 10.32
C PHE B 319 8.22 -51.45 11.26
N LEU B 320 7.15 -50.78 11.70
CA LEU B 320 7.26 -49.62 12.57
C LEU B 320 7.42 -50.00 14.03
N ARG B 321 7.61 -51.29 14.34
CA ARG B 321 7.74 -51.74 15.72
C ARG B 321 6.72 -51.05 16.61
N MET B 322 5.45 -51.43 16.49
CA MET B 322 4.39 -50.79 17.24
C MET B 322 3.69 -51.75 18.19
N LYS B 323 3.05 -52.80 17.68
CA LYS B 323 2.32 -53.75 18.52
C LYS B 323 0.96 -53.19 18.92
N PRO B 479 -39.06 -70.19 41.89
CA PRO B 479 -39.80 -69.26 41.01
C PRO B 479 -39.17 -67.87 40.97
N ASP B 480 -39.27 -67.13 42.08
CA ASP B 480 -38.65 -65.81 42.14
C ASP B 480 -37.15 -65.92 41.90
N LEU B 481 -36.51 -66.92 42.50
CA LEU B 481 -35.06 -67.06 42.34
C LEU B 481 -34.69 -67.22 40.87
N ALA B 482 -35.44 -68.05 40.14
CA ALA B 482 -35.15 -68.23 38.72
C ALA B 482 -35.40 -66.95 37.95
N LYS B 483 -36.44 -66.19 38.33
CA LYS B 483 -36.69 -64.91 37.69
C LYS B 483 -35.53 -63.95 37.91
N ILE B 484 -34.91 -64.00 39.10
CA ILE B 484 -33.81 -63.10 39.38
C ILE B 484 -32.60 -63.52 38.54
N LEU B 485 -32.45 -64.82 38.31
CA LEU B 485 -31.36 -65.31 37.46
C LEU B 485 -31.48 -64.73 36.06
N GLU B 486 -32.68 -64.75 35.48
CA GLU B 486 -32.88 -64.21 34.15
C GLU B 486 -32.55 -62.73 34.10
N GLU B 487 -33.04 -61.96 35.07
CA GLU B 487 -32.77 -60.53 35.10
C GLU B 487 -31.28 -60.25 35.21
N VAL B 488 -30.57 -61.07 35.98
CA VAL B 488 -29.15 -60.83 36.21
C VAL B 488 -28.33 -61.38 35.04
N ARG B 489 -28.80 -62.44 34.42
CA ARG B 489 -28.11 -62.98 33.25
C ARG B 489 -28.19 -62.02 32.07
N TYR B 490 -29.27 -61.24 31.97
CA TYR B 490 -29.36 -60.23 30.93
C TYR B 490 -28.38 -59.09 31.18
N ILE B 491 -28.27 -58.63 32.43
CA ILE B 491 -27.34 -57.56 32.75
C ILE B 491 -25.91 -57.99 32.41
N ALA B 492 -25.53 -59.21 32.81
CA ALA B 492 -24.18 -59.67 32.55
C ALA B 492 -23.91 -59.83 31.06
N ASN B 493 -24.88 -60.37 30.31
CA ASN B 493 -24.69 -60.54 28.88
C ASN B 493 -24.65 -59.20 28.15
N ARG B 494 -25.41 -58.22 28.60
CA ARG B 494 -25.32 -56.88 28.04
C ARG B 494 -23.90 -56.34 28.18
N PHE B 495 -23.30 -56.50 29.36
CA PHE B 495 -21.94 -56.03 29.57
C PHE B 495 -20.95 -56.77 28.67
N ARG B 496 -21.15 -58.08 28.48
CA ARG B 496 -20.26 -58.84 27.62
C ARG B 496 -20.33 -58.37 26.17
N CYS B 497 -21.54 -58.07 25.69
CA CYS B 497 -21.67 -57.51 24.36
C CYS B 497 -20.95 -56.17 24.24
N GLN B 498 -21.06 -55.33 25.27
CA GLN B 498 -20.31 -54.08 25.26
C GLN B 498 -18.82 -54.31 25.14
N ASP B 499 -18.29 -55.32 25.86
CA ASP B 499 -16.86 -55.59 25.79
C ASP B 499 -16.43 -56.03 24.40
N GLU B 500 -17.23 -56.89 23.76
CA GLU B 500 -16.87 -57.31 22.40
C GLU B 500 -16.89 -56.11 21.45
N SER B 501 -17.90 -55.26 21.55
CA SER B 501 -17.95 -54.08 20.69
C SER B 501 -16.75 -53.18 20.94
N GLU B 502 -16.36 -53.00 22.21
CA GLU B 502 -15.21 -52.16 22.53
C GLU B 502 -13.92 -52.76 22.00
N ALA B 503 -13.80 -54.09 22.01
CA ALA B 503 -12.61 -54.74 21.45
C ALA B 503 -12.50 -54.49 19.95
N VAL B 504 -13.61 -54.57 19.22
CA VAL B 504 -13.60 -54.28 17.80
C VAL B 504 -13.16 -52.84 17.56
N CYS B 505 -13.70 -51.91 18.33
CA CYS B 505 -13.32 -50.51 18.20
C CYS B 505 -11.84 -50.30 18.47
N SER B 506 -11.27 -51.05 19.41
CA SER B 506 -9.85 -50.90 19.71
C SER B 506 -8.98 -51.29 18.52
N GLU B 507 -9.39 -52.31 17.78
CA GLU B 507 -8.64 -52.66 16.57
C GLU B 507 -8.68 -51.53 15.55
N TRP B 508 -9.85 -50.93 15.35
CA TRP B 508 -9.96 -49.82 14.42
C TRP B 508 -9.15 -48.62 14.89
N LYS B 509 -9.08 -48.41 16.20
CA LYS B 509 -8.32 -47.29 16.73
C LYS B 509 -6.83 -47.52 16.59
N PHE B 510 -6.40 -48.78 16.77
CA PHE B 510 -4.98 -49.09 16.59
C PHE B 510 -4.58 -48.96 15.13
N ALA B 511 -5.48 -49.34 14.21
CA ALA B 511 -5.20 -49.13 12.79
C ALA B 511 -5.01 -47.66 12.48
N ALA B 512 -5.83 -46.80 13.10
CA ALA B 512 -5.66 -45.36 12.93
C ALA B 512 -4.29 -44.91 13.40
N CYS B 513 -3.84 -45.43 14.54
CA CYS B 513 -2.50 -45.10 15.04
C CYS B 513 -1.43 -45.48 14.03
N VAL B 514 -1.56 -46.66 13.43
CA VAL B 514 -0.56 -47.13 12.49
C VAL B 514 -0.50 -46.23 11.26
N VAL B 515 -1.65 -45.74 10.80
CA VAL B 515 -1.66 -44.88 9.63
C VAL B 515 -1.04 -43.53 9.95
N ASP B 516 -1.13 -43.06 11.20
CA ASP B 516 -0.49 -41.80 11.56
C ASP B 516 1.02 -41.91 11.55
N ARG B 517 1.55 -43.08 11.90
CA ARG B 517 2.99 -43.25 11.89
C ARG B 517 3.52 -43.43 10.47
N LEU B 518 2.83 -44.20 9.63
CA LEU B 518 3.20 -44.27 8.22
C LEU B 518 3.23 -42.88 7.61
N CYS B 519 2.17 -42.10 7.83
CA CYS B 519 2.10 -40.78 7.23
C CYS B 519 3.12 -39.84 7.84
N LEU B 520 3.35 -39.93 9.14
CA LEU B 520 4.42 -39.16 9.75
C LEU B 520 5.73 -39.43 9.02
N MET B 521 6.07 -40.71 8.88
CA MET B 521 7.34 -41.06 8.24
C MET B 521 7.37 -40.61 6.78
N ALA B 522 6.30 -40.93 6.04
CA ALA B 522 6.27 -40.59 4.61
C ALA B 522 6.29 -39.10 4.39
N PHE B 523 5.47 -38.35 5.13
CA PHE B 523 5.42 -36.90 4.93
C PHE B 523 6.72 -36.24 5.35
N SER B 524 7.35 -36.73 6.41
CA SER B 524 8.65 -36.20 6.81
C SER B 524 9.66 -36.37 5.69
N VAL B 525 9.74 -37.57 5.12
CA VAL B 525 10.68 -37.82 4.04
C VAL B 525 10.37 -36.91 2.85
N PHE B 526 9.09 -36.82 2.49
CA PHE B 526 8.72 -36.07 1.29
C PHE B 526 8.94 -34.58 1.46
N THR B 527 8.77 -34.04 2.67
CA THR B 527 9.07 -32.63 2.88
C THR B 527 10.57 -32.37 2.75
N ILE B 528 11.41 -33.22 3.36
CA ILE B 528 12.84 -33.03 3.28
C ILE B 528 13.32 -33.10 1.84
N ILE B 529 12.84 -34.09 1.07
CA ILE B 529 13.32 -34.26 -0.30
C ILE B 529 12.95 -33.05 -1.15
N CYS B 530 11.71 -32.56 -1.01
CA CYS B 530 11.30 -31.41 -1.81
C CYS B 530 12.08 -30.16 -1.42
N THR B 531 12.23 -29.91 -0.12
CA THR B 531 12.99 -28.74 0.31
C THR B 531 14.40 -28.78 -0.23
N ILE B 532 15.11 -29.89 -0.01
CA ILE B 532 16.50 -29.97 -0.45
C ILE B 532 16.57 -29.91 -1.97
N GLY B 533 15.70 -30.63 -2.65
CA GLY B 533 15.75 -30.67 -4.10
C GLY B 533 15.40 -29.36 -4.76
N ILE B 534 14.36 -28.67 -4.28
CA ILE B 534 13.98 -27.40 -4.89
C ILE B 534 15.04 -26.33 -4.66
N LEU B 535 15.56 -26.20 -3.43
CA LEU B 535 16.52 -25.13 -3.18
C LEU B 535 17.87 -25.42 -3.83
N MET B 536 18.32 -26.66 -3.83
CA MET B 536 19.64 -26.93 -4.39
C MET B 536 19.61 -27.07 -5.90
N SER B 537 18.44 -26.99 -6.53
CA SER B 537 18.37 -26.94 -7.99
C SER B 537 18.85 -25.62 -8.55
N ALA B 538 19.09 -24.62 -7.70
CA ALA B 538 19.61 -23.33 -8.14
C ALA B 538 21.10 -23.44 -8.43
N PRO B 539 21.56 -23.01 -9.60
CA PRO B 539 23.00 -23.07 -9.88
C PRO B 539 23.85 -22.24 -8.94
N ASN B 540 23.26 -21.16 -8.32
CA ASN B 540 24.02 -20.28 -7.42
C ASN B 540 23.71 -20.54 -5.95
N PHE B 541 23.21 -21.73 -5.62
CA PHE B 541 22.82 -22.00 -4.24
C PHE B 541 24.06 -22.08 -3.35
N VAL B 542 25.01 -22.96 -3.69
CA VAL B 542 26.17 -23.16 -2.83
C VAL B 542 26.88 -21.83 -2.60
N GLU B 543 27.25 -21.16 -3.70
CA GLU B 543 27.93 -19.88 -3.59
C GLU B 543 27.14 -18.90 -2.73
N ALA B 544 25.83 -18.78 -2.99
CA ALA B 544 25.00 -17.86 -2.24
C ALA B 544 25.06 -18.13 -0.75
N VAL B 545 24.79 -19.37 -0.35
CA VAL B 545 24.77 -19.69 1.08
C VAL B 545 26.15 -19.46 1.70
N SER B 546 27.22 -19.71 0.95
CA SER B 546 28.56 -19.56 1.50
C SER B 546 28.89 -18.08 1.73
N LYS B 547 28.43 -17.20 0.86
CA LYS B 547 28.76 -15.79 0.96
C LYS B 547 27.81 -15.02 1.85
N ASP B 548 26.54 -15.44 1.94
CA ASP B 548 25.54 -14.69 2.67
C ASP B 548 25.24 -15.25 4.06
N PHE B 549 25.58 -16.51 4.32
CA PHE B 549 25.33 -17.12 5.63
C PHE B 549 26.63 -17.62 6.23
N GLU C 1 36.18 24.62 -40.66
CA GLU C 1 36.17 25.78 -41.59
C GLU C 1 34.97 25.75 -42.52
N PHE C 2 34.72 24.58 -43.11
CA PHE C 2 33.64 24.47 -44.08
C PHE C 2 32.29 24.34 -43.37
N GLN C 3 32.22 23.57 -42.28
CA GLN C 3 30.95 23.49 -41.58
C GLN C 3 30.63 24.78 -40.85
N ARG C 4 31.66 25.54 -40.45
CA ARG C 4 31.40 26.87 -39.90
C ARG C 4 30.74 27.76 -40.94
N LYS C 5 31.31 27.79 -42.14
CA LYS C 5 30.71 28.55 -43.24
C LYS C 5 29.31 28.06 -43.55
N LEU C 6 29.13 26.74 -43.60
CA LEU C 6 27.84 26.16 -43.97
C LEU C 6 26.76 26.49 -42.93
N TYR C 7 27.07 26.30 -41.65
CA TYR C 7 26.08 26.58 -40.61
C TYR C 7 25.67 28.04 -40.62
N LYS C 8 26.62 28.94 -40.85
CA LYS C 8 26.28 30.35 -40.98
C LYS C 8 25.37 30.58 -42.18
N GLU C 9 25.63 29.89 -43.28
CA GLU C 9 24.88 30.11 -44.51
C GLU C 9 23.47 29.53 -44.42
N LEU C 10 23.30 28.41 -43.72
CA LEU C 10 22.01 27.73 -43.75
C LEU C 10 20.94 28.48 -42.96
N VAL C 11 21.33 29.26 -41.95
CA VAL C 11 20.35 29.93 -41.09
C VAL C 11 20.16 31.38 -41.46
N LYS C 12 20.75 31.84 -42.56
CA LYS C 12 20.55 33.20 -43.03
C LYS C 12 19.14 33.33 -43.60
N ASN C 13 18.29 34.09 -42.92
CA ASN C 13 16.91 34.40 -43.31
C ASN C 13 15.98 33.21 -43.08
N TYR C 14 16.46 32.12 -42.49
CA TYR C 14 15.61 30.97 -42.23
C TYR C 14 14.61 31.30 -41.14
N ASN C 15 13.35 30.96 -41.37
CA ASN C 15 12.28 31.17 -40.39
C ASN C 15 11.70 29.82 -39.98
N PRO C 16 11.90 29.37 -38.74
CA PRO C 16 11.35 28.06 -38.34
C PRO C 16 9.84 28.02 -38.28
N LEU C 17 9.15 29.13 -38.49
CA LEU C 17 7.69 29.11 -38.58
C LEU C 17 7.20 28.69 -39.96
N GLU C 18 8.08 28.73 -40.96
CA GLU C 18 7.68 28.52 -42.35
C GLU C 18 7.76 27.04 -42.70
N ARG C 19 6.66 26.49 -43.17
CA ARG C 19 6.64 25.17 -43.80
C ARG C 19 7.56 25.20 -45.02
N PRO C 20 8.60 24.36 -45.08
CA PRO C 20 9.68 24.55 -46.09
C PRO C 20 9.43 23.91 -47.44
N VAL C 21 8.52 24.50 -48.22
CA VAL C 21 8.21 24.05 -49.56
C VAL C 21 8.55 25.17 -50.54
N ALA C 22 9.05 24.79 -51.73
CA ALA C 22 9.34 25.79 -52.76
C ALA C 22 8.05 26.47 -53.22
N ASN C 23 6.97 25.70 -53.28
CA ASN C 23 5.64 26.17 -53.65
C ASN C 23 4.70 26.06 -52.46
N ASP C 24 4.21 27.21 -51.98
CA ASP C 24 3.36 27.21 -50.81
C ASP C 24 2.02 26.55 -51.10
N SER C 25 1.67 26.40 -52.37
CA SER C 25 0.44 25.71 -52.75
C SER C 25 0.58 24.20 -52.75
N GLN C 26 1.79 23.69 -52.84
CA GLN C 26 2.03 22.26 -52.87
C GLN C 26 2.14 21.71 -51.45
N PRO C 27 1.71 20.48 -51.20
CA PRO C 27 1.88 19.89 -49.87
C PRO C 27 3.30 19.39 -49.63
N LEU C 28 3.63 19.29 -48.36
CA LEU C 28 4.92 18.77 -47.91
C LEU C 28 4.70 17.37 -47.38
N THR C 29 5.24 16.37 -48.09
CA THR C 29 5.09 14.99 -47.67
C THR C 29 5.97 14.69 -46.45
N VAL C 30 5.36 14.14 -45.40
CA VAL C 30 6.06 13.70 -44.21
C VAL C 30 5.83 12.21 -44.06
N TYR C 31 6.91 11.46 -43.92
CA TYR C 31 6.82 10.02 -43.69
C TYR C 31 6.89 9.76 -42.20
N PHE C 32 5.86 9.12 -41.67
CA PHE C 32 5.75 8.86 -40.24
C PHE C 32 5.75 7.37 -39.98
N SER C 33 6.59 6.94 -39.06
CA SER C 33 6.66 5.57 -38.58
C SER C 33 6.99 5.62 -37.10
N LEU C 34 6.92 4.47 -36.45
CA LEU C 34 7.34 4.36 -35.06
C LEU C 34 8.07 3.05 -34.85
N SER C 35 8.69 2.94 -33.70
CA SER C 35 9.45 1.76 -33.30
C SER C 35 9.05 1.46 -31.87
N LEU C 36 8.41 0.31 -31.64
CA LEU C 36 7.95 -0.07 -30.32
C LEU C 36 9.02 -0.88 -29.61
N LEU C 37 9.51 -0.34 -28.49
CA LEU C 37 10.55 -0.99 -27.70
C LEU C 37 10.01 -1.72 -26.48
N GLN C 38 8.92 -1.25 -25.89
CA GLN C 38 8.44 -1.86 -24.66
C GLN C 38 6.99 -1.49 -24.41
N ILE C 39 6.22 -2.44 -23.92
CA ILE C 39 4.94 -2.17 -23.30
C ILE C 39 5.24 -2.04 -21.81
N MET C 40 4.91 -0.90 -21.23
CA MET C 40 5.28 -0.64 -19.85
C MET C 40 4.16 -0.94 -18.87
N ASP C 41 2.93 -0.55 -19.19
CA ASP C 41 1.83 -0.77 -18.28
C ASP C 41 0.52 -0.70 -19.05
N VAL C 42 -0.47 -1.43 -18.56
CA VAL C 42 -1.82 -1.42 -19.09
C VAL C 42 -2.73 -1.13 -17.90
N ASP C 43 -3.00 0.14 -17.66
CA ASP C 43 -3.79 0.59 -16.53
C ASP C 43 -5.27 0.48 -16.86
N GLU C 44 -5.93 -0.55 -16.32
CA GLU C 44 -7.33 -0.78 -16.69
C GLU C 44 -8.27 0.07 -15.86
N LYS C 45 -7.78 0.66 -14.76
CA LYS C 45 -8.61 1.55 -13.96
C LYS C 45 -8.63 2.93 -14.56
N ASN C 46 -7.45 3.45 -14.92
CA ASN C 46 -7.32 4.75 -15.54
C ASN C 46 -7.48 4.68 -17.04
N GLN C 47 -7.57 3.47 -17.61
CA GLN C 47 -7.73 3.26 -19.04
C GLN C 47 -6.60 3.93 -19.83
N VAL C 48 -5.36 3.60 -19.48
CA VAL C 48 -4.20 4.22 -20.10
C VAL C 48 -3.15 3.15 -20.40
N LEU C 49 -2.60 3.19 -21.61
CA LEU C 49 -1.50 2.34 -22.01
C LEU C 49 -0.21 3.16 -22.00
N THR C 50 0.82 2.66 -21.32
CA THR C 50 2.15 3.27 -21.29
C THR C 50 3.12 2.42 -22.11
N THR C 51 3.79 3.06 -23.07
CA THR C 51 4.67 2.37 -24.00
C THR C 51 5.96 3.16 -24.21
N ASN C 52 7.04 2.44 -24.46
CA ASN C 52 8.32 3.01 -24.84
C ASN C 52 8.40 2.98 -26.36
N ILE C 53 8.50 4.15 -26.98
CA ILE C 53 8.38 4.26 -28.43
C ILE C 53 9.34 5.32 -28.96
N TRP C 54 10.05 4.99 -30.03
CA TRP C 54 10.86 5.93 -30.79
C TRP C 54 10.12 6.29 -32.06
N LEU C 55 9.59 7.52 -32.14
CA LEU C 55 8.93 7.97 -33.35
C LEU C 55 9.97 8.23 -34.44
N GLN C 56 9.55 8.04 -35.70
CA GLN C 56 10.43 8.24 -36.85
C GLN C 56 9.73 9.11 -37.90
N MET C 57 10.17 10.37 -38.03
CA MET C 57 9.66 11.29 -39.03
C MET C 57 10.73 11.63 -40.05
N SER C 58 10.30 11.82 -41.31
CA SER C 58 11.19 12.20 -42.40
C SER C 58 10.46 13.15 -43.33
N TRP C 59 11.17 14.16 -43.81
CA TRP C 59 10.62 15.10 -44.79
C TRP C 59 11.77 15.72 -45.56
N THR C 60 11.45 16.70 -46.39
CA THR C 60 12.44 17.41 -47.20
C THR C 60 12.31 18.91 -46.95
N ASP C 61 13.39 19.53 -46.53
CA ASP C 61 13.44 20.96 -46.29
C ASP C 61 14.05 21.62 -47.53
N HIS C 62 13.27 22.45 -48.20
CA HIS C 62 13.73 23.07 -49.44
C HIS C 62 14.92 23.99 -49.23
N TYR C 63 15.12 24.49 -48.01
CA TYR C 63 16.13 25.50 -47.75
C TYR C 63 17.45 24.93 -47.27
N LEU C 64 17.46 23.73 -46.72
CA LEU C 64 18.68 23.16 -46.15
C LEU C 64 19.37 22.23 -47.16
N GLN C 65 19.78 22.82 -48.28
CA GLN C 65 20.46 22.10 -49.35
C GLN C 65 21.76 22.81 -49.69
N TRP C 66 22.81 22.05 -49.97
CA TRP C 66 24.14 22.64 -50.29
C TRP C 66 24.91 21.72 -51.24
N ASN C 67 25.85 22.28 -52.01
CA ASN C 67 26.70 21.50 -52.93
C ASN C 67 27.83 20.92 -52.08
N VAL C 68 27.98 19.59 -52.02
CA VAL C 68 28.99 18.94 -51.15
C VAL C 68 30.38 19.16 -51.75
N SER C 69 30.47 19.74 -52.95
CA SER C 69 31.77 20.02 -53.55
C SER C 69 32.33 21.33 -53.02
N GLU C 70 31.45 22.25 -52.60
CA GLU C 70 31.86 23.55 -52.09
C GLU C 70 32.08 23.52 -50.59
N TYR C 71 31.75 22.41 -49.93
CA TYR C 71 31.97 22.26 -48.49
C TYR C 71 32.48 20.83 -48.26
N PRO C 72 33.67 20.52 -48.76
CA PRO C 72 34.15 19.14 -48.68
C PRO C 72 34.23 18.65 -47.23
N GLY C 73 33.80 17.41 -47.03
CA GLY C 73 33.77 16.82 -45.72
C GLY C 73 32.49 17.00 -44.94
N VAL C 74 31.64 17.93 -45.35
CA VAL C 74 30.42 18.26 -44.60
C VAL C 74 29.26 17.60 -45.34
N LYS C 75 28.90 16.39 -44.91
CA LYS C 75 27.82 15.63 -45.54
C LYS C 75 26.49 15.81 -44.84
N THR C 76 26.48 16.10 -43.55
CA THR C 76 25.26 16.24 -42.78
C THR C 76 25.39 17.39 -41.81
N VAL C 77 24.26 17.88 -41.32
CA VAL C 77 24.21 18.90 -40.27
C VAL C 77 23.13 18.49 -39.26
N ARG C 78 23.24 19.04 -38.06
CA ARG C 78 22.30 18.81 -36.98
C ARG C 78 21.76 20.14 -36.48
N PHE C 79 20.45 20.19 -36.22
CA PHE C 79 19.82 21.38 -35.69
C PHE C 79 19.01 21.05 -34.44
N PRO C 80 19.20 21.78 -33.35
CA PRO C 80 18.43 21.50 -32.13
C PRO C 80 17.03 22.10 -32.19
N ASP C 81 16.22 21.74 -31.20
CA ASP C 81 14.82 22.15 -31.17
C ASP C 81 14.69 23.66 -31.28
N GLY C 82 13.77 24.11 -32.13
CA GLY C 82 13.45 25.51 -32.27
C GLY C 82 14.23 26.25 -33.33
N GLN C 83 15.25 25.63 -33.92
CA GLN C 83 16.08 26.33 -34.89
C GLN C 83 15.60 26.14 -36.32
N ILE C 84 14.96 25.01 -36.64
CA ILE C 84 14.40 24.80 -37.96
C ILE C 84 12.98 24.25 -37.84
N TRP C 85 12.25 24.31 -38.94
CA TRP C 85 10.88 23.83 -38.98
C TRP C 85 10.83 22.33 -38.71
N LYS C 86 9.83 21.91 -37.95
CA LYS C 86 9.58 20.50 -37.72
C LYS C 86 8.10 20.20 -37.91
N PRO C 87 7.75 18.99 -38.32
CA PRO C 87 6.33 18.62 -38.38
C PRO C 87 5.72 18.58 -36.98
N ASP C 88 4.51 19.10 -36.86
CA ASP C 88 3.85 19.16 -35.56
C ASP C 88 2.97 17.94 -35.32
N ILE C 89 3.53 16.76 -35.55
CA ILE C 89 2.80 15.51 -35.36
C ILE C 89 2.74 15.21 -33.87
N LEU C 90 1.53 15.06 -33.35
CA LEU C 90 1.32 14.75 -31.95
C LEU C 90 0.43 13.53 -31.82
N LEU C 91 0.56 12.86 -30.69
CA LEU C 91 -0.37 11.80 -30.32
C LEU C 91 -1.70 12.42 -29.94
N TYR C 92 -2.73 12.17 -30.74
CA TYR C 92 -4.03 12.79 -30.47
C TYR C 92 -4.62 12.31 -29.16
N ASN C 93 -4.64 11.00 -28.93
CA ASN C 93 -5.27 10.48 -27.71
C ASN C 93 -4.23 10.30 -26.61
N SER C 94 -3.46 11.35 -26.37
CA SER C 94 -2.47 11.35 -25.31
C SER C 94 -3.15 11.51 -23.96
N ALA C 95 -2.70 10.73 -22.98
CA ALA C 95 -3.22 10.79 -21.61
C ALA C 95 -2.13 11.22 -20.63
N ASP C 96 -1.12 11.93 -21.11
CA ASP C 96 0.00 12.38 -20.31
C ASP C 96 -0.26 13.80 -19.81
N GLU C 97 0.23 14.08 -18.60
CA GLU C 97 0.07 15.43 -18.06
C GLU C 97 0.84 16.44 -18.89
N ARG C 98 1.92 16.02 -19.54
CA ARG C 98 2.68 16.90 -20.41
C ARG C 98 2.09 16.96 -21.80
N PHE C 99 1.20 16.02 -22.12
CA PHE C 99 0.56 15.83 -23.42
C PHE C 99 1.58 15.40 -24.47
N ASP C 100 2.67 16.13 -24.59
CA ASP C 100 3.76 15.79 -25.50
C ASP C 100 4.81 15.03 -24.69
N ALA C 101 4.95 13.74 -24.93
CA ALA C 101 5.89 12.93 -24.18
C ALA C 101 7.25 12.79 -24.86
N THR C 102 7.42 13.30 -26.07
CA THR C 102 8.66 13.10 -26.80
C THR C 102 9.82 13.93 -26.22
N PHE C 103 11.01 13.36 -26.31
CA PHE C 103 12.23 14.08 -26.01
C PHE C 103 12.75 14.63 -27.33
N HIS C 104 12.84 15.95 -27.42
CA HIS C 104 13.19 16.64 -28.66
C HIS C 104 14.68 16.52 -28.99
N THR C 105 15.02 15.53 -29.81
CA THR C 105 16.40 15.33 -30.25
C THR C 105 16.69 16.21 -31.46
N ASN C 106 17.93 16.17 -31.92
CA ASN C 106 18.36 16.99 -33.05
C ASN C 106 17.79 16.46 -34.35
N VAL C 107 17.54 17.37 -35.29
CA VAL C 107 17.13 17.01 -36.64
C VAL C 107 18.38 16.85 -37.51
N LEU C 108 18.57 15.67 -38.06
CA LEU C 108 19.67 15.38 -38.97
C LEU C 108 19.24 15.63 -40.41
N VAL C 109 20.02 16.43 -41.13
CA VAL C 109 19.76 16.77 -42.52
C VAL C 109 20.99 16.43 -43.35
N ASN C 110 20.79 16.02 -44.61
CA ASN C 110 21.93 15.83 -45.49
C ASN C 110 21.89 16.90 -46.59
N SER C 111 22.91 16.86 -47.45
CA SER C 111 23.12 17.93 -48.42
C SER C 111 21.91 18.16 -49.33
N SER C 112 21.08 17.15 -49.54
CA SER C 112 19.94 17.28 -50.44
C SER C 112 18.70 17.81 -49.73
N GLY C 113 18.77 18.00 -48.42
CA GLY C 113 17.68 18.57 -47.66
C GLY C 113 16.75 17.57 -47.02
N HIS C 114 17.10 16.29 -47.01
CA HIS C 114 16.26 15.28 -46.38
CA HIS C 114 16.26 15.28 -46.38
C HIS C 114 16.50 15.27 -44.87
N CYS C 115 15.46 15.57 -44.10
CA CYS C 115 15.52 15.68 -42.66
C CYS C 115 15.00 14.42 -41.98
N GLN C 116 15.74 13.93 -40.99
CA GLN C 116 15.32 12.79 -40.19
C GLN C 116 15.21 13.22 -38.74
N TYR C 117 14.05 12.97 -38.13
CA TYR C 117 13.79 13.31 -36.74
C TYR C 117 13.38 12.05 -36.00
N LEU C 118 14.20 11.65 -35.01
CA LEU C 118 13.99 10.42 -34.25
C LEU C 118 13.70 10.69 -32.77
N PRO C 119 12.58 11.32 -32.41
CA PRO C 119 12.30 11.64 -31.01
C PRO C 119 11.90 10.43 -30.18
N PRO C 120 12.62 10.11 -29.11
CA PRO C 120 12.20 9.02 -28.22
C PRO C 120 11.12 9.51 -27.26
N GLY C 121 10.44 8.57 -26.63
CA GLY C 121 9.46 8.96 -25.63
C GLY C 121 8.84 7.78 -24.90
N ILE C 122 8.31 8.09 -23.73
CA ILE C 122 7.48 7.18 -22.95
C ILE C 122 6.06 7.74 -23.09
N PHE C 123 5.24 7.11 -23.92
CA PHE C 123 3.92 7.62 -24.24
C PHE C 123 2.84 7.00 -23.35
N LYS C 124 1.84 7.82 -23.03
CA LYS C 124 0.67 7.38 -22.29
C LYS C 124 -0.55 7.72 -23.15
N SER C 125 -1.25 6.68 -23.61
CA SER C 125 -2.41 6.86 -24.46
C SER C 125 -3.65 6.27 -23.79
N SER C 126 -4.78 6.92 -24.02
CA SER C 126 -6.05 6.46 -23.46
C SER C 126 -6.56 5.27 -24.27
N CYS C 127 -6.72 4.13 -23.60
CA CYS C 127 -7.18 2.90 -24.23
C CYS C 127 -8.27 2.28 -23.38
N TYR C 128 -9.43 2.00 -23.99
CA TYR C 128 -10.47 1.28 -23.29
C TYR C 128 -10.05 -0.17 -23.09
N ILE C 129 -9.92 -0.59 -21.84
CA ILE C 129 -9.47 -1.93 -21.49
C ILE C 129 -10.69 -2.72 -21.00
N ASP C 130 -11.10 -3.71 -21.81
CA ASP C 130 -12.24 -4.57 -21.50
C ASP C 130 -11.77 -5.79 -20.72
N VAL C 131 -12.12 -5.86 -19.45
CA VAL C 131 -11.70 -6.96 -18.58
C VAL C 131 -12.81 -8.00 -18.39
N ARG C 132 -13.72 -8.11 -19.35
CA ARG C 132 -14.78 -9.11 -19.25
C ARG C 132 -14.22 -10.51 -19.13
N TRP C 133 -13.17 -10.83 -19.87
CA TRP C 133 -12.61 -12.17 -19.92
C TRP C 133 -11.32 -12.31 -19.12
N PHE C 134 -11.05 -11.37 -18.23
CA PHE C 134 -9.86 -11.44 -17.41
C PHE C 134 -9.74 -12.80 -16.72
N PRO C 135 -8.60 -13.50 -16.84
CA PRO C 135 -7.30 -13.07 -17.36
C PRO C 135 -7.03 -13.58 -18.77
N PHE C 136 -8.05 -13.97 -19.52
CA PHE C 136 -7.85 -14.48 -20.87
C PHE C 136 -8.31 -13.43 -21.87
N ASP C 137 -7.93 -12.18 -21.64
CA ASP C 137 -8.44 -11.06 -22.41
C ASP C 137 -7.39 -10.56 -23.39
N VAL C 138 -7.85 -10.20 -24.54
CA VAL C 138 -7.02 -9.60 -25.56
C VAL C 138 -7.42 -8.14 -25.70
N GLN C 139 -6.44 -7.24 -25.71
CA GLN C 139 -6.68 -5.81 -25.73
C GLN C 139 -6.19 -5.22 -27.06
N HIS C 140 -6.94 -4.25 -27.57
CA HIS C 140 -6.60 -3.52 -28.78
C HIS C 140 -6.53 -2.04 -28.42
N CYS C 141 -5.32 -1.49 -28.41
CA CYS C 141 -5.09 -0.10 -28.02
C CYS C 141 -4.59 0.69 -29.22
N LYS C 142 -5.27 1.78 -29.52
CA LYS C 142 -4.95 2.60 -30.68
C LYS C 142 -3.99 3.71 -30.29
N LEU C 143 -3.09 4.03 -31.21
CA LEU C 143 -2.17 5.17 -31.10
C LEU C 143 -2.39 6.02 -32.34
N LYS C 144 -3.12 7.12 -32.18
CA LYS C 144 -3.51 7.97 -33.29
C LYS C 144 -2.61 9.20 -33.34
N PHE C 145 -1.87 9.34 -34.43
CA PHE C 145 -0.92 10.42 -34.63
C PHE C 145 -1.38 11.31 -35.77
N GLY C 146 -1.20 12.62 -35.61
CA GLY C 146 -1.52 13.51 -36.70
C GLY C 146 -1.01 14.92 -36.46
N SER C 147 -1.01 15.70 -37.52
CA SER C 147 -0.63 17.10 -37.43
C SER C 147 -1.68 17.86 -36.65
N TRP C 148 -1.24 18.69 -35.70
CA TRP C 148 -2.19 19.42 -34.86
C TRP C 148 -2.96 20.47 -35.64
N SER C 149 -2.35 21.09 -36.64
CA SER C 149 -2.94 22.26 -37.29
C SER C 149 -2.93 22.23 -38.81
N TYR C 150 -2.12 21.39 -39.45
CA TYR C 150 -2.01 21.39 -40.91
C TYR C 150 -3.01 20.43 -41.51
N GLY C 151 -3.65 20.86 -42.59
CA GLY C 151 -4.51 19.98 -43.36
C GLY C 151 -3.72 19.19 -44.39
N GLY C 152 -4.41 18.24 -45.02
CA GLY C 152 -3.76 17.31 -45.93
C GLY C 152 -3.20 17.94 -47.18
N TRP C 153 -3.67 19.13 -47.54
CA TRP C 153 -3.12 19.84 -48.70
C TRP C 153 -1.87 20.62 -48.37
N SER C 154 -1.54 20.76 -47.09
CA SER C 154 -0.31 21.41 -46.64
C SER C 154 0.71 20.43 -46.08
N LEU C 155 0.24 19.41 -45.36
CA LEU C 155 1.12 18.39 -44.77
C LEU C 155 0.55 17.03 -45.17
N ASP C 156 1.19 16.39 -46.13
CA ASP C 156 0.74 15.11 -46.67
C ASP C 156 1.35 13.98 -45.85
N LEU C 157 0.66 13.59 -44.79
CA LEU C 157 1.18 12.55 -43.91
C LEU C 157 1.10 11.19 -44.59
N GLN C 158 2.23 10.47 -44.59
CA GLN C 158 2.31 9.14 -45.15
C GLN C 158 2.84 8.19 -44.08
N MET C 159 2.41 6.93 -44.15
CA MET C 159 2.73 5.95 -43.14
C MET C 159 3.75 4.95 -43.65
N GLN C 160 4.53 4.41 -42.72
CA GLN C 160 5.42 3.29 -42.97
C GLN C 160 5.22 2.26 -41.86
N GLU C 161 5.50 1.01 -42.18
CA GLU C 161 5.27 -0.09 -41.24
C GLU C 161 6.09 0.08 -39.97
N ALA C 162 5.43 -0.13 -38.83
CA ALA C 162 6.09 -0.01 -37.54
C ALA C 162 7.22 -1.02 -37.39
N ASP C 163 8.30 -0.59 -36.74
CA ASP C 163 9.45 -1.43 -36.47
C ASP C 163 9.33 -2.08 -35.09
N ILE C 164 9.40 -3.41 -35.04
CA ILE C 164 9.37 -4.15 -33.79
C ILE C 164 10.62 -5.01 -33.63
N SER C 165 11.69 -4.71 -34.37
CA SER C 165 12.93 -5.47 -34.23
C SER C 165 13.54 -5.31 -32.85
N GLY C 166 13.42 -4.14 -32.24
CA GLY C 166 13.96 -3.87 -30.93
C GLY C 166 13.02 -4.11 -29.78
N TYR C 167 11.88 -4.76 -30.01
CA TYR C 167 10.90 -4.97 -28.96
C TYR C 167 11.43 -5.91 -27.89
N ILE C 168 11.27 -5.52 -26.63
CA ILE C 168 11.67 -6.32 -25.48
C ILE C 168 10.42 -7.01 -24.96
N PRO C 169 10.33 -8.34 -25.01
CA PRO C 169 9.10 -9.01 -24.58
C PRO C 169 8.72 -8.69 -23.15
N ASN C 170 7.44 -8.43 -22.94
CA ASN C 170 6.90 -8.12 -21.63
C ASN C 170 6.60 -9.40 -20.87
N GLY C 171 6.70 -9.33 -19.54
CA GLY C 171 6.44 -10.49 -18.72
C GLY C 171 4.96 -10.74 -18.47
N GLU C 172 4.12 -9.73 -18.71
CA GLU C 172 2.69 -9.82 -18.45
C GLU C 172 1.83 -9.79 -19.71
N TRP C 173 2.36 -9.29 -20.82
CA TRP C 173 1.57 -9.09 -22.03
C TRP C 173 2.32 -9.65 -23.24
N ASP C 174 1.61 -10.40 -24.07
CA ASP C 174 2.16 -10.95 -25.31
C ASP C 174 1.72 -10.05 -26.47
N LEU C 175 2.70 -9.53 -27.21
CA LEU C 175 2.44 -8.63 -28.34
C LEU C 175 1.96 -9.45 -29.54
N VAL C 176 0.66 -9.36 -29.85
CA VAL C 176 0.15 -9.99 -31.06
C VAL C 176 0.60 -9.24 -32.31
N GLY C 177 0.54 -7.92 -32.32
CA GLY C 177 1.04 -7.13 -33.42
C GLY C 177 0.85 -5.66 -33.29
N ILE C 178 1.44 -4.88 -34.17
CA ILE C 178 1.26 -3.42 -34.19
C ILE C 178 0.93 -2.92 -35.61
N PRO C 179 -0.17 -3.39 -36.19
CA PRO C 179 -0.61 -2.93 -37.52
C PRO C 179 -0.97 -1.43 -37.61
N GLY C 180 -0.63 -0.75 -38.68
CA GLY C 180 -0.96 0.63 -38.90
C GLY C 180 -1.85 0.97 -40.08
N LYS C 181 -2.53 2.11 -40.05
CA LYS C 181 -3.48 2.45 -41.10
C LYS C 181 -3.59 3.96 -41.23
N ARG C 182 -3.56 4.44 -42.46
CA ARG C 182 -3.73 5.85 -42.76
C ARG C 182 -5.18 6.12 -43.12
N SER C 183 -5.77 7.14 -42.52
CA SER C 183 -7.16 7.51 -42.77
C SER C 183 -7.26 9.01 -43.03
N GLU C 184 -8.35 9.40 -43.69
CA GLU C 184 -8.65 10.80 -43.95
C GLU C 184 -10.03 11.14 -43.44
N ARG C 185 -10.13 12.23 -42.69
CA ARG C 185 -11.39 12.77 -42.22
C ARG C 185 -11.71 14.05 -42.97
N PHE C 186 -12.99 14.24 -43.32
CA PHE C 186 -13.45 15.39 -44.07
C PHE C 186 -14.44 16.21 -43.26
N TYR C 187 -14.32 17.52 -43.33
CA TYR C 187 -15.31 18.44 -42.78
C TYR C 187 -16.31 18.82 -43.85
N GLU C 188 -17.59 18.86 -43.49
CA GLU C 188 -18.62 19.16 -44.48
C GLU C 188 -18.44 20.54 -45.10
N CYS C 189 -17.68 21.42 -44.45
CA CYS C 189 -17.39 22.73 -45.04
C CYS C 189 -16.62 22.59 -46.35
N CYS C 190 -15.63 21.70 -46.38
CA CYS C 190 -14.50 21.84 -47.27
C CYS C 190 -14.14 20.48 -47.85
N LYS C 191 -13.30 20.50 -48.88
CA LYS C 191 -12.90 19.29 -49.58
C LYS C 191 -11.44 18.92 -49.34
N GLU C 192 -10.84 19.47 -48.28
CA GLU C 192 -9.47 19.12 -47.91
C GLU C 192 -9.45 17.93 -46.97
N PRO C 193 -8.78 16.83 -47.31
CA PRO C 193 -8.65 15.74 -46.34
C PRO C 193 -7.82 16.15 -45.14
N TYR C 194 -8.11 15.53 -44.00
CA TYR C 194 -7.29 15.69 -42.81
C TYR C 194 -6.77 14.32 -42.43
N PRO C 195 -5.51 14.01 -42.74
CA PRO C 195 -5.02 12.64 -42.53
C PRO C 195 -4.47 12.39 -41.13
N ASP C 196 -4.52 11.12 -40.76
CA ASP C 196 -3.96 10.67 -39.50
C ASP C 196 -3.43 9.26 -39.71
N VAL C 197 -2.51 8.85 -38.83
CA VAL C 197 -1.93 7.52 -38.87
C VAL C 197 -2.22 6.88 -37.52
N THR C 198 -2.92 5.76 -37.53
CA THR C 198 -3.29 5.03 -36.32
C THR C 198 -2.59 3.69 -36.29
N PHE C 199 -1.89 3.41 -35.19
CA PHE C 199 -1.25 2.13 -34.95
C PHE C 199 -2.05 1.41 -33.87
N THR C 200 -2.53 0.21 -34.17
CA THR C 200 -3.36 -0.56 -33.25
C THR C 200 -2.49 -1.65 -32.63
N VAL C 201 -2.18 -1.49 -31.36
CA VAL C 201 -1.40 -2.48 -30.60
C VAL C 201 -2.36 -3.55 -30.08
N THR C 202 -2.21 -4.77 -30.57
CA THR C 202 -2.96 -5.91 -30.07
C THR C 202 -2.05 -6.75 -29.17
N MET C 203 -2.48 -6.97 -27.93
CA MET C 203 -1.66 -7.64 -26.94
C MET C 203 -2.50 -8.62 -26.16
N ARG C 204 -1.96 -9.80 -25.91
CA ARG C 204 -2.65 -10.88 -25.20
C ARG C 204 -2.06 -11.02 -23.81
N ARG C 205 -2.94 -11.16 -22.83
CA ARG C 205 -2.49 -11.33 -21.45
C ARG C 205 -1.93 -12.72 -21.25
N ARG C 206 -0.69 -12.79 -20.76
CA ARG C 206 -0.13 -14.07 -20.33
C ARG C 206 -0.82 -14.51 -19.04
N THR C 207 -1.13 -15.81 -18.96
CA THR C 207 -1.99 -16.33 -17.92
C THR C 207 -1.30 -17.31 -16.97
N LEU C 208 -0.01 -17.56 -17.13
CA LEU C 208 0.68 -18.49 -16.22
C LEU C 208 0.64 -17.98 -14.79
N TYR C 209 1.00 -16.72 -14.57
CA TYR C 209 0.97 -16.17 -13.23
C TYR C 209 -0.41 -16.32 -12.60
N TYR C 210 -1.46 -16.04 -13.36
CA TYR C 210 -2.80 -16.11 -12.81
C TYR C 210 -3.22 -17.56 -12.58
N GLY C 211 -2.68 -18.48 -13.37
CA GLY C 211 -2.97 -19.89 -13.17
C GLY C 211 -2.51 -20.41 -11.82
N LEU C 212 -1.41 -19.88 -11.29
CA LEU C 212 -0.84 -20.38 -10.05
C LEU C 212 -1.21 -19.56 -8.83
N ASN C 213 -1.82 -18.39 -9.01
CA ASN C 213 -2.12 -17.50 -7.90
C ASN C 213 -3.60 -17.32 -7.67
N LEU C 214 -4.46 -17.74 -8.61
CA LEU C 214 -5.88 -17.53 -8.49
C LEU C 214 -6.66 -18.78 -8.84
N LEU C 215 -6.34 -19.38 -9.99
CA LEU C 215 -7.11 -20.52 -10.45
C LEU C 215 -6.84 -21.74 -9.58
N ILE C 216 -5.58 -22.07 -9.34
CA ILE C 216 -5.22 -23.27 -8.59
C ILE C 216 -5.62 -23.10 -7.13
N PRO C 217 -5.17 -22.05 -6.42
CA PRO C 217 -5.55 -21.92 -5.01
C PRO C 217 -7.04 -22.04 -4.77
N CYS C 218 -7.84 -21.61 -5.73
CA CYS C 218 -9.28 -21.65 -5.57
C CYS C 218 -9.81 -23.06 -5.76
N VAL C 219 -9.22 -23.82 -6.68
CA VAL C 219 -9.58 -25.23 -6.84
C VAL C 219 -9.21 -26.01 -5.59
N LEU C 220 -7.99 -25.84 -5.10
CA LEU C 220 -7.52 -26.68 -3.99
C LEU C 220 -8.22 -26.34 -2.68
N ILE C 221 -8.55 -25.07 -2.45
CA ILE C 221 -9.29 -24.72 -1.24
C ILE C 221 -10.72 -25.21 -1.34
N SER C 222 -11.30 -25.13 -2.55
CA SER C 222 -12.62 -25.69 -2.78
C SER C 222 -12.65 -27.18 -2.48
N ALA C 223 -11.59 -27.89 -2.85
CA ALA C 223 -11.49 -29.31 -2.54
C ALA C 223 -11.49 -29.55 -1.03
N LEU C 224 -10.74 -28.75 -0.28
CA LEU C 224 -10.68 -28.94 1.17
C LEU C 224 -12.03 -28.67 1.82
N ALA C 225 -12.86 -27.83 1.21
CA ALA C 225 -14.20 -27.61 1.72
C ALA C 225 -15.06 -28.85 1.53
N LEU C 226 -14.80 -29.63 0.49
CA LEU C 226 -15.54 -30.86 0.26
C LEU C 226 -15.17 -31.94 1.27
N LEU C 227 -14.03 -31.78 1.92
CA LEU C 227 -13.53 -32.77 2.86
C LEU C 227 -14.38 -32.84 4.12
N VAL C 228 -15.22 -31.84 4.38
CA VAL C 228 -16.09 -31.87 5.55
C VAL C 228 -17.07 -33.04 5.46
N PHE C 229 -17.51 -33.38 4.25
CA PHE C 229 -18.46 -34.46 4.06
C PHE C 229 -17.86 -35.83 4.31
N LEU C 230 -16.54 -35.93 4.42
CA LEU C 230 -15.87 -37.19 4.75
C LEU C 230 -15.50 -37.29 6.22
N LEU C 231 -15.62 -36.20 6.97
CA LEU C 231 -15.21 -36.19 8.37
C LEU C 231 -16.33 -36.74 9.23
N PRO C 232 -16.08 -37.77 10.05
CA PRO C 232 -17.15 -38.30 10.89
C PRO C 232 -17.65 -37.28 11.89
N ALA C 233 -18.96 -37.31 12.17
CA ALA C 233 -19.57 -36.35 13.07
C ALA C 233 -19.04 -36.48 14.49
N ASP C 234 -18.65 -37.69 14.90
CA ASP C 234 -18.18 -37.88 16.27
C ASP C 234 -16.92 -37.09 16.57
N SER C 235 -16.15 -36.72 15.56
CA SER C 235 -14.95 -35.93 15.79
C SER C 235 -15.29 -34.62 16.51
N GLY C 236 -16.44 -34.05 16.23
CA GLY C 236 -16.77 -32.72 16.73
C GLY C 236 -15.94 -31.64 16.10
N GLU C 237 -15.60 -31.79 14.81
CA GLU C 237 -14.75 -30.83 14.14
C GLU C 237 -15.24 -30.48 12.74
N LYS C 238 -16.44 -30.91 12.35
CA LYS C 238 -16.94 -30.60 11.01
C LYS C 238 -17.11 -29.10 10.84
N ILE C 239 -17.75 -28.43 11.80
CA ILE C 239 -17.94 -26.99 11.68
C ILE C 239 -16.60 -26.28 11.72
N SER C 240 -15.71 -26.70 12.61
CA SER C 240 -14.38 -26.10 12.68
C SER C 240 -13.69 -26.16 11.33
N LEU C 241 -13.67 -27.33 10.70
CA LEU C 241 -13.04 -27.48 9.39
C LEU C 241 -13.69 -26.57 8.36
N GLY C 242 -15.01 -26.66 8.22
CA GLY C 242 -15.70 -25.91 7.19
C GLY C 242 -15.61 -24.41 7.36
N ILE C 243 -15.82 -23.93 8.59
CA ILE C 243 -15.81 -22.49 8.84
C ILE C 243 -14.41 -21.92 8.69
N THR C 244 -13.38 -22.68 9.07
CA THR C 244 -12.01 -22.20 8.90
C THR C 244 -11.60 -22.19 7.44
N VAL C 245 -12.16 -23.08 6.62
CA VAL C 245 -11.89 -23.03 5.19
C VAL C 245 -12.46 -21.75 4.59
N LEU C 246 -13.66 -21.36 5.00
CA LEU C 246 -14.26 -20.11 4.52
C LEU C 246 -13.39 -18.92 4.92
N LEU C 247 -12.90 -18.92 6.15
CA LEU C 247 -12.01 -17.85 6.59
C LEU C 247 -10.77 -17.77 5.70
N SER C 248 -10.12 -18.92 5.46
CA SER C 248 -8.98 -18.96 4.57
C SER C 248 -9.29 -18.37 3.20
N LEU C 249 -10.53 -18.52 2.72
CA LEU C 249 -10.90 -17.92 1.43
C LEU C 249 -11.02 -16.41 1.55
N THR C 250 -11.54 -15.92 2.68
CA THR C 250 -11.57 -14.48 2.90
C THR C 250 -10.15 -13.92 2.91
N VAL C 251 -9.26 -14.53 3.68
CA VAL C 251 -7.86 -14.09 3.69
C VAL C 251 -7.29 -14.20 2.29
N PHE C 252 -7.69 -15.22 1.54
CA PHE C 252 -7.25 -15.36 0.16
C PHE C 252 -7.73 -14.19 -0.68
N MET C 253 -8.99 -13.83 -0.57
CA MET C 253 -9.55 -12.69 -1.29
C MET C 253 -8.63 -11.48 -1.20
N LEU C 254 -7.95 -11.30 -0.07
CA LEU C 254 -7.06 -10.15 0.10
C LEU C 254 -5.99 -10.17 -0.98
N LEU C 255 -5.33 -11.32 -1.16
CA LEU C 255 -4.31 -11.43 -2.19
C LEU C 255 -4.92 -11.23 -3.57
N VAL C 256 -6.11 -11.77 -3.77
CA VAL C 256 -6.76 -11.68 -5.06
C VAL C 256 -7.16 -10.25 -5.37
N ALA C 257 -7.45 -9.45 -4.35
CA ALA C 257 -7.93 -8.10 -4.59
C ALA C 257 -6.86 -7.22 -5.22
N GLU C 258 -5.60 -7.42 -4.89
CA GLU C 258 -4.52 -6.61 -5.45
C GLU C 258 -4.38 -6.77 -6.96
N ILE C 259 -4.80 -7.90 -7.52
CA ILE C 259 -4.62 -8.18 -8.95
C ILE C 259 -5.92 -8.22 -9.74
N MET C 260 -7.07 -8.22 -9.09
CA MET C 260 -8.35 -8.22 -9.80
C MET C 260 -8.71 -6.81 -10.27
N PRO C 261 -9.38 -6.64 -11.40
CA PRO C 261 -9.75 -5.32 -11.91
C PRO C 261 -10.96 -4.79 -11.16
N ALA C 262 -11.03 -3.47 -11.04
CA ALA C 262 -12.13 -2.80 -10.36
C ALA C 262 -12.93 -1.98 -11.37
N THR C 263 -13.97 -2.61 -11.95
CA THR C 263 -14.79 -1.96 -12.95
C THR C 263 -16.25 -2.30 -12.67
N SER C 264 -17.14 -1.51 -13.28
CA SER C 264 -18.58 -1.79 -13.20
C SER C 264 -19.21 -2.00 -14.57
N ASP C 265 -18.40 -2.20 -15.61
CA ASP C 265 -18.95 -2.43 -16.94
C ASP C 265 -19.32 -3.89 -17.16
N SER C 266 -18.81 -4.79 -16.33
CA SER C 266 -19.08 -6.21 -16.47
C SER C 266 -18.45 -6.92 -15.28
N VAL C 267 -18.91 -8.14 -15.04
CA VAL C 267 -18.34 -9.01 -14.03
C VAL C 267 -17.25 -9.83 -14.73
N PRO C 268 -15.97 -9.61 -14.42
CA PRO C 268 -14.93 -10.43 -15.06
C PRO C 268 -15.14 -11.93 -14.88
N LEU C 269 -14.45 -12.70 -15.72
CA LEU C 269 -14.57 -14.15 -15.66
C LEU C 269 -14.08 -14.70 -14.34
N ILE C 270 -12.96 -14.23 -13.85
CA ILE C 270 -12.38 -14.68 -12.62
C ILE C 270 -13.16 -14.24 -11.41
N ALA C 271 -14.00 -13.24 -11.57
CA ALA C 271 -14.85 -12.81 -10.46
C ALA C 271 -16.03 -13.76 -10.36
N GLN C 272 -16.45 -14.31 -11.48
CA GLN C 272 -17.52 -15.29 -11.49
C GLN C 272 -17.01 -16.61 -10.92
N TYR C 273 -15.76 -16.94 -11.22
CA TYR C 273 -15.16 -18.15 -10.67
C TYR C 273 -14.94 -18.06 -9.18
N PHE C 274 -14.40 -16.93 -8.70
CA PHE C 274 -14.16 -16.80 -7.27
C PHE C 274 -15.46 -16.74 -6.50
N ALA C 275 -16.44 -16.00 -6.99
CA ALA C 275 -17.73 -15.98 -6.32
C ALA C 275 -18.34 -17.37 -6.30
N SER C 276 -18.34 -18.07 -7.42
CA SER C 276 -18.88 -19.43 -7.49
C SER C 276 -18.25 -20.33 -6.43
N THR C 277 -16.93 -20.32 -6.40
CA THR C 277 -16.28 -21.19 -5.44
C THR C 277 -16.71 -20.87 -4.01
N MET C 278 -16.89 -19.62 -3.66
CA MET C 278 -17.24 -19.26 -2.29
C MET C 278 -18.68 -19.51 -1.96
N ILE C 279 -19.57 -19.53 -2.93
CA ILE C 279 -20.94 -19.91 -2.60
C ILE C 279 -20.99 -21.39 -2.29
N ILE C 280 -20.19 -22.20 -2.98
CA ILE C 280 -20.19 -23.64 -2.72
C ILE C 280 -19.55 -23.97 -1.37
N VAL C 281 -18.54 -23.22 -0.95
CA VAL C 281 -17.99 -23.41 0.39
C VAL C 281 -19.00 -22.95 1.43
N GLY C 282 -19.68 -21.84 1.19
CA GLY C 282 -20.71 -21.39 2.12
C GLY C 282 -21.84 -22.39 2.24
N LEU C 283 -22.27 -22.97 1.11
CA LEU C 283 -23.37 -23.92 1.15
C LEU C 283 -22.96 -25.24 1.79
N SER C 284 -21.67 -25.57 1.75
CA SER C 284 -21.21 -26.78 2.43
C SER C 284 -21.32 -26.62 3.94
N VAL C 285 -21.03 -25.42 4.45
CA VAL C 285 -21.24 -25.16 5.87
C VAL C 285 -22.71 -25.27 6.22
N VAL C 286 -23.58 -24.81 5.31
CA VAL C 286 -25.02 -24.90 5.56
C VAL C 286 -25.47 -26.34 5.60
N VAL C 287 -25.01 -27.14 4.65
CA VAL C 287 -25.35 -28.57 4.61
C VAL C 287 -24.79 -29.30 5.82
N THR C 288 -23.61 -28.89 6.30
CA THR C 288 -23.04 -29.50 7.49
C THR C 288 -23.91 -29.25 8.72
N VAL C 289 -24.49 -28.06 8.83
CA VAL C 289 -25.38 -27.78 9.95
C VAL C 289 -26.59 -28.71 9.91
N ILE C 290 -27.16 -28.93 8.73
CA ILE C 290 -28.28 -29.86 8.60
C ILE C 290 -27.86 -31.27 8.99
N VAL C 291 -26.68 -31.70 8.55
CA VAL C 291 -26.17 -33.03 8.87
C VAL C 291 -26.04 -33.20 10.38
N LEU C 292 -25.50 -32.19 11.06
CA LEU C 292 -25.36 -32.27 12.51
C LEU C 292 -26.71 -32.31 13.20
N GLN C 293 -27.70 -31.60 12.66
CA GLN C 293 -29.06 -31.69 13.17
C GLN C 293 -29.56 -33.12 13.18
N TYR C 294 -29.30 -33.87 12.10
CA TYR C 294 -29.69 -35.28 12.06
C TYR C 294 -28.89 -36.11 13.05
N HIS C 295 -27.58 -35.86 13.15
CA HIS C 295 -26.73 -36.75 13.93
C HIS C 295 -27.02 -36.60 15.42
N HIS C 296 -27.33 -35.38 15.87
CA HIS C 296 -27.59 -35.13 17.28
C HIS C 296 -29.08 -35.10 17.59
N HIS C 297 -29.91 -35.67 16.71
CA HIS C 297 -31.34 -35.66 16.93
C HIS C 297 -31.69 -36.33 18.25
N ASP C 298 -32.50 -35.65 19.05
CA ASP C 298 -32.89 -36.18 20.35
C ASP C 298 -33.74 -37.43 20.16
N PRO C 299 -33.43 -38.55 20.84
CA PRO C 299 -34.18 -39.79 20.58
C PRO C 299 -35.63 -39.71 21.01
N ASP C 300 -35.98 -38.79 21.90
CA ASP C 300 -37.34 -38.65 22.40
C ASP C 300 -38.08 -37.51 21.70
N GLY C 301 -37.63 -37.12 20.52
CA GLY C 301 -38.25 -36.05 19.76
C GLY C 301 -39.24 -36.57 18.76
N GLY C 302 -39.18 -36.06 17.53
CA GLY C 302 -40.12 -36.46 16.50
C GLY C 302 -39.64 -37.68 15.74
N LYS C 303 -40.53 -38.66 15.61
CA LYS C 303 -40.21 -39.88 14.89
C LYS C 303 -39.84 -39.59 13.44
N MET C 304 -38.78 -40.25 12.97
CA MET C 304 -38.30 -40.07 11.60
C MET C 304 -39.51 -40.06 10.66
N PRO C 305 -39.74 -38.93 10.00
CA PRO C 305 -40.83 -38.94 9.03
C PRO C 305 -40.79 -40.16 8.13
N LYS C 306 -41.94 -40.58 7.62
CA LYS C 306 -41.99 -41.74 6.73
C LYS C 306 -41.24 -41.45 5.46
N TRP C 307 -41.29 -40.21 5.02
CA TRP C 307 -40.61 -39.85 3.80
C TRP C 307 -39.12 -39.80 4.02
N THR C 308 -38.68 -39.43 5.22
CA THR C 308 -37.28 -39.36 5.50
C THR C 308 -36.74 -40.75 5.49
N ARG C 309 -37.48 -41.69 6.04
CA ARG C 309 -36.97 -43.04 6.13
C ARG C 309 -36.96 -43.73 4.78
N VAL C 310 -37.72 -43.22 3.82
CA VAL C 310 -37.74 -43.84 2.49
C VAL C 310 -36.75 -43.16 1.56
N ILE C 311 -36.84 -41.83 1.43
CA ILE C 311 -35.98 -41.11 0.50
C ILE C 311 -34.52 -41.30 0.87
N LEU C 312 -34.22 -41.55 2.16
CA LEU C 312 -32.84 -41.65 2.62
C LEU C 312 -32.43 -43.07 3.00
N LEU C 313 -33.12 -43.68 3.97
CA LEU C 313 -32.67 -44.98 4.46
C LEU C 313 -32.87 -46.11 3.45
N ASN C 314 -33.68 -45.93 2.40
CA ASN C 314 -33.91 -46.97 1.42
C ASN C 314 -33.37 -46.61 0.04
N TRP C 315 -33.85 -45.53 -0.58
CA TRP C 315 -33.45 -45.26 -1.96
C TRP C 315 -32.00 -44.77 -2.01
N CYS C 316 -31.74 -43.59 -1.46
CA CYS C 316 -30.38 -43.06 -1.49
C CYS C 316 -29.41 -43.99 -0.79
N ALA C 317 -29.84 -44.68 0.26
CA ALA C 317 -28.95 -45.59 0.96
C ALA C 317 -28.67 -46.86 0.17
N TRP C 318 -29.48 -47.14 -0.86
CA TRP C 318 -29.21 -48.25 -1.76
C TRP C 318 -28.39 -47.82 -2.95
N PHE C 319 -28.75 -46.68 -3.56
CA PHE C 319 -28.00 -46.17 -4.70
C PHE C 319 -26.53 -46.03 -4.36
N LEU C 320 -26.23 -45.48 -3.18
CA LEU C 320 -24.86 -45.25 -2.76
C LEU C 320 -24.21 -46.49 -2.17
N ARG C 321 -24.86 -47.65 -2.24
CA ARG C 321 -24.32 -48.88 -1.69
C ARG C 321 -23.72 -48.63 -0.32
N MET C 322 -24.58 -48.40 0.69
CA MET C 322 -24.10 -48.08 2.04
C MET C 322 -24.51 -49.12 3.05
N LYS C 323 -25.80 -49.33 3.28
CA LYS C 323 -26.28 -50.29 4.27
C LYS C 323 -26.20 -49.71 5.69
N PRO C 479 -40.82 -63.00 50.70
CA PRO C 479 -40.97 -61.56 50.94
C PRO C 479 -39.75 -60.77 50.46
N ASP C 480 -38.64 -60.90 51.17
CA ASP C 480 -37.41 -60.22 50.74
C ASP C 480 -37.03 -60.64 49.33
N LEU C 481 -37.13 -61.93 49.02
CA LEU C 481 -36.75 -62.40 47.69
C LEU C 481 -37.56 -61.71 46.63
N ALA C 482 -38.88 -61.58 46.84
CA ALA C 482 -39.72 -60.91 45.85
C ALA C 482 -39.36 -59.44 45.75
N LYS C 483 -39.02 -58.81 46.87
CA LYS C 483 -38.59 -57.42 46.84
C LYS C 483 -37.32 -57.26 46.02
N ILE C 484 -36.42 -58.25 46.09
CA ILE C 484 -35.18 -58.15 45.34
C ILE C 484 -35.47 -58.33 43.86
N LEU C 485 -36.47 -59.15 43.53
CA LEU C 485 -36.87 -59.31 42.14
C LEU C 485 -37.32 -57.98 41.55
N GLU C 486 -38.15 -57.24 42.28
CA GLU C 486 -38.64 -55.95 41.80
C GLU C 486 -37.48 -54.99 41.58
N GLU C 487 -36.56 -54.90 42.55
CA GLU C 487 -35.43 -53.99 42.42
C GLU C 487 -34.58 -54.35 41.21
N VAL C 488 -34.42 -55.65 40.95
CA VAL C 488 -33.55 -56.09 39.87
C VAL C 488 -34.28 -56.01 38.54
N ARG C 489 -35.60 -56.22 38.55
CA ARG C 489 -36.38 -56.08 37.33
C ARG C 489 -36.42 -54.64 36.85
N TYR C 490 -36.37 -53.67 37.77
CA TYR C 490 -36.29 -52.27 37.38
C TYR C 490 -34.94 -51.95 36.73
N ILE C 491 -33.86 -52.45 37.31
CA ILE C 491 -32.54 -52.20 36.74
C ILE C 491 -32.47 -52.76 35.32
N ALA C 492 -32.94 -53.99 35.13
CA ALA C 492 -32.87 -54.60 33.80
C ALA C 492 -33.75 -53.85 32.81
N ASN C 493 -34.96 -53.45 33.22
CA ASN C 493 -35.84 -52.73 32.31
C ASN C 493 -35.31 -51.34 31.97
N ARG C 494 -34.65 -50.69 32.92
CA ARG C 494 -34.00 -49.43 32.63
C ARG C 494 -32.96 -49.60 31.52
N PHE C 495 -32.14 -50.65 31.61
CA PHE C 495 -31.15 -50.90 30.57
C PHE C 495 -31.80 -51.17 29.23
N ARG C 496 -32.92 -51.91 29.22
CA ARG C 496 -33.60 -52.20 27.97
C ARG C 496 -34.14 -50.93 27.32
N CYS C 497 -34.69 -50.02 28.12
CA CYS C 497 -35.13 -48.74 27.59
C CYS C 497 -33.96 -47.96 26.99
N GLN C 498 -32.80 -47.98 27.66
CA GLN C 498 -31.62 -47.34 27.09
C GLN C 498 -31.27 -47.92 25.73
N ASP C 499 -31.36 -49.25 25.59
CA ASP C 499 -31.00 -49.87 24.32
C ASP C 499 -31.96 -49.44 23.21
N GLU C 500 -33.26 -49.39 23.51
CA GLU C 500 -34.20 -48.94 22.49
C GLU C 500 -33.92 -47.50 22.07
N SER C 501 -33.67 -46.63 23.05
CA SER C 501 -33.35 -45.24 22.72
C SER C 501 -32.09 -45.16 21.88
N GLU C 502 -31.07 -45.96 22.20
CA GLU C 502 -29.83 -45.94 21.44
C GLU C 502 -30.04 -46.46 20.02
N ALA C 503 -30.94 -47.44 19.84
CA ALA C 503 -31.24 -47.93 18.50
C ALA C 503 -31.89 -46.85 17.65
N VAL C 504 -32.81 -46.08 18.23
CA VAL C 504 -33.44 -44.99 17.50
C VAL C 504 -32.38 -43.97 17.08
N CYS C 505 -31.48 -43.62 18.01
CA CYS C 505 -30.42 -42.67 17.69
C CYS C 505 -29.53 -43.18 16.57
N SER C 506 -29.29 -44.49 16.53
CA SER C 506 -28.43 -45.04 15.48
C SER C 506 -29.06 -44.85 14.10
N GLU C 507 -30.38 -44.97 14.00
CA GLU C 507 -31.03 -44.70 12.72
C GLU C 507 -30.84 -43.25 12.30
N TRP C 508 -30.99 -42.31 13.24
CA TRP C 508 -30.81 -40.90 12.92
C TRP C 508 -29.36 -40.63 12.54
N LYS C 509 -28.41 -41.33 13.17
CA LYS C 509 -27.00 -41.12 12.86
C LYS C 509 -26.66 -41.68 11.49
N PHE C 510 -27.27 -42.82 11.14
CA PHE C 510 -27.04 -43.40 9.81
C PHE C 510 -27.63 -42.52 8.72
N ALA C 511 -28.79 -41.91 9.00
CA ALA C 511 -29.36 -40.96 8.05
C ALA C 511 -28.42 -39.79 7.82
N ALA C 512 -27.79 -39.30 8.89
CA ALA C 512 -26.80 -38.24 8.75
C ALA C 512 -25.66 -38.67 7.84
N CYS C 513 -25.17 -39.90 8.01
CA CYS C 513 -24.12 -40.42 7.14
C CYS C 513 -24.56 -40.41 5.68
N VAL C 514 -25.79 -40.81 5.41
CA VAL C 514 -26.27 -40.88 4.03
C VAL C 514 -26.33 -39.49 3.41
N VAL C 515 -26.70 -38.49 4.19
CA VAL C 515 -26.78 -37.13 3.66
C VAL C 515 -25.39 -36.60 3.36
N ASP C 516 -24.38 -37.01 4.12
CA ASP C 516 -23.02 -36.57 3.83
C ASP C 516 -22.49 -37.14 2.52
N ARG C 517 -22.90 -38.36 2.19
CA ARG C 517 -22.45 -38.94 0.93
C ARG C 517 -23.19 -38.34 -0.26
N LEU C 518 -24.50 -38.13 -0.14
CA LEU C 518 -25.22 -37.42 -1.20
C LEU C 518 -24.59 -36.06 -1.45
N CYS C 519 -24.33 -35.30 -0.38
CA CYS C 519 -23.78 -33.96 -0.54
C CYS C 519 -22.35 -34.03 -1.05
N LEU C 520 -21.57 -34.99 -0.58
CA LEU C 520 -20.24 -35.18 -1.15
C LEU C 520 -20.33 -35.34 -2.65
N MET C 521 -21.18 -36.26 -3.11
CA MET C 521 -21.29 -36.52 -4.53
C MET C 521 -21.82 -35.29 -5.27
N ALA C 522 -22.90 -34.70 -4.77
CA ALA C 522 -23.50 -33.56 -5.45
C ALA C 522 -22.57 -32.37 -5.50
N PHE C 523 -21.94 -32.04 -4.36
CA PHE C 523 -21.05 -30.88 -4.34
C PHE C 523 -19.82 -31.10 -5.19
N SER C 524 -19.30 -32.33 -5.22
CA SER C 524 -18.17 -32.63 -6.10
C SER C 524 -18.53 -32.37 -7.55
N VAL C 525 -19.68 -32.89 -7.97
CA VAL C 525 -20.12 -32.69 -9.35
C VAL C 525 -20.29 -31.20 -9.65
N PHE C 526 -20.95 -30.49 -8.74
CA PHE C 526 -21.26 -29.09 -8.97
C PHE C 526 -20.03 -28.22 -9.00
N THR C 527 -19.01 -28.53 -8.19
CA THR C 527 -17.77 -27.78 -8.26
C THR C 527 -17.07 -28.00 -9.59
N ILE C 528 -16.98 -29.25 -10.04
CA ILE C 528 -16.31 -29.55 -11.31
C ILE C 528 -17.01 -28.85 -12.46
N ILE C 529 -18.34 -28.90 -12.50
CA ILE C 529 -19.08 -28.32 -13.62
C ILE C 529 -18.86 -26.81 -13.66
N CYS C 530 -18.93 -26.14 -12.51
CA CYS C 530 -18.75 -24.70 -12.50
C CYS C 530 -17.32 -24.32 -12.89
N THR C 531 -16.33 -25.01 -12.33
CA THR C 531 -14.95 -24.70 -12.69
C THR C 531 -14.73 -24.86 -14.19
N ILE C 532 -15.11 -26.01 -14.74
CA ILE C 532 -14.86 -26.24 -16.17
C ILE C 532 -15.67 -25.26 -17.00
N GLY C 533 -16.93 -25.07 -16.65
CA GLY C 533 -17.79 -24.20 -17.43
C GLY C 533 -17.39 -22.73 -17.40
N ILE C 534 -17.02 -22.22 -16.22
CA ILE C 534 -16.64 -20.81 -16.13
C ILE C 534 -15.33 -20.55 -16.87
N LEU C 535 -14.32 -21.40 -16.67
CA LEU C 535 -13.02 -21.12 -17.29
C LEU C 535 -13.07 -21.35 -18.79
N MET C 536 -13.76 -22.39 -19.26
CA MET C 536 -13.75 -22.65 -20.69
C MET C 536 -14.74 -21.79 -21.45
N SER C 537 -15.52 -20.95 -20.78
CA SER C 537 -16.37 -19.98 -21.46
C SER C 537 -15.56 -18.85 -22.07
N ALA C 538 -14.26 -18.76 -21.78
CA ALA C 538 -13.40 -17.75 -22.37
C ALA C 538 -13.05 -18.13 -23.81
N PRO C 539 -13.26 -17.24 -24.78
CA PRO C 539 -12.88 -17.57 -26.16
C PRO C 539 -11.41 -17.86 -26.34
N ASN C 540 -10.51 -17.30 -25.47
CA ASN C 540 -9.06 -17.50 -25.60
C ASN C 540 -8.52 -18.51 -24.60
N PHE C 541 -9.37 -19.38 -24.07
CA PHE C 541 -8.91 -20.32 -23.04
C PHE C 541 -7.95 -21.33 -23.65
N VAL C 542 -8.39 -22.05 -24.68
CA VAL C 542 -7.57 -23.12 -25.25
C VAL C 542 -6.21 -22.56 -25.67
N GLU C 543 -6.22 -21.52 -26.50
CA GLU C 543 -4.99 -20.90 -26.95
C GLU C 543 -4.11 -20.50 -25.77
N ALA C 544 -4.71 -19.83 -24.78
CA ALA C 544 -3.95 -19.37 -23.63
C ALA C 544 -3.24 -20.52 -22.93
N VAL C 545 -3.99 -21.57 -22.57
CA VAL C 545 -3.39 -22.68 -21.84
C VAL C 545 -2.32 -23.35 -22.69
N SER C 546 -2.51 -23.40 -24.00
CA SER C 546 -1.54 -24.08 -24.85
C SER C 546 -0.23 -23.31 -24.93
N LYS C 547 -0.30 -21.98 -24.93
CA LYS C 547 0.89 -21.15 -25.08
C LYS C 547 1.57 -20.87 -23.76
N ASP C 548 0.83 -20.81 -22.66
CA ASP C 548 1.38 -20.42 -21.38
C ASP C 548 1.68 -21.58 -20.45
N PHE C 549 1.07 -22.75 -20.67
CA PHE C 549 1.31 -23.91 -19.82
C PHE C 549 1.82 -25.07 -20.67
N GLU D 1 8.16 31.08 -50.35
CA GLU D 1 8.45 32.49 -50.75
C GLU D 1 7.39 33.45 -50.21
N PHE D 2 6.12 33.07 -50.36
CA PHE D 2 5.06 33.96 -49.93
C PHE D 2 4.82 33.86 -48.43
N GLN D 3 4.91 32.67 -47.86
CA GLN D 3 4.74 32.57 -46.41
C GLN D 3 5.96 33.14 -45.69
N ARG D 4 7.13 33.09 -46.32
CA ARG D 4 8.28 33.75 -45.73
C ARG D 4 8.04 35.25 -45.64
N LYS D 5 7.61 35.85 -46.76
CA LYS D 5 7.26 37.27 -46.76
C LYS D 5 6.16 37.57 -45.75
N LEU D 6 5.13 36.74 -45.70
CA LEU D 6 4.00 36.99 -44.82
C LEU D 6 4.39 36.91 -43.35
N TYR D 7 5.13 35.87 -42.95
CA TYR D 7 5.54 35.74 -41.56
C TYR D 7 6.40 36.91 -41.12
N LYS D 8 7.28 37.39 -42.01
CA LYS D 8 8.07 38.57 -41.69
C LYS D 8 7.17 39.78 -41.52
N GLU D 9 6.14 39.90 -42.35
CA GLU D 9 5.28 41.08 -42.32
C GLU D 9 4.36 41.07 -41.10
N LEU D 10 3.91 39.90 -40.67
CA LEU D 10 2.88 39.86 -39.62
C LEU D 10 3.45 40.24 -38.25
N VAL D 11 4.75 40.05 -38.03
CA VAL D 11 5.33 40.28 -36.71
C VAL D 11 6.07 41.60 -36.64
N LYS D 12 5.99 42.42 -37.68
CA LYS D 12 6.60 43.75 -37.67
C LYS D 12 5.79 44.66 -36.76
N ASN D 13 6.38 45.04 -35.62
CA ASN D 13 5.82 45.95 -34.63
C ASN D 13 4.74 45.29 -33.79
N TYR D 14 4.50 43.99 -33.97
CA TYR D 14 3.51 43.29 -33.17
C TYR D 14 3.99 43.16 -31.72
N ASN D 15 3.10 43.48 -30.79
CA ASN D 15 3.39 43.36 -29.36
C ASN D 15 2.44 42.35 -28.74
N PRO D 16 2.93 41.17 -28.30
CA PRO D 16 2.02 40.18 -27.70
C PRO D 16 1.42 40.61 -26.38
N LEU D 17 1.81 41.76 -25.82
CA LEU D 17 1.15 42.28 -24.62
C LEU D 17 -0.14 43.01 -24.95
N GLU D 18 -0.35 43.38 -26.20
CA GLU D 18 -1.47 44.23 -26.59
C GLU D 18 -2.68 43.38 -26.93
N ARG D 19 -3.80 43.66 -26.26
CA ARG D 19 -5.09 43.13 -26.65
C ARG D 19 -5.41 43.61 -28.06
N PRO D 20 -5.64 42.72 -29.03
CA PRO D 20 -5.64 43.14 -30.46
C PRO D 20 -6.99 43.61 -30.98
N VAL D 21 -7.39 44.81 -30.58
CA VAL D 21 -8.63 45.46 -31.02
C VAL D 21 -8.27 46.74 -31.75
N ALA D 22 -9.03 47.06 -32.81
CA ALA D 22 -8.80 48.31 -33.53
C ALA D 22 -9.11 49.50 -32.62
N ASN D 23 -10.11 49.36 -31.76
CA ASN D 23 -10.54 50.36 -30.79
C ASN D 23 -10.30 49.84 -29.38
N ASP D 24 -9.40 50.51 -28.65
CA ASP D 24 -9.06 50.05 -27.32
C ASP D 24 -10.22 50.21 -26.35
N SER D 25 -11.22 51.01 -26.72
CA SER D 25 -12.42 51.17 -25.91
C SER D 25 -13.43 50.06 -26.12
N GLN D 26 -13.36 49.37 -27.23
CA GLN D 26 -14.28 48.29 -27.53
C GLN D 26 -13.80 46.97 -26.94
N PRO D 27 -14.70 46.10 -26.51
CA PRO D 27 -14.28 44.79 -26.01
C PRO D 27 -13.92 43.82 -27.13
N LEU D 28 -13.12 42.84 -26.78
CA LEU D 28 -12.71 41.77 -27.68
C LEU D 28 -13.48 40.52 -27.30
N THR D 29 -14.37 40.08 -28.19
CA THR D 29 -15.17 38.89 -27.93
C THR D 29 -14.31 37.63 -28.06
N VAL D 30 -14.34 36.78 -27.04
CA VAL D 30 -13.67 35.49 -27.05
C VAL D 30 -14.73 34.42 -26.87
N TYR D 31 -14.76 33.45 -27.78
CA TYR D 31 -15.67 32.31 -27.67
C TYR D 31 -14.96 31.18 -26.98
N PHE D 32 -15.51 30.73 -25.85
CA PHE D 32 -14.91 29.69 -25.04
C PHE D 32 -15.80 28.47 -25.01
N SER D 33 -15.23 27.31 -25.28
CA SER D 33 -15.89 26.02 -25.17
C SER D 33 -14.87 25.02 -24.70
N LEU D 34 -15.33 23.82 -24.36
CA LEU D 34 -14.42 22.74 -24.02
C LEU D 34 -14.95 21.44 -24.61
N SER D 35 -14.09 20.43 -24.57
CA SER D 35 -14.39 19.10 -25.07
C SER D 35 -13.92 18.11 -24.02
N LEU D 36 -14.87 17.38 -23.43
CA LEU D 36 -14.55 16.42 -22.37
C LEU D 36 -14.27 15.06 -22.98
N LEU D 37 -13.04 14.58 -22.80
CA LEU D 37 -12.63 13.28 -23.31
C LEU D 37 -12.66 12.18 -22.27
N GLN D 38 -12.42 12.49 -21.00
CA GLN D 38 -12.31 11.45 -19.99
C GLN D 38 -12.49 12.03 -18.60
N ILE D 39 -13.19 11.29 -17.76
CA ILE D 39 -13.14 11.52 -16.32
C ILE D 39 -12.06 10.57 -15.80
N MET D 40 -11.05 11.12 -15.15
CA MET D 40 -9.91 10.31 -14.75
C MET D 40 -10.00 9.86 -13.31
N ASP D 41 -10.39 10.73 -12.39
CA ASP D 41 -10.47 10.36 -10.99
C ASP D 41 -11.39 11.33 -10.26
N VAL D 42 -12.02 10.82 -9.21
CA VAL D 42 -12.87 11.61 -8.33
C VAL D 42 -12.33 11.36 -6.92
N ASP D 43 -11.40 12.21 -6.49
CA ASP D 43 -10.73 12.06 -5.19
C ASP D 43 -11.60 12.68 -4.11
N GLU D 44 -12.28 11.84 -3.33
CA GLU D 44 -13.21 12.36 -2.34
C GLU D 44 -12.50 12.74 -1.05
N LYS D 45 -11.25 12.32 -0.87
CA LYS D 45 -10.49 12.70 0.30
C LYS D 45 -9.87 14.06 0.09
N ASN D 46 -9.25 14.26 -1.08
CA ASN D 46 -8.63 15.53 -1.42
C ASN D 46 -9.62 16.47 -2.07
N GLN D 47 -10.84 16.01 -2.35
CA GLN D 47 -11.89 16.82 -2.96
C GLN D 47 -11.42 17.42 -4.29
N VAL D 48 -10.96 16.56 -5.20
CA VAL D 48 -10.42 17.00 -6.47
C VAL D 48 -10.92 16.09 -7.58
N LEU D 49 -11.38 16.70 -8.67
CA LEU D 49 -11.78 16.00 -9.88
C LEU D 49 -10.67 16.14 -10.92
N THR D 50 -10.23 15.02 -11.48
CA THR D 50 -9.25 15.00 -12.57
C THR D 50 -9.93 14.60 -13.87
N THR D 51 -9.76 15.44 -14.89
CA THR D 51 -10.45 15.26 -16.17
C THR D 51 -9.49 15.51 -17.33
N ASN D 52 -9.72 14.80 -18.43
CA ASN D 52 -9.02 15.03 -19.69
C ASN D 52 -9.90 15.94 -20.53
N ILE D 53 -9.39 17.12 -20.87
CA ILE D 53 -10.21 18.15 -21.52
C ILE D 53 -9.39 18.92 -22.54
N TRP D 54 -9.97 19.12 -23.72
CA TRP D 54 -9.42 19.99 -24.74
C TRP D 54 -10.20 21.30 -24.73
N LEU D 55 -9.58 22.38 -24.25
CA LEU D 55 -10.24 23.69 -24.29
C LEU D 55 -10.28 24.22 -25.72
N GLN D 56 -11.32 25.01 -26.02
CA GLN D 56 -11.50 25.59 -27.35
C GLN D 56 -11.75 27.09 -27.24
N MET D 57 -10.77 27.90 -27.60
CA MET D 57 -10.91 29.35 -27.62
C MET D 57 -10.85 29.89 -29.04
N SER D 58 -11.61 30.95 -29.31
CA SER D 58 -11.63 31.61 -30.61
C SER D 58 -11.78 33.11 -30.40
N TRP D 59 -11.07 33.90 -31.20
CA TRP D 59 -11.21 35.35 -31.17
C TRP D 59 -10.75 35.90 -32.51
N THR D 60 -10.67 37.21 -32.61
CA THR D 60 -10.24 37.89 -33.83
C THR D 60 -9.09 38.84 -33.49
N ASP D 61 -7.97 38.66 -34.17
CA ASP D 61 -6.80 39.50 -34.01
C ASP D 61 -6.81 40.54 -35.13
N HIS D 62 -6.93 41.81 -34.74
CA HIS D 62 -7.03 42.87 -35.74
C HIS D 62 -5.78 42.99 -36.59
N TYR D 63 -4.64 42.52 -36.11
CA TYR D 63 -3.37 42.74 -36.78
C TYR D 63 -2.96 41.60 -37.70
N LEU D 64 -3.48 40.40 -37.50
CA LEU D 64 -3.07 39.23 -38.28
C LEU D 64 -4.03 38.99 -39.45
N GLN D 65 -4.12 39.98 -40.34
CA GLN D 65 -4.97 39.93 -41.51
C GLN D 65 -4.15 40.21 -42.76
N TRP D 66 -4.43 39.50 -43.85
CA TRP D 66 -3.66 39.68 -45.11
C TRP D 66 -4.56 39.39 -46.31
N ASN D 67 -4.24 39.95 -47.47
CA ASN D 67 -4.99 39.71 -48.72
C ASN D 67 -4.45 38.40 -49.28
N VAL D 68 -5.29 37.38 -49.47
CA VAL D 68 -4.84 36.03 -49.92
C VAL D 68 -4.48 36.12 -51.41
N SER D 69 -4.74 37.25 -52.07
CA SER D 69 -4.36 37.39 -53.47
C SER D 69 -2.91 37.82 -53.60
N GLU D 70 -2.36 38.48 -52.59
CA GLU D 70 -0.99 38.93 -52.59
C GLU D 70 -0.03 37.90 -52.01
N TYR D 71 -0.56 36.81 -51.46
CA TYR D 71 0.24 35.72 -50.91
C TYR D 71 -0.42 34.41 -51.32
N PRO D 72 -0.46 34.11 -52.60
CA PRO D 72 -1.19 32.92 -53.07
C PRO D 72 -0.67 31.65 -52.43
N GLY D 73 -1.59 30.79 -52.02
CA GLY D 73 -1.26 29.55 -51.36
C GLY D 73 -1.20 29.62 -49.86
N VAL D 74 -1.12 30.81 -49.27
CA VAL D 74 -0.94 30.97 -47.83
C VAL D 74 -2.30 31.35 -47.25
N LYS D 75 -3.05 30.34 -46.80
CA LYS D 75 -4.37 30.56 -46.25
C LYS D 75 -4.39 30.68 -44.74
N THR D 76 -3.42 30.07 -44.05
CA THR D 76 -3.36 30.09 -42.60
C THR D 76 -1.93 30.24 -42.15
N VAL D 77 -1.74 30.66 -40.89
CA VAL D 77 -0.44 30.72 -40.25
C VAL D 77 -0.57 30.16 -38.83
N ARG D 78 0.56 29.75 -38.27
CA ARG D 78 0.66 29.21 -36.93
C ARG D 78 1.66 30.02 -36.13
N PHE D 79 1.33 30.31 -34.88
CA PHE D 79 2.24 31.03 -33.99
C PHE D 79 2.40 30.28 -32.68
N PRO D 80 3.63 30.05 -32.23
CA PRO D 80 3.84 29.34 -30.96
C PRO D 80 3.66 30.26 -29.76
N ASP D 81 3.66 29.65 -28.59
CA ASP D 81 3.41 30.37 -27.35
C ASP D 81 4.37 31.54 -27.19
N GLY D 82 3.81 32.69 -26.82
CA GLY D 82 4.60 33.88 -26.53
C GLY D 82 4.81 34.81 -27.70
N GLN D 83 4.43 34.41 -28.91
CA GLN D 83 4.69 35.24 -30.08
C GLN D 83 3.54 36.17 -30.40
N ILE D 84 2.30 35.78 -30.10
CA ILE D 84 1.15 36.66 -30.31
C ILE D 84 0.27 36.65 -29.07
N TRP D 85 -0.63 37.63 -29.01
CA TRP D 85 -1.54 37.76 -27.89
C TRP D 85 -2.46 36.55 -27.79
N LYS D 86 -2.71 36.11 -26.57
CA LYS D 86 -3.67 35.05 -26.32
C LYS D 86 -4.58 35.45 -25.17
N PRO D 87 -5.82 34.95 -25.15
CA PRO D 87 -6.69 35.20 -24.00
C PRO D 87 -6.14 34.49 -22.76
N ASP D 88 -6.19 35.18 -21.63
CA ASP D 88 -5.65 34.62 -20.39
C ASP D 88 -6.73 33.90 -19.59
N ILE D 89 -7.48 33.03 -20.26
CA ILE D 89 -8.54 32.27 -19.61
C ILE D 89 -7.91 31.14 -18.82
N LEU D 90 -8.19 31.10 -17.52
CA LEU D 90 -7.68 30.07 -16.64
C LEU D 90 -8.82 29.42 -15.88
N LEU D 91 -8.59 28.20 -15.46
CA LEU D 91 -9.49 27.52 -14.55
C LEU D 91 -9.35 28.15 -13.17
N TYR D 92 -10.41 28.82 -12.71
CA TYR D 92 -10.35 29.51 -11.42
C TYR D 92 -10.15 28.54 -10.27
N ASN D 93 -10.96 27.49 -10.22
CA ASN D 93 -10.86 26.55 -9.08
C ASN D 93 -9.92 25.39 -9.41
N SER D 94 -8.74 25.73 -9.88
CA SER D 94 -7.72 24.74 -10.19
C SER D 94 -7.09 24.23 -8.90
N ALA D 95 -6.89 22.91 -8.83
CA ALA D 95 -6.26 22.26 -7.69
C ALA D 95 -4.95 21.60 -8.08
N ASP D 96 -4.33 22.06 -9.15
CA ASP D 96 -3.09 21.52 -9.67
C ASP D 96 -1.90 22.27 -9.12
N GLU D 97 -0.80 21.56 -8.89
CA GLU D 97 0.40 22.21 -8.40
C GLU D 97 0.95 23.20 -9.42
N ARG D 98 0.70 22.96 -10.70
CA ARG D 98 1.12 23.88 -11.74
C ARG D 98 0.11 24.99 -11.95
N PHE D 99 -1.09 24.82 -11.41
CA PHE D 99 -2.23 25.72 -11.54
C PHE D 99 -2.75 25.75 -12.97
N ASP D 100 -1.86 25.97 -13.93
CA ASP D 100 -2.21 25.95 -15.35
C ASP D 100 -1.84 24.57 -15.88
N ALA D 101 -2.85 23.76 -16.19
CA ALA D 101 -2.60 22.40 -16.67
C ALA D 101 -2.55 22.28 -18.19
N THR D 102 -2.83 23.35 -18.93
CA THR D 102 -2.90 23.25 -20.38
C THR D 102 -1.52 23.10 -21.01
N PHE D 103 -1.49 22.37 -22.11
CA PHE D 103 -0.32 22.29 -22.97
C PHE D 103 -0.48 23.33 -24.07
N HIS D 104 0.43 24.29 -24.11
CA HIS D 104 0.33 25.44 -25.01
C HIS D 104 0.65 25.07 -26.44
N THR D 105 -0.39 24.78 -27.21
CA THR D 105 -0.24 24.47 -28.63
C THR D 105 -0.21 25.76 -29.45
N ASN D 106 0.00 25.61 -30.76
CA ASN D 106 0.08 26.76 -31.64
C ASN D 106 -1.28 27.38 -31.87
N VAL D 107 -1.29 28.70 -32.08
CA VAL D 107 -2.49 29.43 -32.44
C VAL D 107 -2.60 29.47 -33.96
N LEU D 108 -3.69 28.90 -34.49
CA LEU D 108 -3.99 28.92 -35.91
C LEU D 108 -4.82 30.14 -36.27
N VAL D 109 -4.36 30.90 -37.26
CA VAL D 109 -5.03 32.10 -37.73
C VAL D 109 -5.28 31.98 -39.23
N ASN D 110 -6.37 32.55 -39.73
CA ASN D 110 -6.56 32.60 -41.18
C ASN D 110 -6.46 34.05 -41.64
N SER D 111 -6.59 34.24 -42.95
CA SER D 111 -6.32 35.53 -43.56
C SER D 111 -7.17 36.65 -42.98
N SER D 112 -8.34 36.35 -42.45
CA SER D 112 -9.22 37.39 -41.93
C SER D 112 -8.94 37.71 -40.47
N GLY D 113 -8.00 37.01 -39.84
CA GLY D 113 -7.60 37.29 -38.48
C GLY D 113 -8.31 36.49 -37.42
N HIS D 114 -9.06 35.46 -37.79
CA HIS D 114 -9.74 34.63 -36.81
CA HIS D 114 -9.74 34.63 -36.81
C HIS D 114 -8.77 33.60 -36.25
N CYS D 115 -8.53 33.67 -34.94
CA CYS D 115 -7.58 32.80 -34.25
C CYS D 115 -8.29 31.68 -33.53
N GLN D 116 -7.76 30.46 -33.67
CA GLN D 116 -8.27 29.29 -32.97
C GLN D 116 -7.16 28.71 -32.11
N TYR D 117 -7.44 28.54 -30.82
CA TYR D 117 -6.49 27.99 -29.86
C TYR D 117 -7.12 26.76 -29.20
N LEU D 118 -6.50 25.59 -29.42
CA LEU D 118 -7.01 24.32 -28.92
C LEU D 118 -6.08 23.67 -27.90
N PRO D 119 -5.86 24.26 -26.73
CA PRO D 119 -4.93 23.69 -25.74
C PRO D 119 -5.46 22.45 -25.05
N PRO D 120 -4.77 21.32 -25.13
CA PRO D 120 -5.19 20.12 -24.39
C PRO D 120 -4.73 20.22 -22.93
N GLY D 121 -5.29 19.38 -22.09
CA GLY D 121 -4.82 19.34 -20.71
C GLY D 121 -5.48 18.27 -19.88
N ILE D 122 -4.79 17.91 -18.80
CA ILE D 122 -5.31 17.06 -17.74
C ILE D 122 -5.57 18.00 -16.56
N PHE D 123 -6.83 18.35 -16.33
CA PHE D 123 -7.18 19.34 -15.33
C PHE D 123 -7.52 18.71 -14.00
N LYS D 124 -7.16 19.40 -12.93
CA LYS D 124 -7.50 19.01 -11.56
C LYS D 124 -8.26 20.18 -10.95
N SER D 125 -9.54 19.99 -10.66
CA SER D 125 -10.38 21.02 -10.07
C SER D 125 -10.91 20.59 -8.71
N SER D 126 -11.04 21.57 -7.82
CA SER D 126 -11.53 21.31 -6.47
C SER D 126 -13.05 21.14 -6.52
N CYS D 127 -13.53 19.97 -6.12
CA CYS D 127 -14.95 19.64 -6.12
C CYS D 127 -15.33 19.03 -4.78
N TYR D 128 -16.35 19.60 -4.13
CA TYR D 128 -16.87 18.99 -2.91
C TYR D 128 -17.61 17.71 -3.27
N ILE D 129 -17.12 16.58 -2.76
CA ILE D 129 -17.69 15.27 -3.03
C ILE D 129 -18.45 14.81 -1.80
N ASP D 130 -19.77 14.75 -1.92
CA ASP D 130 -20.66 14.33 -0.84
C ASP D 130 -20.89 12.82 -0.91
N VAL D 131 -20.33 12.09 0.04
CA VAL D 131 -20.43 10.63 0.06
C VAL D 131 -21.50 10.14 1.03
N ARG D 132 -22.50 10.96 1.32
CA ARG D 132 -23.57 10.55 2.23
C ARG D 132 -24.27 9.29 1.72
N TRP D 133 -24.51 9.19 0.41
CA TRP D 133 -25.26 8.10 -0.16
C TRP D 133 -24.37 7.07 -0.87
N PHE D 134 -23.09 7.08 -0.59
CA PHE D 134 -22.17 6.13 -1.19
C PHE D 134 -22.70 4.70 -1.02
N PRO D 135 -22.79 3.90 -2.10
CA PRO D 135 -22.27 4.11 -3.46
C PRO D 135 -23.35 4.55 -4.45
N PHE D 136 -24.48 5.08 -3.98
CA PHE D 136 -25.54 5.51 -4.86
C PHE D 136 -25.57 7.02 -4.93
N ASP D 137 -24.40 7.64 -5.06
CA ASP D 137 -24.26 9.08 -4.94
C ASP D 137 -24.06 9.70 -6.32
N VAL D 138 -24.66 10.83 -6.49
CA VAL D 138 -24.50 11.63 -7.70
C VAL D 138 -23.70 12.87 -7.33
N GLN D 139 -22.68 13.19 -8.13
CA GLN D 139 -21.79 14.29 -7.85
C GLN D 139 -21.95 15.38 -8.91
N HIS D 140 -21.85 16.63 -8.46
CA HIS D 140 -21.91 17.79 -9.34
C HIS D 140 -20.63 18.59 -9.13
N CYS D 141 -19.75 18.58 -10.12
CA CYS D 141 -18.45 19.23 -10.04
C CYS D 141 -18.39 20.38 -11.03
N LYS D 142 -18.06 21.56 -10.54
CA LYS D 142 -18.03 22.76 -11.36
C LYS D 142 -16.64 22.99 -11.91
N LEU D 143 -16.58 23.50 -13.14
CA LEU D 143 -15.35 23.93 -13.79
C LEU D 143 -15.56 25.38 -14.19
N LYS D 144 -14.98 26.29 -13.42
CA LYS D 144 -15.19 27.72 -13.61
C LYS D 144 -13.98 28.32 -14.32
N PHE D 145 -14.22 28.87 -15.51
CA PHE D 145 -13.19 29.44 -16.36
C PHE D 145 -13.41 30.94 -16.50
N GLY D 146 -12.33 31.71 -16.49
CA GLY D 146 -12.46 33.12 -16.72
C GLY D 146 -11.12 33.78 -16.95
N SER D 147 -11.19 35.00 -17.46
CA SER D 147 -9.99 35.81 -17.64
C SER D 147 -9.42 36.21 -16.29
N TRP D 148 -8.10 36.04 -16.13
CA TRP D 148 -7.48 36.34 -14.85
C TRP D 148 -7.51 37.83 -14.53
N SER D 149 -7.40 38.69 -15.53
CA SER D 149 -7.20 40.12 -15.29
C SER D 149 -8.10 41.05 -16.08
N TYR D 150 -8.74 40.60 -17.15
CA TYR D 150 -9.54 41.48 -17.99
C TYR D 150 -10.97 41.51 -17.50
N GLY D 151 -11.56 42.71 -17.48
CA GLY D 151 -12.98 42.85 -17.20
C GLY D 151 -13.82 42.69 -18.45
N GLY D 152 -15.13 42.63 -18.23
CA GLY D 152 -16.05 42.33 -19.32
C GLY D 152 -16.11 43.38 -20.40
N TRP D 153 -15.67 44.61 -20.11
CA TRP D 153 -15.63 45.65 -21.13
C TRP D 153 -14.38 45.59 -21.98
N SER D 154 -13.40 44.77 -21.61
CA SER D 154 -12.20 44.54 -22.39
C SER D 154 -12.16 43.17 -23.03
N LEU D 155 -12.64 42.14 -22.33
CA LEU D 155 -12.67 40.77 -22.84
C LEU D 155 -14.09 40.25 -22.63
N ASP D 156 -14.85 40.18 -23.72
CA ASP D 156 -16.25 39.78 -23.68
C ASP D 156 -16.32 38.26 -23.85
N LEU D 157 -16.25 37.55 -22.74
CA LEU D 157 -16.27 36.10 -22.79
C LEU D 157 -17.65 35.58 -23.16
N GLN D 158 -17.71 34.71 -24.17
CA GLN D 158 -18.95 34.09 -24.61
C GLN D 158 -18.79 32.58 -24.57
N MET D 159 -19.88 31.88 -24.31
CA MET D 159 -19.86 30.45 -24.12
C MET D 159 -20.46 29.73 -25.32
N GLN D 160 -19.99 28.51 -25.55
CA GLN D 160 -20.57 27.58 -26.51
C GLN D 160 -20.73 26.23 -25.83
N GLU D 161 -21.69 25.45 -26.30
CA GLU D 161 -22.00 24.16 -25.69
C GLU D 161 -20.81 23.21 -25.73
N ALA D 162 -20.56 22.57 -24.60
CA ALA D 162 -19.46 21.62 -24.48
C ALA D 162 -19.64 20.45 -25.44
N ASP D 163 -18.52 19.99 -26.00
CA ASP D 163 -18.51 18.84 -26.90
C ASP D 163 -18.20 17.56 -26.13
N ILE D 164 -19.07 16.57 -26.24
CA ILE D 164 -18.89 15.27 -25.63
C ILE D 164 -18.90 14.14 -26.66
N SER D 165 -18.69 14.48 -27.93
CA SER D 165 -18.66 13.45 -28.97
C SER D 165 -17.49 12.48 -28.78
N GLY D 166 -16.36 12.98 -28.28
CA GLY D 166 -15.18 12.16 -28.06
C GLY D 166 -15.06 11.57 -26.68
N TYR D 167 -16.11 11.64 -25.86
CA TYR D 167 -16.04 11.16 -24.49
C TYR D 167 -15.86 9.64 -24.45
N ILE D 168 -14.91 9.18 -23.66
CA ILE D 168 -14.66 7.76 -23.45
C ILE D 168 -15.33 7.35 -22.15
N PRO D 169 -16.35 6.48 -22.18
CA PRO D 169 -17.06 6.15 -20.95
C PRO D 169 -16.15 5.59 -19.87
N ASN D 170 -16.36 6.06 -18.65
CA ASN D 170 -15.59 5.63 -17.50
C ASN D 170 -16.17 4.33 -16.94
N GLY D 171 -15.31 3.53 -16.33
CA GLY D 171 -15.75 2.28 -15.75
C GLY D 171 -16.38 2.43 -14.38
N GLU D 172 -16.14 3.56 -13.72
CA GLU D 172 -16.62 3.81 -12.37
C GLU D 172 -17.67 4.90 -12.28
N TRP D 173 -17.76 5.78 -13.27
CA TRP D 173 -18.64 6.95 -13.21
C TRP D 173 -19.45 7.07 -14.50
N ASP D 174 -20.74 7.29 -14.36
CA ASP D 174 -21.63 7.51 -15.50
C ASP D 174 -21.85 9.01 -15.68
N LEU D 175 -21.52 9.53 -16.86
CA LEU D 175 -21.65 10.95 -17.16
C LEU D 175 -23.11 11.30 -17.42
N VAL D 176 -23.75 11.98 -16.46
CA VAL D 176 -25.11 12.45 -16.68
C VAL D 176 -25.13 13.62 -17.67
N GLY D 177 -24.22 14.57 -17.54
CA GLY D 177 -24.12 15.66 -18.48
C GLY D 177 -23.08 16.68 -18.16
N ILE D 178 -22.79 17.59 -19.07
CA ILE D 178 -21.86 18.69 -18.85
C ILE D 178 -22.46 20.04 -19.26
N PRO D 179 -23.56 20.44 -18.64
CA PRO D 179 -24.19 21.74 -18.92
C PRO D 179 -23.33 22.98 -18.57
N GLY D 180 -23.34 24.02 -19.37
CA GLY D 180 -22.62 25.24 -19.11
C GLY D 180 -23.43 26.51 -18.93
N LYS D 181 -22.87 27.52 -18.26
CA LYS D 181 -23.63 28.73 -17.98
C LYS D 181 -22.68 29.91 -17.86
N ARG D 182 -23.05 31.02 -18.49
CA ARG D 182 -22.30 32.26 -18.41
C ARG D 182 -22.90 33.15 -17.34
N SER D 183 -22.06 33.69 -16.46
CA SER D 183 -22.50 34.55 -15.38
C SER D 183 -21.63 35.81 -15.34
N GLU D 184 -22.17 36.86 -14.71
CA GLU D 184 -21.46 38.11 -14.52
C GLU D 184 -21.48 38.47 -13.04
N ARG D 185 -20.31 38.80 -12.51
CA ARG D 185 -20.16 39.30 -11.15
C ARG D 185 -19.82 40.78 -11.19
N PHE D 186 -20.39 41.54 -10.26
CA PHE D 186 -20.20 42.99 -10.19
C PHE D 186 -19.55 43.38 -8.86
N TYR D 187 -18.61 44.32 -8.93
CA TYR D 187 -18.04 44.92 -7.74
C TYR D 187 -18.80 46.20 -7.42
N GLU D 188 -19.06 46.43 -6.13
CA GLU D 188 -19.84 47.60 -5.74
C GLU D 188 -19.16 48.90 -6.13
N CYS D 189 -17.85 48.87 -6.40
CA CYS D 189 -17.16 50.06 -6.87
C CYS D 189 -17.71 50.53 -8.21
N CYS D 190 -17.97 49.60 -9.12
CA CYS D 190 -17.94 49.89 -10.54
C CYS D 190 -19.09 49.17 -11.23
N LYS D 191 -19.35 49.56 -12.48
CA LYS D 191 -20.46 49.02 -13.25
C LYS D 191 -19.98 48.12 -14.40
N GLU D 192 -18.73 47.65 -14.34
CA GLU D 192 -18.22 46.73 -15.35
C GLU D 192 -18.50 45.29 -14.95
N PRO D 193 -19.21 44.51 -15.75
CA PRO D 193 -19.36 43.09 -15.44
C PRO D 193 -18.04 42.35 -15.51
N TYR D 194 -17.93 41.30 -14.72
CA TYR D 194 -16.78 40.39 -14.79
C TYR D 194 -17.33 39.01 -15.13
N PRO D 195 -17.23 38.57 -16.39
CA PRO D 195 -17.88 37.32 -16.78
C PRO D 195 -17.02 36.09 -16.54
N ASP D 196 -17.72 34.97 -16.38
CA ASP D 196 -17.08 33.66 -16.24
C ASP D 196 -17.99 32.63 -16.88
N VAL D 197 -17.40 31.50 -17.25
CA VAL D 197 -18.13 30.40 -17.84
C VAL D 197 -17.91 29.19 -16.95
N THR D 198 -18.99 28.63 -16.42
CA THR D 198 -18.94 27.48 -15.53
C THR D 198 -19.59 26.29 -16.20
N PHE D 199 -18.87 25.17 -16.24
CA PHE D 199 -19.37 23.90 -16.75
C PHE D 199 -19.57 22.98 -15.55
N THR D 200 -20.79 22.48 -15.37
CA THR D 200 -21.13 21.63 -14.24
C THR D 200 -21.19 20.19 -14.73
N VAL D 201 -20.21 19.40 -14.33
CA VAL D 201 -20.16 17.97 -14.66
C VAL D 201 -20.99 17.20 -13.63
N THR D 202 -22.08 16.61 -14.09
CA THR D 202 -22.89 15.73 -13.25
C THR D 202 -22.59 14.28 -13.63
N MET D 203 -22.21 13.48 -12.63
CA MET D 203 -21.78 12.12 -12.89
C MET D 203 -22.34 11.21 -11.80
N ARG D 204 -22.82 10.05 -12.22
CA ARG D 204 -23.45 9.07 -11.33
C ARG D 204 -22.50 7.90 -11.13
N ARG D 205 -22.37 7.47 -9.88
CA ARG D 205 -21.51 6.33 -9.56
C ARG D 205 -22.15 5.03 -10.03
N ARG D 206 -21.43 4.28 -10.84
CA ARG D 206 -21.85 2.92 -11.17
C ARG D 206 -21.69 2.03 -9.95
N THR D 207 -22.68 1.17 -9.73
CA THR D 207 -22.78 0.42 -8.48
C THR D 207 -22.65 -1.08 -8.64
N LEU D 208 -22.39 -1.60 -9.85
CA LEU D 208 -22.26 -3.04 -10.02
C LEU D 208 -21.08 -3.57 -9.22
N TYR D 209 -19.91 -2.94 -9.35
CA TYR D 209 -18.75 -3.39 -8.60
C TYR D 209 -19.04 -3.44 -7.10
N TYR D 210 -19.70 -2.41 -6.58
CA TYR D 210 -19.97 -2.37 -5.15
C TYR D 210 -21.04 -3.39 -4.76
N GLY D 211 -21.93 -3.73 -5.70
CA GLY D 211 -22.92 -4.75 -5.43
C GLY D 211 -22.32 -6.12 -5.15
N LEU D 212 -21.19 -6.44 -5.79
CA LEU D 212 -20.60 -7.76 -5.68
C LEU D 212 -19.46 -7.83 -4.67
N ASN D 213 -18.97 -6.69 -4.18
CA ASN D 213 -17.82 -6.67 -3.31
C ASN D 213 -18.15 -6.19 -1.89
N LEU D 214 -19.34 -5.63 -1.67
CA LEU D 214 -19.68 -5.08 -0.38
C LEU D 214 -21.10 -5.49 0.02
N LEU D 215 -22.05 -5.29 -0.87
CA LEU D 215 -23.44 -5.55 -0.52
C LEU D 215 -23.69 -7.05 -0.37
N ILE D 216 -23.27 -7.84 -1.36
CA ILE D 216 -23.54 -9.28 -1.34
C ILE D 216 -22.73 -9.95 -0.24
N PRO D 217 -21.40 -9.80 -0.20
CA PRO D 217 -20.63 -10.48 0.85
C PRO D 217 -21.18 -10.22 2.24
N CYS D 218 -21.75 -9.05 2.47
CA CYS D 218 -22.26 -8.70 3.79
C CYS D 218 -23.58 -9.41 4.05
N VAL D 219 -24.41 -9.56 3.02
CA VAL D 219 -25.65 -10.33 3.16
C VAL D 219 -25.33 -11.79 3.44
N LEU D 220 -24.42 -12.38 2.65
CA LEU D 220 -24.19 -13.82 2.78
C LEU D 220 -23.46 -14.18 4.07
N ILE D 221 -22.57 -13.32 4.56
CA ILE D 221 -21.90 -13.60 5.82
C ILE D 221 -22.89 -13.40 6.96
N SER D 222 -23.76 -12.40 6.85
CA SER D 222 -24.83 -12.21 7.82
C SER D 222 -25.71 -13.44 7.91
N ALA D 223 -26.01 -14.07 6.77
CA ALA D 223 -26.79 -15.30 6.76
C ALA D 223 -26.08 -16.41 7.52
N LEU D 224 -24.77 -16.57 7.31
CA LEU D 224 -24.04 -17.63 8.00
C LEU D 224 -24.02 -17.40 9.50
N ALA D 225 -24.11 -16.16 9.95
CA ALA D 225 -24.20 -15.88 11.37
C ALA D 225 -25.52 -16.36 11.94
N LEU D 226 -26.58 -16.34 11.12
CA LEU D 226 -27.88 -16.82 11.57
C LEU D 226 -27.90 -18.33 11.71
N LEU D 227 -26.95 -19.00 11.08
CA LEU D 227 -26.89 -20.46 11.07
C LEU D 227 -26.55 -21.03 12.44
N VAL D 228 -26.03 -20.21 13.36
CA VAL D 228 -25.72 -20.67 14.70
C VAL D 228 -26.99 -21.13 15.41
N PHE D 229 -28.11 -20.46 15.15
CA PHE D 229 -29.37 -20.78 15.81
C PHE D 229 -29.95 -22.10 15.33
N LEU D 230 -29.42 -22.68 14.26
CA LEU D 230 -29.86 -23.99 13.78
C LEU D 230 -28.92 -25.11 14.21
N LEU D 231 -27.77 -24.78 14.76
CA LEU D 231 -26.77 -25.77 15.13
C LEU D 231 -27.12 -26.35 16.49
N PRO D 232 -27.26 -27.67 16.64
CA PRO D 232 -27.58 -28.22 17.96
C PRO D 232 -26.46 -27.97 18.96
N ALA D 233 -26.86 -27.74 20.22
CA ALA D 233 -25.89 -27.43 21.26
C ALA D 233 -24.94 -28.58 21.53
N ASP D 234 -25.39 -29.82 21.34
CA ASP D 234 -24.55 -30.97 21.63
C ASP D 234 -23.31 -31.02 20.76
N SER D 235 -23.33 -30.36 19.60
CA SER D 235 -22.16 -30.35 18.74
C SER D 235 -20.96 -29.78 19.48
N GLY D 236 -21.17 -28.82 20.36
CA GLY D 236 -20.08 -28.09 20.97
C GLY D 236 -19.34 -27.21 20.00
N GLU D 237 -20.06 -26.61 19.04
CA GLU D 237 -19.44 -25.78 18.02
C GLU D 237 -20.20 -24.50 17.75
N LYS D 238 -21.22 -24.16 18.54
CA LYS D 238 -21.98 -22.94 18.31
C LYS D 238 -21.09 -21.70 18.45
N ILE D 239 -20.31 -21.64 19.53
CA ILE D 239 -19.44 -20.49 19.73
C ILE D 239 -18.37 -20.44 18.63
N SER D 240 -17.80 -21.60 18.31
CA SER D 240 -16.80 -21.65 17.25
C SER D 240 -17.35 -21.07 15.95
N LEU D 241 -18.54 -21.51 15.55
CA LEU D 241 -19.15 -21.00 14.32
C LEU D 241 -19.38 -19.49 14.41
N GLY D 242 -20.04 -19.04 15.47
CA GLY D 242 -20.40 -17.63 15.57
C GLY D 242 -19.20 -16.72 15.68
N ILE D 243 -18.23 -17.08 16.51
CA ILE D 243 -17.06 -16.23 16.72
C ILE D 243 -16.18 -16.19 15.47
N THR D 244 -16.08 -17.30 14.75
CA THR D 244 -15.30 -17.30 13.52
C THR D 244 -15.97 -16.51 12.41
N VAL D 245 -17.31 -16.44 12.41
CA VAL D 245 -18.00 -15.59 11.45
C VAL D 245 -17.68 -14.13 11.71
N LEU D 246 -17.65 -13.72 12.97
CA LEU D 246 -17.28 -12.35 13.31
C LEU D 246 -15.86 -12.03 12.85
N LEU D 247 -14.93 -12.97 13.06
CA LEU D 247 -13.57 -12.79 12.59
C LEU D 247 -13.54 -12.58 11.08
N SER D 248 -14.23 -13.45 10.33
CA SER D 248 -14.32 -13.29 8.89
C SER D 248 -14.84 -11.91 8.48
N LEU D 249 -15.71 -11.31 9.28
CA LEU D 249 -16.18 -9.96 8.98
C LEU D 249 -15.10 -8.92 9.25
N THR D 250 -14.30 -9.12 10.30
CA THR D 250 -13.17 -8.23 10.52
C THR D 250 -12.19 -8.31 9.35
N VAL D 251 -11.83 -9.52 8.94
CA VAL D 251 -10.96 -9.67 7.77
C VAL D 251 -11.61 -9.05 6.55
N PHE D 252 -12.93 -9.17 6.45
CA PHE D 252 -13.65 -8.54 5.35
C PHE D 252 -13.51 -7.03 5.42
N MET D 253 -13.70 -6.44 6.58
CA MET D 253 -13.54 -5.00 6.75
C MET D 253 -12.26 -4.50 6.09
N LEU D 254 -11.19 -5.31 6.10
CA LEU D 254 -9.94 -4.90 5.49
C LEU D 254 -10.15 -4.59 4.02
N LEU D 255 -10.81 -5.50 3.29
CA LEU D 255 -11.08 -5.26 1.88
C LEU D 255 -11.98 -4.05 1.70
N VAL D 256 -12.96 -3.91 2.59
CA VAL D 256 -13.92 -2.83 2.49
C VAL D 256 -13.24 -1.49 2.74
N ALA D 257 -12.20 -1.48 3.57
CA ALA D 257 -11.56 -0.22 3.95
C ALA D 257 -10.89 0.45 2.76
N GLU D 258 -10.33 -0.32 1.83
CA GLU D 258 -9.65 0.26 0.68
C GLU D 258 -10.60 1.05 -0.22
N ILE D 259 -11.88 0.74 -0.22
CA ILE D 259 -12.84 1.38 -1.13
C ILE D 259 -13.85 2.28 -0.43
N MET D 260 -13.94 2.25 0.89
CA MET D 260 -14.86 3.11 1.62
C MET D 260 -14.28 4.52 1.78
N PRO D 261 -15.10 5.57 1.78
CA PRO D 261 -14.60 6.94 1.91
C PRO D 261 -14.28 7.24 3.36
N ALA D 262 -13.29 8.12 3.57
CA ALA D 262 -12.86 8.53 4.90
C ALA D 262 -13.20 10.00 5.12
N THR D 263 -14.39 10.26 5.66
CA THR D 263 -14.85 11.62 5.90
C THR D 263 -15.51 11.68 7.27
N SER D 264 -15.67 12.92 7.77
CA SER D 264 -16.39 13.14 9.02
C SER D 264 -17.59 14.06 8.84
N ASP D 265 -18.02 14.30 7.60
CA ASP D 265 -19.17 15.16 7.38
C ASP D 265 -20.48 14.40 7.49
N SER D 266 -20.43 13.07 7.43
CA SER D 266 -21.62 12.24 7.50
C SER D 266 -21.18 10.78 7.53
N VAL D 267 -22.09 9.93 7.98
CA VAL D 267 -21.89 8.49 7.95
C VAL D 267 -22.43 8.00 6.61
N PRO D 268 -21.59 7.54 5.68
CA PRO D 268 -22.13 7.02 4.42
C PRO D 268 -23.17 5.92 4.60
N LEU D 269 -23.93 5.68 3.52
CA LEU D 269 -24.96 4.66 3.57
C LEU D 269 -24.38 3.28 3.81
N ILE D 270 -23.32 2.94 3.12
CA ILE D 270 -22.68 1.66 3.23
C ILE D 270 -21.97 1.46 4.55
N ALA D 271 -21.69 2.54 5.24
CA ALA D 271 -21.10 2.42 6.56
C ALA D 271 -22.17 2.08 7.58
N GLN D 272 -23.40 2.54 7.33
CA GLN D 272 -24.52 2.19 8.17
C GLN D 272 -24.92 0.75 7.95
N TYR D 273 -24.81 0.29 6.71
CA TYR D 273 -25.12 -1.10 6.40
C TYR D 273 -24.08 -2.05 6.99
N PHE D 274 -22.80 -1.73 6.84
CA PHE D 274 -21.77 -2.62 7.38
C PHE D 274 -21.80 -2.64 8.89
N ALA D 275 -21.96 -1.49 9.52
CA ALA D 275 -22.07 -1.46 10.97
C ALA D 275 -23.29 -2.26 11.41
N SER D 276 -24.44 -2.05 10.79
CA SER D 276 -25.65 -2.79 11.14
C SER D 276 -25.42 -4.29 11.09
N THR D 277 -24.86 -4.74 9.98
CA THR D 277 -24.65 -6.18 9.86
C THR D 277 -23.78 -6.70 10.98
N MET D 278 -22.76 -5.98 11.40
CA MET D 278 -21.84 -6.48 12.41
C MET D 278 -22.40 -6.39 13.81
N ILE D 279 -23.33 -5.50 14.07
CA ILE D 279 -23.96 -5.53 15.39
C ILE D 279 -24.85 -6.76 15.50
N ILE D 280 -25.50 -7.15 14.41
CA ILE D 280 -26.37 -8.33 14.46
C ILE D 280 -25.56 -9.61 14.59
N VAL D 281 -24.38 -9.68 13.97
CA VAL D 281 -23.51 -10.85 14.18
C VAL D 281 -22.98 -10.85 15.61
N GLY D 282 -22.62 -9.69 16.13
CA GLY D 282 -22.17 -9.62 17.52
C GLY D 282 -23.25 -10.03 18.49
N LEU D 283 -24.48 -9.59 18.24
CA LEU D 283 -25.58 -9.92 19.14
C LEU D 283 -25.97 -11.39 19.05
N SER D 284 -25.73 -12.02 17.89
CA SER D 284 -26.00 -13.45 17.79
C SER D 284 -25.04 -14.25 18.67
N VAL D 285 -23.78 -13.82 18.75
CA VAL D 285 -22.85 -14.46 19.67
C VAL D 285 -23.32 -14.27 21.11
N VAL D 286 -23.87 -13.10 21.42
CA VAL D 286 -24.36 -12.84 22.77
C VAL D 286 -25.53 -13.74 23.09
N VAL D 287 -26.48 -13.86 22.15
CA VAL D 287 -27.64 -14.72 22.35
C VAL D 287 -27.23 -16.19 22.44
N THR D 288 -26.19 -16.58 21.70
CA THR D 288 -25.69 -17.95 21.79
C THR D 288 -25.15 -18.26 23.18
N VAL D 289 -24.47 -17.31 23.80
CA VAL D 289 -23.98 -17.51 25.16
C VAL D 289 -25.14 -17.75 26.12
N ILE D 290 -26.21 -16.98 25.98
CA ILE D 290 -27.39 -17.18 26.82
C ILE D 290 -28.00 -18.57 26.57
N VAL D 291 -28.08 -18.97 25.31
CA VAL D 291 -28.63 -20.27 24.97
C VAL D 291 -27.82 -21.39 25.61
N LEU D 292 -26.50 -21.28 25.56
CA LEU D 292 -25.65 -22.30 26.18
C LEU D 292 -25.82 -22.32 27.70
N GLN D 293 -26.03 -21.15 28.30
CA GLN D 293 -26.34 -21.09 29.72
C GLN D 293 -27.55 -21.94 30.06
N TYR D 294 -28.60 -21.88 29.25
CA TYR D 294 -29.77 -22.71 29.48
C TYR D 294 -29.45 -24.19 29.26
N HIS D 295 -28.71 -24.50 28.19
CA HIS D 295 -28.54 -25.90 27.81
C HIS D 295 -27.68 -26.63 28.83
N HIS D 296 -26.68 -25.97 29.40
CA HIS D 296 -25.78 -26.59 30.37
C HIS D 296 -26.18 -26.27 31.81
N HIS D 297 -27.42 -25.85 32.03
CA HIS D 297 -27.86 -25.51 33.36
C HIS D 297 -27.70 -26.70 34.30
N ASP D 298 -27.09 -26.46 35.45
CA ASP D 298 -26.86 -27.52 36.42
C ASP D 298 -28.19 -28.00 36.98
N PRO D 299 -28.46 -29.32 36.98
CA PRO D 299 -29.78 -29.79 37.42
C PRO D 299 -30.07 -29.53 38.88
N ASP D 300 -29.03 -29.33 39.70
CA ASP D 300 -29.18 -29.09 41.13
C ASP D 300 -29.08 -27.61 41.47
N GLY D 301 -29.31 -26.74 40.50
CA GLY D 301 -29.25 -25.31 40.71
C GLY D 301 -30.60 -24.72 41.01
N GLY D 302 -30.93 -23.59 40.36
CA GLY D 302 -32.19 -22.92 40.60
C GLY D 302 -33.30 -23.47 39.73
N LYS D 303 -34.44 -23.77 40.37
CA LYS D 303 -35.59 -24.30 39.65
C LYS D 303 -36.08 -23.30 38.61
N MET D 304 -36.39 -23.81 37.42
CA MET D 304 -36.88 -22.98 36.32
C MET D 304 -37.90 -21.99 36.86
N PRO D 305 -37.59 -20.70 36.80
CA PRO D 305 -38.58 -19.73 37.23
C PRO D 305 -39.97 -20.05 36.66
N LYS D 306 -41.01 -19.64 37.36
CA LYS D 306 -42.37 -19.88 36.87
C LYS D 306 -42.62 -19.13 35.60
N TRP D 307 -42.01 -17.97 35.49
CA TRP D 307 -42.19 -17.17 34.31
C TRP D 307 -41.43 -17.76 33.14
N THR D 308 -40.30 -18.40 33.41
CA THR D 308 -39.52 -18.98 32.35
C THR D 308 -40.29 -20.13 31.81
N ARG D 309 -40.94 -20.89 32.66
CA ARG D 309 -41.63 -22.07 32.20
C ARG D 309 -42.90 -21.71 31.45
N VAL D 310 -43.42 -20.51 31.63
CA VAL D 310 -44.62 -20.09 30.93
C VAL D 310 -44.29 -19.35 29.64
N ILE D 311 -43.47 -18.30 29.74
CA ILE D 311 -43.16 -17.50 28.57
C ILE D 311 -42.47 -18.34 27.49
N LEU D 312 -41.79 -19.42 27.88
CA LEU D 312 -41.04 -20.24 26.93
C LEU D 312 -41.66 -21.61 26.70
N LEU D 313 -41.81 -22.42 27.74
CA LEU D 313 -42.26 -23.79 27.53
C LEU D 313 -43.72 -23.90 27.11
N ASN D 314 -44.53 -22.84 27.27
CA ASN D 314 -45.93 -22.88 26.90
C ASN D 314 -46.27 -21.93 25.76
N TRP D 315 -46.06 -20.63 25.91
CA TRP D 315 -46.51 -19.70 24.88
C TRP D 315 -45.62 -19.80 23.66
N CYS D 316 -44.36 -19.39 23.78
CA CYS D 316 -43.45 -19.45 22.64
C CYS D 316 -43.31 -20.87 22.10
N ALA D 317 -43.37 -21.87 22.98
CA ALA D 317 -43.24 -23.25 22.52
C ALA D 317 -44.49 -23.73 21.80
N TRP D 318 -45.61 -23.01 21.94
CA TRP D 318 -46.82 -23.33 21.19
C TRP D 318 -46.87 -22.53 19.89
N PHE D 319 -46.57 -21.23 19.95
CA PHE D 319 -46.57 -20.41 18.76
C PHE D 319 -45.68 -21.01 17.68
N LEU D 320 -44.50 -21.46 18.06
CA LEU D 320 -43.53 -22.00 17.12
C LEU D 320 -43.80 -23.47 16.79
N ARG D 321 -44.93 -24.02 17.24
CA ARG D 321 -45.26 -25.42 16.99
C ARG D 321 -44.04 -26.30 17.20
N MET D 322 -43.63 -26.49 18.46
CA MET D 322 -42.44 -27.26 18.77
C MET D 322 -42.74 -28.51 19.57
N LYS D 323 -43.27 -28.37 20.79
CA LYS D 323 -43.56 -29.51 21.65
C LYS D 323 -42.29 -30.03 22.34
N PRO D 479 -31.27 -62.92 57.16
CA PRO D 479 -30.19 -62.00 57.51
C PRO D 479 -29.42 -61.54 56.27
N ASP D 480 -28.65 -62.45 55.66
CA ASP D 480 -27.93 -62.10 54.45
C ASP D 480 -28.89 -61.63 53.37
N LEU D 481 -30.02 -62.32 53.21
CA LEU D 481 -30.98 -61.95 52.17
C LEU D 481 -31.44 -60.51 52.37
N ALA D 482 -31.76 -60.12 53.60
CA ALA D 482 -32.20 -58.76 53.86
C ALA D 482 -31.07 -57.76 53.59
N LYS D 483 -29.83 -58.15 53.91
CA LYS D 483 -28.70 -57.28 53.61
C LYS D 483 -28.56 -57.08 52.11
N ILE D 484 -28.85 -58.12 51.33
CA ILE D 484 -28.72 -57.98 49.87
C ILE D 484 -29.82 -57.07 49.36
N LEU D 485 -31.00 -57.11 50.00
CA LEU D 485 -32.09 -56.22 49.61
C LEU D 485 -31.67 -54.77 49.78
N GLU D 486 -31.06 -54.43 50.91
CA GLU D 486 -30.63 -53.07 51.15
C GLU D 486 -29.60 -52.63 50.11
N GLU D 487 -28.61 -53.48 49.83
CA GLU D 487 -27.59 -53.12 48.85
C GLU D 487 -28.20 -52.91 47.47
N VAL D 488 -29.21 -53.70 47.13
CA VAL D 488 -29.80 -53.62 45.80
C VAL D 488 -30.82 -52.49 45.75
N ARG D 489 -31.48 -52.20 46.87
CA ARG D 489 -32.41 -51.08 46.92
C ARG D 489 -31.69 -49.75 46.79
N TYR D 490 -30.45 -49.67 47.28
CA TYR D 490 -29.66 -48.46 47.10
C TYR D 490 -29.27 -48.27 45.63
N ILE D 491 -28.85 -49.34 44.97
CA ILE D 491 -28.48 -49.24 43.56
C ILE D 491 -29.67 -48.76 42.74
N ALA D 492 -30.85 -49.35 42.97
CA ALA D 492 -32.02 -48.98 42.20
C ALA D 492 -32.43 -47.53 42.48
N ASN D 493 -32.38 -47.11 43.74
CA ASN D 493 -32.75 -45.74 44.08
C ASN D 493 -31.76 -44.73 43.53
N ARG D 494 -30.48 -45.08 43.50
CA ARG D 494 -29.50 -44.22 42.86
C ARG D 494 -29.85 -43.99 41.40
N PHE D 495 -30.22 -45.05 40.69
CA PHE D 495 -30.59 -44.90 39.29
C PHE D 495 -31.84 -44.02 39.14
N ARG D 496 -32.80 -44.18 40.04
CA ARG D 496 -34.02 -43.37 39.97
C ARG D 496 -33.71 -41.89 40.17
N CYS D 497 -32.82 -41.58 41.11
CA CYS D 497 -32.41 -40.19 41.29
C CYS D 497 -31.74 -39.65 40.03
N GLN D 498 -30.90 -40.46 39.38
CA GLN D 498 -30.31 -40.04 38.13
C GLN D 498 -31.37 -39.71 37.09
N ASP D 499 -32.42 -40.54 37.00
CA ASP D 499 -33.46 -40.28 36.02
C ASP D 499 -34.19 -38.97 36.29
N GLU D 500 -34.50 -38.69 37.55
CA GLU D 500 -35.15 -37.43 37.86
C GLU D 500 -34.26 -36.24 37.50
N SER D 501 -32.98 -36.32 37.84
CA SER D 501 -32.05 -35.25 37.48
C SER D 501 -31.99 -35.08 35.97
N GLU D 502 -31.96 -36.17 35.22
CA GLU D 502 -31.90 -36.08 33.76
C GLU D 502 -33.17 -35.49 33.18
N ALA D 503 -34.32 -35.78 33.80
CA ALA D 503 -35.57 -35.18 33.34
C ALA D 503 -35.57 -33.67 33.53
N VAL D 504 -35.06 -33.19 34.67
CA VAL D 504 -34.96 -31.76 34.89
C VAL D 504 -34.06 -31.12 33.83
N CYS D 505 -32.92 -31.75 33.56
CA CYS D 505 -32.01 -31.23 32.55
C CYS D 505 -32.67 -31.18 31.17
N SER D 506 -33.52 -32.16 30.87
CA SER D 506 -34.17 -32.16 29.56
C SER D 506 -35.09 -30.96 29.40
N GLU D 507 -35.76 -30.54 30.48
CA GLU D 507 -36.58 -29.34 30.39
C GLU D 507 -35.73 -28.11 30.10
N TRP D 508 -34.58 -27.99 30.77
CA TRP D 508 -33.70 -26.86 30.52
C TRP D 508 -33.14 -26.90 29.11
N LYS D 509 -32.89 -28.09 28.59
CA LYS D 509 -32.36 -28.22 27.23
C LYS D 509 -33.42 -27.87 26.20
N PHE D 510 -34.68 -28.25 26.47
CA PHE D 510 -35.76 -27.90 25.55
C PHE D 510 -36.02 -26.39 25.56
N ALA D 511 -35.89 -25.76 26.73
CA ALA D 511 -36.00 -24.31 26.79
C ALA D 511 -34.92 -23.65 25.94
N ALA D 512 -33.70 -24.18 25.97
CA ALA D 512 -32.64 -23.67 25.11
C ALA D 512 -33.02 -23.77 23.65
N CYS D 513 -33.60 -24.91 23.25
CA CYS D 513 -34.05 -25.07 21.88
C CYS D 513 -35.06 -24.00 21.49
N VAL D 514 -36.00 -23.71 22.39
CA VAL D 514 -37.05 -22.74 22.09
C VAL D 514 -36.45 -21.35 21.90
N VAL D 515 -35.43 -21.01 22.69
CA VAL D 515 -34.82 -19.69 22.55
C VAL D 515 -34.06 -19.59 21.24
N ASP D 516 -33.50 -20.69 20.74
CA ASP D 516 -32.81 -20.63 19.46
C ASP D 516 -33.77 -20.38 18.31
N ARG D 517 -35.00 -20.90 18.40
CA ARG D 517 -35.96 -20.67 17.34
C ARG D 517 -36.52 -19.25 17.40
N LEU D 518 -36.84 -18.75 18.59
CA LEU D 518 -37.22 -17.35 18.71
C LEU D 518 -36.17 -16.44 18.12
N CYS D 519 -34.91 -16.66 18.50
CA CYS D 519 -33.83 -15.80 18.02
C CYS D 519 -33.60 -15.99 16.54
N LEU D 520 -33.69 -17.22 16.05
CA LEU D 520 -33.62 -17.43 14.60
C LEU D 520 -34.65 -16.57 13.90
N MET D 521 -35.90 -16.66 14.34
CA MET D 521 -36.97 -15.90 13.69
C MET D 521 -36.74 -14.40 13.83
N ALA D 522 -36.46 -13.95 15.05
CA ALA D 522 -36.31 -12.51 15.28
C ALA D 522 -35.10 -11.96 14.54
N PHE D 523 -33.96 -12.64 14.61
CA PHE D 523 -32.77 -12.13 13.92
C PHE D 523 -32.94 -12.16 12.42
N SER D 524 -33.61 -13.18 11.88
CA SER D 524 -33.87 -13.20 10.45
C SER D 524 -34.70 -11.99 10.03
N VAL D 525 -35.77 -11.71 10.77
CA VAL D 525 -36.61 -10.55 10.43
C VAL D 525 -35.80 -9.27 10.52
N PHE D 526 -35.02 -9.13 11.60
CA PHE D 526 -34.30 -7.88 11.83
C PHE D 526 -33.20 -7.66 10.81
N THR D 527 -32.55 -8.72 10.33
CA THR D 527 -31.56 -8.56 9.28
C THR D 527 -32.21 -8.10 7.99
N ILE D 528 -33.32 -8.73 7.61
CA ILE D 528 -34.00 -8.36 6.36
C ILE D 528 -34.47 -6.91 6.41
N ILE D 529 -35.06 -6.49 7.53
CA ILE D 529 -35.58 -5.14 7.62
C ILE D 529 -34.47 -4.12 7.51
N CYS D 530 -33.35 -4.35 8.19
CA CYS D 530 -32.25 -3.39 8.14
C CYS D 530 -31.64 -3.34 6.74
N THR D 531 -31.40 -4.51 6.13
CA THR D 531 -30.84 -4.52 4.79
C THR D 531 -31.73 -3.76 3.82
N ILE D 532 -33.03 -4.10 3.79
CA ILE D 532 -33.91 -3.45 2.83
C ILE D 532 -34.04 -1.97 3.15
N GLY D 533 -34.20 -1.64 4.42
CA GLY D 533 -34.38 -0.25 4.81
C GLY D 533 -33.16 0.62 4.57
N ILE D 534 -31.97 0.14 4.90
CA ILE D 534 -30.77 0.94 4.70
C ILE D 534 -30.49 1.16 3.21
N LEU D 535 -30.56 0.10 2.40
CA LEU D 535 -30.23 0.27 0.99
C LEU D 535 -31.28 1.06 0.24
N MET D 536 -32.56 0.86 0.53
CA MET D 536 -33.58 1.56 -0.23
C MET D 536 -33.80 2.98 0.28
N SER D 537 -33.13 3.39 1.35
CA SER D 537 -33.18 4.78 1.79
C SER D 537 -32.42 5.70 0.84
N ALA D 538 -31.67 5.16 -0.11
CA ALA D 538 -30.95 5.96 -1.09
C ALA D 538 -31.92 6.49 -2.15
N PRO D 539 -31.94 7.79 -2.42
CA PRO D 539 -32.83 8.30 -3.46
C PRO D 539 -32.55 7.73 -4.84
N ASN D 540 -31.28 7.28 -5.13
CA ASN D 540 -30.92 6.76 -6.44
C ASN D 540 -30.83 5.23 -6.46
N PHE D 541 -31.48 4.56 -5.51
CA PHE D 541 -31.37 3.10 -5.44
C PHE D 541 -32.04 2.45 -6.63
N VAL D 542 -33.33 2.74 -6.83
CA VAL D 542 -34.08 2.08 -7.88
C VAL D 542 -33.40 2.29 -9.23
N GLU D 543 -33.14 3.55 -9.58
CA GLU D 543 -32.48 3.86 -10.84
C GLU D 543 -31.16 3.12 -10.96
N ALA D 544 -30.36 3.17 -9.89
CA ALA D 544 -29.04 2.51 -9.93
C ALA D 544 -29.17 1.03 -10.24
N VAL D 545 -29.99 0.32 -9.48
CA VAL D 545 -30.12 -1.13 -9.68
C VAL D 545 -30.66 -1.42 -11.08
N SER D 546 -31.54 -0.57 -11.59
CA SER D 546 -32.13 -0.83 -12.90
C SER D 546 -31.10 -0.66 -14.02
N LYS D 547 -30.19 0.29 -13.87
CA LYS D 547 -29.23 0.59 -14.92
C LYS D 547 -27.97 -0.27 -14.81
N ASP D 548 -27.59 -0.67 -13.60
CA ASP D 548 -26.33 -1.38 -13.39
C ASP D 548 -26.50 -2.89 -13.23
N PHE D 549 -27.70 -3.37 -12.91
CA PHE D 549 -27.94 -4.81 -12.74
C PHE D 549 -29.04 -5.27 -13.69
N GLU E 1 -4.15 50.92 -30.97
CA GLU E 1 -3.26 52.07 -31.33
C GLU E 1 -2.69 52.74 -30.09
N PHE E 2 -3.55 52.99 -29.11
CA PHE E 2 -3.11 53.70 -27.92
C PHE E 2 -2.39 52.76 -26.96
N GLN E 3 -2.87 51.52 -26.79
CA GLN E 3 -2.15 50.60 -25.92
C GLN E 3 -0.85 50.14 -26.56
N ARG E 4 -0.78 50.12 -27.89
CA ARG E 4 0.49 49.84 -28.54
C ARG E 4 1.50 50.93 -28.20
N LYS E 5 1.10 52.19 -28.35
CA LYS E 5 1.96 53.30 -27.98
C LYS E 5 2.34 53.24 -26.50
N LEU E 6 1.36 52.96 -25.64
CA LEU E 6 1.60 52.95 -24.20
C LEU E 6 2.56 51.85 -23.79
N TYR E 7 2.35 50.63 -24.29
CA TYR E 7 3.24 49.52 -23.92
C TYR E 7 4.66 49.79 -24.37
N LYS E 8 4.83 50.38 -25.55
CA LYS E 8 6.17 50.76 -25.99
C LYS E 8 6.77 51.80 -25.06
N GLU E 9 5.95 52.75 -24.60
CA GLU E 9 6.45 53.85 -23.78
C GLU E 9 6.80 53.38 -22.37
N LEU E 10 6.04 52.42 -21.82
CA LEU E 10 6.22 52.07 -20.42
C LEU E 10 7.51 51.30 -20.17
N VAL E 11 8.02 50.59 -21.17
CA VAL E 11 9.19 49.73 -20.98
C VAL E 11 10.47 50.37 -21.51
N LYS E 12 10.41 51.63 -21.91
CA LYS E 12 11.59 52.36 -22.35
C LYS E 12 12.44 52.69 -21.14
N ASN E 13 13.61 52.05 -21.04
CA ASN E 13 14.61 52.25 -20.00
C ASN E 13 14.20 51.61 -18.68
N TYR E 14 13.08 50.89 -18.65
CA TYR E 14 12.66 50.22 -17.43
C TYR E 14 13.59 49.06 -17.10
N ASN E 15 14.02 48.99 -15.84
CA ASN E 15 14.87 47.92 -15.37
C ASN E 15 14.14 47.11 -14.30
N PRO E 16 13.77 45.86 -14.56
CA PRO E 16 13.05 45.07 -13.54
C PRO E 16 13.88 44.74 -12.30
N LEU E 17 15.17 45.07 -12.29
CA LEU E 17 15.99 44.90 -11.08
C LEU E 17 15.80 46.05 -10.09
N GLU E 18 15.25 47.17 -10.54
CA GLU E 18 15.17 48.38 -9.74
C GLU E 18 13.89 48.39 -8.91
N ARG E 19 14.03 48.53 -7.60
CA ARG E 19 12.91 48.82 -6.73
C ARG E 19 12.30 50.16 -7.15
N PRO E 20 11.01 50.21 -7.51
CA PRO E 20 10.47 51.41 -8.21
C PRO E 20 9.96 52.52 -7.29
N VAL E 21 10.89 53.24 -6.67
CA VAL E 21 10.59 54.37 -5.81
C VAL E 21 11.23 55.62 -6.41
N ALA E 22 10.53 56.76 -6.29
CA ALA E 22 11.09 58.02 -6.76
C ALA E 22 12.33 58.39 -5.97
N ASN E 23 12.32 58.08 -4.68
CA ASN E 23 13.44 58.30 -3.76
C ASN E 23 13.98 56.98 -3.27
N ASP E 24 15.24 56.69 -3.62
CA ASP E 24 15.84 55.42 -3.26
C ASP E 24 16.04 55.31 -1.75
N SER E 25 16.00 56.43 -1.04
CA SER E 25 16.11 56.43 0.41
C SER E 25 14.79 56.11 1.10
N GLN E 26 13.68 56.29 0.42
CA GLN E 26 12.37 56.03 0.99
C GLN E 26 11.98 54.56 0.80
N PRO E 27 11.25 53.98 1.75
CA PRO E 27 10.78 52.60 1.56
C PRO E 27 9.59 52.51 0.62
N LEU E 28 9.42 51.32 0.06
CA LEU E 28 8.30 51.01 -0.82
C LEU E 28 7.33 50.15 -0.04
N THR E 29 6.15 50.69 0.25
CA THR E 29 5.14 49.95 0.98
C THR E 29 4.52 48.87 0.11
N VAL E 30 4.50 47.63 0.61
CA VAL E 30 3.85 46.51 -0.05
C VAL E 30 2.77 45.99 0.89
N TYR E 31 1.54 45.89 0.38
CA TYR E 31 0.44 45.32 1.15
C TYR E 31 0.32 43.85 0.83
N PHE E 32 0.44 43.00 1.85
CA PHE E 32 0.42 41.56 1.69
C PHE E 32 -0.78 40.98 2.41
N SER E 33 -1.52 40.14 1.70
CA SER E 33 -2.64 39.39 2.25
C SER E 33 -2.67 38.05 1.56
N LEU E 34 -3.51 37.15 2.05
CA LEU E 34 -3.71 35.87 1.38
C LEU E 34 -5.17 35.49 1.45
N SER E 35 -5.53 34.48 0.68
CA SER E 35 -6.88 33.96 0.60
C SER E 35 -6.78 32.45 0.68
N LEU E 36 -7.33 31.86 1.74
CA LEU E 36 -7.26 30.43 1.96
C LEU E 36 -8.47 29.75 1.33
N LEU E 37 -8.21 28.89 0.35
CA LEU E 37 -9.27 28.17 -0.35
C LEU E 37 -9.45 26.74 0.13
N GLN E 38 -8.39 26.09 0.60
CA GLN E 38 -8.50 24.68 0.96
C GLN E 38 -7.35 24.28 1.86
N ILE E 39 -7.65 23.45 2.85
CA ILE E 39 -6.64 22.70 3.56
C ILE E 39 -6.57 21.35 2.85
N MET E 40 -5.40 20.99 2.35
CA MET E 40 -5.28 19.79 1.53
C MET E 40 -4.80 18.59 2.32
N ASP E 41 -3.81 18.77 3.19
CA ASP E 41 -3.28 17.65 3.94
C ASP E 41 -2.54 18.18 5.16
N VAL E 42 -2.53 17.36 6.20
CA VAL E 42 -1.79 17.64 7.44
C VAL E 42 -0.94 16.41 7.68
N ASP E 43 0.27 16.41 7.16
CA ASP E 43 1.20 15.29 7.24
C ASP E 43 1.91 15.31 8.58
N GLU E 44 1.51 14.46 9.52
CA GLU E 44 2.08 14.51 10.84
C GLU E 44 3.39 13.74 10.93
N LYS E 45 3.69 12.92 9.92
CA LYS E 45 4.94 12.19 9.89
C LYS E 45 6.04 13.09 9.34
N ASN E 46 5.75 13.74 8.22
CA ASN E 46 6.69 14.66 7.59
C ASN E 46 6.59 16.06 8.16
N GLN E 47 5.61 16.30 9.04
CA GLN E 47 5.40 17.61 9.67
C GLN E 47 5.24 18.71 8.63
N VAL E 48 4.29 18.52 7.71
CA VAL E 48 4.07 19.46 6.62
C VAL E 48 2.58 19.69 6.43
N LEU E 49 2.19 20.95 6.30
CA LEU E 49 0.83 21.34 5.97
C LEU E 49 0.77 21.75 4.50
N THR E 50 -0.17 21.16 3.76
CA THR E 50 -0.44 21.50 2.37
C THR E 50 -1.75 22.27 2.25
N THR E 51 -1.69 23.45 1.64
CA THR E 51 -2.84 24.35 1.56
C THR E 51 -2.95 24.95 0.16
N ASN E 52 -4.18 25.22 -0.25
CA ASN E 52 -4.47 25.94 -1.48
C ASN E 52 -4.67 27.40 -1.11
N ILE E 53 -3.83 28.28 -1.65
CA ILE E 53 -3.80 29.67 -1.21
C ILE E 53 -3.53 30.59 -2.39
N TRP E 54 -4.31 31.66 -2.49
CA TRP E 54 -4.07 32.74 -3.44
C TRP E 54 -3.46 33.92 -2.68
N LEU E 55 -2.17 34.17 -2.89
CA LEU E 55 -1.52 35.32 -2.27
C LEU E 55 -1.99 36.61 -2.95
N GLN E 56 -2.03 37.70 -2.17
CA GLN E 56 -2.47 39.00 -2.66
C GLN E 56 -1.45 40.08 -2.28
N MET E 57 -0.69 40.56 -3.27
CA MET E 57 0.28 41.64 -3.07
C MET E 57 -0.16 42.90 -3.83
N SER E 58 0.14 44.06 -3.24
CA SER E 58 -0.15 45.35 -3.85
C SER E 58 0.96 46.32 -3.53
N TRP E 59 1.34 47.14 -4.50
CA TRP E 59 2.32 48.20 -4.29
C TRP E 59 2.11 49.28 -5.33
N THR E 60 3.02 50.24 -5.37
CA THR E 60 2.96 51.34 -6.32
C THR E 60 4.29 51.42 -7.08
N ASP E 61 4.21 51.35 -8.40
CA ASP E 61 5.38 51.46 -9.26
C ASP E 61 5.45 52.90 -9.77
N HIS E 62 6.52 53.59 -9.39
CA HIS E 62 6.65 55.00 -9.74
C HIS E 62 6.74 55.21 -11.25
N TYR E 63 7.14 54.20 -12.00
CA TYR E 63 7.42 54.36 -13.42
C TYR E 63 6.23 54.01 -14.32
N LEU E 64 5.29 53.20 -13.84
CA LEU E 64 4.18 52.75 -14.66
C LEU E 64 2.95 53.62 -14.45
N GLN E 65 3.09 54.90 -14.78
CA GLN E 65 2.02 55.89 -14.65
C GLN E 65 1.83 56.60 -15.98
N TRP E 66 0.58 56.88 -16.34
CA TRP E 66 0.27 57.55 -17.64
C TRP E 66 -0.99 58.39 -17.50
N ASN E 67 -1.14 59.42 -18.33
CA ASN E 67 -2.34 60.28 -18.35
C ASN E 67 -3.39 59.53 -19.18
N VAL E 68 -4.55 59.22 -18.61
CA VAL E 68 -5.59 58.40 -19.32
C VAL E 68 -6.25 59.27 -20.39
N SER E 69 -5.94 60.57 -20.43
CA SER E 69 -6.50 61.43 -21.46
C SER E 69 -5.70 61.33 -22.75
N GLU E 70 -4.42 60.99 -22.65
CA GLU E 70 -3.55 60.85 -23.81
C GLU E 70 -3.56 59.44 -24.38
N TYR E 71 -4.21 58.51 -23.71
CA TYR E 71 -4.36 57.13 -24.19
C TYR E 71 -5.78 56.68 -23.92
N PRO E 72 -6.76 57.29 -24.56
CA PRO E 72 -8.15 56.99 -24.24
C PRO E 72 -8.47 55.51 -24.43
N GLY E 73 -9.21 54.95 -23.48
CA GLY E 73 -9.58 53.57 -23.50
C GLY E 73 -8.62 52.63 -22.78
N VAL E 74 -7.41 53.08 -22.49
CA VAL E 74 -6.38 52.23 -21.88
C VAL E 74 -6.32 52.58 -20.41
N LYS E 75 -7.07 51.83 -19.60
CA LYS E 75 -7.13 52.07 -18.15
C LYS E 75 -6.16 51.21 -17.36
N THR E 76 -5.80 50.04 -17.88
CA THR E 76 -4.92 49.12 -17.17
C THR E 76 -3.98 48.46 -18.17
N VAL E 77 -2.88 47.90 -17.65
CA VAL E 77 -1.94 47.12 -18.43
C VAL E 77 -1.56 45.88 -17.63
N ARG E 78 -1.07 44.87 -18.34
CA ARG E 78 -0.63 43.61 -17.76
C ARG E 78 0.81 43.34 -18.17
N PHE E 79 1.62 42.87 -17.22
CA PHE E 79 3.00 42.52 -17.50
C PHE E 79 3.30 41.11 -17.01
N PRO E 80 3.88 40.25 -17.85
CA PRO E 80 4.21 38.90 -17.41
C PRO E 80 5.49 38.85 -16.60
N ASP E 81 5.74 37.67 -16.02
CA ASP E 81 6.87 37.49 -15.12
C ASP E 81 8.17 37.91 -15.80
N GLY E 82 8.99 38.66 -15.07
CA GLY E 82 10.30 39.05 -15.51
C GLY E 82 10.37 40.38 -16.25
N GLN E 83 9.23 40.99 -16.57
CA GLN E 83 9.24 42.23 -17.34
C GLN E 83 9.24 43.46 -16.46
N ILE E 84 8.65 43.40 -15.26
CA ILE E 84 8.69 44.52 -14.34
C ILE E 84 9.05 44.02 -12.95
N TRP E 85 9.42 44.97 -12.09
CA TRP E 85 9.81 44.66 -10.73
C TRP E 85 8.64 44.05 -9.96
N LYS E 86 8.94 43.05 -9.15
CA LYS E 86 7.95 42.47 -8.27
C LYS E 86 8.54 42.31 -6.87
N PRO E 87 7.71 42.36 -5.83
CA PRO E 87 8.22 42.09 -4.48
C PRO E 87 8.65 40.64 -4.35
N ASP E 88 9.78 40.43 -3.69
CA ASP E 88 10.32 39.07 -3.56
C ASP E 88 9.84 38.42 -2.25
N ILE E 89 8.54 38.47 -2.02
CA ILE E 89 7.96 37.88 -0.82
C ILE E 89 7.88 36.38 -1.02
N LEU E 90 8.48 35.63 -0.11
CA LEU E 90 8.49 34.17 -0.16
C LEU E 90 8.01 33.61 1.17
N LEU E 91 7.48 32.40 1.11
CA LEU E 91 7.18 31.65 2.32
C LEU E 91 8.48 31.19 2.94
N TYR E 92 8.80 31.71 4.12
CA TYR E 92 10.06 31.38 4.77
C TYR E 92 10.12 29.89 5.13
N ASN E 93 9.08 29.38 5.79
CA ASN E 93 9.12 27.98 6.23
C ASN E 93 8.49 27.07 5.19
N SER E 94 8.93 27.20 3.95
CA SER E 94 8.45 26.37 2.87
C SER E 94 9.10 24.99 2.96
N ALA E 95 8.29 23.96 2.74
CA ALA E 95 8.75 22.57 2.76
C ALA E 95 8.57 21.92 1.38
N ASP E 96 8.52 22.73 0.33
CA ASP E 96 8.32 22.25 -1.03
C ASP E 96 9.67 22.05 -1.71
N GLU E 97 9.73 21.04 -2.59
CA GLU E 97 10.96 20.80 -3.32
C GLU E 97 11.28 21.97 -4.25
N ARG E 98 10.26 22.68 -4.71
CA ARG E 98 10.48 23.84 -5.56
C ARG E 98 10.74 25.09 -4.73
N PHE E 99 10.45 25.02 -3.42
CA PHE E 99 10.55 26.11 -2.46
C PHE E 99 9.52 27.20 -2.75
N ASP E 100 9.48 27.67 -4.00
CA ASP E 100 8.50 28.66 -4.44
C ASP E 100 7.36 27.90 -5.10
N ALA E 101 6.21 27.86 -4.45
CA ALA E 101 5.06 27.13 -4.98
C ALA E 101 4.12 27.98 -5.82
N THR E 102 4.33 29.29 -5.89
CA THR E 102 3.39 30.16 -6.58
C THR E 102 3.46 29.99 -8.09
N PHE E 103 2.31 30.17 -8.73
CA PHE E 103 2.21 30.26 -10.18
C PHE E 103 2.26 31.74 -10.53
N HIS E 104 3.28 32.14 -11.28
CA HIS E 104 3.52 33.55 -11.59
C HIS E 104 2.55 34.10 -12.62
N THR E 105 1.48 34.72 -12.15
CA THR E 105 0.49 35.34 -13.02
C THR E 105 0.94 36.75 -13.39
N ASN E 106 0.16 37.40 -14.24
CA ASN E 106 0.49 38.74 -14.71
C ASN E 106 0.25 39.77 -13.61
N VAL E 107 1.05 40.83 -13.65
CA VAL E 107 0.88 41.97 -12.75
C VAL E 107 -0.03 42.98 -13.44
N LEU E 108 -1.16 43.28 -12.81
CA LEU E 108 -2.10 44.28 -13.28
C LEU E 108 -1.78 45.65 -12.68
N VAL E 109 -1.64 46.65 -13.54
CA VAL E 109 -1.33 48.01 -13.12
C VAL E 109 -2.39 48.95 -13.70
N ASN E 110 -2.71 50.03 -12.98
CA ASN E 110 -3.59 51.03 -13.55
C ASN E 110 -2.80 52.31 -13.80
N SER E 111 -3.48 53.32 -14.34
CA SER E 111 -2.82 54.53 -14.81
C SER E 111 -2.02 55.23 -13.72
N SER E 112 -2.40 55.06 -12.46
CA SER E 112 -1.71 55.75 -11.38
C SER E 112 -0.51 54.97 -10.86
N GLY E 113 -0.27 53.77 -11.38
CA GLY E 113 0.87 52.97 -11.01
C GLY E 113 0.65 51.98 -9.90
N HIS E 114 -0.59 51.73 -9.51
CA HIS E 114 -0.88 50.76 -8.47
CA HIS E 114 -0.89 50.76 -8.47
C HIS E 114 -0.90 49.35 -9.08
N CYS E 115 0.00 48.50 -8.60
CA CYS E 115 0.18 47.15 -9.12
C CYS E 115 -0.49 46.13 -8.21
N GLN E 116 -1.21 45.20 -8.81
CA GLN E 116 -1.84 44.10 -8.09
C GLN E 116 -1.30 42.78 -8.63
N TYR E 117 -0.79 41.94 -7.72
CA TYR E 117 -0.22 40.64 -8.08
C TYR E 117 -0.96 39.56 -7.29
N LEU E 118 -1.67 38.68 -8.00
CA LEU E 118 -2.48 37.63 -7.38
C LEU E 118 -1.98 36.22 -7.69
N PRO E 119 -0.79 35.83 -7.24
CA PRO E 119 -0.25 34.51 -7.58
C PRO E 119 -0.93 33.37 -6.84
N PRO E 120 -1.52 32.40 -7.53
CA PRO E 120 -2.08 31.23 -6.86
C PRO E 120 -0.98 30.23 -6.52
N GLY E 121 -1.31 29.28 -5.64
CA GLY E 121 -0.34 28.24 -5.34
C GLY E 121 -0.88 27.17 -4.42
N ILE E 122 -0.23 26.03 -4.47
CA ILE E 122 -0.42 24.93 -3.53
C ILE E 122 0.83 24.93 -2.66
N PHE E 123 0.71 25.44 -1.44
CA PHE E 123 1.86 25.63 -0.57
C PHE E 123 2.05 24.45 0.38
N LYS E 124 3.31 24.15 0.67
CA LYS E 124 3.69 23.13 1.63
C LYS E 124 4.57 23.81 2.67
N SER E 125 4.09 23.91 3.90
CA SER E 125 4.83 24.56 4.98
C SER E 125 5.11 23.56 6.10
N SER E 126 6.27 23.73 6.73
CA SER E 126 6.67 22.86 7.83
C SER E 126 5.92 23.27 9.10
N CYS E 127 5.13 22.35 9.65
CA CYS E 127 4.34 22.59 10.84
C CYS E 127 4.53 21.45 11.82
N TYR E 128 4.91 21.76 13.05
CA TYR E 128 4.98 20.74 14.09
C TYR E 128 3.57 20.31 14.46
N ILE E 129 3.27 19.03 14.23
CA ILE E 129 1.95 18.47 14.50
C ILE E 129 2.04 17.62 15.76
N ASP E 130 1.40 18.08 16.83
CA ASP E 130 1.38 17.39 18.12
C ASP E 130 0.17 16.46 18.18
N VAL E 131 0.43 15.15 18.15
CA VAL E 131 -0.63 14.16 18.16
C VAL E 131 -0.83 13.54 19.55
N ARG E 132 -0.48 14.26 20.60
CA ARG E 132 -0.68 13.76 21.96
C ARG E 132 -2.14 13.42 22.22
N TRP E 133 -3.06 14.25 21.75
CA TRP E 133 -4.48 14.09 22.03
C TRP E 133 -5.27 13.51 20.85
N PHE E 134 -4.57 12.92 19.89
CA PHE E 134 -5.23 12.33 18.74
C PHE E 134 -6.35 11.39 19.18
N PRO E 135 -7.59 11.54 18.67
CA PRO E 135 -8.02 12.38 17.54
C PRO E 135 -8.71 13.65 17.98
N PHE E 136 -8.51 14.11 19.22
CA PHE E 136 -9.16 15.32 19.70
C PHE E 136 -8.14 16.44 19.79
N ASP E 137 -7.31 16.57 18.75
CA ASP E 137 -6.17 17.46 18.77
C ASP E 137 -6.45 18.70 17.93
N VAL E 138 -6.00 19.80 18.43
CA VAL E 138 -6.07 21.07 17.72
C VAL E 138 -4.66 21.45 17.30
N GLN E 139 -4.49 21.85 16.04
CA GLN E 139 -3.18 22.15 15.49
C GLN E 139 -3.10 23.63 15.14
N HIS E 140 -1.92 24.21 15.36
CA HIS E 140 -1.63 25.60 15.03
C HIS E 140 -0.44 25.61 14.09
N CYS E 141 -0.67 25.93 12.82
CA CYS E 141 0.36 25.92 11.80
C CYS E 141 0.62 27.33 11.30
N LYS E 142 1.87 27.74 11.35
CA LYS E 142 2.26 29.09 10.97
C LYS E 142 2.65 29.15 9.51
N LEU E 143 2.31 30.26 8.86
CA LEU E 143 2.73 30.57 7.49
C LEU E 143 3.45 31.91 7.55
N LYS E 144 4.76 31.88 7.51
CA LYS E 144 5.58 33.07 7.69
C LYS E 144 6.07 33.55 6.33
N PHE E 145 5.67 34.76 5.95
CA PHE E 145 6.00 35.37 4.67
C PHE E 145 6.89 36.58 4.88
N GLY E 146 7.85 36.75 3.99
CA GLY E 146 8.68 37.95 4.08
C GLY E 146 9.55 38.12 2.85
N SER E 147 10.09 39.31 2.72
CA SER E 147 11.03 39.61 1.65
C SER E 147 12.33 38.85 1.88
N TRP E 148 12.83 38.21 0.82
CA TRP E 148 14.03 37.39 0.97
C TRP E 148 15.27 38.25 1.24
N SER E 149 15.33 39.46 0.69
CA SER E 149 16.57 40.24 0.72
C SER E 149 16.40 41.69 1.15
N TYR E 150 15.21 42.26 1.11
CA TYR E 150 15.02 43.67 1.42
C TYR E 150 14.75 43.86 2.91
N GLY E 151 15.38 44.88 3.49
CA GLY E 151 15.07 45.26 4.85
C GLY E 151 13.90 46.21 4.93
N GLY E 152 13.46 46.47 6.16
CA GLY E 152 12.24 47.24 6.36
C GLY E 152 12.34 48.68 5.93
N TRP E 153 13.54 49.22 5.77
CA TRP E 153 13.70 50.59 5.28
C TRP E 153 13.66 50.66 3.76
N SER E 154 13.69 49.53 3.08
CA SER E 154 13.56 49.47 1.63
C SER E 154 12.23 48.89 1.18
N LEU E 155 11.72 47.88 1.89
CA LEU E 155 10.45 47.25 1.57
C LEU E 155 9.63 47.22 2.86
N ASP E 156 8.64 48.10 2.95
CA ASP E 156 7.82 48.26 4.15
C ASP E 156 6.62 47.32 4.03
N LEU E 157 6.79 46.09 4.49
CA LEU E 157 5.72 45.10 4.39
C LEU E 157 4.59 45.43 5.36
N GLN E 158 3.37 45.46 4.85
CA GLN E 158 2.18 45.72 5.65
C GLN E 158 1.19 44.58 5.43
N MET E 159 0.41 44.28 6.46
CA MET E 159 -0.48 43.14 6.44
C MET E 159 -1.93 43.59 6.30
N GLN E 160 -2.74 42.72 5.71
CA GLN E 160 -4.18 42.86 5.66
C GLN E 160 -4.80 41.53 6.07
N GLU E 161 -6.03 41.60 6.59
CA GLU E 161 -6.70 40.41 7.11
C GLU E 161 -6.92 39.37 6.01
N ALA E 162 -6.61 38.11 6.34
CA ALA E 162 -6.77 37.02 5.39
C ALA E 162 -8.24 36.86 4.98
N ASP E 163 -8.45 36.52 3.71
CA ASP E 163 -9.77 36.27 3.16
C ASP E 163 -10.11 34.79 3.22
N ILE E 164 -11.23 34.44 3.85
CA ILE E 164 -11.71 33.08 3.93
C ILE E 164 -13.11 32.94 3.34
N SER E 165 -13.54 33.91 2.53
CA SER E 165 -14.85 33.83 1.91
C SER E 165 -14.95 32.65 0.95
N GLY E 166 -13.87 32.31 0.27
CA GLY E 166 -13.85 31.21 -0.67
C GLY E 166 -13.40 29.89 -0.10
N TYR E 167 -13.31 29.76 1.21
CA TYR E 167 -12.82 28.54 1.82
C TYR E 167 -13.80 27.39 1.61
N ILE E 168 -13.28 26.24 1.17
CA ILE E 168 -14.06 25.04 0.98
C ILE E 168 -13.86 24.15 2.20
N PRO E 169 -14.90 23.88 2.99
CA PRO E 169 -14.71 23.11 4.23
C PRO E 169 -14.10 21.74 3.96
N ASN E 170 -13.14 21.38 4.79
CA ASN E 170 -12.47 20.09 4.70
C ASN E 170 -13.29 19.02 5.41
N GLY E 171 -13.16 17.78 4.93
CA GLY E 171 -13.88 16.69 5.54
C GLY E 171 -13.23 16.14 6.79
N GLU E 172 -11.94 16.44 6.98
CA GLU E 172 -11.18 15.92 8.11
C GLU E 172 -10.77 16.98 9.12
N TRP E 173 -10.77 18.26 8.74
CA TRP E 173 -10.25 19.32 9.60
C TRP E 173 -11.25 20.48 9.62
N ASP E 174 -11.52 20.98 10.82
CA ASP E 174 -12.38 22.14 11.01
C ASP E 174 -11.52 23.38 11.20
N LEU E 175 -11.71 24.38 10.34
CA LEU E 175 -10.93 25.62 10.38
C LEU E 175 -11.42 26.50 11.53
N VAL E 176 -10.64 26.58 12.61
CA VAL E 176 -10.97 27.51 13.68
C VAL E 176 -10.73 28.96 13.26
N GLY E 177 -9.61 29.24 12.61
CA GLY E 177 -9.35 30.57 12.10
C GLY E 177 -8.03 30.75 11.43
N ILE E 178 -7.80 31.87 10.78
CA ILE E 178 -6.52 32.20 10.16
C ILE E 178 -6.04 33.61 10.54
N PRO E 179 -5.84 33.86 11.84
CA PRO E 179 -5.34 35.16 12.30
C PRO E 179 -3.91 35.53 11.82
N GLY E 180 -3.65 36.77 11.48
CA GLY E 180 -2.35 37.23 11.08
C GLY E 180 -1.67 38.27 11.93
N LYS E 181 -0.35 38.38 11.86
CA LYS E 181 0.38 39.30 12.72
C LYS E 181 1.66 39.75 12.05
N ARG E 182 1.93 41.05 12.11
CA ARG E 182 3.15 41.62 11.57
C ARG E 182 4.17 41.78 12.70
N SER E 183 5.39 41.32 12.46
CA SER E 183 6.47 41.40 13.45
C SER E 183 7.73 41.97 12.80
N GLU E 184 8.61 42.49 13.64
CA GLU E 184 9.90 43.02 13.21
C GLU E 184 11.01 42.35 14.01
N ARG E 185 12.02 41.87 13.30
CA ARG E 185 13.22 41.31 13.89
C ARG E 185 14.39 42.27 13.68
N PHE E 186 15.24 42.41 14.69
CA PHE E 186 16.37 43.32 14.65
C PHE E 186 17.68 42.54 14.80
N TYR E 187 18.68 42.94 14.01
CA TYR E 187 20.04 42.44 14.18
C TYR E 187 20.83 43.38 15.07
N GLU E 188 21.63 42.81 15.97
CA GLU E 188 22.38 43.64 16.90
C GLU E 188 23.34 44.58 16.20
N CYS E 189 23.68 44.30 14.94
CA CYS E 189 24.53 45.21 14.18
C CYS E 189 23.86 46.56 13.99
N CYS E 190 22.57 46.56 13.68
CA CYS E 190 21.95 47.66 12.95
C CYS E 190 20.59 47.96 13.54
N LYS E 191 20.03 49.10 13.14
CA LYS E 191 18.75 49.57 13.65
C LYS E 191 17.65 49.52 12.60
N GLU E 192 17.84 48.73 11.54
CA GLU E 192 16.81 48.55 10.53
C GLU E 192 15.91 47.38 10.90
N PRO E 193 14.60 47.57 11.04
CA PRO E 193 13.72 46.42 11.24
C PRO E 193 13.69 45.51 10.03
N TYR E 194 13.45 44.23 10.27
CA TYR E 194 13.22 43.27 9.21
C TYR E 194 11.83 42.68 9.42
N PRO E 195 10.83 43.13 8.66
CA PRO E 195 9.45 42.71 8.93
C PRO E 195 9.07 41.41 8.25
N ASP E 196 8.08 40.75 8.86
CA ASP E 196 7.49 39.54 8.31
C ASP E 196 6.03 39.51 8.69
N VAL E 197 5.26 38.75 7.94
CA VAL E 197 3.83 38.58 8.19
C VAL E 197 3.58 37.10 8.38
N THR E 198 3.07 36.73 9.55
CA THR E 198 2.79 35.34 9.89
C THR E 198 1.31 35.14 10.04
N PHE E 199 0.78 34.14 9.33
CA PHE E 199 -0.61 33.73 9.43
C PHE E 199 -0.65 32.40 10.15
N THR E 200 -1.37 32.32 11.26
CA THR E 200 -1.46 31.13 12.08
C THR E 200 -2.79 30.44 11.79
N VAL E 201 -2.73 29.30 11.12
CA VAL E 201 -3.90 28.49 10.81
C VAL E 201 -4.18 27.58 12.01
N THR E 202 -5.31 27.81 12.67
CA THR E 202 -5.77 26.92 13.74
C THR E 202 -6.89 26.04 13.20
N MET E 203 -6.72 24.73 13.34
CA MET E 203 -7.66 23.78 12.76
C MET E 203 -7.90 22.65 13.75
N ARG E 204 -9.16 22.25 13.87
CA ARG E 204 -9.58 21.21 14.80
C ARG E 204 -9.91 19.94 14.03
N ARG E 205 -9.44 18.81 14.52
CA ARG E 205 -9.71 17.53 13.89
C ARG E 205 -11.15 17.12 14.12
N ARG E 206 -11.87 16.86 13.04
CA ARG E 206 -13.19 16.26 13.15
C ARG E 206 -13.05 14.81 13.58
N THR E 207 -13.93 14.38 14.50
CA THR E 207 -13.76 13.10 15.17
C THR E 207 -14.88 12.10 14.88
N LEU E 208 -15.83 12.42 14.02
CA LEU E 208 -16.90 11.47 13.72
C LEU E 208 -16.34 10.20 13.09
N TYR E 209 -15.50 10.35 12.07
CA TYR E 209 -14.92 9.18 11.44
C TYR E 209 -14.20 8.29 12.45
N TYR E 210 -13.43 8.90 13.34
CA TYR E 210 -12.68 8.11 14.32
C TYR E 210 -13.60 7.50 15.35
N GLY E 211 -14.73 8.14 15.62
CA GLY E 211 -15.70 7.58 16.55
C GLY E 211 -16.26 6.26 16.09
N LEU E 212 -16.41 6.06 14.79
CA LEU E 212 -17.05 4.86 14.25
C LEU E 212 -16.05 3.81 13.78
N ASN E 213 -14.77 4.14 13.69
CA ASN E 213 -13.77 3.22 13.16
C ASN E 213 -12.76 2.78 14.19
N LEU E 214 -12.70 3.43 15.35
CA LEU E 214 -11.70 3.11 16.36
C LEU E 214 -12.30 3.04 17.74
N LEU E 215 -13.08 4.05 18.11
CA LEU E 215 -13.61 4.10 19.46
C LEU E 215 -14.68 3.03 19.66
N ILE E 216 -15.64 2.96 18.76
CA ILE E 216 -16.76 2.03 18.90
C ILE E 216 -16.27 0.60 18.73
N PRO E 217 -15.62 0.24 17.62
CA PRO E 217 -15.17 -1.16 17.47
C PRO E 217 -14.39 -1.67 18.66
N CYS E 218 -13.67 -0.79 19.34
CA CYS E 218 -12.87 -1.22 20.47
C CYS E 218 -13.73 -1.45 21.70
N VAL E 219 -14.76 -0.62 21.88
CA VAL E 219 -15.73 -0.86 22.95
C VAL E 219 -16.47 -2.17 22.74
N LEU E 220 -16.98 -2.39 21.53
CA LEU E 220 -17.83 -3.55 21.30
C LEU E 220 -17.05 -4.86 21.32
N ILE E 221 -15.79 -4.84 20.86
CA ILE E 221 -14.98 -6.06 20.92
C ILE E 221 -14.57 -6.33 22.36
N SER E 222 -14.28 -5.26 23.11
CA SER E 222 -14.00 -5.39 24.54
C SER E 222 -15.18 -6.02 25.27
N ALA E 223 -16.40 -5.64 24.89
CA ALA E 223 -17.59 -6.25 25.48
C ALA E 223 -17.66 -7.74 25.19
N LEU E 224 -17.36 -8.15 23.96
CA LEU E 224 -17.42 -9.57 23.62
C LEU E 224 -16.37 -10.37 24.39
N ALA E 225 -15.26 -9.74 24.77
CA ALA E 225 -14.28 -10.42 25.59
C ALA E 225 -14.81 -10.67 26.99
N LEU E 226 -15.70 -9.80 27.48
CA LEU E 226 -16.29 -9.99 28.79
C LEU E 226 -17.29 -11.13 28.79
N LEU E 227 -17.77 -11.53 27.62
CA LEU E 227 -18.77 -12.57 27.48
C LEU E 227 -18.24 -13.94 27.86
N VAL E 228 -16.92 -14.10 27.92
CA VAL E 228 -16.34 -15.38 28.32
C VAL E 228 -16.74 -15.73 29.74
N PHE E 229 -16.88 -14.73 30.61
CA PHE E 229 -17.23 -14.96 32.00
C PHE E 229 -18.67 -15.41 32.18
N LEU E 230 -19.49 -15.31 31.14
CA LEU E 230 -20.88 -15.78 31.19
C LEU E 230 -21.04 -17.15 30.53
N LEU E 231 -20.03 -17.64 29.85
CA LEU E 231 -20.12 -18.90 29.14
C LEU E 231 -19.86 -20.06 30.09
N PRO E 232 -20.77 -21.02 30.21
CA PRO E 232 -20.52 -22.14 31.13
C PRO E 232 -19.30 -22.96 30.70
N ALA E 233 -18.58 -23.46 31.70
CA ALA E 233 -17.35 -24.21 31.43
C ALA E 233 -17.63 -25.51 30.69
N ASP E 234 -18.81 -26.11 30.90
CA ASP E 234 -19.12 -27.39 30.26
C ASP E 234 -19.16 -27.28 28.75
N SER E 235 -19.38 -26.08 28.21
CA SER E 235 -19.41 -25.91 26.76
C SER E 235 -18.09 -26.37 26.15
N GLY E 236 -16.98 -26.18 26.84
CA GLY E 236 -15.67 -26.40 26.26
C GLY E 236 -15.32 -25.40 25.18
N GLU E 237 -15.75 -24.16 25.35
CA GLU E 237 -15.50 -23.14 24.33
C GLU E 237 -15.05 -21.80 24.93
N LYS E 238 -14.77 -21.74 26.23
CA LYS E 238 -14.34 -20.48 26.82
C LYS E 238 -13.04 -20.00 26.21
N ILE E 239 -12.04 -20.88 26.10
CA ILE E 239 -10.76 -20.48 25.53
C ILE E 239 -10.94 -20.11 24.06
N SER E 240 -11.72 -20.90 23.33
CA SER E 240 -11.98 -20.61 21.93
C SER E 240 -12.55 -19.19 21.77
N LEU E 241 -13.57 -18.86 22.56
CA LEU E 241 -14.17 -17.52 22.49
C LEU E 241 -13.14 -16.45 22.81
N GLY E 242 -12.47 -16.58 23.96
CA GLY E 242 -11.55 -15.53 24.39
C GLY E 242 -10.37 -15.34 23.47
N ILE E 243 -9.75 -16.45 23.04
CA ILE E 243 -8.55 -16.36 22.21
C ILE E 243 -8.90 -15.84 20.82
N THR E 244 -10.08 -16.20 20.30
CA THR E 244 -10.49 -15.69 19.00
C THR E 244 -10.84 -14.21 19.05
N VAL E 245 -11.32 -13.72 20.20
CA VAL E 245 -11.56 -12.28 20.35
C VAL E 245 -10.24 -11.53 20.29
N LEU E 246 -9.20 -12.04 20.94
CA LEU E 246 -7.88 -11.42 20.88
C LEU E 246 -7.37 -11.38 19.45
N LEU E 247 -7.54 -12.46 18.71
CA LEU E 247 -7.14 -12.49 17.30
C LEU E 247 -7.86 -11.39 16.52
N SER E 248 -9.18 -11.31 16.67
CA SER E 248 -9.96 -10.25 16.02
C SER E 248 -9.42 -8.86 16.33
N LEU E 249 -8.88 -8.66 17.53
CA LEU E 249 -8.28 -7.36 17.86
C LEU E 249 -6.97 -7.16 17.13
N THR E 250 -6.17 -8.21 16.98
CA THR E 250 -4.96 -8.10 16.18
C THR E 250 -5.31 -7.74 14.74
N VAL E 251 -6.26 -8.46 14.14
CA VAL E 251 -6.69 -8.11 12.78
C VAL E 251 -7.23 -6.69 12.75
N PHE E 252 -7.91 -6.29 13.83
CA PHE E 252 -8.39 -4.92 13.93
C PHE E 252 -7.23 -3.93 13.92
N MET E 253 -6.21 -4.19 14.72
CA MET E 253 -5.02 -3.34 14.75
C MET E 253 -4.55 -2.98 13.35
N LEU E 254 -4.70 -3.91 12.39
CA LEU E 254 -4.25 -3.64 11.03
C LEU E 254 -4.97 -2.43 10.47
N LEU E 255 -6.30 -2.40 10.60
CA LEU E 255 -7.07 -1.26 10.13
C LEU E 255 -6.67 0.00 10.88
N VAL E 256 -6.45 -0.14 12.18
CA VAL E 256 -6.13 1.01 13.01
C VAL E 256 -4.75 1.56 12.65
N ALA E 257 -3.85 0.70 12.17
CA ALA E 257 -2.48 1.15 11.91
C ALA E 257 -2.43 2.16 10.77
N GLU E 258 -3.30 2.00 9.76
CA GLU E 258 -3.30 2.92 8.64
C GLU E 258 -3.63 4.35 9.01
N ILE E 259 -4.37 4.56 10.11
CA ILE E 259 -4.83 5.89 10.49
C ILE E 259 -4.19 6.42 11.78
N MET E 260 -3.47 5.59 12.52
CA MET E 260 -2.81 6.05 13.74
C MET E 260 -1.49 6.75 13.42
N PRO E 261 -1.07 7.75 14.17
CA PRO E 261 0.17 8.47 13.90
C PRO E 261 1.37 7.67 14.38
N ALA E 262 2.49 7.83 13.69
CA ALA E 262 3.73 7.13 14.04
C ALA E 262 4.77 8.15 14.53
N THR E 263 4.80 8.38 15.84
CA THR E 263 5.71 9.34 16.44
C THR E 263 6.29 8.74 17.71
N SER E 264 7.39 9.33 18.18
CA SER E 264 7.99 8.95 19.44
C SER E 264 8.06 10.11 20.44
N ASP E 265 7.34 11.20 20.18
CA ASP E 265 7.35 12.32 21.11
C ASP E 265 6.35 12.14 22.24
N SER E 266 5.40 11.23 22.09
CA SER E 266 4.38 10.99 23.09
C SER E 266 3.54 9.81 22.65
N VAL E 267 2.84 9.21 23.60
CA VAL E 267 1.88 8.15 23.32
C VAL E 267 0.53 8.83 23.07
N PRO E 268 0.00 8.80 21.85
CA PRO E 268 -1.31 9.41 21.62
C PRO E 268 -2.40 8.88 22.54
N LEU E 269 -3.50 9.63 22.63
CA LEU E 269 -4.60 9.22 23.48
C LEU E 269 -5.22 7.90 23.02
N ILE E 270 -5.43 7.75 21.73
CA ILE E 270 -6.02 6.57 21.16
C ILE E 270 -5.11 5.37 21.24
N ALA E 271 -3.83 5.59 21.42
CA ALA E 271 -2.90 4.49 21.56
C ALA E 271 -2.99 3.97 22.99
N GLN E 272 -3.29 4.85 23.93
CA GLN E 272 -3.49 4.44 25.32
C GLN E 272 -4.80 3.69 25.46
N TYR E 273 -5.81 4.11 24.70
CA TYR E 273 -7.10 3.43 24.72
C TYR E 273 -7.01 2.05 24.08
N PHE E 274 -6.36 1.96 22.92
CA PHE E 274 -6.26 0.65 22.26
C PHE E 274 -5.41 -0.31 23.07
N ALA E 275 -4.29 0.16 23.59
CA ALA E 275 -3.47 -0.70 24.44
C ALA E 275 -4.27 -1.15 25.65
N SER E 276 -4.94 -0.23 26.34
CA SER E 276 -5.74 -0.57 27.51
C SER E 276 -6.74 -1.67 27.19
N THR E 277 -7.48 -1.47 26.12
CA THR E 277 -8.48 -2.47 25.79
C THR E 277 -7.85 -3.84 25.59
N MET E 278 -6.68 -3.92 24.97
CA MET E 278 -6.08 -5.22 24.68
C MET E 278 -5.43 -5.85 25.87
N ILE E 279 -5.02 -5.09 26.87
CA ILE E 279 -4.52 -5.73 28.08
C ILE E 279 -5.68 -6.37 28.83
N ILE E 280 -6.86 -5.74 28.79
CA ILE E 280 -8.01 -6.32 29.49
C ILE E 280 -8.52 -7.57 28.79
N VAL E 281 -8.45 -7.62 27.46
CA VAL E 281 -8.80 -8.86 26.75
C VAL E 281 -7.77 -9.94 27.03
N GLY E 282 -6.49 -9.56 27.06
CA GLY E 282 -5.45 -10.53 27.39
C GLY E 282 -5.61 -11.09 28.79
N LEU E 283 -5.93 -10.21 29.75
CA LEU E 283 -6.09 -10.65 31.14
C LEU E 283 -7.34 -11.49 31.32
N SER E 284 -8.35 -11.31 30.48
CA SER E 284 -9.54 -12.15 30.57
C SER E 284 -9.21 -13.57 30.16
N VAL E 285 -8.36 -13.74 29.15
CA VAL E 285 -7.89 -15.08 28.78
C VAL E 285 -7.11 -15.69 29.93
N VAL E 286 -6.32 -14.88 30.64
CA VAL E 286 -5.54 -15.39 31.76
C VAL E 286 -6.47 -15.85 32.88
N VAL E 287 -7.47 -15.03 33.21
CA VAL E 287 -8.43 -15.38 34.24
C VAL E 287 -9.25 -16.59 33.85
N THR E 288 -9.55 -16.75 32.56
CA THR E 288 -10.26 -17.93 32.09
C THR E 288 -9.46 -19.21 32.33
N VAL E 289 -8.15 -19.15 32.12
CA VAL E 289 -7.30 -20.31 32.39
C VAL E 289 -7.39 -20.70 33.86
N ILE E 290 -7.35 -19.72 34.75
CA ILE E 290 -7.47 -20.00 36.18
C ILE E 290 -8.83 -20.62 36.49
N VAL E 291 -9.89 -20.09 35.89
CA VAL E 291 -11.23 -20.62 36.11
C VAL E 291 -11.32 -22.07 35.68
N LEU E 292 -10.74 -22.40 34.52
CA LEU E 292 -10.76 -23.78 34.05
C LEU E 292 -9.97 -24.68 34.97
N GLN E 293 -8.86 -24.18 35.53
CA GLN E 293 -8.11 -24.93 36.53
C GLN E 293 -9.00 -25.36 37.69
N TYR E 294 -9.85 -24.45 38.18
CA TYR E 294 -10.78 -24.79 39.25
C TYR E 294 -11.83 -25.79 38.78
N HIS E 295 -12.37 -25.59 37.57
CA HIS E 295 -13.51 -26.39 37.14
C HIS E 295 -13.10 -27.84 36.90
N HIS E 296 -11.89 -28.06 36.37
CA HIS E 296 -11.40 -29.39 36.05
C HIS E 296 -10.51 -29.95 37.16
N HIS E 297 -10.57 -29.38 38.35
CA HIS E 297 -9.72 -29.83 39.45
C HIS E 297 -9.96 -31.31 39.71
N ASP E 298 -8.87 -32.07 39.79
CA ASP E 298 -8.97 -33.50 40.03
C ASP E 298 -9.52 -33.76 41.43
N PRO E 299 -10.55 -34.60 41.58
CA PRO E 299 -11.15 -34.77 42.91
C PRO E 299 -10.23 -35.41 43.92
N ASP E 300 -9.20 -36.13 43.46
CA ASP E 300 -8.25 -36.82 44.34
C ASP E 300 -6.97 -36.03 44.52
N GLY E 301 -7.01 -34.72 44.27
CA GLY E 301 -5.85 -33.87 44.41
C GLY E 301 -5.80 -33.19 45.76
N GLY E 302 -5.53 -31.89 45.77
CA GLY E 302 -5.40 -31.15 47.02
C GLY E 302 -6.74 -30.62 47.50
N LYS E 303 -7.04 -30.87 48.76
CA LYS E 303 -8.29 -30.41 49.36
C LYS E 303 -8.38 -28.89 49.30
N MET E 304 -9.57 -28.39 48.92
CA MET E 304 -9.81 -26.96 48.83
C MET E 304 -9.20 -26.27 50.04
N PRO E 305 -8.21 -25.41 49.82
CA PRO E 305 -7.67 -24.69 50.96
C PRO E 305 -8.77 -24.11 51.83
N LYS E 306 -8.50 -23.90 53.11
CA LYS E 306 -9.50 -23.33 54.00
C LYS E 306 -9.80 -21.91 53.60
N TRP E 307 -8.80 -21.22 53.10
CA TRP E 307 -9.01 -19.85 52.69
C TRP E 307 -9.79 -19.78 51.41
N THR E 308 -9.63 -20.77 50.54
CA THR E 308 -10.35 -20.78 49.30
C THR E 308 -11.80 -20.99 49.61
N ARG E 309 -12.09 -21.85 50.55
CA ARG E 309 -13.48 -22.17 50.84
C ARG E 309 -14.16 -21.03 51.56
N VAL E 310 -13.41 -20.12 52.17
CA VAL E 310 -14.01 -18.98 52.87
C VAL E 310 -14.10 -17.76 51.97
N ILE E 311 -12.97 -17.36 51.37
CA ILE E 311 -12.97 -16.16 50.56
C ILE E 311 -13.92 -16.29 49.37
N LEU E 312 -14.18 -17.52 48.92
CA LEU E 312 -15.01 -17.75 47.74
C LEU E 312 -16.37 -18.37 48.07
N LEU E 313 -16.40 -19.55 48.69
CA LEU E 313 -17.67 -20.24 48.89
C LEU E 313 -18.57 -19.56 49.91
N ASN E 314 -18.04 -18.66 50.74
CA ASN E 314 -18.86 -17.99 51.75
C ASN E 314 -18.99 -16.49 51.51
N TRP E 315 -17.88 -15.74 51.49
CA TRP E 315 -18.02 -14.29 51.41
C TRP E 315 -18.45 -13.87 50.01
N CYS E 316 -17.58 -14.09 49.01
CA CYS E 316 -17.91 -13.70 47.65
C CYS E 316 -19.18 -14.41 47.16
N ALA E 317 -19.41 -15.65 47.60
CA ALA E 317 -20.59 -16.37 47.17
C ALA E 317 -21.86 -15.84 47.85
N TRP E 318 -21.72 -15.07 48.91
CA TRP E 318 -22.86 -14.42 49.55
C TRP E 318 -23.07 -13.03 48.98
N PHE E 319 -22.00 -12.25 48.82
CA PHE E 319 -22.11 -10.91 48.27
C PHE E 319 -22.80 -10.95 46.92
N LEU E 320 -22.43 -11.90 46.07
CA LEU E 320 -22.99 -12.01 44.73
C LEU E 320 -24.31 -12.74 44.71
N ARG E 321 -24.89 -13.04 45.87
CA ARG E 321 -26.16 -13.76 45.94
C ARG E 321 -26.18 -14.92 44.95
N MET E 322 -25.41 -15.97 45.24
CA MET E 322 -25.30 -17.10 44.32
C MET E 322 -25.83 -18.39 44.92
N LYS E 323 -25.24 -18.88 46.01
CA LYS E 323 -25.66 -20.13 46.63
C LYS E 323 -25.12 -21.34 45.87
N PRO E 479 -23.67 -70.05 52.33
CA PRO E 479 -22.39 -69.97 51.62
C PRO E 479 -22.47 -69.13 50.36
N ASP E 480 -23.16 -69.64 49.33
CA ASP E 480 -23.34 -68.86 48.12
C ASP E 480 -24.02 -67.53 48.41
N LEU E 481 -25.05 -67.55 49.26
CA LEU E 481 -25.77 -66.33 49.57
C LEU E 481 -24.83 -65.27 50.15
N ALA E 482 -23.96 -65.68 51.08
CA ALA E 482 -23.02 -64.73 51.67
C ALA E 482 -22.03 -64.23 50.63
N LYS E 483 -21.61 -65.11 49.71
CA LYS E 483 -20.72 -64.69 48.64
C LYS E 483 -21.40 -63.65 47.75
N ILE E 484 -22.71 -63.78 47.54
CA ILE E 484 -23.41 -62.82 46.70
C ILE E 484 -23.50 -61.49 47.43
N LEU E 485 -23.63 -61.54 48.76
CA LEU E 485 -23.65 -60.31 49.55
C LEU E 485 -22.37 -59.52 49.37
N GLU E 486 -21.23 -60.21 49.45
CA GLU E 486 -19.94 -59.54 49.27
C GLU E 486 -19.83 -58.91 47.89
N GLU E 487 -20.21 -59.66 46.85
CA GLU E 487 -20.11 -59.12 45.49
C GLU E 487 -21.01 -57.91 45.33
N VAL E 488 -22.18 -57.92 45.97
CA VAL E 488 -23.13 -56.82 45.80
C VAL E 488 -22.77 -55.67 46.71
N ARG E 489 -22.17 -55.95 47.86
CA ARG E 489 -21.73 -54.89 48.76
C ARG E 489 -20.57 -54.11 48.15
N TYR E 490 -19.73 -54.76 47.34
CA TYR E 490 -18.67 -54.06 46.64
C TYR E 490 -19.23 -53.13 45.57
N ILE E 491 -20.21 -53.61 44.81
CA ILE E 491 -20.81 -52.76 43.78
C ILE E 491 -21.43 -51.52 44.40
N ALA E 492 -22.18 -51.70 45.49
CA ALA E 492 -22.83 -50.56 46.12
C ALA E 492 -21.81 -49.59 46.71
N ASN E 493 -20.76 -50.11 47.34
CA ASN E 493 -19.74 -49.23 47.91
C ASN E 493 -18.94 -48.50 46.84
N ARG E 494 -18.71 -49.15 45.71
CA ARG E 494 -18.07 -48.46 44.59
C ARG E 494 -18.89 -47.25 44.15
N PHE E 495 -20.21 -47.43 44.03
CA PHE E 495 -21.08 -46.32 43.65
C PHE E 495 -21.05 -45.21 44.70
N ARG E 496 -21.01 -45.56 45.98
CA ARG E 496 -20.97 -44.55 47.03
C ARG E 496 -19.68 -43.75 46.96
N CYS E 497 -18.55 -44.40 46.70
CA CYS E 497 -17.31 -43.67 46.52
C CYS E 497 -17.39 -42.73 45.33
N GLN E 498 -18.01 -43.17 44.23
CA GLN E 498 -18.20 -42.27 43.09
C GLN E 498 -19.00 -41.04 43.50
N ASP E 499 -20.05 -41.22 44.30
CA ASP E 499 -20.87 -40.08 44.71
C ASP E 499 -20.08 -39.09 45.55
N GLU E 500 -19.26 -39.58 46.48
CA GLU E 500 -18.45 -38.67 47.27
C GLU E 500 -17.46 -37.90 46.40
N SER E 501 -16.81 -38.59 45.46
CA SER E 501 -15.89 -37.91 44.55
C SER E 501 -16.62 -36.85 43.74
N GLU E 502 -17.83 -37.17 43.26
CA GLU E 502 -18.59 -36.22 42.47
C GLU E 502 -19.01 -35.01 43.29
N ALA E 503 -19.32 -35.22 44.57
CA ALA E 503 -19.66 -34.10 45.45
C ALA E 503 -18.48 -33.16 45.63
N VAL E 504 -17.28 -33.71 45.82
CA VAL E 504 -16.09 -32.87 45.92
C VAL E 504 -15.90 -32.05 44.65
N CYS E 505 -16.04 -32.69 43.50
CA CYS E 505 -15.90 -31.99 42.23
C CYS E 505 -16.93 -30.88 42.09
N SER E 506 -18.15 -31.09 42.60
CA SER E 506 -19.16 -30.05 42.49
C SER E 506 -18.78 -28.80 43.27
N GLU E 507 -18.13 -28.97 44.42
CA GLU E 507 -17.65 -27.80 45.14
C GLU E 507 -16.61 -27.04 44.34
N TRP E 508 -15.68 -27.75 43.72
CA TRP E 508 -14.66 -27.09 42.89
C TRP E 508 -15.30 -26.41 41.69
N LYS E 509 -16.36 -27.00 41.14
CA LYS E 509 -17.01 -26.41 39.98
C LYS E 509 -17.80 -25.17 40.38
N PHE E 510 -18.41 -25.19 41.57
CA PHE E 510 -19.13 -24.01 42.04
C PHE E 510 -18.16 -22.87 42.36
N ALA E 511 -16.98 -23.20 42.89
CA ALA E 511 -15.96 -22.17 43.11
C ALA E 511 -15.56 -21.53 41.79
N ALA E 512 -15.43 -22.33 40.73
CA ALA E 512 -15.14 -21.79 39.41
C ALA E 512 -16.23 -20.80 38.97
N CYS E 513 -17.49 -21.16 39.19
CA CYS E 513 -18.60 -20.26 38.86
C CYS E 513 -18.47 -18.94 39.60
N VAL E 514 -18.12 -18.99 40.89
CA VAL E 514 -18.01 -17.77 41.68
C VAL E 514 -16.90 -16.87 41.16
N VAL E 515 -15.79 -17.46 40.71
CA VAL E 515 -14.70 -16.65 40.20
C VAL E 515 -15.08 -16.00 38.88
N ASP E 516 -15.94 -16.64 38.08
CA ASP E 516 -16.37 -16.02 36.83
C ASP E 516 -17.25 -14.81 37.08
N ARG E 517 -18.05 -14.83 38.15
CA ARG E 517 -18.89 -13.68 38.43
C ARG E 517 -18.08 -12.54 39.03
N LEU E 518 -17.15 -12.83 39.95
CA LEU E 518 -16.24 -11.79 40.43
C LEU E 518 -15.52 -11.12 39.27
N CYS E 519 -14.95 -11.93 38.37
CA CYS E 519 -14.19 -11.38 37.26
C CYS E 519 -15.10 -10.65 36.29
N LEU E 520 -16.30 -11.18 36.04
CA LEU E 520 -17.26 -10.45 35.23
C LEU E 520 -17.47 -9.06 35.80
N MET E 521 -17.77 -8.99 37.10
CA MET E 521 -18.05 -7.70 37.73
C MET E 521 -16.81 -6.80 37.69
N ALA E 522 -15.66 -7.35 38.10
CA ALA E 522 -14.45 -6.54 38.18
C ALA E 522 -14.02 -6.06 36.79
N PHE E 523 -14.00 -6.96 35.81
CA PHE E 523 -13.56 -6.57 34.47
C PHE E 523 -14.52 -5.58 33.84
N SER E 524 -15.83 -5.74 34.08
CA SER E 524 -16.79 -4.77 33.57
C SER E 524 -16.51 -3.38 34.12
N VAL E 525 -16.30 -3.30 35.44
CA VAL E 525 -16.01 -2.00 36.06
C VAL E 525 -14.73 -1.42 35.49
N PHE E 526 -13.69 -2.25 35.39
CA PHE E 526 -12.39 -1.75 34.96
C PHE E 526 -12.39 -1.32 33.50
N THR E 527 -13.16 -1.98 32.64
CA THR E 527 -13.25 -1.53 31.26
C THR E 527 -13.96 -0.17 31.19
N ILE E 528 -15.06 -0.01 31.90
CA ILE E 528 -15.80 1.25 31.87
C ILE E 528 -14.93 2.39 32.38
N ILE E 529 -14.22 2.18 33.49
CA ILE E 529 -13.42 3.26 34.07
C ILE E 529 -12.31 3.67 33.11
N CYS E 530 -11.63 2.72 32.49
CA CYS E 530 -10.55 3.06 31.57
C CYS E 530 -11.08 3.78 30.34
N THR E 531 -12.17 3.26 29.76
CA THR E 531 -12.74 3.92 28.59
C THR E 531 -13.12 5.36 28.90
N ILE E 532 -13.90 5.56 29.97
CA ILE E 532 -14.36 6.91 30.29
C ILE E 532 -13.17 7.79 30.63
N GLY E 533 -12.25 7.28 31.45
CA GLY E 533 -11.12 8.07 31.89
C GLY E 533 -10.15 8.44 30.77
N ILE E 534 -9.84 7.49 29.89
CA ILE E 534 -8.91 7.79 28.81
C ILE E 534 -9.51 8.79 27.81
N LEU E 535 -10.76 8.58 27.40
CA LEU E 535 -11.32 9.48 26.40
C LEU E 535 -11.62 10.86 26.97
N MET E 536 -12.10 10.94 28.20
CA MET E 536 -12.45 12.25 28.72
C MET E 536 -11.25 13.01 29.26
N SER E 537 -10.06 12.39 29.26
CA SER E 537 -8.85 13.12 29.61
C SER E 537 -8.44 14.12 28.53
N ALA E 538 -9.08 14.09 27.36
CA ALA E 538 -8.80 15.04 26.30
C ALA E 538 -9.43 16.38 26.62
N PRO E 539 -8.67 17.48 26.56
CA PRO E 539 -9.28 18.80 26.83
C PRO E 539 -10.38 19.17 25.84
N ASN E 540 -10.36 18.61 24.58
CA ASN E 540 -11.35 18.95 23.57
C ASN E 540 -12.39 17.86 23.39
N PHE E 541 -12.59 17.00 24.39
CA PHE E 541 -13.52 15.89 24.24
C PHE E 541 -14.96 16.41 24.17
N VAL E 542 -15.37 17.16 25.20
CA VAL E 542 -16.77 17.61 25.25
C VAL E 542 -17.12 18.38 23.99
N GLU E 543 -16.33 19.40 23.67
CA GLU E 543 -16.58 20.19 22.47
C GLU E 543 -16.65 19.31 21.24
N ALA E 544 -15.67 18.41 21.09
CA ALA E 544 -15.63 17.55 19.92
C ALA E 544 -16.92 16.74 19.78
N VAL E 545 -17.31 16.02 20.84
CA VAL E 545 -18.49 15.18 20.74
C VAL E 545 -19.73 16.03 20.47
N SER E 546 -19.78 17.24 21.01
CA SER E 546 -20.96 18.08 20.83
C SER E 546 -21.08 18.56 19.40
N LYS E 547 -19.96 18.84 18.74
CA LYS E 547 -19.98 19.39 17.39
C LYS E 547 -20.02 18.31 16.32
N ASP E 548 -19.45 17.13 16.60
CA ASP E 548 -19.32 16.09 15.59
C ASP E 548 -20.37 14.99 15.72
N PHE E 549 -21.00 14.84 16.88
CA PHE E 549 -22.01 13.80 17.09
C PHE E 549 -23.32 14.43 17.52
C1 NAG F . 49.19 39.28 -9.36
C2 NAG F . 50.13 40.49 -9.47
C3 NAG F . 51.50 40.03 -9.96
C4 NAG F . 52.05 38.96 -9.03
C5 NAG F . 51.06 37.80 -8.93
C6 NAG F . 51.48 36.74 -7.95
C7 NAG F . 49.37 42.76 -10.03
C8 NAG F . 49.54 43.07 -8.58
N2 NAG F . 49.57 41.48 -10.38
O3 NAG F . 52.39 41.14 -9.99
O4 NAG F . 53.29 38.46 -9.53
O5 NAG F . 49.79 38.30 -8.49
O6 NAG F . 50.43 36.39 -7.08
O7 NAG F . 49.05 43.61 -10.86
H2 NAG F . 50.22 40.90 -8.59
H3 NAG F . 51.41 39.66 -10.85
H4 NAG F . 52.19 39.35 -8.16
H5 NAG F . 51.02 37.41 -9.82
H61 NAG F . 51.78 35.96 -8.43
H62 NAG F . 52.24 37.06 -7.44
H81 NAG F . 49.36 44.02 -8.44
H82 NAG F . 48.91 42.54 -8.06
H83 NAG F . 50.44 42.86 -8.31
HN2 NAG F . 49.37 41.23 -11.18
HO3 NAG F . 53.14 40.89 -10.26
HO6 NAG F . 50.68 35.79 -6.54
C1 NAG F . 54.42 38.58 -8.63
C2 NAG F . 55.29 37.32 -8.72
C3 NAG F . 56.46 37.46 -7.76
C4 NAG F . 57.24 38.74 -8.07
C5 NAG F . 56.30 39.93 -8.01
C6 NAG F . 56.97 41.23 -8.42
C7 NAG F . 54.37 35.15 -9.33
C8 NAG F . 53.79 35.56 -10.64
N2 NAG F . 54.55 36.11 -8.43
O3 NAG F . 57.29 36.32 -7.86
O4 NAG F . 58.29 38.90 -7.12
O5 NAG F . 55.20 39.74 -8.91
O6 NAG F . 57.39 41.18 -9.78
O7 NAG F . 54.64 33.98 -9.08
H2 NAG F . 55.60 37.26 -9.63
H3 NAG F . 56.14 37.53 -6.84
H4 NAG F . 57.63 38.67 -8.96
H5 NAG F . 56.02 40.00 -7.09
H61 NAG F . 56.36 41.97 -8.29
H62 NAG F . 57.73 41.40 -7.86
H81 NAG F . 53.69 34.78 -11.20
H82 NAG F . 52.92 35.97 -10.49
H83 NAG F . 54.39 36.20 -11.06
HN2 NAG F . 54.23 36.01 -7.65
HO3 NAG F . 57.95 36.40 -7.34
HO4 NAG F . 58.71 39.59 -7.29
HO6 NAG F . 57.75 41.90 -9.99
C1 NAG G . 29.55 44.33 3.04
C2 NAG G . 30.05 45.50 3.88
C3 NAG G . 31.34 45.10 4.61
C4 NAG G . 31.09 43.86 5.44
C5 NAG G . 30.56 42.74 4.54
C6 NAG G . 30.21 41.50 5.31
C7 NAG G . 30.07 47.93 3.52
C8 NAG G . 30.74 49.03 2.76
N2 NAG G . 30.27 46.69 3.07
O3 NAG G . 31.75 46.18 5.44
O4 NAG G . 32.31 43.44 6.03
O5 NAG G . 29.36 43.17 3.88
O6 NAG G . 28.90 41.58 5.87
O7 NAG G . 29.36 48.15 4.50
H2 NAG G . 29.36 45.71 4.53
H3 NAG G . 32.03 44.92 3.95
H4 NAG G . 30.44 44.06 6.13
H5 NAG G . 31.27 42.55 3.91
H61 NAG G . 30.27 40.72 4.72
H62 NAG G . 30.86 41.35 6.02
H81 NAG G . 30.52 49.87 3.16
H82 NAG G . 31.70 48.88 2.77
H83 NAG G . 30.41 49.01 1.83
HN2 NAG G . 30.55 46.58 2.26
HO3 NAG G . 32.47 45.96 5.84
HO6 NAG G . 28.73 40.88 6.28
C1 NAG G . 32.08 43.18 7.43
C2 NAG G . 33.22 42.32 7.97
C3 NAG G . 33.02 42.07 9.46
C4 NAG G . 32.89 43.40 10.19
C5 NAG G . 31.77 44.21 9.58
C6 NAG G . 31.64 45.60 10.18
C7 NAG G . 34.18 40.84 6.26
C8 NAG G . 34.14 39.49 5.63
N2 NAG G . 33.31 41.06 7.25
O3 NAG G . 34.13 41.34 9.98
O4 NAG G . 32.61 43.18 11.57
O5 NAG G . 32.00 44.40 8.18
O6 NAG G . 32.55 46.51 9.58
O7 NAG G . 34.97 41.71 5.90
H2 NAG G . 34.06 42.80 7.85
H3 NAG G . 32.21 41.56 9.60
H4 NAG G . 33.73 43.88 10.11
H5 NAG G . 30.95 43.72 9.75
H61 NAG G . 30.73 45.92 10.07
H62 NAG G . 31.81 45.55 11.13
H81 NAG G . 34.81 39.45 4.92
H82 NAG G . 34.33 38.82 6.30
H83 NAG G . 33.26 39.35 5.25
HN2 NAG G . 32.78 40.42 7.48
HO3 NAG G . 34.02 41.20 10.79
HO6 NAG G . 32.46 47.27 9.93
C1 BMA G . 33.64 43.81 12.36
C2 BMA G . 33.15 43.88 13.82
C3 BMA G . 34.24 44.50 14.66
C4 BMA G . 35.52 43.71 14.51
C5 BMA G . 35.94 43.65 13.02
C6 BMA G . 37.18 42.82 12.81
O2 BMA G . 32.91 42.57 14.33
O3 BMA G . 33.86 44.55 16.03
O4 BMA G . 36.56 44.34 15.25
O5 BMA G . 34.85 43.07 12.27
O6 BMA G . 36.96 41.54 13.38
H2 BMA G . 32.32 44.40 13.82
H3 BMA G . 34.36 45.41 14.36
H4 BMA G . 35.38 42.81 14.84
H5 BMA G . 36.13 44.56 12.73
H61 BMA G . 37.37 42.73 11.87
H62 BMA G . 37.95 43.24 13.22
HO2 BMA G . 32.31 42.20 13.87
HO3 BMA G . 33.14 44.99 16.11
HO4 BMA G . 36.34 44.38 16.05
HO6 BMA G . 37.63 41.06 13.27
C1 NAG H . 41.99 17.43 -44.55
C2 NAG H . 43.14 18.05 -45.33
C3 NAG H . 43.08 17.59 -46.78
C4 NAG H . 43.09 16.07 -46.84
C5 NAG H . 41.93 15.52 -46.01
C6 NAG H . 41.92 14.01 -45.93
C7 NAG H . 44.11 20.25 -44.83
C8 NAG H . 45.25 19.51 -44.21
N2 NAG H . 43.09 19.51 -45.26
O3 NAG H . 44.21 18.11 -47.49
O4 NAG H . 42.94 15.62 -48.19
O5 NAG H . 42.03 16.00 -44.67
O6 NAG H . 41.76 13.57 -44.60
O7 NAG H . 44.11 21.48 -44.94
H2 NAG H . 43.98 17.76 -44.93
H3 NAG H . 42.26 17.92 -47.18
H4 NAG H . 43.93 15.75 -46.49
H5 NAG H . 41.12 15.82 -46.45
H61 NAG H . 41.21 13.66 -46.49
H62 NAG H . 42.75 13.66 -46.30
H81 NAG H . 45.93 20.15 -43.93
H82 NAG H . 44.93 19.02 -43.43
H83 NAG H . 45.62 18.89 -44.86
HN2 NAG H . 42.37 19.90 -45.50
HO3 NAG H . 44.17 17.85 -48.29
HO6 NAG H . 41.76 12.72 -44.58
C1 NAG H . 44.00 14.78 -48.68
C2 NAG H . 43.41 13.66 -49.54
C3 NAG H . 44.53 12.77 -50.06
C4 NAG H . 45.57 13.61 -50.81
C5 NAG H . 46.08 14.72 -49.90
C6 NAG H . 47.00 15.67 -50.60
C7 NAG H . 41.14 12.81 -49.20
C8 NAG H . 40.44 14.12 -49.36
N2 NAG H . 42.43 12.86 -48.85
O3 NAG H . 44.00 11.75 -50.89
O4 NAG H . 46.66 12.77 -51.20
O5 NAG H . 44.97 15.51 -49.42
O6 NAG H . 46.35 16.36 -51.66
O7 NAG H . 40.57 11.74 -49.38
H2 NAG H . 42.96 14.08 -50.29
H3 NAG H . 44.99 12.35 -49.30
H4 NAG H . 45.15 13.99 -51.60
H5 NAG H . 46.54 14.28 -49.17
H61 NAG H . 47.36 16.32 -49.96
H62 NAG H . 47.77 15.19 -50.95
H81 NAG H . 39.52 13.96 -49.61
H82 NAG H . 40.47 14.59 -48.51
H83 NAG H . 40.89 14.64 -50.05
HN2 NAG H . 42.68 12.40 -48.17
HO3 NAG H . 44.62 11.26 -51.17
HO4 NAG H . 47.23 13.24 -51.61
HO6 NAG H . 46.89 16.88 -52.03
C1 NAG I . 44.93 19.63 -21.06
C2 NAG I . 46.44 19.76 -20.99
C3 NAG I . 47.10 18.61 -21.73
C4 NAG I . 46.61 17.29 -21.16
C5 NAG I . 45.09 17.24 -21.25
C6 NAG I . 44.51 15.99 -20.63
C7 NAG I . 47.96 21.69 -21.04
C8 NAG I . 48.55 22.73 -21.94
N2 NAG I . 46.90 21.04 -21.52
O3 NAG I . 48.52 18.70 -21.60
O4 NAG I . 47.15 16.22 -21.94
O5 NAG I . 44.53 18.36 -20.53
O6 NAG I . 44.37 16.14 -19.23
O7 NAG I . 48.41 21.47 -19.93
H2 NAG I . 46.71 19.73 -20.05
H3 NAG I . 46.87 18.66 -22.67
H4 NAG I . 46.90 17.21 -20.24
H5 NAG I . 44.87 17.26 -22.19
H61 NAG I . 43.65 15.80 -21.02
H62 NAG I . 45.09 15.24 -20.83
H81 NAG I . 49.31 23.14 -21.49
H82 NAG I . 48.84 22.31 -22.76
H83 NAG I . 47.88 23.40 -22.13
HN2 NAG I . 46.47 21.38 -22.17
HO3 NAG I . 48.88 18.06 -22.02
HO6 NAG I . 44.05 15.43 -18.90
C1 NAG I . 47.69 15.23 -21.04
C2 NAG I . 47.86 13.91 -21.79
C3 NAG I . 48.46 12.86 -20.87
C4 NAG I . 49.78 13.38 -20.30
C5 NAG I . 49.55 14.72 -19.60
C6 NAG I . 50.83 15.35 -19.11
C7 NAG I . 46.20 13.63 -23.58
C8 NAG I . 44.85 13.09 -23.95
N2 NAG I . 46.58 13.44 -22.31
O3 NAG I . 48.69 11.67 -21.60
O4 NAG I . 50.31 12.45 -19.37
O5 NAG I . 48.96 15.65 -20.52
O6 NAG I . 51.48 16.07 -20.13
O7 NAG I . 46.91 14.22 -24.39
H2 NAG I . 48.45 14.06 -22.55
H3 NAG I . 47.86 12.68 -20.13
H4 NAG I . 50.41 13.50 -21.04
H5 NAG I . 48.97 14.52 -18.85
H61 NAG I . 50.63 15.94 -18.36
H62 NAG I . 51.43 14.66 -18.77
H81 NAG I . 44.68 13.29 -24.89
H82 NAG I . 44.84 12.14 -23.80
H83 NAG I . 44.18 13.51 -23.40
HN2 NAG I . 46.05 13.03 -21.79
HO3 NAG I . 49.03 11.08 -21.09
HO6 NAG I . 52.19 16.42 -19.84
C1 BMA I . 51.63 12.06 -19.81
C2 BMA I . 52.33 11.37 -18.63
C3 BMA I . 53.71 10.91 -19.09
C4 BMA I . 53.57 10.03 -20.33
C5 BMA I . 52.83 10.78 -21.44
C6 BMA I . 52.61 9.92 -22.66
O2 BMA I . 51.62 10.20 -18.24
O3 BMA I . 54.38 10.20 -18.06
O4 BMA I . 54.86 9.66 -20.79
O5 BMA I . 51.54 11.20 -20.94
O6 BMA I . 51.95 8.73 -22.26
H2 BMA I . 52.38 11.98 -17.89
H3 BMA I . 54.23 11.70 -19.30
H4 BMA I . 53.07 9.22 -20.08
H5 BMA I . 53.37 11.54 -21.70
H61 BMA I . 52.08 10.40 -23.32
H62 BMA I . 53.46 9.71 -23.08
HO2 BMA I . 50.85 10.41 -17.98
HO3 BMA I . 54.46 10.69 -17.38
HO4 BMA I . 55.27 9.25 -20.19
HO6 BMA I . 51.82 8.23 -22.92
C1 NAG J . 3.13 26.55 -57.77
C2 NAG J . 3.57 27.10 -59.11
C3 NAG J . 2.38 27.71 -59.83
C4 NAG J . 1.27 26.68 -59.97
C5 NAG J . 0.90 26.15 -58.58
C6 NAG J . -0.12 25.03 -58.62
C7 NAG J . 5.82 28.02 -59.56
C8 NAG J . 6.10 26.73 -60.26
N2 NAG J . 4.62 28.10 -58.95
O3 NAG J . 2.78 28.16 -61.13
O4 NAG J . 0.11 27.26 -60.56
O5 NAG J . 2.07 25.61 -57.95
O6 NAG J . 0.27 23.93 -57.83
O7 NAG J . 6.61 28.95 -59.54
H2 NAG J . 3.94 26.37 -59.64
H3 NAG J . 2.04 28.46 -59.33
H4 NAG J . 1.58 25.95 -60.53
H5 NAG J . 0.53 26.90 -58.10
H61 NAG J . -0.98 25.38 -58.31
H62 NAG J . -0.25 24.75 -59.55
H81 NAG J . 6.99 26.78 -60.67
H82 NAG J . 6.07 26.01 -59.61
H83 NAG J . 5.43 26.58 -60.95
HN2 NAG J . 4.47 28.77 -58.44
HO3 NAG J . 2.12 28.48 -61.52
HO6 NAG J . -0.32 23.33 -57.87
C1 NAG J . -0.36 26.62 -61.77
C2 NAG J . -1.88 26.58 -61.78
C3 NAG J . -2.36 25.89 -63.05
C4 NAG J . -1.80 26.62 -64.28
C5 NAG J . -0.28 26.67 -64.17
C6 NAG J . 0.37 27.47 -65.28
C7 NAG J . -3.19 26.50 -59.71
C8 NAG J . -2.63 27.75 -59.11
N2 NAG J . -2.43 25.90 -60.63
O3 NAG J . -3.78 25.88 -63.08
O4 NAG J . -2.17 25.93 -65.46
O5 NAG J . 0.12 27.29 -62.93
O6 NAG J . -0.03 28.84 -65.22
O7 NAG J . -4.28 26.05 -59.38
H2 NAG J . -2.21 27.49 -61.75
H3 NAG J . -2.04 24.98 -63.08
H4 NAG J . -2.15 27.53 -64.30
H5 NAG J . 0.02 25.74 -64.24
H61 NAG J . 1.33 27.42 -65.21
H62 NAG J . 0.11 27.10 -66.14
H81 NAG J . -3.27 28.10 -58.47
H82 NAG J . -1.79 27.55 -58.67
H83 NAG J . -2.49 28.40 -59.82
HN2 NAG J . -2.26 25.06 -60.53
HO3 NAG J . -4.04 25.51 -63.79
HO4 NAG J . -1.87 26.33 -66.13
HO6 NAG J . 0.33 29.27 -65.84
C1 NAG K . 19.56 12.35 -48.09
C2 NAG K . 20.30 11.90 -49.34
C3 NAG K . 19.32 11.34 -50.35
C4 NAG K . 18.52 10.22 -49.73
C5 NAG K . 17.83 10.73 -48.46
C6 NAG K . 17.07 9.65 -47.73
C7 NAG K . 22.25 12.80 -50.55
C8 NAG K . 22.69 13.90 -51.45
N2 NAG K . 21.08 12.99 -49.93
O3 NAG K . 20.02 10.86 -51.50
O4 NAG K . 17.52 9.77 -50.65
O5 NAG K . 18.80 11.25 -47.55
O6 NAG K . 17.94 8.91 -46.88
O7 NAG K . 22.92 11.79 -50.37
H2 NAG K . 20.93 11.20 -49.09
H3 NAG K . 18.71 12.05 -50.64
H4 NAG K . 19.11 9.49 -49.50
H5 NAG K . 17.20 11.42 -48.76
H61 NAG K . 16.36 10.06 -47.20
H62 NAG K . 16.65 9.05 -48.36
H81 NAG K . 23.54 13.66 -51.84
H82 NAG K . 22.02 14.03 -52.15
H83 NAG K . 22.78 14.72 -50.94
HN2 NAG K . 20.76 13.79 -49.87
HO3 NAG K . 19.47 10.56 -52.06
HO6 NAG K . 17.50 8.32 -46.48
C1 NAG K . 17.56 8.34 -50.70
C2 NAG K . 16.26 7.82 -51.31
C3 NAG K . 16.30 6.31 -51.43
C4 NAG K . 17.53 5.88 -52.23
C5 NAG K . 18.78 6.45 -51.59
C6 NAG K . 20.03 6.16 -52.39
C7 NAG K . 14.35 9.29 -50.83
C8 NAG K . 13.22 9.59 -49.91
N2 NAG K . 15.12 8.24 -50.52
O3 NAG K . 15.11 5.85 -52.07
O4 NAG K . 17.62 4.47 -52.26
O5 NAG K . 18.67 7.89 -51.49
O6 NAG K . 20.20 7.11 -53.44
O7 NAG K . 14.57 9.98 -51.82
H2 NAG K . 16.16 8.20 -52.20
H3 NAG K . 16.35 5.92 -50.54
H4 NAG K . 17.43 6.22 -53.13
H5 NAG K . 18.86 6.03 -50.73
H61 NAG K . 20.80 6.19 -51.81
H62 NAG K . 19.98 5.27 -52.77
H81 NAG K . 12.74 10.37 -50.23
H82 NAG K . 12.62 8.83 -49.88
H83 NAG K . 13.58 9.76 -49.02
HN2 NAG K . 14.92 7.80 -49.82
HO3 NAG K . 15.14 5.01 -52.13
HO6 NAG K . 20.90 6.94 -53.86
C1 BMA K . 17.62 4.04 -53.63
C2 BMA K . 18.08 2.57 -53.67
C3 BMA K . 18.05 2.09 -55.12
C4 BMA K . 16.65 2.28 -55.69
C5 BMA K . 16.24 3.76 -55.58
C6 BMA K . 14.83 4.00 -56.08
O2 BMA K . 17.21 1.74 -52.93
O3 BMA K . 18.42 0.72 -55.21
O4 BMA K . 16.64 1.90 -57.05
O5 BMA K . 16.32 4.17 -54.19
O6 BMA K . 13.96 3.12 -55.37
H2 BMA K . 18.98 2.53 -53.30
H3 BMA K . 18.69 2.61 -55.62
H4 BMA K . 16.02 1.74 -55.19
H5 BMA K . 16.84 4.29 -56.14
H61 BMA K . 14.57 4.92 -55.93
H62 BMA K . 14.77 3.83 -57.03
HO2 BMA K . 17.20 1.98 -52.14
HO3 BMA K . 19.19 0.62 -54.90
HO4 BMA K . 16.86 1.10 -57.12
HO6 BMA K . 13.17 3.24 -55.63
C1 NAG L . -13.66 54.03 -30.74
C2 NAG L . -13.89 55.13 -31.78
C3 NAG L . -14.36 56.40 -31.09
C4 NAG L . -15.61 56.11 -30.26
C5 NAG L . -15.33 55.00 -29.27
C6 NAG L . -16.55 54.58 -28.49
C7 NAG L . -12.61 55.31 -33.86
C8 NAG L . -13.81 54.76 -34.55
N2 NAG L . -12.67 55.38 -32.53
O3 NAG L . -14.65 57.40 -32.06
O4 NAG L . -16.01 57.29 -29.54
O5 NAG L . -14.87 53.83 -29.98
O6 NAG L . -16.71 53.17 -28.49
O7 NAG L . -11.61 55.70 -34.48
H2 NAG L . -14.57 54.83 -32.40
H3 NAG L . -13.66 56.72 -30.49
H4 NAG L . -16.32 55.86 -30.87
H5 NAG L . -14.66 55.35 -28.66
H61 NAG L . -16.47 54.90 -27.57
H62 NAG L . -17.33 54.99 -28.87
H81 NAG L . -13.65 54.76 -35.51
H82 NAG L . -13.96 53.85 -34.24
H83 NAG L . -14.58 55.31 -34.34
HN2 NAG L . -11.95 55.59 -32.09
HO3 NAG L . -14.90 58.10 -31.68
HO6 NAG L . -17.39 52.96 -28.04
C1 NAG L . -17.35 57.75 -29.80
C2 NAG L . -18.01 58.22 -28.51
C3 NAG L . -19.42 58.70 -28.80
C4 NAG L . -19.39 59.79 -29.85
C5 NAG L . -18.69 59.27 -31.11
C6 NAG L . -18.51 60.32 -32.18
C7 NAG L . -17.37 57.30 -26.33
C8 NAG L . -15.91 57.62 -26.42
N2 NAG L . -18.03 57.20 -27.48
O3 NAG L . -20.01 59.18 -27.60
O4 NAG L . -20.73 60.17 -30.18
O5 NAG L . -17.36 58.80 -30.77
O6 NAG L . -17.66 61.38 -31.72
O7 NAG L . -17.94 57.12 -25.25
H2 NAG L . -17.46 58.95 -28.15
H3 NAG L . -19.95 57.97 -29.13
H4 NAG L . -18.90 60.57 -29.52
H5 NAG L . -19.26 58.56 -31.44
H61 NAG L . -18.12 59.92 -32.97
H62 NAG L . -19.38 60.68 -32.42
H81 NAG L . -15.54 57.67 -25.52
H82 NAG L . -15.47 56.92 -26.93
H83 NAG L . -15.81 58.48 -26.87
HN2 NAG L . -18.49 56.50 -27.63
HO3 NAG L . -20.79 59.45 -27.76
HO4 NAG L . -20.71 60.77 -30.77
HO6 NAG L . -17.58 61.95 -32.32
C1 NAG M . -11.49 32.56 -40.68
C2 NAG M . -12.24 32.78 -42.00
C3 NAG M . -13.62 33.35 -41.70
C4 NAG M . -14.37 32.43 -40.76
C5 NAG M . -13.55 32.22 -39.49
C6 NAG M . -14.18 31.24 -38.53
C7 NAG M . -11.54 33.54 -44.22
C8 NAG M . -11.10 34.74 -45.00
N2 NAG M . -11.50 33.66 -42.89
O3 NAG M . -14.35 33.50 -42.91
O4 NAG M . -15.62 33.01 -40.42
O5 NAG M . -12.25 31.70 -39.83
O6 NAG M . -13.86 29.91 -38.89
O7 NAG M . -11.87 32.50 -44.77
H2 NAG M . -12.33 31.92 -42.44
H3 NAG M . -13.53 34.22 -41.29
H4 NAG M . -14.52 31.57 -41.20
H5 NAG M . -13.49 33.09 -39.06
H61 NAG M . -13.87 31.43 -37.63
H62 NAG M . -15.14 31.36 -38.54
H81 NAG M . -11.16 34.54 -45.95
H82 NAG M . -11.70 35.48 -44.78
H83 NAG M . -10.19 34.96 -44.76
HN2 NAG M . -11.04 34.29 -42.55
HO3 NAG M . -15.10 33.82 -42.75
HO6 NAG M . -14.23 29.38 -38.34
C1 NAG M . -16.65 32.03 -40.56
C2 NAG M . -17.89 32.47 -39.79
C3 NAG M . -19.01 31.47 -39.97
C4 NAG M . -19.29 31.27 -41.46
C5 NAG M . -18.01 30.86 -42.17
C6 NAG M . -18.18 30.75 -43.68
C7 NAG M . -17.33 33.83 -37.82
C8 NAG M . -17.04 33.83 -36.36
N2 NAG M . -17.59 32.65 -38.38
O3 NAG M . -20.19 31.93 -39.32
O4 NAG M . -20.27 30.25 -41.65
O5 NAG M . -16.99 31.85 -41.95
O6 NAG M . -18.05 32.02 -44.30
O7 NAG M . -17.33 34.87 -38.49
H2 NAG M . -18.17 33.33 -40.14
H3 NAG M . -18.75 30.61 -39.59
H4 NAG M . -19.62 32.11 -41.82
H5 NAG M . -17.77 29.99 -41.82
H61 NAG M . -17.51 30.14 -44.03
H62 NAG M . -19.05 30.38 -43.88
H81 NAG M . -16.86 34.74 -36.06
H82 NAG M . -17.80 33.47 -35.89
H83 NAG M . -16.26 33.27 -36.19
HN2 NAG M . -17.57 31.95 -37.88
HO3 NAG M . -20.80 31.37 -39.42
HO6 NAG M . -18.15 31.93 -45.13
C1 BMA M . -21.38 30.82 -42.38
C2 BMA M . -22.26 29.66 -42.89
C3 BMA M . -23.45 30.24 -43.62
C4 BMA M . -24.19 31.20 -42.72
C5 BMA M . -23.26 32.30 -42.21
C6 BMA M . -23.94 33.25 -41.24
O2 BMA M . -22.76 28.90 -41.81
O3 BMA M . -24.32 29.21 -44.07
O4 BMA M . -25.27 31.78 -43.43
O5 BMA M . -22.13 31.70 -41.54
O6 BMA M . -24.50 32.47 -40.20
H2 BMA M . -21.71 29.10 -43.46
H3 BMA M . -23.11 30.72 -44.41
H4 BMA M . -24.54 30.70 -41.95
H5 BMA M . -22.97 32.82 -42.98
H61 BMA M . -23.30 33.89 -40.88
H62 BMA M . -24.64 33.75 -41.70
HO2 BMA M . -22.12 28.57 -41.38
HO3 BMA M . -23.90 28.69 -44.58
HO4 BMA M . -25.79 31.19 -43.70
HO6 BMA M . -24.89 32.97 -39.64
C1 NAG N . 14.81 61.89 -0.83
C2 NAG N . 14.89 63.39 -1.11
C3 NAG N . 16.01 64.01 -0.27
C4 NAG N . 15.79 63.69 1.21
C5 NAG N . 15.69 62.19 1.40
C6 NAG N . 15.36 61.80 2.82
C7 NAG N . 14.32 64.41 -3.26
C8 NAG N . 13.04 64.85 -2.62
N2 NAG N . 15.12 63.64 -2.51
O3 NAG N . 16.03 65.41 -0.47
O4 NAG N . 16.87 64.20 1.98
O5 NAG N . 14.64 61.67 0.58
O6 NAG N . 14.30 60.86 2.87
O7 NAG N . 14.62 64.75 -4.40
H2 NAG N . 14.05 63.79 -0.86
H3 NAG N . 16.86 63.63 -0.54
H4 NAG N . 14.97 64.13 1.49
H5 NAG N . 16.56 61.83 1.17
H61 NAG N . 16.15 61.43 3.24
H62 NAG N . 15.12 62.59 3.33
H81 NAG N . 12.55 65.40 -3.24
H82 NAG N . 12.52 64.06 -2.39
H83 NAG N . 13.24 65.36 -1.82
HN2 NAG N . 15.81 63.28 -2.89
HO3 NAG N . 16.64 65.75 -0.01
HO6 NAG N . 14.14 60.66 3.68
C1 NAG N . 16.52 65.13 3.03
C2 NAG N . 17.35 64.86 4.28
C3 NAG N . 16.95 65.84 5.37
C4 NAG N . 17.12 67.26 4.87
C5 NAG N . 16.29 67.46 3.60
C6 NAG N . 16.49 68.80 2.95
C7 NAG N . 18.21 62.63 4.80
C8 NAG N . 18.97 62.43 3.53
N2 NAG N . 17.21 63.50 4.77
O3 NAG N . 17.75 65.62 6.53
O4 NAG N . 16.67 68.18 5.86
O5 NAG N . 16.68 66.48 2.61
O6 NAG N . 17.84 68.99 2.53
O7 NAG N . 18.50 62.01 5.83
H2 NAG N . 18.28 64.97 4.04
H3 NAG N . 16.03 65.72 5.61
H4 NAG N . 18.05 67.44 4.67
H5 NAG N . 15.37 67.36 3.87
H61 NAG N . 15.90 68.90 2.20
H62 NAG N . 16.25 69.51 3.59
H81 NAG N . 19.67 61.78 3.67
H82 NAG N . 18.36 62.12 2.84
H83 NAG N . 19.36 63.28 3.26
HN2 NAG N . 16.44 63.25 5.04
HO3 NAG N . 17.53 66.16 7.13
HO4 NAG N . 16.75 68.96 5.59
HO6 NAG N . 17.92 69.74 2.18
C1 NAG O . -5.30 52.31 -9.09
C2 NAG O . -6.21 53.54 -9.10
C3 NAG O . -6.19 54.21 -7.74
C4 NAG O . -6.59 53.21 -6.67
C5 NAG O . -5.67 52.00 -6.74
C6 NAG O . -6.06 50.91 -5.76
C7 NAG O . -6.70 55.24 -10.81
C8 NAG O . -6.13 56.44 -11.51
N2 NAG O . -5.82 54.48 -10.14
O3 NAG O . -7.09 55.32 -7.73
O4 NAG O . -6.48 53.82 -5.39
O5 NAG O . -5.72 51.42 -8.05
O6 NAG O . -7.08 50.09 -6.30
O7 NAG O . -7.88 54.97 -10.86
H2 NAG O . -7.12 53.25 -9.30
H3 NAG O . -5.30 54.53 -7.56
H4 NAG O . -7.51 52.93 -6.83
H5 NAG O . -4.78 52.32 -6.52
H61 NAG O . -5.28 50.38 -5.55
H62 NAG O . -6.37 51.31 -4.93
H81 NAG O . -6.85 56.91 -11.96
H82 NAG O . -5.71 57.02 -10.85
H83 NAG O . -5.47 56.15 -12.15
HN2 NAG O . -4.98 54.56 -10.33
HO3 NAG O . -7.07 55.69 -6.98
HO6 NAG O . -7.28 49.50 -5.74
C1 NAG O . -7.68 53.55 -4.64
C2 NAG O . -7.40 53.79 -3.16
C3 NAG O . -8.67 53.56 -2.35
C4 NAG O . -9.79 54.45 -2.89
C5 NAG O . -9.99 54.19 -4.37
C6 NAG O . -11.00 55.12 -5.01
C7 NAG O . -5.07 53.32 -2.54
C8 NAG O . -4.10 52.30 -2.05
N2 NAG O . -6.34 52.92 -2.68
O3 NAG O . -8.43 53.87 -0.98
O4 NAG O . -11.00 54.18 -2.20
O5 NAG O . -8.75 54.41 -5.08
O6 NAG O . -10.42 56.36 -5.36
O7 NAG O . -4.72 54.47 -2.82
H2 NAG O . -7.12 54.71 -3.04
H3 NAG O . -8.95 52.63 -2.43
H4 NAG O . -9.54 55.38 -2.74
H5 NAG O . -10.30 53.28 -4.45
H61 NAG O . -11.38 54.70 -5.80
H62 NAG O . -11.73 55.27 -4.39
H81 NAG O . -3.22 52.70 -1.99
H82 NAG O . -4.38 52.00 -1.17
H83 NAG O . -4.08 51.55 -2.66
HN2 NAG O . -6.53 52.11 -2.48
HO3 NAG O . -9.13 53.74 -0.54
HO6 NAG O . -11.00 56.85 -5.71
C1 BMA O . -11.47 55.40 -1.59
C2 BMA O . -12.95 55.18 -1.18
C3 BMA O . -13.44 56.45 -0.50
C4 BMA O . -12.53 56.80 0.67
C5 BMA O . -11.08 56.95 0.18
C6 BMA O . -10.12 57.23 1.33
O2 BMA O . -13.05 54.14 -0.24
O3 BMA O . -14.77 56.30 -0.04
O4 BMA O . -12.96 58.02 1.26
O5 BMA O . -10.67 55.74 -0.47
O6 BMA O . -10.28 56.20 2.29
H2 BMA O . -13.45 54.97 -1.98
H3 BMA O . -13.42 57.17 -1.16
H4 BMA O . -12.58 56.08 1.33
H5 BMA O . -11.04 57.71 -0.42
H61 BMA O . -9.20 57.25 1.01
H62 BMA O . -10.30 58.10 1.72
HO2 BMA O . -12.78 53.42 -0.58
HO3 BMA O . -15.27 56.11 -0.69
HO4 BMA O . -13.75 57.94 1.53
HO6 BMA O . -9.76 56.34 2.94
N POV P . 27.37 -5.31 10.78
P POV P . 29.37 -9.37 9.97
C1 POV P . 27.22 -10.75 9.37
C2 POV P . 26.03 -11.20 10.17
C3 POV P . 24.95 -11.83 9.31
C210 POV P . 17.26 -17.07 13.54
C11 POV P . 28.78 -6.86 9.27
O11 POV P . 27.79 -9.58 9.99
C211 POV P . 17.70 -18.42 14.01
C12 POV P . 28.71 -5.62 10.14
O12 POV P . 29.66 -7.80 9.93
C212 POV P . 17.81 -19.43 12.87
C13 POV P . 27.50 -4.12 11.69
O13 POV P . 29.92 -9.91 11.23
C213 POV P . 16.48 -19.85 12.30
C14 POV P . 26.86 -6.49 11.56
O14 POV P . 29.84 -9.92 8.68
C214 POV P . 15.68 -20.79 13.19
C15 POV P . 26.38 -4.97 9.71
C215 POV P . 16.07 -22.25 13.05
C216 POV P . 15.61 -22.88 11.75
C217 POV P . 16.28 -24.19 11.42
C218 POV P . 15.69 -24.87 10.20
C21 POV P . 24.89 -10.02 12.00
O21 POV P . 25.51 -9.98 10.80
C22 POV P . 24.68 -11.41 12.52
O22 POV P . 24.48 -9.04 12.56
C23 POV P . 24.01 -11.41 13.89
C24 POV P . 23.45 -12.76 14.29
C25 POV P . 22.12 -13.07 13.64
C26 POV P . 21.49 -14.38 14.06
C27 POV P . 20.06 -14.54 13.57
C28 POV P . 19.48 -15.93 13.77
C29 POV P . 18.02 -16.00 13.44
C31 POV P . 25.11 -14.18 9.11
O31 POV P . 24.68 -13.15 9.84
C32 POV P . 24.10 -15.30 9.09
O32 POV P . 26.18 -14.21 8.56
C33 POV P . 22.86 -15.01 9.91
C34 POV P . 21.75 -16.03 9.70
C35 POV P . 21.98 -17.35 10.40
C36 POV P . 20.84 -18.36 10.21
C37 POV P . 21.29 -19.80 10.08
C38 POV P . 20.39 -20.68 9.22
C39 POV P . 20.28 -20.24 7.77
H29 POV P . 17.60 -15.18 13.14
H1 POV P . 27.88 -11.47 9.32
H1A POV P . 26.96 -10.56 8.45
H2 POV P . 26.29 -11.88 10.81
H3 POV P . 24.15 -11.28 9.34
H3A POV P . 25.24 -11.88 8.39
H210 POV P . 16.34 -16.97 13.27
H11 POV P . 27.89 -7.25 9.17
H11A POV P . 29.10 -6.64 8.40
H211 POV P . 18.55 -18.34 14.45
H21A POV P . 17.06 -18.75 14.66
H12 POV P . 28.97 -4.85 9.62
H12A POV P . 29.36 -5.71 10.85
H22 POV P . 24.14 -11.92 11.90
H212 POV P . 18.35 -19.05 12.17
H22A POV P . 25.53 -11.87 12.58
H21B POV P . 18.28 -20.22 13.20
H32 POV P . 23.85 -15.47 8.17
H32A POV P . 24.53 -16.11 9.43
H13 POV P . 26.65 -3.94 12.10
H13A POV P . 28.15 -4.33 12.39
H13B POV P . 27.81 -3.36 11.18
H23 POV P . 24.65 -11.12 14.56
H213 POV P . 15.95 -19.06 12.12
H23A POV P . 23.30 -10.75 13.89
H21C POV P . 16.63 -20.29 11.45
H33 POV P . 23.09 -14.99 10.86
H33A POV P . 22.52 -14.12 9.69
H14 POV P . 26.01 -6.26 11.96
H14A POV P . 26.76 -7.24 10.97
H14B POV P . 27.50 -6.70 12.26
H24 POV P . 24.09 -13.45 14.04
H214 POV P . 15.79 -20.51 14.11
H24A POV P . 23.36 -12.80 15.26
H21D POV P . 14.73 -20.70 12.98
H34 POV P . 20.91 -15.66 10.00
H34A POV P . 21.66 -16.19 8.75
H15 POV P . 25.52 -4.77 10.11
H15A POV P . 26.70 -4.20 9.22
H15B POV P . 26.30 -5.74 9.10
H25 POV P . 21.50 -12.35 13.85
H215 POV P . 17.04 -22.31 13.11
H25A POV P . 22.23 -13.07 12.67
H21E POV P . 15.70 -22.74 13.80
H35 POV P . 22.80 -17.75 10.07
H35A POV P . 22.10 -17.19 11.35
H26 POV P . 22.03 -15.11 13.71
H216 POV P . 14.64 -23.02 11.80
H26A POV P . 21.50 -14.45 15.02
H21F POV P . 15.77 -22.25 11.02
H36 POV P . 20.23 -18.28 10.96
H36A POV P . 20.35 -18.11 9.42
H27 POV P . 19.50 -13.91 14.04
H217 POV P . 17.22 -24.05 11.29
H27A POV P . 20.02 -14.32 12.62
H21G POV P . 16.20 -24.79 12.19
H37 POV P . 22.18 -19.82 9.71
H37A POV P . 21.35 -20.20 10.97
H28 POV P . 19.97 -16.56 13.20
H218 POV P . 16.16 -25.70 10.04
H28A POV P . 19.63 -16.21 14.69
H21H POV P . 14.76 -25.04 10.37
H21J POV P . 15.80 -24.28 9.44
H38 POV P . 20.71 -21.59 9.24
H38A POV P . 19.49 -20.68 9.61
H39 POV P . 21.22 -19.81 7.45
H39A POV P . 19.57 -19.41 7.69
C01 9Z9 Q . 15.89 -27.42 37.44
C02 9Z9 Q . 15.26 -28.49 36.54
C03 9Z9 Q . 14.89 -27.93 35.14
C04 9Z9 Q . 16.20 -28.01 34.35
C05 9Z9 Q . 17.17 -28.89 35.11
C06 9Z9 Q . 16.28 -29.58 36.15
C07 9Z9 Q . 16.91 -30.29 37.35
C08 9Z9 Q . 15.82 -30.93 38.21
C09 9Z9 Q . 14.66 -29.96 38.52
C10 9Z9 Q . 14.14 -29.22 37.29
C11 9Z9 Q . 16.41 -31.59 39.51
C12 9Z9 Q . 16.81 -30.54 40.55
C13 9Z9 Q . 17.64 -32.39 39.14
C14 9Z9 Q . 18.16 -32.41 37.92
C15 9Z9 Q . 17.90 -31.37 36.87
C16 9Z9 Q . 18.23 -33.25 40.23
C17 9Z9 Q . 17.16 -34.12 40.91
C18 9Z9 Q . 15.95 -33.30 41.30
C19 9Z9 Q . 15.37 -32.55 40.10
O20 9Z9 Q . 17.77 -34.62 42.10
C21 9Z9 Q . 17.09 -35.69 42.78
C22 9Z9 Q . 17.88 -36.95 42.56
C23 9Z9 Q . 18.02 -37.85 43.79
C24 9Z9 Q . 16.69 -38.14 44.45
O25 9Z9 Q . 16.46 -37.23 45.51
C26 9Z9 Q . 15.09 -36.83 45.63
C48 9Z9 Q . 18.71 -39.14 43.41
O49 9Z9 Q . 19.99 -38.84 42.89
C50 9Z9 Q . 20.36 -39.70 41.82
O72 9Z9 Q . 16.64 -26.65 34.26
C73 9Z9 Q . 15.50 -25.85 34.07
C74 9Z9 Q . 14.43 -26.48 34.98
C75 9Z9 Q . 12.98 -26.32 34.48
C76 9Z9 Q . 15.86 -24.42 34.40
C77 9Z9 Q . 15.30 -23.45 33.35
C78 9Z9 Q . 15.80 -23.78 31.96
C79 9Z9 Q . 15.86 -25.29 31.80
O80 9Z9 Q . 15.03 -25.96 32.74
C81 9Z9 Q . 17.16 -23.14 31.66
H1 9Z9 Q . 16.61 -26.97 36.94
H2 9Z9 Q . 15.22 -26.78 37.69
H3 9Z9 Q . 16.26 -27.84 38.24
H4 9Z9 Q . 14.12 -28.47 34.88
H5 9Z9 Q . 16.10 -28.39 33.46
H6 9Z9 Q . 17.87 -28.37 35.53
H7 9Z9 Q . 17.61 -29.53 34.53
H8 9Z9 Q . 15.90 -30.37 35.74
H9 9Z9 Q . 17.41 -29.64 37.87
H10 9Z9 Q . 15.43 -31.65 37.69
H11 9Z9 Q . 13.93 -30.47 38.91
H12 9Z9 Q . 14.95 -29.32 39.17
H13 9Z9 Q . 13.69 -29.85 36.69
H14 9Z9 Q . 13.46 -28.57 37.57
H15 9Z9 Q . 17.46 -29.93 40.16
H16 9Z9 Q . 16.02 -30.04 40.82
H17 9Z9 Q . 17.19 -30.99 41.32
H18 9Z9 Q . 18.73 -33.11 37.70
H19 9Z9 Q . 18.73 -30.95 36.63
H20 9Z9 Q . 17.54 -31.80 36.08
H21 9Z9 Q . 18.65 -32.68 40.90
H22 9Z9 Q . 18.92 -33.82 39.87
H23 9Z9 Q . 16.88 -34.82 40.32
H24 9Z9 Q . 15.28 -33.89 41.67
H25 9Z9 Q . 16.19 -32.67 41.98
H26 9Z9 Q . 15.09 -33.19 39.42
H27 9Z9 Q . 14.59 -32.06 40.37
H28 9Z9 Q . 16.19 -35.78 42.43
H29 9Z9 Q . 17.00 -35.49 43.72
H30 9Z9 Q . 18.77 -36.71 42.26
H31 9Z9 Q . 17.47 -37.46 41.85
H32 9Z9 Q . 18.55 -37.37 44.45
H33 9Z9 Q . 16.68 -39.05 44.79
H34 9Z9 Q . 15.97 -38.08 43.80
H35 9Z9 Q . 15.01 -36.21 46.37
H36 9Z9 Q . 14.82 -36.41 44.80
H37 9Z9 Q . 14.56 -37.62 45.79
H38 9Z9 Q . 18.19 -39.61 42.75
H39 9Z9 Q . 18.78 -39.71 44.19
H40 9Z9 Q . 21.24 -39.46 41.51
H41 9Z9 Q . 20.37 -40.62 42.14
H42 9Z9 Q . 19.71 -39.60 41.11
H43 9Z9 Q . 14.37 -26.01 35.84
H44 9Z9 Q . 12.78 -25.38 34.41
H45 9Z9 Q . 12.91 -26.74 33.62
H46 9Z9 Q . 12.39 -26.75 35.11
H47 9Z9 Q . 15.52 -24.18 35.27
H48 9Z9 Q . 16.83 -24.33 34.43
H49 9Z9 Q . 14.34 -23.48 33.37
H50 9Z9 Q . 15.57 -22.54 33.58
H51 9Z9 Q . 15.17 -23.40 31.30
H52 9Z9 Q . 16.78 -25.58 31.90
H53 9Z9 Q . 15.60 -25.53 30.90
H54 9Z9 Q . 17.08 -22.18 31.76
H55 9Z9 Q . 17.81 -23.49 32.28
H56 9Z9 Q . 17.41 -23.36 30.75
C1 NAG R . 32.88 59.33 -2.83
C2 NAG R . 34.39 59.54 -2.78
C3 NAG R . 34.70 60.79 -1.95
C4 NAG R . 33.96 61.98 -2.54
C5 NAG R . 32.47 61.67 -2.60
C6 NAG R . 31.67 62.77 -3.28
C7 NAG R . 35.95 57.67 -2.96
C8 NAG R . 36.08 58.07 -4.39
N2 NAG R . 35.08 58.39 -2.23
O3 NAG R . 36.09 61.01 -1.93
O4 NAG R . 34.17 63.13 -1.72
O5 NAG R . 32.23 60.47 -3.36
O6 NAG R . 32.02 62.87 -4.66
O7 NAG R . 36.58 56.74 -2.47
H2 NAG R . 34.72 59.67 -3.69
H3 NAG R . 34.39 60.67 -1.04
H4 NAG R . 34.29 62.17 -3.43
H5 NAG R . 32.17 61.60 -1.67
H61 NAG R . 30.72 62.59 -3.19
H62 NAG R . 31.84 63.62 -2.84
H81 NAG R . 36.73 57.49 -4.83
H82 NAG R . 35.21 57.99 -4.83
H83 NAG R . 36.38 58.99 -4.44
HN2 NAG R . 34.92 58.16 -1.42
HO3 NAG R . 36.27 61.70 -1.48
HO4 NAG R . 33.76 63.78 -2.04
HO6 NAG R . 31.56 63.48 -5.01
C1 YLI S . -0.23 -3.48 24.78
C2 YLI S . 0.57 -2.24 24.95
C3 YLI S . 1.07 -1.79 23.80
C10 YLI S . -0.09 -1.01 21.03
C11 YLI S . -1.05 -0.51 20.17
C12 YLI S . -2.26 -1.17 19.99
C13 YLI S . -2.49 -2.34 20.67
C18 YLI S . -0.99 -6.15 23.15
C19 YLI S . -0.43 -7.34 22.72
C20 YLI S . -0.74 -8.55 23.33
C21 YLI S . -1.63 -8.55 24.38
C22 YLI S . -2.20 -7.38 24.84
C23 YLI S . -1.88 -6.19 24.22
C4 YLI S . 0.75 -2.73 22.67
C5 YLI S . 0.32 -4.01 23.43
C6 YLI S . -0.61 -4.83 22.52
C8 YLI S . -1.52 -2.87 21.54
C9 YLI S . -0.31 -2.19 21.72
N17 YLI S . -0.35 0.65 17.80
N7 YLI S . -1.78 -4.03 22.24
O15 YLI S . 0.41 1.61 19.91
O16 YLI S . -1.97 1.74 19.28
S14 YLI S . -0.74 1.01 19.31
BR24 YLI S . -2.05 -10.20 25.23
H1B YLI S . -0.06 -4.11 25.51
H1A YLI S . -1.19 -3.27 24.76
H2 YLI S . 0.72 -1.81 25.82
H3 YLI S . 1.57 -0.95 23.70
H10 YLI S . 0.76 -0.53 21.15
H12 YLI S . -2.94 -0.81 19.39
H13 YLI S . -3.34 -2.82 20.54
H19 YLI S . 0.18 -7.37 21.96
H20 YLI S . -0.32 -9.37 23.01
H22 YLI S . -2.85 -7.40 25.58
H23 YLI S . -2.29 -5.37 24.54
H4 YLI S . 1.56 -2.92 22.16
H5 YLI S . 1.12 -4.53 23.63
H6 YLI S . -0.13 -5.04 21.70
H17B YLI S . -0.87 1.10 17.25
H17A YLI S . -0.37 -0.22 17.69
H7 YLI S . -2.60 -4.27 22.49
N POV T . -0.20 -28.77 43.03
P POV T . -1.37 -24.21 41.67
C1 POV T . -0.95 -23.64 39.11
C2 POV T . -0.23 -22.32 38.92
C3 POV T . 1.22 -22.41 39.25
C210 POV T . 0.57 -13.80 35.28
C310 POV T . 1.01 -15.18 30.92
C11 POV T . -1.18 -26.87 41.62
O11 POV T . -1.79 -23.54 40.29
C211 POV T . -0.66 -13.38 34.55
C311 POV T . 0.69 -13.71 31.07
C12 POV T . -0.26 -27.30 42.73
O12 POV T . -0.62 -25.57 41.29
C212 POV T . -0.61 -11.91 34.12
C312 POV T . -0.12 -13.14 29.93
C13 POV T . -1.46 -29.15 43.75
O13 POV T . -0.37 -23.32 42.33
C213 POV T . -0.64 -10.92 35.27
C313 POV T . -0.52 -11.71 30.17
C14 POV T . -0.06 -29.63 41.83
O14 POV T . -2.61 -24.51 42.39
C314 POV T . -1.25 -11.05 29.03
C15 POV T . 0.97 -29.01 43.93
C315 POV T . -1.83 -9.71 29.46
C316 POV T . -2.10 -8.79 28.32
C21 POV T . -1.98 -20.77 39.45
O21 POV T . -0.80 -21.30 39.79
C22 POV T . -2.35 -19.65 40.37
O22 POV T . -2.62 -21.11 38.49
C23 POV T . -2.22 -18.30 39.68
C24 POV T . -0.83 -18.07 39.08
C25 POV T . -0.68 -18.49 37.63
C26 POV T . -1.59 -17.73 36.67
C27 POV T . -1.17 -16.30 36.43
C28 POV T . 0.03 -16.24 35.53
C29 POV T . 0.86 -15.01 35.70
C31 POV T . 2.94 -20.91 38.60
O31 POV T . 1.74 -21.07 39.15
C32 POV T . 2.88 -20.03 37.39
O32 POV T . 3.94 -21.45 39.02
C33 POV T . 3.48 -18.65 37.59
C34 POV T . 4.25 -18.18 36.36
C35 POV T . 3.37 -17.88 35.16
C36 POV T . 4.15 -17.59 33.89
C37 POV T . 3.28 -17.28 32.68
C38 POV T . 2.64 -15.91 32.71
C39 POV T . 1.21 -15.89 32.23
H29 POV T . 1.71 -15.12 36.17
H1 POV T . -1.48 -23.86 38.34
H1A POV T . -0.30 -24.36 39.23
H2 POV T . -0.35 -22.10 37.98
H3 POV T . 1.36 -22.78 40.14
H3A POV T . 1.69 -23.00 38.63
H310 POV T . 0.28 -15.61 30.46
H31A POV T . 1.81 -15.29 30.39
H210 POV T . 1.24 -13.11 35.46
H11 POV T . -1.15 -27.48 40.86
H11A POV T . -2.10 -26.81 41.90
H211 POV T . -0.78 -13.94 33.78
H21A POV T . -1.42 -13.52 35.13
H311 POV T . 0.21 -13.57 31.90
H31B POV T . 1.53 -13.22 31.14
H12 POV T . -0.53 -26.83 43.54
H12A POV T . 0.64 -27.00 42.51
H22 POV T . -3.26 -19.77 40.67
H212 POV T . 0.19 -11.76 33.60
H22A POV T . -1.78 -19.67 41.15
H21B POV T . -1.37 -11.74 33.54
H32 POV T . 3.32 -20.47 36.66
H312 POV T . 0.40 -13.20 29.11
H32A POV T . 1.94 -19.93 37.14
H31C POV T . -0.91 -13.68 29.80
H13 POV T . -1.42 -30.10 43.95
H13A POV T . -1.51 -28.64 44.57
H13B POV T . -2.22 -28.96 43.18
H23 POV T . -2.88 -18.23 38.98
H213 POV T . -1.42 -10.18 35.09
H23A POV T . -2.41 -17.59 40.32
H21C POV T . -0.97 -11.44 36.17
H33 POV T . 2.78 -18.02 37.79
H313 POV T . -1.07 -11.67 30.97
H33A POV T . 4.08 -18.67 38.35
H31D POV T . 0.28 -11.19 30.36
H14 POV T . -0.04 -30.56 42.11
H14A POV T . -0.82 -29.49 41.24
H14B POV T . 0.76 -29.41 41.36
H24 POV T . -0.61 -17.13 39.15
H24A POV T . -0.18 -18.56 39.61
H34 POV T . 4.75 -17.39 36.59
H314 POV T . -0.66 -10.92 28.28
H34A POV T . 4.89 -18.87 36.11
H31E POV T . -1.98 -11.63 28.73
H15 POV T . 1.01 -29.95 44.14
H15A POV T . 1.77 -28.71 43.48
H15B POV T . 0.85 -28.49 44.75
H25 POV T . 0.24 -18.35 37.35
H25A POV T . -0.87 -19.44 37.54
H35 POV T . 2.78 -18.63 35.01
H315 POV T . -2.65 -9.86 29.95
H35A POV T . 2.81 -17.12 35.37
H31F POV T . -1.21 -9.28 30.06
H26 POV T . -1.61 -18.19 35.82
H26A POV T . -2.49 -17.74 37.02
H36 POV T . 4.73 -16.83 34.06
H316 POV T . -2.46 -7.96 28.67
H36A POV T . 4.72 -18.35 33.69
H31G POV T . -1.28 -8.62 27.84
H31H POV T . -2.75 -9.21 27.73
H27 POV T . -1.90 -15.81 36.04
H27A POV T . -0.96 -15.88 37.28
H37 POV T . 3.81 -17.37 31.88
H37A POV T . 2.58 -17.96 32.62
H28 POV T . 0.59 -17.02 35.68
H28A POV T . -0.27 -16.29 34.61
H38 POV T . 2.69 -15.56 33.61
H38A POV T . 3.17 -15.31 32.15
H39 POV T . 0.67 -15.47 32.91
H39A POV T . 0.91 -16.80 32.15
C1 YLI U . 11.91 -17.97 12.71
C2 YLI U . 13.21 -17.47 12.19
C3 YLI U . 13.05 -16.60 11.20
C10 YLI U . 11.52 -13.92 10.82
C11 YLI U . 11.00 -12.71 11.23
C12 YLI U . 9.94 -12.66 12.12
C13 YLI U . 9.42 -13.85 12.60
C18 YLI U . 8.77 -18.58 12.37
C19 YLI U . 7.90 -19.33 11.59
C20 YLI U . 7.27 -20.45 12.09
C21 YLI U . 7.53 -20.83 13.39
C22 YLI U . 8.39 -20.11 14.20
C23 YLI U . 9.01 -18.98 13.67
C4 YLI U . 11.59 -16.44 10.83
C5 YLI U . 10.97 -17.68 11.52
C6 YLI U . 9.49 -17.38 11.79
C8 YLI U . 9.93 -15.07 12.19
C9 YLI U . 11.00 -15.12 11.28
N17 YLI U . 10.71 -10.63 9.48
N7 YLI U . 9.42 -16.25 12.70
O15 YLI U . 12.92 -11.53 9.97
O16 YLI U . 11.70 -10.27 11.69
S14 YLI U . 11.69 -11.20 10.61
BR24 YLI U . 6.69 -22.39 14.09
H1B YLI U . 11.96 -18.93 12.90
H1A YLI U . 11.66 -17.50 13.53
H2 YLI U . 14.08 -17.75 12.53
H3 YLI U . 13.78 -16.10 10.77
H10 YLI U . 12.27 -13.92 10.18
H12 YLI U . 9.57 -11.80 12.42
H13 YLI U . 8.67 -13.82 13.23
H19 YLI U . 7.68 -19.07 10.67
H20 YLI U . 6.68 -20.99 11.53
H22 YLI U . 8.56 -20.38 15.12
H23 YLI U . 9.61 -18.48 14.24
H4 YLI U . 11.48 -16.52 9.86
H5 YLI U . 11.03 -18.42 10.89
H6 YLI U . 9.04 -17.17 10.95
H17B YLI U . 10.50 -9.78 9.67
H17A YLI U . 10.02 -11.16 9.39
H7 YLI U . 9.07 -16.30 13.51
N POV V . 4.70 -47.28 20.52
P POV V . 6.65 -42.84 21.09
C1 POV V . 5.73 -40.97 19.46
C2 POV V . 6.84 -40.14 18.83
C3 POV V . 7.55 -40.89 17.74
C210 POV V . 11.06 -32.11 16.79
C310 POV V . 7.72 -30.50 14.10
C11 POV V . 4.82 -44.74 20.74
O11 POV V . 6.15 -41.36 20.79
C211 POV V . 10.45 -30.96 17.50
C311 POV V . 8.72 -29.44 14.53
C12 POV V . 5.53 -46.04 20.51
O12 POV V . 5.76 -43.80 20.19
C212 POV V . 11.24 -29.67 17.32
C312 POV V . 8.13 -28.06 14.68
C13 POV V . 4.34 -47.59 21.95
O13 POV V . 8.06 -42.94 20.64
C213 POV V . 12.59 -29.68 18.00
C313 POV V . 9.12 -27.07 15.23
C14 POV V . 3.43 -47.19 19.73
O14 POV V . 6.35 -43.10 22.52
C314 POV V . 8.62 -25.65 15.31
C15 POV V . 5.52 -48.40 19.98
C315 POV V . 9.59 -24.78 16.10
C316 POV V . 9.47 -23.33 15.81
C21 POV V . 7.54 -38.81 20.69
O21 POV V . 7.84 -39.79 19.82
C22 POV V . 8.72 -38.48 21.55
O22 POV V . 6.49 -38.24 20.72
C23 POV V . 9.33 -37.14 21.17
C24 POV V . 9.69 -37.06 19.69
C25 POV V . 8.61 -36.48 18.78
C26 POV V . 8.22 -35.05 19.11
C27 POV V . 9.26 -34.03 18.72
C28 POV V . 9.26 -33.81 17.23
C29 POV V . 10.56 -33.32 16.68
C31 POV V . 8.91 -40.00 16.04
O31 POV V . 8.64 -40.05 17.34
C32 POV V . 8.81 -38.59 15.53
O32 POV V . 9.18 -40.95 15.37
C33 POV V . 10.13 -37.94 15.19
C34 POV V . 10.06 -37.09 13.93
C35 POV V . 9.22 -35.83 14.09
C36 POV V . 9.00 -35.08 12.79
C37 POV V . 8.16 -33.83 12.92
C38 POV V . 8.90 -32.66 13.57
C39 POV V . 8.06 -31.88 14.55
H29 POV V . 11.09 -33.97 16.19
H1 POV V . 4.92 -40.46 19.50
H1A POV V . 5.55 -41.75 18.92
H2 POV V . 6.40 -39.35 18.46
H3 POV V . 7.86 -41.75 18.06
H3A POV V . 6.96 -41.07 16.99
H310 POV V . 6.84 -30.26 14.45
H31A POV V . 7.64 -30.48 13.13
H210 POV V . 11.92 -31.96 16.36
H11 POV V . 3.96 -44.70 20.29
H11A POV V . 4.65 -44.58 21.68
H211 POV V . 9.54 -30.82 17.16
H21A POV V . 10.38 -31.16 18.44
H311 POV V . 9.11 -29.71 15.37
H31B POV V . 9.43 -29.41 13.87
H12 POV V . 6.22 -46.14 21.18
H12A POV V . 5.98 -45.99 19.65
H22 POV V . 8.45 -38.46 22.48
H212 POV V . 11.36 -29.50 16.38
H22A POV V . 9.39 -39.17 21.46
H21B POV V . 10.72 -28.93 17.68
H32 POV V . 8.24 -38.58 14.73
H312 POV V . 7.82 -27.75 13.82
H32A POV V . 8.36 -38.05 16.19
H31C POV V . 7.35 -28.09 15.26
H13 POV V . 3.79 -48.40 21.97
H13A POV V . 5.16 -47.74 22.46
H13B POV V . 3.84 -46.85 22.31
H23 POV V . 8.69 -36.44 21.38
H213 POV V . 12.70 -28.80 18.61
H23A POV V . 10.12 -36.98 21.70
H21C POV V . 12.63 -30.51 18.71
H33 POV V . 10.43 -37.39 15.94
H313 POV V . 9.39 -27.36 16.12
H33A POV V . 10.81 -38.63 15.07
H31D POV V . 9.92 -27.09 14.67
H14 POV V . 2.95 -48.02 19.80
H14A POV V . 2.88 -46.47 20.09
H14B POV V . 3.65 -47.00 18.80
H24 POV V . 10.49 -36.52 19.59
H24A POV V . 9.91 -37.95 19.37
H34 POV V . 10.96 -36.84 13.67
H314 POV V . 8.51 -25.28 14.43
H34A POV V . 9.69 -37.63 13.21
H31E POV V . 7.75 -25.62 15.74
H15 POV V . 4.99 -49.21 19.98
H15A POV V . 5.78 -48.18 19.07
H15B POV V . 6.30 -48.52 20.53
H25 POV V . 8.92 -36.51 17.86
H25A POV V . 7.81 -37.03 18.84
H35 POV V . 8.36 -36.07 14.46
H315 POV V . 9.45 -24.92 17.05
H35A POV V . 9.65 -35.24 14.73
H31F POV V . 10.50 -25.06 15.90
H26 POV V . 7.39 -34.83 18.68
H26A POV V . 8.06 -34.98 20.07
H36 POV V . 9.87 -34.84 12.42
H316 POV V . 10.12 -22.84 16.35
H36A POV V . 8.57 -35.68 12.15
H31G POV V . 9.64 -23.18 14.87
H31H POV V . 8.57 -23.04 16.03
H27 POV V . 9.10 -33.20 19.18
H27A POV V . 10.14 -34.34 19.00
H37 POV V . 7.85 -33.56 12.05
H37A POV V . 7.37 -34.03 13.46
H28 POV V . 9.03 -34.64 16.79
H28A POV V . 8.57 -33.17 17.01
H38 POV V . 9.68 -33.00 14.02
H38A POV V . 9.21 -32.07 12.87
H39 POV V . 8.54 -31.82 15.39
H39A POV V . 7.24 -32.37 14.72
N POV W . 13.48 -19.50 -18.21
P POV W . 10.93 -22.50 -20.58
C1 POV W . 8.75 -22.40 -19.14
C2 POV W . 8.43 -22.83 -17.74
C3 POV W . 7.06 -22.38 -17.29
C210 POV W . 2.73 -26.20 -8.85
C11 POV W . 12.07 -20.10 -20.28
O11 POV W . 10.17 -22.15 -19.23
C211 POV W . 2.22 -27.59 -9.07
C12 POV W . 13.43 -19.76 -19.70
O12 POV W . 12.15 -21.47 -20.76
C212 POV W . 0.90 -27.64 -9.81
C13 POV W . 14.91 -19.28 -17.79
O13 POV W . 11.51 -23.86 -20.44
C213 POV W . -0.28 -27.13 -8.99
C14 POV W . 12.90 -20.65 -17.44
O14 POV W . 9.98 -22.24 -21.69
C214 POV W . -0.73 -28.09 -7.90
C15 POV W . 12.69 -18.26 -17.90
C215 POV W . -1.68 -29.16 -8.39
C216 POV W . -3.08 -28.63 -8.70
C217 POV W . -3.93 -29.59 -9.53
C218 POV W . -5.35 -29.09 -9.69
C21 POV W . 9.87 -22.77 -15.74
O21 POV W . 9.44 -22.19 -16.90
C22 POV W . 9.11 -24.01 -15.38
O22 POV W . 10.72 -22.29 -15.04
C23 POV W . 9.64 -24.65 -14.10
C24 POV W . 8.69 -25.68 -13.51
C25 POV W . 7.56 -25.04 -12.71
C26 POV W . 6.62 -26.02 -12.05
C27 POV W . 5.66 -25.36 -11.08
C28 POV W . 4.56 -26.28 -10.57
C29 POV W . 3.74 -25.65 -9.49
C31 POV W . 5.33 -23.96 -17.67
O31 POV W . 6.31 -23.55 -16.87
C32 POV W . 4.13 -24.40 -16.89
O32 POV W . 5.41 -23.98 -18.87
C33 POV W . 4.31 -24.31 -15.38
C34 POV W . 3.02 -24.53 -14.61
C35 POV W . 2.58 -25.99 -14.52
C36 POV W . 1.31 -26.19 -13.71
C37 POV W . 0.40 -27.28 -14.24
C38 POV W . -1.08 -27.05 -13.96
C39 POV W . -1.67 -25.80 -14.59
H29 POV W . 3.98 -24.74 -9.23
H1 POV W . 8.48 -23.09 -19.78
H1A POV W . 8.25 -21.60 -19.38
H2 POV W . 8.42 -23.80 -17.68
H3 POV W . 7.13 -21.74 -16.56
H3A POV W . 6.59 -21.92 -18.01
H210 POV W . 2.28 -25.66 -8.19
H11 POV W . 11.37 -20.02 -19.61
H11A POV W . 11.84 -19.50 -20.99
H211 POV W . 2.88 -28.11 -9.57
H21A POV W . 2.11 -28.03 -8.21
H12 POV W . 13.76 -18.97 -20.16
H12A POV W . 14.04 -20.48 -19.91
H22 POV W . 8.16 -23.80 -15.27
H212 POV W . 0.97 -27.10 -10.62
H22A POV W . 9.16 -24.65 -16.11
H21B POV W . 0.72 -28.54 -10.09
H32 POV W . 3.36 -23.86 -17.15
H32A POV W . 3.92 -25.32 -17.12
H13 POV W . 14.92 -19.12 -16.83
H13A POV W . 15.42 -20.08 -18.00
H13B POV W . 15.27 -18.52 -18.26
H23 POV W . 10.49 -25.08 -14.29
H213 POV W . -0.03 -26.28 -8.58
H23A POV W . 9.81 -23.96 -13.46
H21C POV W . -1.02 -26.96 -9.59
H33 POV W . 4.97 -24.96 -15.09
H33A POV W . 4.67 -23.43 -15.16
H14 POV W . 12.95 -20.46 -16.49
H14A POV W . 11.98 -20.78 -17.70
H14B POV W . 13.41 -21.45 -17.64
H24 POV W . 8.31 -26.22 -14.22
H214 POV W . 0.04 -28.51 -7.50
H24A POV W . 9.18 -26.28 -12.93
H21D POV W . -1.17 -27.58 -7.20
H34 POV W . 3.13 -24.18 -13.71
H34A POV W . 2.31 -24.02 -15.03
H15 POV W . 12.73 -18.09 -16.94
H15A POV W . 13.09 -17.51 -18.38
H15B POV W . 11.78 -18.40 -18.18
H25 POV W . 7.95 -24.46 -12.04
H215 POV W . -1.32 -29.56 -9.20
H25A POV W . 7.04 -24.47 -13.31
H21E POV W . -1.75 -29.85 -7.73
H35 POV W . 2.45 -26.33 -15.42
H35A POV W . 3.30 -26.50 -14.13
H26 POV W . 6.12 -26.50 -12.73
H216 POV W . -3.54 -28.45 -7.87
H26A POV W . 7.14 -26.69 -11.57
H21F POV W . -3.01 -27.79 -9.18
H36 POV W . 1.56 -26.41 -12.79
H36A POV W . 0.83 -25.36 -13.67
H27 POV W . 6.16 -25.02 -10.32
H217 POV W . -3.52 -29.70 -10.40
H27A POV W . 5.25 -24.60 -11.51
H21G POV W . -3.94 -30.46 -9.10
H37 POV W . 0.52 -27.36 -15.20
H37A POV W . 0.66 -28.13 -13.86
H28 POV W . 3.98 -26.53 -11.31
H218 POV W . -5.84 -29.73 -10.22
H28A POV W . 4.96 -27.10 -10.23
H21H POV W . -5.76 -29.00 -8.81
H21J POV W . -5.34 -28.23 -10.14
H38 POV W . -1.59 -27.82 -14.28
H38A POV W . -1.22 -27.01 -13.00
H39 POV W . -1.17 -25.61 -15.54
H39A POV W . -1.42 -24.93 -13.97
C01 9Z9 X . 8.81 -48.09 3.96
C02 9Z9 X . 7.27 -48.07 3.99
C03 9Z9 X . 6.71 -46.69 3.61
C04 9Z9 X . 6.71 -46.66 2.08
C05 9Z9 X . 6.93 -48.09 1.59
C06 9Z9 X . 6.68 -48.93 2.85
C07 9Z9 X . 7.13 -50.40 2.87
C08 9Z9 X . 6.75 -51.03 4.21
C09 9Z9 X . 7.15 -50.16 5.42
C10 9Z9 X . 6.75 -48.69 5.29
C11 9Z9 X . 7.27 -52.50 4.34
C12 9Z9 X . 8.79 -52.55 4.59
C13 9Z9 X . 6.99 -53.24 3.05
C14 9Z9 X . 6.47 -52.65 1.97
C15 9Z9 X . 6.49 -51.18 1.72
C16 9Z9 X . 7.26 -54.72 3.06
C17 9Z9 X . 6.61 -55.42 4.25
C18 9Z9 X . 6.93 -54.68 5.55
C19 9Z9 X . 6.52 -53.21 5.47
O20 9Z9 X . 7.19 -56.72 4.32
C21 9Z9 X . 6.56 -57.66 5.19
C22 9Z9 X . 5.86 -58.68 4.32
C23 9Z9 X . 6.00 -60.13 4.78
C24 9Z9 X . 5.64 -60.32 6.23
O25 9Z9 X . 6.80 -60.26 7.03
C26 9Z9 X . 6.62 -59.62 8.29
C48 9Z9 X . 5.14 -61.04 3.91
O49 9Z9 X . 5.55 -60.92 2.57
C50 9Z9 X . 4.47 -60.96 1.66
O72 9Z9 X . 7.79 -45.79 1.73
C73 9Z9 X . 7.80 -44.74 2.67
C74 9Z9 X . 7.46 -45.41 4.02
C75 9Z9 X . 6.70 -44.51 5.00
C76 9Z9 X . 9.15 -44.05 2.60
C77 9Z9 X . 9.00 -42.53 2.61
C78 9Z9 X . 8.14 -42.04 1.45
C79 9Z9 X . 7.02 -43.03 1.22
O80 9Z9 X . 6.75 -43.83 2.38
C81 9Z9 X . 8.97 -41.85 0.17
H1 9Z9 X . 9.12 -47.70 3.13
H2 9Z9 X . 9.14 -47.57 4.71
H3 9Z9 X . 9.12 -49.01 4.03
H4 9Z9 X . 5.87 -46.63 4.10
H5 9Z9 X . 5.89 -46.35 1.68
H6 9Z9 X . 7.82 -48.21 1.24
H7 9Z9 X . 6.30 -48.32 0.87
H8 9Z9 X . 5.74 -49.10 2.92
H9 9Z9 X . 8.10 -50.43 2.76
H10 9Z9 X . 5.78 -51.08 4.24
H11 9Z9 X . 6.74 -50.52 6.22
H12 9Z9 X . 8.11 -50.22 5.55
H13 9Z9 X . 5.78 -48.61 5.32
H14 9Z9 X . 7.10 -48.19 6.04
H15 9Z9 X . 9.25 -52.09 3.87
H16 9Z9 X . 8.98 -52.11 5.44
H17 9Z9 X . 9.07 -53.48 4.64
H18 9Z9 X . 6.08 -53.19 1.33
H19 9Z9 X . 6.98 -51.00 0.90
H20 9Z9 X . 5.58 -50.87 1.59
H21 9Z9 X . 8.21 -54.88 3.06
H22 9Z9 X . 6.91 -55.12 2.24
H23 9Z9 X . 5.65 -55.44 4.16
H24 9Z9 X . 6.46 -55.11 6.27
H25 9Z9 X . 7.87 -54.75 5.73
H26 9Z9 X . 5.56 -53.14 5.32
H27 9Z9 X . 6.71 -52.77 6.31
H28 9Z9 X . 5.93 -57.22 5.77
H29 9Z9 X . 7.21 -58.10 5.76
H30 9Z9 X . 6.21 -58.61 3.42
H31 9Z9 X . 4.92 -58.46 4.27
H32 9Z9 X . 6.93 -60.39 4.69
H33 9Z9 X . 5.19 -61.17 6.37
H34 9Z9 X . 5.01 -59.63 6.51
H35 9Z9 X . 7.45 -59.62 8.77
H36 9Z9 X . 6.32 -58.71 8.12
H37 9Z9 X . 5.94 -60.10 8.79
H38 9Z9 X . 4.21 -60.78 4.00
H39 9Z9 X . 5.21 -61.95 4.21
H40 9Z9 X . 4.81 -60.89 0.75
H41 9Z9 X . 4.01 -61.82 1.76
H42 9Z9 X . 3.86 -60.23 1.85
H43 9Z9 X . 8.26 -45.59 4.53
H44 9Z9 X . 7.24 -43.73 5.20
H45 9Z9 X . 5.86 -44.24 4.60
H46 9Z9 X . 6.53 -45.01 5.81
H47 9Z9 X . 9.68 -44.33 3.36
H48 9Z9 X . 9.61 -44.33 1.80
H49 9Z9 X . 8.60 -42.24 3.44
H50 9Z9 X . 9.88 -42.12 2.55
H51 9Z9 X . 7.79 -41.17 1.67
H52 9Z9 X . 7.24 -43.61 0.48
H53 9Z9 X . 6.21 -42.55 0.97
H54 9Z9 X . 9.68 -41.22 0.35
H55 9Z9 X . 9.34 -42.71 -0.09
H56 9Z9 X . 8.38 -41.52 -0.52
C1 NAG Y . 53.44 32.80 -26.02
C2 NAG Y . 54.23 32.43 -27.28
C3 NAG Y . 55.71 32.69 -27.04
C4 NAG Y . 55.92 34.14 -26.63
C5 NAG Y . 55.07 34.45 -25.41
C6 NAG Y . 55.13 35.91 -25.00
C7 NAG Y . 53.42 30.72 -28.80
C8 NAG Y . 52.91 31.85 -29.64
N2 NAG Y . 54.01 31.05 -27.65
O3 NAG Y . 56.45 32.37 -28.21
O4 NAG Y . 57.29 34.36 -26.32
O5 NAG Y . 53.69 34.16 -25.68
O6 NAG Y . 54.53 36.73 -26.00
O7 NAG Y . 53.30 29.54 -29.15
H2 NAG Y . 53.92 32.98 -28.01
H3 NAG Y . 56.03 32.12 -26.31
H4 NAG Y . 55.66 34.72 -27.37
H5 NAG Y . 55.43 33.90 -24.69
H61 NAG Y . 54.67 36.03 -24.16
H62 NAG Y . 56.05 36.17 -24.87
H81 NAG Y . 52.51 31.50 -30.44
H82 NAG Y . 52.25 32.35 -29.13
H83 NAG Y . 53.66 32.43 -29.86
HN2 NAG Y . 54.25 30.42 -27.11
HO3 NAG Y . 57.26 32.52 -28.08
HO4 NAG Y . 57.41 35.16 -26.10
HO6 NAG Y . 54.58 37.53 -25.77
C1 YLI Z . -0.53 -24.57 -4.75
C2 YLI Z . 0.04 -24.31 -6.10
C3 YLI Z . 0.03 -23.02 -6.42
C10 YLI Z . 1.07 -20.39 -5.14
C11 YLI Z . 1.96 -19.62 -4.41
C12 YLI Z . 2.10 -19.81 -3.05
C13 YLI Z . 1.33 -20.77 -2.42
C18 YLI Z . -2.41 -23.75 -2.27
C19 YLI Z . -3.75 -23.50 -1.97
C20 YLI Z . -4.49 -24.41 -1.25
C21 YLI Z . -3.90 -25.57 -0.82
C22 YLI Z . -2.58 -25.85 -1.10
C23 YLI Z . -1.84 -24.94 -1.84
C4 YLI Z . -0.66 -22.21 -5.36
C5 YLI Z . -1.39 -23.30 -4.54
C6 YLI Z . -1.61 -22.78 -3.12
C8 YLI Z . 0.42 -21.55 -3.15
C9 YLI Z . 0.29 -21.36 -4.53
N17 YLI Z . 2.30 -16.97 -4.94
N7 YLI Z . -0.31 -22.53 -2.52
O15 YLI Z . 2.83 -18.64 -6.64
O16 YLI Z . 4.24 -18.43 -4.63
S14 YLI Z . 2.94 -18.40 -5.23
BR24 YLI Z . -4.93 -26.84 0.15
H1B YLI Z . -1.08 -25.38 -4.76
H1A YLI Z . 0.19 -24.67 -4.09
H2 YLI Z . 0.39 -25.02 -6.68
H3 YLI Z . 0.40 -22.64 -7.23
H10 YLI Z . 1.00 -20.24 -6.12
H12 YLI Z . 2.73 -19.27 -2.53
H13 YLI Z . 1.42 -20.90 -1.46
H19 YLI Z . -4.19 -22.67 -2.25
H20 YLI Z . -5.44 -24.23 -1.06
H22 YLI Z . -2.16 -26.68 -0.79
H23 YLI Z . -0.91 -25.14 -2.03
H4 YLI Z . -1.33 -21.61 -5.76
H5 YLI Z . -2.26 -23.46 -4.95
H6 YLI Z . -2.13 -21.95 -3.15
H17B YLI Z . 2.92 -16.42 -4.61
H17A YLI Z . 1.59 -17.05 -4.42
H7 YLI Z . -0.02 -22.97 -1.81
N POV AA . -19.57 -47.78 3.67
P POV AA . -15.31 -45.64 2.56
C1 POV AA . -15.32 -42.99 2.61
C2 POV AA . -14.66 -42.38 1.40
C3 POV AA . -15.54 -42.45 0.19
C210 POV AA . -8.49 -36.82 -2.79
C310 POV AA . -10.25 -32.89 -1.21
C11 POV AA . -17.60 -46.16 3.82
O11 POV AA . -14.66 -44.24 2.91
C211 POV AA . -7.50 -36.25 -1.82
C311 POV AA . -8.86 -32.74 -1.78
C12 POV AA . -18.37 -47.16 3.02
O12 POV AA . -16.88 -45.46 2.79
C212 POV AA . -6.37 -35.49 -2.52
C312 POV AA . -8.03 -31.67 -1.11
C13 POV AA . -19.11 -48.76 4.69
O13 POV AA . -15.10 -45.89 1.11
C213 POV AA . -5.45 -36.38 -3.33
C313 POV AA . -6.60 -31.65 -1.63
C14 POV AA . -20.47 -46.80 4.35
O14 POV AA . -14.79 -46.62 3.52
C314 POV AA . -5.74 -30.54 -1.07
C15 POV AA . -20.36 -48.48 2.62
C315 POV AA . -4.29 -30.73 -1.44
C316 POV AA . -3.48 -29.49 -1.39
C21 POV AA . -12.36 -42.85 1.84
O21 POV AA . -13.42 -43.08 1.07
C22 POV AA . -11.14 -43.53 1.28
O22 POV AA . -12.34 -42.12 2.78
C23 POV AA . -10.19 -42.55 0.64
C24 POV AA . -10.84 -41.68 -0.42
C25 POV AA . -11.39 -40.34 0.08
C26 POV AA . -10.34 -39.42 0.66
C27 POV AA . -9.44 -38.80 -0.37
C28 POV AA . -10.14 -37.71 -1.12
C29 POV AA . -9.60 -37.44 -2.49
C31 POV AA . -15.35 -41.20 -1.81
O31 POV AA . -14.74 -41.97 -0.91
C32 POV AA . -14.70 -39.85 -1.89
O32 POV AA . -16.32 -41.54 -2.44
C33 POV AA . -13.91 -39.62 -3.17
C34 POV AA . -14.07 -38.20 -3.69
C35 POV AA . -13.43 -37.14 -2.82
C36 POV AA . -13.74 -35.72 -3.25
C37 POV AA . -13.11 -34.65 -2.39
C38 POV AA . -11.62 -34.46 -2.62
C39 POV AA . -10.82 -34.27 -1.35
H29 POV AA . -10.13 -37.76 -3.23
H1 POV AA . -15.25 -42.39 3.36
H1A POV AA . -16.26 -43.15 2.45
H2 POV AA . -14.49 -41.44 1.63
H3 POV AA . -15.84 -43.37 0.02
H3A POV AA . -16.34 -41.92 0.30
H310 POV AA . -10.23 -32.66 -0.26
H31A POV AA . -10.83 -32.25 -1.64
H210 POV AA . -8.28 -36.72 -3.73
H11 POV AA . -18.18 -45.57 4.33
H11A POV AA . -17.01 -46.58 4.46
H211 POV AA . -7.96 -35.65 -1.21
H21A POV AA . -7.13 -36.96 -1.29
H311 POV AA . -8.40 -33.59 -1.70
H31B POV AA . -8.93 -32.55 -2.72
H12 POV AA . -17.77 -47.88 2.77
H12A POV AA . -18.66 -46.73 2.20
H22 POV AA . -10.70 -44.02 1.99
H212 POV AA . -6.75 -34.82 -3.10
H22A POV AA . -11.42 -44.18 0.62
H21B POV AA . -5.84 -35.03 -1.84
H32 POV AA . -15.39 -39.17 -1.82
H312 POV AA . -8.44 -30.81 -1.27
H32A POV AA . -14.11 -39.74 -1.13
H31C POV AA . -8.02 -31.81 -0.15
H13 POV AA . -19.89 -49.17 5.11
H13A POV AA . -18.58 -49.46 4.24
H13B POV AA . -18.57 -48.31 5.34
H23 POV AA . -9.81 -41.98 1.34
H213 POV AA . -4.42 -36.17 -3.05
H23A POV AA . -9.45 -43.03 0.25
H21C POV AA . -5.61 -37.41 -3.04
H33 POV AA . -12.96 -39.79 -3.00
H313 POV AA . -6.19 -32.50 -1.41
H33A POV AA . -14.19 -40.25 -3.84
H31D POV AA . -6.62 -31.57 -2.59
H14 POV AA . -21.22 -47.27 4.74
H14A POV AA . -19.98 -46.33 5.05
H14B POV AA . -20.79 -46.15 3.69
H24 POV AA . -10.19 -41.50 -1.12
H24A POV AA . -11.57 -42.18 -0.83
H34 POV AA . -13.69 -38.15 -4.58
H314 POV AA . -6.05 -29.68 -1.40
H34A POV AA . -15.02 -38.01 -3.78
H31E POV AA . -5.83 -30.50 -0.10
H15 POV AA . -21.14 -48.89 3.01
H15A POV AA . -20.63 -47.85 1.94
H15B POV AA . -19.81 -49.17 2.22
H25 POV AA . -11.83 -39.89 -0.66
H25A POV AA . -12.07 -40.51 0.75
H35 POV AA . -13.72 -37.25 -1.90
H315 POV AA . -3.90 -31.39 -0.84
H35A POV AA . -12.46 -37.27 -2.83
H31F POV AA . -4.24 -31.11 -2.33
H26 POV AA . -10.77 -38.72 1.17
H26A POV AA . -9.80 -39.93 1.29
H36 POV AA . -13.44 -35.60 -4.17
H316 POV AA . -2.56 -29.70 -1.64
H36A POV AA . -14.71 -35.60 -3.26
H31G POV AA . -3.86 -28.85 -2.02
H31H POV AA . -3.51 -29.14 -0.49
H27 POV AA . -8.65 -38.44 0.06
H27A POV AA . -9.14 -39.48 -0.99
H37 POV AA . -13.56 -33.80 -2.56
H37A POV AA . -13.26 -34.87 -1.46
H28 POV AA . -11.09 -37.93 -1.19
H28A POV AA . -10.09 -36.89 -0.60
H38 POV AA . -11.28 -35.25 -3.08
H38A POV AA . -11.49 -33.71 -3.21
H39 POV AA . -10.11 -34.91 -1.33
H39A POV AA . -11.40 -34.45 -0.59
N POV BA . -19.02 -6.70 -22.07
P POV BA . -23.55 -6.48 -21.29
C1 POV BA . -23.51 -6.60 -18.67
C2 POV BA . -23.12 -7.68 -17.70
C3 POV BA . -23.09 -7.19 -16.26
C210 POV BA . -22.60 -13.78 -8.47
C11 POV BA . -21.22 -5.35 -21.96
O11 POV BA . -22.82 -6.83 -19.92
C211 POV BA . -23.91 -14.47 -8.23
C12 POV BA . -20.09 -5.92 -22.80
O12 POV BA . -22.44 -6.05 -22.36
C212 POV BA . -24.90 -13.59 -7.47
C13 POV BA . -18.05 -7.28 -23.06
O13 POV BA . -24.19 -7.72 -21.79
C213 POV BA . -24.54 -13.37 -6.02
C14 POV BA . -19.62 -7.80 -21.25
O14 POV BA . -24.38 -5.29 -21.02
C214 POV BA . -24.76 -14.58 -5.13
C15 POV BA . -18.28 -5.77 -21.16
C215 POV BA . -26.19 -14.71 -4.63
C216 POV BA . -26.56 -13.68 -3.56
C217 POV BA . -28.04 -13.55 -3.32
C218 POV BA . -28.36 -12.64 -2.16
C21 POV BA . -21.34 -9.37 -17.90
O21 POV BA . -21.77 -8.10 -18.10
C22 POV BA . -22.31 -10.22 -17.14
O22 POV BA . -20.26 -9.76 -18.25
C23 POV BA . -21.81 -11.66 -16.99
C24 POV BA . -22.56 -12.44 -15.92
C25 POV BA . -22.10 -12.12 -14.52
C26 POV BA . -22.78 -12.93 -13.43
C27 POV BA . -22.13 -12.75 -12.07
C28 POV BA . -22.92 -13.36 -10.92
C29 POV BA . -22.18 -13.33 -9.63
C31 POV BA . -25.12 -7.50 -15.09
O31 POV BA . -23.97 -8.04 -15.49
C32 POV BA . -25.46 -7.92 -13.68
O32 POV BA . -25.81 -6.79 -15.77
C33 POV BA . -24.43 -8.86 -13.06
C34 POV BA . -24.65 -9.08 -11.57
C35 POV BA . -25.81 -10.01 -11.24
C36 POV BA . -25.99 -10.26 -9.74
C37 POV BA . -27.44 -10.38 -9.30
C38 POV BA . -27.71 -9.92 -7.88
C39 POV BA . -27.41 -8.45 -7.62
H29 POV BA . -21.29 -12.93 -9.64
H1 POV BA . -24.47 -6.60 -18.81
H1A POV BA . -23.28 -5.73 -18.32
H2 POV BA . -23.77 -8.40 -17.72
H3 POV BA . -22.18 -7.23 -15.91
H3A POV BA . -23.37 -6.27 -16.22
H210 POV BA . -22.01 -13.68 -7.71
H11 POV BA . -21.04 -5.50 -21.02
H11A POV BA . -21.30 -4.41 -22.10
H211 POV BA . -24.30 -14.73 -9.08
H21A POV BA . -23.76 -15.28 -7.72
H12 POV BA . -19.67 -5.19 -23.28
H12A POV BA . -20.49 -6.50 -23.48
H22 POV BA . -22.47 -9.84 -16.27
H212 POV BA . -24.96 -12.73 -7.92
H22A POV BA . -23.17 -10.24 -17.61
H21B POV BA . -25.78 -14.00 -7.52
H32 POV BA . -25.53 -7.13 -13.13
H32A POV BA . -26.33 -8.36 -13.68
H13 POV BA . -17.37 -7.77 -22.58
H13A POV BA . -18.53 -7.88 -23.66
H13B POV BA . -17.65 -6.55 -23.56
H23 POV BA . -21.88 -12.11 -17.84
H213 POV BA . -23.60 -13.11 -5.97
H23A POV BA . -20.87 -11.63 -16.76
H21C POV BA . -25.06 -12.62 -5.68
H33 POV BA . -24.47 -9.72 -13.51
H33A POV BA . -23.55 -8.50 -13.20
H14 POV BA . -18.91 -8.28 -20.79
H14A POV BA . -20.23 -7.43 -20.60
H14B POV BA . -20.10 -8.41 -21.84
H24 POV BA . -23.51 -12.24 -16.01
H214 POV BA . -24.52 -15.38 -5.62
H24A POV BA . -22.45 -13.39 -16.09
H21D POV BA . -24.17 -14.52 -4.36
H34 POV BA . -23.84 -9.44 -11.17
H34A POV BA . -24.82 -8.22 -11.15
H15 POV BA . -17.59 -6.26 -20.69
H15A POV BA . -17.88 -5.06 -21.70
H15B POV BA . -18.90 -5.38 -20.52
H25 POV BA . -21.14 -12.27 -14.46
H215 POV BA . -26.79 -14.61 -5.39
H25A POV BA . -22.25 -11.17 -14.35
H21E POV BA . -26.32 -15.59 -4.28
H35 POV BA . -26.62 -9.64 -11.60
H35A POV BA . -25.65 -10.87 -11.68
H26 POV BA . -23.71 -12.67 -13.38
H216 POV BA . -26.12 -13.94 -2.74
H26A POV BA . -22.76 -13.87 -13.68
H21F POV BA . -26.20 -12.82 -3.83
H36 POV BA . -25.51 -11.07 -9.50
H36A POV BA . -25.57 -9.53 -9.26
H27 POV BA . -21.25 -13.16 -12.08
H217 POV BA . -28.48 -13.22 -4.12
H27A POV BA . -22.01 -11.80 -11.90
H21G POV BA . -28.42 -14.44 -3.14
H37 POV BA . -28.00 -9.88 -9.91
H37A POV BA . -27.71 -11.32 -9.38
H28 POV BA . -23.76 -12.87 -10.82
H218 POV BA . -29.32 -12.59 -2.04
H28A POV BA . -23.15 -14.28 -11.14
H21H POV BA . -27.95 -13.00 -1.35
H21J POV BA . -28.01 -11.76 -2.34
H38 POV BA . -28.64 -10.09 -7.66
H38A POV BA . -27.17 -10.45 -7.26
H39 POV BA . -27.63 -7.88 -8.52
H39A POV BA . -26.34 -8.31 -7.47
C01 9Z9 CA . -28.17 -39.27 -8.42
C02 9Z9 CA . -28.77 -38.77 -7.09
C03 9Z9 CA . -28.22 -37.36 -6.70
C04 9Z9 CA . -29.10 -36.38 -7.49
C05 9Z9 CA . -30.31 -37.15 -8.02
C06 9Z9 CA . -30.27 -38.46 -7.22
C07 9Z9 CA . -31.11 -39.65 -7.68
C08 9Z9 CA . -30.93 -40.82 -6.70
C09 9Z9 CA . -29.45 -41.09 -6.37
C10 9Z9 CA . -28.65 -39.84 -6.01
C11 9Z9 CA . -31.68 -42.10 -7.16
C12 9Z9 CA . -30.96 -42.80 -8.34
C13 9Z9 CA . -33.08 -41.72 -7.63
C14 9Z9 CA . -33.50 -40.46 -7.71
C15 9Z9 CA . -32.59 -39.27 -7.76
C16 9Z9 CA . -34.02 -42.86 -7.95
C17 9Z9 CA . -34.06 -43.89 -6.83
C18 9Z9 CA . -32.66 -44.29 -6.39
C19 9Z9 CA . -31.83 -43.07 -5.99
O20 9Z9 CA . -34.72 -45.04 -7.37
C21 9Z9 CA . -35.13 -46.04 -6.44
C22 9Z9 CA . -36.64 -45.98 -6.34
C23 9Z9 CA . -37.34 -47.35 -6.31
C24 9Z9 CA . -36.76 -48.27 -5.27
O25 9Z9 CA . -35.79 -49.11 -5.86
C26 9Z9 CA . -34.68 -49.38 -5.01
C48 9Z9 CA . -38.82 -47.15 -6.08
O49 9Z9 CA . -39.36 -46.36 -7.11
C50 9Z9 CA . -40.35 -45.46 -6.66
O72 9Z9 CA . -28.26 -35.91 -8.55
C73 9Z9 CA . -26.96 -35.76 -8.01
C74 9Z9 CA . -26.78 -36.97 -7.06
C75 9Z9 CA . -25.88 -36.70 -5.86
C76 9Z9 CA . -25.97 -35.68 -9.15
C77 9Z9 CA . -24.96 -34.55 -8.93
C78 9Z9 CA . -25.63 -33.21 -8.77
C79 9Z9 CA . -26.91 -33.39 -7.98
O80 9Z9 CA . -26.90 -34.59 -7.21
C81 9Z9 CA . -25.91 -32.53 -10.11
H1 9Z9 CA . -28.26 -38.57 -9.08
H2 9Z9 CA . -27.24 -39.48 -8.28
H3 9Z9 CA . -28.66 -40.06 -8.70
H4 9Z9 CA . -28.23 -37.36 -5.73
H5 9Z9 CA . -29.44 -35.64 -6.97
H6 9Z9 CA . -30.25 -37.31 -8.97
H7 9Z9 CA . -31.13 -36.66 -7.87
H8 9Z9 CA . -30.72 -38.31 -6.38
H9 9Z9 CA . -30.81 -39.92 -8.57
H10 9Z9 CA . -31.33 -40.55 -5.86
H11 9Z9 CA . -29.40 -41.72 -5.62
H12 9Z9 CA . -29.03 -41.53 -7.12
H13 9Z9 CA . -28.97 -39.49 -5.16
H14 9Z9 CA . -27.71 -40.09 -5.89
H15 9Z9 CA . -30.88 -42.17 -9.08
H16 9Z9 CA . -30.08 -43.08 -8.05
H17 9Z9 CA . -31.49 -43.57 -8.62
H18 9Z9 CA . -34.41 -40.31 -7.74
H19 9Z9 CA . -32.75 -38.79 -8.59
H20 9Z9 CA . -32.81 -38.66 -7.03
H21 9Z9 CA . -33.74 -43.29 -8.77
H22 9Z9 CA . -34.91 -42.51 -8.10
H23 9Z9 CA . -34.52 -43.53 -6.05
H24 9Z9 CA . -32.73 -44.89 -5.63
H25 9Z9 CA . -32.22 -44.76 -7.11
H26 9Z9 CA . -32.24 -42.62 -5.24
H27 9Z9 CA . -30.95 -43.35 -5.69
H28 9Z9 CA . -34.73 -45.89 -5.57
H29 9Z9 CA . -34.84 -46.92 -6.73
H30 9Z9 CA . -36.97 -45.48 -7.10
H31 9Z9 CA . -36.87 -45.49 -5.54
H32 9Z9 CA . -37.19 -47.77 -7.17
H33 9Z9 CA . -37.46 -48.81 -4.87
H34 9Z9 CA . -36.36 -47.76 -4.55
H35 9Z9 CA . -34.06 -49.97 -5.48
H36 9Z9 CA . -34.24 -48.55 -4.79
H37 9Z9 CA . -35.00 -49.82 -4.21
H38 9Z9 CA . -38.96 -46.72 -5.22
H39 9Z9 CA . -39.27 -48.01 -6.04
H40 9Z9 CA . -40.69 -44.96 -7.41
H41 9Z9 CA . -41.08 -45.97 -6.26
H42 9Z9 CA . -39.97 -44.87 -6.00
H43 9Z9 CA . -26.29 -37.69 -7.50
H44 9Z9 CA . -25.00 -36.45 -6.18
H45 9Z9 CA . -26.25 -35.99 -5.33
H46 9Z9 CA . -25.83 -37.51 -5.33
H47 9Z9 CA . -25.51 -36.52 -9.24
H48 9Z9 CA . -26.45 -35.52 -9.98
H49 9Z9 CA . -24.42 -34.75 -8.15
H50 9Z9 CA . -24.34 -34.52 -9.69
H51 9Z9 CA . -25.03 -32.61 -8.29
H52 9Z9 CA . -27.66 -33.40 -8.59
H53 9Z9 CA . -27.03 -32.63 -7.39
H54 9Z9 CA . -25.07 -32.43 -10.59
H55 9Z9 CA . -26.52 -33.10 -10.62
H56 9Z9 CA . -26.31 -31.67 -9.95
C1 NAG DA . 29.38 21.97 -57.13
C2 NAG DA . 28.70 22.23 -58.46
C3 NAG DA . 29.62 21.78 -59.60
C4 NAG DA . 30.96 22.48 -59.48
C5 NAG DA . 31.57 22.19 -58.11
C6 NAG DA . 32.85 22.96 -57.86
C7 NAG DA . 26.28 22.25 -58.66
C8 NAG DA . 26.40 23.74 -58.59
N2 NAG DA . 27.42 21.57 -58.55
O3 NAG DA . 29.00 22.05 -60.84
O4 NAG DA . 31.85 21.98 -60.49
O5 NAG DA . 30.64 22.61 -57.08
O6 NAG DA . 32.61 24.36 -57.82
O7 NAG DA . 25.19 21.69 -58.81
H2 NAG DA . 28.54 23.18 -58.54
H3 NAG DA . 29.77 20.82 -59.53
H4 NAG DA . 30.85 23.43 -59.60
H5 NAG DA . 31.74 21.25 -58.08
H61 NAG DA . 33.25 22.67 -57.03
H62 NAG DA . 33.48 22.76 -58.56
H81 NAG DA . 25.52 24.13 -58.69
H82 NAG DA . 26.78 23.99 -57.74
H83 NAG DA . 26.97 24.04 -59.31
HN2 NAG DA . 27.39 20.71 -58.53
HO3 NAG DA . 29.51 21.80 -61.47
HO4 NAG DA . 32.59 22.37 -60.42
HO6 NAG DA . 33.33 24.76 -57.68
C1 YLI EA . -20.35 -14.15 -3.47
C2 YLI EA . -20.73 -13.30 -4.64
C3 YLI EA . -20.01 -12.19 -4.71
C10 YLI EA . -16.99 -11.48 -4.80
C11 YLI EA . -15.67 -11.70 -5.14
C12 YLI EA . -14.94 -12.73 -4.56
C13 YLI EA . -15.57 -13.55 -3.64
C18 YLI EA . -19.09 -14.51 -0.54
C19 YLI EA . -19.27 -14.09 0.78
C20 YLI EA . -19.78 -14.94 1.73
C21 YLI EA . -20.12 -16.22 1.37
C22 YLI EA . -19.96 -16.67 0.08
C23 YLI EA . -19.44 -15.81 -0.87
C4 YLI EA . -19.08 -12.06 -3.52
C5 YLI EA . -19.68 -13.11 -2.55
C6 YLI EA . -18.57 -13.56 -1.59
C8 YLI EA . -16.91 -13.34 -3.28
C9 YLI EA . -17.62 -12.29 -3.87
N17 YLI EA . -13.96 -9.60 -5.53
N7 YLI EA . -17.52 -14.19 -2.39
O15 YLI EA . -15.93 -9.88 -6.96
O16 YLI EA . -14.04 -11.46 -7.12
S14 YLI EA . -14.89 -10.63 -6.32
BR24 YLI EA . -20.87 -17.39 2.68
H1B YLI EA . -21.15 -14.53 -3.05
H1A YLI EA . -19.76 -14.87 -3.75
H2 YLI EA . -21.43 -13.55 -5.28
H3 YLI EA . -20.07 -11.54 -5.44
H10 YLI EA . -17.48 -10.74 -5.22
H12 YLI EA . -14.01 -12.88 -4.80
H13 YLI EA . -15.06 -14.28 -3.23
H19 YLI EA . -19.02 -13.18 1.06
H20 YLI EA . -19.94 -14.62 2.64
H22 YLI EA . -20.19 -17.59 -0.17
H23 YLI EA . -19.32 -16.14 -1.78
H4 YLI EA . -19.17 -11.16 -3.12
H5 YLI EA . -20.38 -12.66 -2.03
H6 YLI EA . -18.22 -12.78 -1.12
H17B YLI EA . -13.13 -9.63 -5.86
H17A YLI EA . -14.00 -9.75 -4.67
H7 YLI EA . -17.30 -15.03 -2.30
N POV FA . -39.47 -29.54 15.75
P POV FA . -36.91 -28.74 11.67
C1 POV FA . -35.00 -26.92 11.85
C2 POV FA . -35.00 -25.93 10.71
C3 POV FA . -36.13 -24.93 10.83
C210 POV FA . -31.05 -21.40 3.61
C310 POV FA . -28.06 -19.05 6.17
C11 POV FA . -37.44 -29.16 14.24
O11 POV FA . -35.45 -28.20 11.37
C211 POV FA . -29.70 -21.94 3.29
C311 POV FA . -27.73 -19.05 4.69
C12 POV FA . -38.93 -29.11 14.42
O12 POV FA . -37.27 -28.25 13.14
C212 POV FA . -29.11 -21.33 2.02
C312 POV FA . -26.25 -18.98 4.39
C13 POV FA . -39.40 -31.04 15.82
O13 POV FA . -37.84 -28.08 10.72
C213 POV FA . -29.84 -21.75 0.76
C313 POV FA . -25.97 -19.11 2.91
C14 POV FA . -38.73 -29.00 16.93
O14 POV FA . -36.83 -30.22 11.65
C314 POV FA . -24.51 -18.96 2.52
C15 POV FA . -40.90 -29.13 15.84
C315 POV FA . -24.28 -19.35 1.07
C316 POV FA . -23.06 -18.76 0.48
C21 POV FA . -34.17 -27.28 8.92
O21 POV FA . -35.20 -26.63 9.44
C22 POV FA . -34.49 -27.83 7.57
O22 POV FA . -33.10 -27.37 9.45
C23 POV FA . -33.78 -27.05 6.48
C24 POV FA . -34.05 -25.55 6.54
C25 POV FA . -33.04 -24.74 7.35
C26 POV FA . -31.62 -24.80 6.81
C27 POV FA . -31.42 -24.01 5.54
C28 POV FA . -31.37 -22.53 5.83
C29 POV FA . -31.76 -21.67 4.68
C31 POV FA . -36.32 -22.86 9.72
O31 POV FA . -36.10 -24.17 9.61
C32 POV FA . -35.16 -22.07 9.20
O32 POV FA . -37.32 -22.38 10.20
C33 POV FA . -35.42 -21.36 7.88
C34 POV FA . -34.79 -19.98 7.84
C35 POV FA . -33.27 -19.99 7.80
C36 POV FA . -32.65 -18.61 7.93
C37 POV FA . -31.13 -18.61 7.90
C38 POV FA . -30.55 -18.83 6.51
C39 POV FA . -29.35 -19.74 6.51
H29 POV FA . -32.64 -21.25 4.73
H1 POV FA . -34.11 -26.98 12.23
H1A POV FA . -35.58 -26.61 12.57
H2 POV FA . -34.15 -25.47 10.73
H3 POV FA . -36.98 -25.38 10.95
H3A POV FA . -35.99 -24.36 11.61
H310 POV FA . -27.33 -19.49 6.65
H31A POV FA . -28.09 -18.14 6.48
H210 POV FA . -31.45 -20.81 2.96
H11 POV FA . -36.96 -28.87 15.04
H11A POV FA . -37.13 -30.06 14.03
H211 POV FA . -29.10 -21.74 4.04
H21A POV FA . -29.74 -22.89 3.20
H311 POV FA . -28.10 -19.85 4.28
H31B POV FA . -28.17 -18.29 4.27
H12 POV FA . -39.35 -29.66 13.73
H12A POV FA . -39.22 -28.19 14.27
H22 POV FA . -34.25 -28.76 7.51
H212 POV FA . -29.12 -20.37 2.09
H22A POV FA . -35.45 -27.78 7.42
H21B POV FA . -28.18 -21.60 1.94
H32 POV FA . -34.91 -21.40 9.86
H312 POV FA . -25.89 -18.14 4.70
H32A POV FA . -34.40 -22.66 9.10
H31C POV FA . -25.80 -19.69 4.86
H13 POV FA . -39.74 -31.34 16.67
H13A POV FA . -39.93 -31.42 15.10
H13B POV FA . -38.47 -31.31 15.72
H23 POV FA . -32.82 -27.20 6.55
H213 POV FA . -29.12 -22.11 0.03
H23A POV FA . -34.06 -27.38 5.61
H21C POV FA . -30.47 -22.61 0.97
H33 POV FA . -35.07 -21.90 7.15
H313 POV FA . -26.28 -19.98 2.61
H33A POV FA . -36.38 -21.28 7.74
H31D POV FA . -26.49 -18.44 2.43
H14 POV FA . -39.14 -29.33 17.74
H14A POV FA . -37.81 -29.27 16.89
H14B POV FA . -38.79 -28.02 16.90
H24 POV FA . -34.07 -25.19 5.65
H24A POV FA . -34.93 -25.41 6.93
H34 POV FA . -35.12 -19.51 7.06
H314 POV FA . -24.23 -18.04 2.67
H34A POV FA . -35.08 -19.48 8.62
H31E POV FA . -23.96 -19.51 3.10
H15 POV FA . -41.26 -29.41 16.70
H15A POV FA . -40.95 -28.17 15.76
H15B POV FA . -41.40 -29.56 15.12
H25 POV FA . -33.32 -23.81 7.37
H25A POV FA . -33.04 -25.06 8.27
H35 POV FA . -32.95 -20.55 8.51
H315 POV FA . -24.24 -20.31 1.01
H35A POV FA . -32.98 -20.39 6.96
H31F POV FA . -25.06 -19.06 0.55
H26 POV FA . -31.00 -24.48 7.49
H26A POV FA . -31.39 -25.74 6.64
H36 POV FA . -32.98 -18.04 7.21
H316 POV FA . -22.98 -19.05 -0.45
H36A POV FA . -32.95 -18.21 8.77
H31G POV FA . -23.11 -17.79 0.52
H31H POV FA . -22.29 -19.07 0.99
H27 POV FA . -30.61 -24.29 5.11
H27A POV FA . -32.16 -24.19 4.93
H37 POV FA . -30.81 -17.76 8.25
H37A POV FA . -30.80 -19.30 8.50
H28 POV FA . -31.95 -22.34 6.58
H28A POV FA . -30.47 -22.30 6.11
H38 POV FA . -31.24 -19.20 5.94
H38A POV FA . -30.29 -17.97 6.15
H39 POV FA . -29.51 -20.45 5.86
H39A POV FA . -29.26 -20.16 7.37
N POV GA . -25.21 15.41 4.55
P POV GA . -26.42 16.55 8.82
C1 POV GA . -24.96 14.80 10.14
C2 POV GA . -25.00 13.29 10.24
C3 POV GA . -23.81 12.73 10.97
C210 POV GA . -23.72 3.03 14.16
C11 POV GA . -25.08 17.00 6.56
O11 POV GA . -25.58 15.20 8.88
C211 POV GA . -24.59 2.83 15.37
C12 POV GA . -25.52 16.76 5.14
O12 POV GA . -26.28 17.16 7.36
C212 POV GA . -23.92 3.29 16.66
C13 POV GA . -25.82 15.30 3.17
O13 POV GA . -27.84 16.21 9.05
C213 POV GA . -22.77 2.41 17.10
C14 POV GA . -25.75 14.31 5.41
O14 POV GA . -25.76 17.50 9.76
C214 POV GA . -23.20 1.08 17.68
C15 POV GA . -23.73 15.25 4.43
C215 POV GA . -23.56 1.13 19.15
C216 POV GA . -22.38 1.31 20.08
C217 POV GA . -22.73 1.72 21.48
C218 POV GA . -21.54 1.75 22.41
C21 POV GA . -25.60 11.66 8.50
O21 POV GA . -24.99 12.82 8.86
C22 POV GA . -26.16 10.89 9.68
O22 POV GA . -25.64 11.25 7.38
C23 POV GA . -26.86 9.62 9.24
C24 POV GA . -27.10 8.66 10.39
C25 POV GA . -25.87 7.84 10.73
C26 POV GA . -26.08 6.81 11.82
C27 POV GA . -24.90 5.87 11.98
C28 POV GA . -24.98 4.98 13.21
C29 POV GA . -23.90 3.94 13.23
C31 POV GA . -24.15 12.44 13.30
O31 POV GA . -24.30 11.94 12.08
C32 POV GA . -23.76 11.37 14.29
O32 POV GA . -24.32 13.60 13.58
C33 POV GA . -23.65 9.98 13.68
C34 POV GA . -23.02 8.97 14.62
C35 POV GA . -23.96 8.47 15.71
C36 POV GA . -23.33 7.43 16.62
C37 POV GA . -23.74 7.52 18.09
C38 POV GA . -22.68 7.05 19.07
C39 POV GA . -21.38 7.83 19.04
H29 POV GA . -23.27 3.94 12.50
H1 POV GA . -25.43 15.21 10.89
H1A POV GA . -24.04 15.12 10.18
H2 POV GA . -25.78 13.02 10.74
H3 POV GA . -23.27 12.19 10.37
H3A POV GA . -23.23 13.45 11.30
H210 POV GA . -22.96 2.43 14.06
H11 POV GA . -24.56 16.25 6.89
H11A POV GA . -24.52 17.78 6.62
H211 POV GA . -25.42 3.30 15.25
H21A POV GA . -24.81 1.88 15.45
H12 POV GA . -25.11 17.44 4.57
H12A POV GA . -26.48 16.90 5.08
H22 POV GA . -25.43 10.67 10.28
H212 POV GA . -23.60 4.20 16.53
H22A POV GA . -26.77 11.46 10.17
H21B POV GA . -24.59 3.32 17.36
H32 POV GA . -22.91 11.60 14.69
H32A POV GA . -24.41 11.35 15.00
H13 POV GA . -25.61 14.43 2.81
H13A POV GA . -26.78 15.42 3.24
H13B POV GA . -25.44 15.99 2.61
H23 POV GA . -27.72 9.86 8.84
H213 POV GA . -22.18 2.26 16.34
H23A POV GA . -26.34 9.18 8.55
H21C POV GA . -22.25 2.89 17.77
H33 POV GA . -24.54 9.67 13.42
H33A POV GA . -23.12 10.03 12.87
H14 POV GA . -25.55 13.44 5.01
H14A POV GA . -25.36 14.37 6.29
H14B POV GA . -26.72 14.41 5.48
H24 POV GA . -27.39 9.15 11.17
H214 POV GA . -23.95 0.73 17.18
H24A POV GA . -27.82 8.05 10.15
H21D POV GA . -22.47 0.44 17.57
H34 POV GA . -22.72 8.20 14.10
H34A POV GA . -22.25 9.36 15.03
H15 POV GA . -23.53 14.38 4.06
H15A POV GA . -23.38 15.95 3.85
H15B POV GA . -23.34 15.32 5.31
H25 POV GA . -25.55 7.39 9.93
H215 POV GA . -24.18 1.88 19.29
H25A POV GA . -25.17 8.45 11.01
H21E POV GA . -24.04 0.33 19.39
H35 POV GA . -24.24 9.23 16.26
H35A POV GA . -24.75 8.11 15.30
H26 POV GA . -26.23 7.26 12.67
H216 POV GA . -21.89 0.47 20.12
H26A POV GA . -26.88 6.29 11.62
H21F POV GA . -21.77 1.96 19.69
H36 POV GA . -23.57 6.54 16.29
H36A POV GA . -22.37 7.50 16.56
H27 POV GA . -24.84 5.30 11.19
H217 POV GA . -23.13 2.61 21.46
H27A POV GA . -24.09 6.38 12.02
H21G POV GA . -23.40 1.12 21.84
H37 POV GA . -23.95 8.45 18.28
H37A POV GA . -24.55 7.01 18.22
H28 POV GA . -24.91 5.52 14.01
H218 POV GA . -21.83 2.02 23.29
H28A POV GA . -25.84 4.54 13.23
H21H POV GA . -21.16 0.85 22.44
H21J POV GA . -20.88 2.37 22.06
H38 POV GA . -23.05 7.09 19.98
H38A POV GA . -22.49 6.11 18.89
H39 POV GA . -21.59 8.87 18.80
H39A POV GA . -20.76 7.49 18.22
C01 9Z9 HA . -43.93 -13.14 17.41
C02 9Z9 HA . -43.04 -13.43 18.63
C03 9Z9 HA . -41.60 -12.87 18.45
C04 9Z9 HA . -41.72 -11.39 18.86
C05 9Z9 HA . -43.06 -11.20 19.58
C06 9Z9 HA . -43.50 -12.64 19.87
C07 9Z9 HA . -44.95 -12.92 20.28
C08 9Z9 HA . -45.13 -14.42 20.56
C09 9Z9 HA . -44.54 -15.31 19.46
C10 9Z9 HA . -43.12 -14.91 19.02
C11 9Z9 HA . -46.61 -14.77 20.89
C12 9Z9 HA . -47.50 -14.76 19.63
C13 9Z9 HA . -47.17 -13.75 21.87
C14 9Z9 HA . -46.49 -12.68 22.26
C15 9Z9 HA . -45.32 -12.11 21.53
C16 9Z9 HA . -48.54 -14.06 22.45
C17 9Z9 HA . -48.63 -15.47 23.00
C18 9Z9 HA . -48.09 -16.48 22.00
C19 9Z9 HA . -46.67 -16.14 21.56
O20 9Z9 HA . -50.02 -15.73 23.21
C21 9Z9 HA . -50.35 -16.88 23.98
C22 9Z9 HA . -50.85 -16.41 25.32
C23 9Z9 HA . -52.08 -17.16 25.86
C24 9Z9 HA . -51.89 -18.65 25.84
O25 9Z9 HA . -52.45 -19.20 24.65
C26 9Z9 HA . -51.70 -20.29 24.12
C48 9Z9 HA . -52.40 -16.68 27.25
O49 9Z9 HA . -52.66 -15.29 27.23
C50 9Z9 HA . -52.16 -14.61 28.37
O72 9Z9 HA . -41.67 -10.66 17.62
C73 9Z9 HA . -40.73 -11.33 16.80
C74 9Z9 HA . -40.95 -12.83 17.06
C75 9Z9 HA . -39.70 -13.70 16.92
C76 9Z9 HA . -40.94 -10.87 15.38
C77 9Z9 HA . -39.62 -10.55 14.69
C78 9Z9 HA . -38.83 -9.48 15.43
C79 9Z9 HA . -39.01 -9.69 16.91
O80 9Z9 HA . -39.42 -11.03 17.23
C81 9Z9 HA . -39.26 -8.08 15.01
H1 9Z9 HA . -43.86 -12.20 17.19
H2 9Z9 HA . -43.63 -13.69 16.67
H3 9Z9 HA . -44.85 -13.37 17.63
H4 9Z9 HA . -41.05 -13.47 18.97
H5 9Z9 HA . -41.03 -11.08 19.46
H6 9Z9 HA . -43.70 -10.74 19.02
H7 9Z9 HA . -42.96 -10.68 20.38
H8 9Z9 HA . -43.09 -12.92 20.71
H9 9Z9 HA . -45.53 -12.64 19.56
H10 9Z9 HA . -44.61 -14.62 21.35
H11 9Z9 HA . -44.53 -16.22 19.76
H12 9Z9 HA . -45.12 -15.27 18.68
H13 9Z9 HA . -42.50 -15.10 19.75
H14 9Z9 HA . -42.84 -15.46 18.27
H15 9Z9 HA . -47.45 -13.88 19.22
H16 9Z9 HA . -47.18 -15.43 19.01
H17 9Z9 HA . -48.41 -14.97 19.89
H18 9Z9 HA . -46.76 -12.26 23.04
H19 9Z9 HA . -45.52 -11.19 21.27
H20 9Z9 HA . -44.56 -12.07 22.13
H21 9Z9 HA . -49.20 -13.93 21.75
H22 9Z9 HA . -48.74 -13.42 23.15
H23 9Z9 HA . -48.10 -15.55 23.80
H24 9Z9 HA . -48.11 -17.37 22.40
H25 9Z9 HA . -48.67 -16.51 21.22
H26 9Z9 HA . -46.08 -16.17 22.33
H27 9Z9 HA . -46.34 -16.82 20.95
H28 9Z9 HA . -49.57 -17.46 24.09
H29 9Z9 HA . -51.03 -17.42 23.52
H30 9Z9 HA . -51.07 -15.47 25.24
H31 9Z9 HA . -50.14 -16.48 25.96
H32 9Z9 HA . -52.82 -16.95 25.26
H33 9Z9 HA . -52.32 -19.05 26.61
H34 9Z9 HA . -50.95 -18.88 25.90
H35 9Z9 HA . -52.13 -20.60 23.32
H36 9Z9 HA . -50.80 -19.98 23.92
H37 9Z9 HA . -51.67 -21.00 24.78
H38 9Z9 HA . -51.65 -16.87 27.84
H39 9Z9 HA . -53.17 -17.16 27.60
H40 9Z9 HA . -52.37 -13.68 28.30
H41 9Z9 HA . -52.58 -14.99 29.16
H42 9Z9 HA . -51.20 -14.74 28.41
H43 9Z9 HA . -41.52 -13.22 16.38
H44 9Z9 HA . -39.36 -13.61 16.02
H45 9Z9 HA . -39.04 -13.40 17.56
H46 9Z9 HA . -39.95 -14.62 17.10
H47 9Z9 HA . -41.41 -11.56 14.88
H48 9Z9 HA . -41.51 -10.08 15.37
H49 9Z9 HA . -39.08 -11.36 14.62
H50 9Z9 HA . -39.78 -10.25 13.77
H51 9Z9 HA . -37.89 -9.56 15.19
H52 9Z9 HA . -39.68 -9.06 17.24
H53 9Z9 HA . -38.18 -9.48 17.36
H54 9Z9 HA . -39.13 -7.97 14.06
H55 9Z9 HA . -40.20 -7.94 15.24
H56 9Z9 HA . -38.71 -7.43 15.49
C1 NAG IA . -6.03 41.80 -53.15
C2 NAG IA . -6.90 43.06 -53.24
C3 NAG IA . -7.51 43.14 -54.63
C4 NAG IA . -6.41 43.13 -55.68
C5 NAG IA . -5.57 41.87 -55.51
C6 NAG IA . -4.38 41.82 -56.44
C7 NAG IA . -7.97 43.99 -51.26
C8 NAG IA . -6.83 44.95 -51.24
N2 NAG IA . -7.93 43.06 -52.22
O3 NAG IA . -8.29 44.32 -54.74
O4 NAG IA . -7.00 43.12 -56.98
O5 NAG IA . -5.04 41.82 -54.17
O6 NAG IA . -3.45 42.86 -56.12
O7 NAG IA . -8.89 44.03 -50.45
H2 NAG IA . -6.34 43.83 -53.08
H3 NAG IA . -8.09 42.38 -54.79
H4 NAG IA . -5.85 43.91 -55.58
H5 NAG IA . -6.16 41.12 -55.70
H61 NAG IA . -3.94 40.97 -56.36
H62 NAG IA . -4.67 41.92 -57.35
H81 NAG IA . -6.96 45.58 -50.51
H82 NAG IA . -6.00 44.46 -51.11
H83 NAG IA . -6.80 45.43 -52.08
HN2 NAG IA . -8.54 42.45 -52.24
HO3 NAG IA . -8.63 44.37 -55.50
HO4 NAG IA . -6.39 43.11 -57.57
HO6 NAG IA . -2.79 42.83 -56.65
C1 YLI JA . -20.16 -1.12 14.79
C2 YLI JA . -20.40 0.35 14.56
C3 YLI JA . -19.36 0.94 13.98
C10 YLI JA . -17.71 0.50 11.39
C11 YLI JA . -17.52 0.13 10.07
C12 YLI JA . -17.63 -1.20 9.69
C13 YLI JA . -17.92 -2.15 10.64
C18 YLI JA . -18.20 -3.62 15.19
C19 YLI JA . -17.21 -4.10 16.04
C20 YLI JA . -17.46 -5.12 16.93
C21 YLI JA . -18.72 -5.69 16.95
C22 YLI JA . -19.72 -5.25 16.12
C23 YLI JA . -19.46 -4.22 15.24
C4 YLI JA . -18.21 -0.02 13.80
C5 YLI JA . -18.62 -1.18 14.74
C6 YLI JA . -17.94 -2.46 14.26
C8 YLI JA . -18.10 -1.79 11.98
C9 YLI JA . -17.99 -0.45 12.36
N17 YLI JA . -15.60 1.29 8.53
N7 YLI JA . -18.43 -2.75 12.92
O15 YLI JA . -17.42 2.63 9.46
O16 YLI JA . -17.86 1.01 7.67
S14 YLI JA . -17.15 1.36 8.86
BR24 YLI JA . -19.08 -7.10 18.18
H1B YLI JA . -20.51 -1.39 15.65
H1A YLI JA . -20.60 -1.65 14.08
H2 YLI JA . -21.23 0.80 14.83
H3 YLI JA . -19.35 1.87 13.70
H10 YLI JA . -17.63 1.45 11.64
H12 YLI JA . -17.51 -1.46 8.75
H13 YLI JA . -18.00 -3.09 10.37
H19 YLI JA . -16.30 -3.72 16.03
H20 YLI JA . -16.75 -5.43 17.54
H22 YLI JA . -20.61 -5.67 16.13
H23 YLI JA . -20.17 -3.92 14.65
H4 YLI JA . -17.38 0.39 14.14
H5 YLI JA . -18.29 -0.96 15.64
H6 YLI JA . -16.98 -2.32 14.25
H17B YLI JA . -15.48 1.21 7.65
H17A YLI JA . -15.21 0.66 9.00
H7 YLI JA . -18.88 -3.47 12.72
N POV KA . -27.48 -17.80 40.09
P POV KA . -28.27 -15.49 35.85
C1 POV KA . -26.11 -14.95 34.42
C2 POV KA . -26.09 -13.54 33.90
C3 POV KA . -25.75 -12.54 34.98
C210 POV KA . -25.44 -7.17 27.14
C310 POV KA . -21.09 -8.11 26.03
C11 POV KA . -27.28 -17.23 37.60
O11 POV KA . -27.47 -15.41 34.47
C211 POV KA . -25.46 -7.79 25.79
C311 POV KA . -21.82 -7.28 24.99
C12 POV KA . -27.73 -16.82 38.98
O12 POV KA . -27.21 -15.96 36.94
C212 POV KA . -25.55 -6.76 24.66
C312 POV KA . -21.36 -7.53 23.58
C13 POV KA . -28.47 -18.91 39.97
O13 POV KA . -28.72 -14.13 36.19
C213 POV KA . -26.86 -6.02 24.62
C313 POV KA . -22.20 -6.78 22.57
C14 POV KA . -26.11 -18.39 40.10
O14 POV KA . -29.29 -16.55 35.68
C314 POV KA . -21.73 -6.91 21.13
C15 POV KA . -27.71 -17.08 41.38
C315 POV KA . -22.76 -6.34 20.17
C316 POV KA . -22.20 -5.96 18.85
C21 POV KA . -27.75 -13.65 32.18
O21 POV KA . -27.40 -13.16 33.37
C22 POV KA . -29.04 -13.06 31.73
O22 POV KA . -27.08 -14.38 31.53
C23 POV KA . -28.85 -12.06 30.60
C24 POV KA . -27.85 -10.96 30.96
C25 POV KA . -26.41 -11.23 30.56
C26 POV KA . -26.20 -11.40 29.06
C27 POV KA . -26.31 -10.10 28.30
C28 POV KA . -25.07 -9.26 28.49
C29 POV KA . -25.29 -7.80 28.28
C31 POV KA . -25.01 -10.32 34.70
O31 POV KA . -25.91 -11.24 34.38
C32 POV KA . -24.29 -9.81 33.49
O32 POV KA . -24.80 -9.96 35.83
C33 POV KA . -24.67 -8.40 33.08
C34 POV KA . -23.47 -7.60 32.60
C35 POV KA . -22.89 -8.09 31.28
C36 POV KA . -21.59 -7.40 30.90
C37 POV KA . -20.99 -7.88 29.58
C38 POV KA . -21.73 -7.35 28.35
C39 POV KA . -21.90 -8.38 27.27
H29 POV KA . -25.32 -7.26 29.08
H1 POV KA . -25.58 -15.53 33.84
H1A POV KA . -25.72 -14.99 35.30
H2 POV KA . -25.40 -13.51 33.21
H3 POV KA . -26.34 -12.65 35.74
H3A POV KA . -24.84 -12.67 35.31
H310 POV KA . -20.84 -8.96 25.63
H31A POV KA . -20.28 -7.65 26.28
H210 POV KA . -25.56 -6.21 27.18
H11 POV KA . -26.42 -17.69 37.61
H11A POV KA . -27.90 -17.84 37.17
H211 POV KA . -24.65 -8.32 25.67
H21A POV KA . -26.21 -8.39 25.72
H311 POV KA . -22.77 -7.47 25.05
H31B POV KA . -21.71 -6.35 25.21
H12 POV KA . -28.68 -16.64 38.94
H12A POV KA . -27.29 -15.99 39.20
H22 POV KA . -29.64 -13.77 31.43
H212 POV KA . -24.83 -6.12 24.77
H22A POV KA . -29.48 -12.63 32.48
H21B POV KA . -25.40 -7.20 23.82
H32 POV KA . -23.33 -9.85 33.66
H312 POV KA . -20.43 -7.26 23.49
H32A POV KA . -24.47 -10.41 32.74
H31C POV KA . -21.40 -8.48 23.38
H13 POV KA . -28.33 -19.55 40.68
H13A POV KA . -29.37 -18.55 40.03
H13B POV KA . -28.35 -19.35 39.11
H23 POV KA . -28.54 -12.53 29.81
H213 POV KA . -27.26 -6.06 23.60
H23A POV KA . -29.70 -11.66 30.38
H21C POV KA . -27.60 -6.56 25.21
H33 POV KA . -25.33 -8.43 32.37
H313 POV KA . -23.11 -7.11 22.63
H33A POV KA . -25.07 -7.95 33.83
H31D POV KA . -22.20 -5.84 22.80
H14 POV KA . -26.03 -19.00 40.85
H14A POV KA . -25.96 -18.86 39.27
H14B POV KA . -25.46 -17.66 40.20
H24 POV KA . -28.14 -10.13 30.54
H24A POV KA . -27.88 -10.81 31.92
H34 POV KA . -23.72 -6.68 32.51
H314 POV KA . -20.89 -6.45 21.01
H34A POV KA . -22.77 -7.65 33.27
H31E POV KA . -21.57 -7.84 20.92
H15 POV KA . -27.56 -17.70 42.11
H15A POV KA . -27.10 -16.34 41.45
H15B POV KA . -28.63 -16.77 41.41
H25 POV KA . -25.86 -10.50 30.87
H25A POV KA . -26.10 -12.03 31.01
H35 POV KA . -22.74 -9.04 31.33
H315 POV KA . -23.46 -7.00 20.04
H35A POV KA . -23.53 -7.94 30.58
H31F POV KA . -23.17 -5.57 20.57
H26 POV KA . -25.34 -11.80 28.90
H26A POV KA . -26.87 -12.02 28.73
H36 POV KA . -21.74 -6.45 30.85
H316 POV KA . -22.92 -5.61 18.30
H36A POV KA . -20.94 -7.54 31.61
H31G POV KA . -21.52 -5.29 18.98
H31H POV KA . -21.82 -6.75 18.43
H27 POV KA . -26.43 -10.30 27.35
H27A POV KA . -27.09 -9.61 28.59
H37 POV KA . -20.06 -7.61 29.53
H37A POV KA . -21.01 -8.85 29.56
H28 POV KA . -24.73 -9.41 29.38
H28A POV KA . -24.39 -9.57 27.87
H38 POV KA . -22.60 -7.03 28.63
H38A POV KA . -21.23 -6.60 28.01
H39 POV KA . -22.84 -8.42 27.03
H39A POV KA . -21.65 -9.25 27.61
N POV LA . 3.46 16.25 24.84
P POV LA . 6.28 14.76 28.14
C1 POV LA . 6.40 12.23 27.46
C2 POV LA . 5.38 11.12 27.46
C3 POV LA . 5.88 9.87 26.77
C210 POV LA . 0.91 0.99 27.76
C11 POV LA . 5.81 16.06 25.86
O11 POV LA . 5.70 13.49 27.38
C211 POV LA . 1.12 0.37 29.11
C12 POV LA . 4.64 16.94 25.50
O12 POV LA . 5.92 16.07 27.30
C212 POV LA . 2.47 -0.32 29.22
C13 POV LA . 2.35 17.25 24.65
O13 POV LA . 5.61 14.84 29.46
C213 POV LA . 2.57 -1.60 28.42
C14 POV LA . 2.97 15.11 25.69
O14 POV LA . 7.76 14.63 28.11
C214 POV LA . 1.79 -2.77 29.00
C15 POV LA . 3.88 15.73 23.50
C215 POV LA . 2.55 -3.53 30.08
C216 POV LA . 3.69 -4.38 29.53
C217 POV LA . 4.65 -4.85 30.59
C218 POV LA . 5.68 -5.81 30.04
C21 POV LA . 2.97 11.25 26.98
O21 POV LA . 4.24 11.65 26.70
C22 POV LA . 2.89 10.15 28.01
O22 POV LA . 2.01 11.69 26.41
C23 POV LA . 1.45 9.77 28.32
C24 POV LA . 1.34 8.45 29.05
C25 POV LA . 1.46 7.25 28.13
C26 POV LA . 1.28 5.91 28.80
C27 POV LA . 1.17 4.75 27.82
C28 POV LA . 1.23 3.38 28.46
C29 POV LA . 0.95 2.28 27.49
C31 POV LA . 6.90 8.31 28.24
O31 POV LA . 5.76 8.78 27.72
C32 POV LA . 6.87 6.81 28.36
O32 POV LA . 7.81 9.01 28.61
C33 POV LA . 5.57 6.18 27.87
C34 POV LA . 5.65 4.67 27.75
C35 POV LA . 5.58 3.93 29.09
C36 POV LA . 5.61 2.42 28.95
C37 POV LA . 6.37 1.70 30.06
C38 POV LA . 7.04 0.39 29.64
C39 POV LA . 8.09 0.54 28.54
H29 POV LA . 0.77 2.54 26.57
H1 POV LA . 6.93 12.20 28.27
H1A POV LA . 7.00 12.13 26.71
H2 POV LA . 5.16 10.87 28.36
H3 POV LA . 5.37 9.69 25.98
H3A POV LA . 6.80 9.98 26.50
H210 POV LA . 0.73 0.39 27.02
H11 POV LA . 5.68 15.16 25.53
H11A POV LA . 6.63 16.40 25.46
H211 POV LA . 1.06 1.06 29.78
H21A POV LA . 0.42 -0.27 29.28
H12 POV LA . 4.95 17.64 24.89
H12A POV LA . 4.33 17.39 26.30
H22 POV LA . 3.37 9.38 27.69
H212 POV LA . 3.17 0.29 28.94
H22A POV LA . 3.33 10.45 28.82
H21B POV LA . 2.63 -0.53 30.15
H32 POV LA . 7.61 6.44 27.85
H32A POV LA . 7.01 6.55 29.28
H13 POV LA . 1.59 16.79 24.23
H13A POV LA . 2.08 17.60 25.51
H13B POV LA . 2.66 17.96 24.08
H23 POV LA . 1.04 10.47 28.86
H213 POV LA . 2.26 -1.42 27.51
H23A POV LA . 0.95 9.72 27.49
H21C POV LA . 3.51 -1.85 28.34
H33 POV LA . 4.85 6.42 28.48
H33A POV LA . 5.34 6.54 27.00
H14 POV LA . 2.21 14.69 25.25
H14A POV LA . 3.68 14.48 25.80
H14B POV LA . 2.70 15.46 26.55
H24 POV LA . 2.03 8.39 29.73
H214 POV LA . 0.95 -2.44 29.37
H24A POV LA . 0.48 8.41 29.51
H21D POV LA . 1.56 -3.38 28.28
H34 POV LA . 4.94 4.35 27.18
H34A POV LA . 6.48 4.43 27.31
H15 POV LA . 3.12 15.29 23.08
H15A POV LA . 4.17 16.48 22.95
H15B POV LA . 4.60 15.10 23.63
H25 POV LA . 0.79 7.34 27.42
H215 POV LA . 2.90 -2.90 30.71
H25A POV LA . 2.33 7.27 27.70
H21E POV LA . 1.92 -4.10 30.55
H35 POV LA . 6.32 4.21 29.64
H35A POV LA . 4.76 4.19 29.54
H26 POV LA . 2.03 5.75 29.40
H216 POV LA . 3.30 -5.15 29.09
H26A POV LA . 0.48 5.93 29.36
H21F POV LA . 4.16 -3.88 28.87
H36 POV LA . 4.71 2.08 28.93
H36A POV LA . 6.02 2.19 28.09
H27 POV LA . 0.34 4.83 27.33
H217 POV LA . 5.11 -4.09 30.97
H27A POV LA . 1.89 4.83 27.17
H21G POV LA . 4.17 -5.28 31.31
H37 POV LA . 7.06 2.30 30.40
H37A POV LA . 5.77 1.52 30.79
H28 POV LA . 2.11 3.24 28.85
H218 POV LA . 6.28 -6.08 30.76
H28A POV LA . 0.59 3.34 29.18
H21H POV LA . 5.23 -6.59 29.68
H21J POV LA . 6.18 -5.37 29.34
H38 POV LA . 7.44 -0.02 30.41
H38A POV LA . 6.35 -0.22 29.32
H39 POV LA . 8.60 1.49 28.66
H39A POV LA . 7.61 0.61 27.57
C01 9Z9 MA . -16.69 -5.82 45.76
C02 9Z9 MA . -15.84 -7.08 45.61
C03 9Z9 MA . -14.97 -7.03 44.31
C04 9Z9 MA . -13.74 -6.21 44.71
C05 9Z9 MA . -13.72 -6.09 46.24
C06 9Z9 MA . -14.73 -7.15 46.68
C07 9Z9 MA . -15.27 -7.13 48.11
C08 9Z9 MA . -16.24 -8.30 48.32
C09 9Z9 MA . -17.29 -8.42 47.19
C10 9Z9 MA . -16.69 -8.34 45.78
C11 9Z9 MA . -16.89 -8.28 49.74
C12 9Z9 MA . -17.98 -7.18 49.85
C13 9Z9 MA . -15.82 -7.99 50.78
C14 9Z9 MA . -14.57 -7.70 50.46
C15 9Z9 MA . -14.13 -7.22 49.12
C16 9Z9 MA . -16.25 -8.12 52.22
C17 9Z9 MA . -16.97 -9.43 52.50
C18 9Z9 MA . -18.05 -9.69 51.47
C19 9Z9 MA . -17.50 -9.65 50.04
O20 9Z9 MA . -17.58 -9.29 53.79
C21 9Z9 MA . -18.08 -10.48 54.39
C22 9Z9 MA . -17.17 -10.82 55.54
C23 9Z9 MA . -17.87 -11.28 56.82
C24 9Z9 MA . -18.87 -12.39 56.56
O25 9Z9 MA . -20.17 -11.84 56.40
C26 9Z9 MA . -20.95 -12.52 55.42
C48 9Z9 MA . -16.85 -11.73 57.84
O49 9Z9 MA . -15.98 -10.64 58.14
C50 9Z9 MA . -14.64 -11.05 58.34
O72 9Z9 MA . -13.93 -4.94 44.08
C73 9Z9 MA . -14.50 -5.20 42.80
C74 9Z9 MA . -15.50 -6.35 43.04
C75 9Z9 MA . -15.70 -7.27 41.86
C76 9Z9 MA . -15.09 -3.92 42.28
C77 9Z9 MA . -14.74 -3.69 40.81
C78 9Z9 MA . -13.24 -3.65 40.59
C79 9Z9 MA . -12.59 -4.68 41.50
O80 9Z9 MA . -13.51 -5.68 41.92
C81 9Z9 MA . -12.65 -2.27 40.83
H1 9Z9 MA . -16.14 -5.03 45.64
H2 9Z9 MA . -17.40 -5.83 45.08
H3 9Z9 MA . -17.10 -5.81 46.63
H4 9Z9 MA . -14.88 -7.97 44.06
H5 9Z9 MA . -12.89 -6.60 44.44
H6 9Z9 MA . -13.97 -5.21 46.52
H7 9Z9 MA . -12.83 -6.27 46.59
H8 9Z9 MA . -14.28 -8.01 46.74
H9 9Z9 MA . -15.74 -6.29 48.25
H10 9Z9 MA . -15.72 -9.11 48.28
H11 9Z9 MA . -17.75 -9.27 47.28
H12 9Z9 MA . -17.95 -7.72 47.29
H13 9Z9 MA . -16.15 -9.13 45.61
H14 9Z9 MA . -17.40 -8.34 45.13
H15 9Z9 MA . -17.58 -6.32 49.65
H16 9Z9 MA . -18.69 -7.37 49.21
H17 9Z9 MA . -18.34 -7.19 50.75
H18 9Z9 MA . -13.92 -7.80 51.12
H19 9Z9 MA . -13.70 -6.35 49.22
H20 9Z9 MA . -13.45 -7.82 48.77
H21 9Z9 MA . -16.84 -7.37 52.45
H22 9Z9 MA . -15.47 -8.04 52.79
H23 9Z9 MA . -16.34 -10.16 52.46
H24 9Z9 MA . -18.45 -10.56 51.64
H25 9Z9 MA . -18.76 -9.03 51.56
H26 9Z9 MA . -16.83 -10.33 49.93
H27 9Z9 MA . -18.21 -9.84 49.41
H28 9Z9 MA . -18.11 -11.20 53.75
H29 9Z9 MA . -18.99 -10.35 54.71
H30 9Z9 MA . -16.63 -10.04 55.75
H31 9Z9 MA . -16.55 -11.51 55.26
H32 9Z9 MA . -18.37 -10.53 57.16
H33 9Z9 MA . -18.87 -13.01 57.31
H34 9Z9 MA . -18.62 -12.89 55.77
H35 9Z9 MA . -21.81 -12.10 55.35
H36 9Z9 MA . -20.48 -12.47 54.56
H37 9Z9 MA . -21.05 -13.45 55.69
H38 9Z9 MA . -16.34 -12.47 57.49
H39 9Z9 MA . -17.29 -12.03 58.65
H40 9Z9 MA . -14.10 -10.28 58.54
H41 9Z9 MA . -14.61 -11.68 59.08
H42 9Z9 MA . -14.32 -11.48 57.53
H43 9Z9 MA . -16.40 -6.01 43.15
H44 9Z9 MA . -16.03 -6.77 41.11
H45 9Z9 MA . -14.85 -7.69 41.62
H46 9Z9 MA . -16.34 -7.97 42.10
H47 9Z9 MA . -16.06 -3.93 42.39
H48 9Z9 MA . -14.76 -3.16 42.81
H49 9Z9 MA . -15.14 -4.39 40.27
H50 9Z9 MA . -15.13 -2.84 40.51
H51 9Z9 MA . -13.06 -3.87 39.65
H52 9Z9 MA . -12.21 -4.23 42.27
H53 9Z9 MA . -11.84 -5.09 41.02
H54 9Z9 MA . -13.08 -1.63 40.24
H55 9Z9 MA . -12.80 -2.01 41.75
H56 9Z9 MA . -11.69 -2.29 40.65
C1 NAG NA . -3.86 64.87 -19.61
C2 NAG NA . -3.38 66.10 -18.83
C3 NAG NA . -4.37 67.25 -19.02
C4 NAG NA . -4.56 67.54 -20.50
C5 NAG NA . -5.01 66.26 -21.21
C6 NAG NA . -5.10 66.42 -22.71
C7 NAG NA . -1.99 65.87 -16.85
C8 NAG NA . -0.84 66.16 -17.75
N2 NAG NA . -3.19 65.80 -17.43
O3 NAG NA . -3.90 68.40 -18.33
O4 NAG NA . -5.55 68.54 -20.67
O5 NAG NA . -4.05 65.21 -20.98
O6 NAG NA . -3.81 66.65 -23.28
O7 NAG NA . -1.85 65.69 -15.64
H2 NAG NA . -2.52 66.37 -19.18
H3 NAG NA . -5.23 67.00 -18.65
H4 NAG NA . -3.71 67.84 -20.88
H5 NAG NA . -5.88 66.04 -20.85
H61 NAG NA . -5.49 65.63 -23.10
H62 NAG NA . -5.69 67.16 -22.92
H81 NAG NA . -0.02 66.18 -17.23
H82 NAG NA . -0.78 65.46 -18.43
H83 NAG NA . -0.98 67.01 -18.18
HN2 NAG NA . -3.87 65.58 -16.95
HO3 NAG NA . -4.44 69.02 -18.43
HO4 NAG NA . -5.66 68.70 -21.49
HO6 NAG NA . -3.88 66.74 -24.11
#